data_4Z3Y
#
_entry.id   4Z3Y
#
_cell.length_a   125.767
_cell.length_b   116.256
_cell.length_c   143.973
_cell.angle_alpha   90.00
_cell.angle_beta   110.43
_cell.angle_gamma   90.00
#
_symmetry.space_group_name_H-M   'P 1 21 1'
#
loop_
_entity.id
_entity.type
_entity.pdbx_description
1 polymer 'Benzoyl-CoA reductase, putative'
2 polymer 'Iron-sulfur cluster-binding oxidoreductase, putative benzoyl-CoA reductase electron transfer protein'
3 non-polymer 'IRON/SULFUR CLUSTER'
4 non-polymer 'PHOSPHONIC ACIDMONO-(2-AMINO-5,6-DIMERCAPTO-4-OXO-3,7,8A,9,10,10A-HEXAHYDRO-4H-8-OXA-1,3,9,10-TETRAAZA-ANTHRACEN-7-YLMETHYL)ESTER'
5 non-polymer 'TUNGSTEN ION'
6 non-polymer 'MAGNESIUM ION'
7 non-polymer 'UNKNOWN LIGAND'
8 non-polymer 'benzoyl coenzyme A'
#
loop_
_entity_poly.entity_id
_entity_poly.type
_entity_poly.pdbx_seq_one_letter_code
_entity_poly.pdbx_strand_id
1 'polypeptide(L)'
;MRYAETGYVLEVDLTKGSIERVATDPRDTELYLGGLGTNAKILWDRVPPEVEPFSPENLLIFAAGLLCGTPATGCNRTIV
STVSPQTKLMAFSMMGGFWAPELKYAGYDKIIFRGKSPELVYLYINNDKVEIRDASHLKGKGAIETAEIIKKELNEPRAQ
VAAIGKAGENRVFYASIEQGRSSASRGGIGAVMGDKGLKAVVVRGTKDLCVAKPEEYIGLCNEVLDYIKHREENPIPDVM
PILAGLGSPQEMKVHDEKWHTENFNWGNARTRRKDFWTDEVSHAWEKTMDKARTRLISCYNCPMKCGATISMEGLPTYMM
KCFTKLTYTMAAYSDLDFGLRIAQKATEYGLDGFSAPQVMAFAFELLEKGILKDSDFPGLPEGNEERFFYLLDKIVNRDG
IGDILANGTYWAAQEIGNGAEDYAHNNIKKHEQLPLKLSMLNPIYYLMYCTGEKINITQIEGQFPQAPYPKLEQREAFVE
DWIQVPDEKFKKIFLEWEPRGEKSMPNFPTVDMCCDIVDWQEMMHYIDDALGQCAGLSSFPLKPPYHIHNYPKFIAAGAG
IEMDTEKLKKAAKRYRTLVRAFNIRRGMRRVDEQPPANHWKNRFPELEKELLDSYYKLKGWNDDGIPTKETLDDLGLGYV
GDEFIKRGILSAG
;
A,B,C,D
2 'polypeptide(L)'
;MNSETKKRIVKTINIDADKCNGCRACEVICSAFHAMPPYSSNNPARSRVRVVRDPLRDIYVPLYAGEYTESECIGRDKFI
IDGKEYDECGFCRASCPSRDLFREPDSGLPLKCDLCDGEPEPLCVKWCLVGALSVTEREVEEPDESVKRTEMEIGLESLI
SRFGADVVADTVEQLTKKR
;
E,F,G,H
#
loop_
_chem_comp.id
_chem_comp.type
_chem_comp.name
_chem_comp.formula
BYC non-polymer 'benzoyl coenzyme A' 'C28 H40 N7 O17 P3 S'
MG non-polymer 'MAGNESIUM ION' 'Mg 2'
MTE non-polymer 'PHOSPHONIC ACIDMONO-(2-AMINO-5,6-DIMERCAPTO-4-OXO-3,7,8A,9,10,10A-HEXAHYDRO-4H-8-OXA-1,3,9,10-TETRAAZA-ANTHRACEN-7-YLMETHYL)ESTER' 'C10 H14 N5 O6 P S2'
SF4 non-polymer 'IRON/SULFUR CLUSTER' 'Fe4 S4'
UNL non-polymer 'UNKNOWN LIGAND' ?
W non-polymer 'TUNGSTEN ION' 'W 6'
#
# COMPACT_ATOMS: atom_id res chain seq x y z
N MET A 1 -28.97 39.32 -68.93
CA MET A 1 -28.70 39.92 -67.62
C MET A 1 -27.41 40.75 -67.69
N ARG A 2 -27.18 41.57 -66.67
CA ARG A 2 -26.04 42.49 -66.65
C ARG A 2 -24.79 41.83 -66.05
N TYR A 3 -23.62 42.28 -66.50
CA TYR A 3 -22.35 41.73 -66.01
C TYR A 3 -21.38 42.84 -65.62
N ALA A 4 -20.44 42.52 -64.74
CA ALA A 4 -19.47 43.49 -64.23
C ALA A 4 -20.18 44.58 -63.40
N GLU A 5 -21.12 45.27 -64.03
CA GLU A 5 -21.98 46.20 -63.32
C GLU A 5 -23.11 45.42 -62.66
N THR A 6 -23.77 46.02 -61.67
CA THR A 6 -24.90 45.36 -61.03
C THR A 6 -26.20 45.81 -61.68
N GLY A 7 -26.17 46.97 -62.32
CA GLY A 7 -27.33 47.48 -63.05
C GLY A 7 -28.31 48.23 -62.17
N TYR A 8 -27.93 48.44 -60.91
CA TYR A 8 -28.79 49.13 -59.96
C TYR A 8 -28.05 50.24 -59.23
N VAL A 9 -28.78 51.28 -58.86
CA VAL A 9 -28.22 52.36 -58.06
C VAL A 9 -29.15 52.72 -56.91
N LEU A 10 -28.62 53.46 -55.94
CA LEU A 10 -29.41 53.91 -54.81
C LEU A 10 -29.68 55.41 -54.90
N GLU A 11 -30.95 55.78 -54.80
CA GLU A 11 -31.35 57.18 -54.80
C GLU A 11 -31.78 57.60 -53.40
N VAL A 12 -30.98 58.45 -52.77
CA VAL A 12 -31.25 58.85 -51.39
C VAL A 12 -31.60 60.33 -51.27
N ASP A 13 -32.76 60.61 -50.68
CA ASP A 13 -33.16 61.98 -50.39
C ASP A 13 -32.99 62.24 -48.89
N LEU A 14 -31.95 62.97 -48.53
CA LEU A 14 -31.61 63.21 -47.13
C LEU A 14 -32.57 64.18 -46.46
N THR A 15 -33.41 64.84 -47.27
CA THR A 15 -34.40 65.77 -46.75
C THR A 15 -35.64 65.01 -46.28
N LYS A 16 -36.04 64.02 -47.05
CA LYS A 16 -37.24 63.24 -46.76
C LYS A 16 -36.90 61.90 -46.12
N GLY A 17 -35.62 61.56 -46.12
CA GLY A 17 -35.17 60.29 -45.56
C GLY A 17 -35.60 59.11 -46.40
N SER A 18 -35.90 59.37 -47.67
CA SER A 18 -36.36 58.33 -48.58
C SER A 18 -35.20 57.62 -49.26
N ILE A 19 -35.38 56.33 -49.52
CA ILE A 19 -34.38 55.52 -50.18
C ILE A 19 -35.03 54.69 -51.28
N GLU A 20 -34.35 54.55 -52.40
CA GLU A 20 -34.95 53.88 -53.55
C GLU A 20 -33.90 53.22 -54.44
N ARG A 21 -34.12 51.95 -54.77
CA ARG A 21 -33.26 51.27 -55.73
C ARG A 21 -33.87 51.38 -57.12
N VAL A 22 -33.04 51.83 -58.07
CA VAL A 22 -33.49 52.04 -59.43
C VAL A 22 -32.59 51.33 -60.42
N ALA A 23 -33.18 50.61 -61.37
CA ALA A 23 -32.42 49.96 -62.42
C ALA A 23 -31.84 51.01 -63.36
N THR A 24 -30.64 50.74 -63.89
CA THR A 24 -29.98 51.69 -64.77
C THR A 24 -30.23 51.36 -66.24
N ASP A 25 -30.04 52.36 -67.10
CA ASP A 25 -30.17 52.18 -68.54
C ASP A 25 -28.89 51.56 -69.10
N PRO A 26 -29.02 50.37 -69.71
CA PRO A 26 -27.87 49.67 -70.30
C PRO A 26 -27.22 50.47 -71.42
N ARG A 27 -27.99 51.35 -72.05
CA ARG A 27 -27.47 52.21 -73.11
C ARG A 27 -26.41 53.15 -72.57
N ASP A 28 -26.59 53.60 -71.33
CA ASP A 28 -25.61 54.47 -70.68
C ASP A 28 -24.26 53.79 -70.57
N THR A 29 -24.28 52.50 -70.29
CA THR A 29 -23.04 51.72 -70.16
C THR A 29 -22.26 51.69 -71.47
N GLU A 30 -22.97 51.50 -72.58
CA GLU A 30 -22.33 51.44 -73.88
C GLU A 30 -21.71 52.76 -74.31
N LEU A 31 -22.24 53.85 -73.77
CA LEU A 31 -21.82 55.19 -74.17
C LEU A 31 -20.82 55.81 -73.20
N TYR A 32 -21.01 55.56 -71.91
CA TYR A 32 -20.19 56.21 -70.89
C TYR A 32 -19.48 55.21 -69.98
N LEU A 33 -19.55 53.93 -70.34
CA LEU A 33 -18.83 52.87 -69.63
C LEU A 33 -19.27 52.70 -68.17
N GLY A 34 -18.95 53.69 -67.34
CA GLY A 34 -19.29 53.63 -65.93
C GLY A 34 -18.41 54.57 -65.12
N GLY A 35 -18.53 54.49 -63.81
CA GLY A 35 -17.76 55.33 -62.92
C GLY A 35 -17.91 56.82 -63.22
N LEU A 36 -16.81 57.45 -63.62
CA LEU A 36 -16.79 58.88 -63.90
C LEU A 36 -17.69 59.25 -65.07
N GLY A 37 -17.74 58.39 -66.08
CA GLY A 37 -18.53 58.64 -67.27
C GLY A 37 -20.02 58.74 -67.00
N THR A 38 -20.55 57.78 -66.25
CA THR A 38 -21.96 57.77 -65.92
C THR A 38 -22.28 58.80 -64.84
N ASN A 39 -21.31 59.08 -63.98
CA ASN A 39 -21.44 60.17 -63.02
C ASN A 39 -21.65 61.49 -63.75
N ALA A 40 -20.92 61.66 -64.85
CA ALA A 40 -21.00 62.88 -65.66
C ALA A 40 -22.37 63.01 -66.31
N LYS A 41 -22.92 61.88 -66.77
CA LYS A 41 -24.23 61.86 -67.39
C LYS A 41 -25.31 62.26 -66.39
N ILE A 42 -25.18 61.78 -65.17
CA ILE A 42 -26.16 62.08 -64.12
C ILE A 42 -26.12 63.55 -63.73
N LEU A 43 -24.92 64.07 -63.51
CA LEU A 43 -24.75 65.46 -63.10
C LEU A 43 -25.20 66.43 -64.19
N TRP A 44 -24.98 66.04 -65.45
CA TRP A 44 -25.33 66.90 -66.58
C TRP A 44 -26.81 67.23 -66.63
N ASP A 45 -27.66 66.19 -66.64
CA ASP A 45 -29.09 66.40 -66.81
C ASP A 45 -29.86 66.35 -65.50
N ARG A 46 -29.19 66.62 -64.39
CA ARG A 46 -29.85 66.69 -63.09
C ARG A 46 -29.32 67.85 -62.26
N VAL A 47 -28.21 68.44 -62.71
CA VAL A 47 -27.63 69.57 -62.00
C VAL A 47 -27.37 70.74 -62.94
N PRO A 48 -28.38 71.57 -63.17
CA PRO A 48 -28.27 72.78 -64.00
C PRO A 48 -27.36 73.82 -63.34
N PRO A 49 -26.83 74.76 -64.13
CA PRO A 49 -25.84 75.74 -63.66
C PRO A 49 -26.35 76.67 -62.56
N GLU A 50 -27.67 76.81 -62.42
CA GLU A 50 -28.22 77.69 -61.39
C GLU A 50 -28.13 77.06 -60.00
N VAL A 51 -27.75 75.79 -59.93
CA VAL A 51 -27.59 75.11 -58.66
C VAL A 51 -26.26 75.49 -58.00
N GLU A 52 -26.34 75.92 -56.74
CA GLU A 52 -25.14 76.26 -55.98
C GLU A 52 -24.60 75.04 -55.26
N PRO A 53 -23.29 75.02 -54.99
CA PRO A 53 -22.60 73.90 -54.33
C PRO A 53 -23.27 73.47 -53.02
N PHE A 54 -23.62 74.43 -52.18
CA PHE A 54 -24.26 74.13 -50.90
C PHE A 54 -25.77 74.25 -51.00
N SER A 55 -26.29 74.00 -52.19
CA SER A 55 -27.73 73.96 -52.42
C SER A 55 -28.23 72.53 -52.32
N PRO A 56 -29.42 72.34 -51.74
CA PRO A 56 -30.02 71.01 -51.56
C PRO A 56 -30.08 70.20 -52.85
N GLU A 57 -30.19 70.89 -53.98
CA GLU A 57 -30.32 70.21 -55.27
C GLU A 57 -28.98 69.73 -55.82
N ASN A 58 -27.89 70.15 -55.19
CA ASN A 58 -26.57 69.66 -55.54
C ASN A 58 -26.48 68.17 -55.22
N LEU A 59 -25.82 67.41 -56.09
CA LEU A 59 -25.74 65.96 -55.92
C LEU A 59 -24.38 65.51 -55.40
N LEU A 60 -24.40 64.48 -54.57
CA LEU A 60 -23.18 63.81 -54.11
C LEU A 60 -23.25 62.33 -54.51
N ILE A 61 -22.45 61.96 -55.50
CA ILE A 61 -22.51 60.60 -56.05
C ILE A 61 -21.31 59.75 -55.63
N PHE A 62 -21.59 58.58 -55.08
CA PHE A 62 -20.56 57.59 -54.79
C PHE A 62 -20.62 56.47 -55.83
N ALA A 63 -19.63 56.40 -56.72
CA ALA A 63 -19.66 55.44 -57.80
C ALA A 63 -18.53 54.41 -57.72
N ALA A 64 -18.89 53.14 -57.83
CA ALA A 64 -17.91 52.07 -57.96
C ALA A 64 -17.66 51.79 -59.43
N GLY A 65 -16.39 51.71 -59.82
CA GLY A 65 -16.01 51.49 -61.20
C GLY A 65 -16.69 50.28 -61.83
N LEU A 66 -16.72 50.27 -63.17
CA LEU A 66 -17.40 49.21 -63.91
C LEU A 66 -16.86 47.83 -63.58
N LEU A 67 -15.54 47.71 -63.45
CA LEU A 67 -14.90 46.42 -63.26
C LEU A 67 -14.52 46.14 -61.80
N CYS A 68 -14.95 47.00 -60.89
CA CYS A 68 -14.75 46.75 -59.47
C CYS A 68 -15.61 45.57 -59.03
N GLY A 69 -15.06 44.73 -58.16
CA GLY A 69 -15.78 43.54 -57.72
C GLY A 69 -15.45 42.34 -58.57
N THR A 70 -14.69 42.56 -59.63
CA THR A 70 -14.20 41.46 -60.45
C THR A 70 -12.77 41.12 -60.04
N PRO A 71 -12.25 39.98 -60.52
CA PRO A 71 -10.90 39.56 -60.15
C PRO A 71 -9.80 40.43 -60.77
N ALA A 72 -10.19 41.49 -61.47
CA ALA A 72 -9.22 42.38 -62.11
C ALA A 72 -8.32 43.05 -61.08
N THR A 73 -7.03 42.74 -61.15
CA THR A 73 -6.05 43.26 -60.20
C THR A 73 -6.07 44.78 -60.11
N GLY A 74 -6.19 45.29 -58.89
CA GLY A 74 -6.10 46.72 -58.63
C GLY A 74 -7.34 47.52 -58.95
N CYS A 75 -8.35 46.88 -59.54
CA CYS A 75 -9.58 47.55 -59.91
C CYS A 75 -10.49 47.69 -58.70
N ASN A 76 -10.40 48.84 -58.03
CA ASN A 76 -11.07 49.01 -56.73
C ASN A 76 -11.41 50.45 -56.39
N ARG A 77 -11.28 51.35 -57.35
CA ARG A 77 -11.42 52.77 -57.11
C ARG A 77 -12.87 53.23 -57.01
N THR A 78 -13.11 54.17 -56.09
CA THR A 78 -14.40 54.83 -55.99
C THR A 78 -14.30 56.21 -56.62
N ILE A 79 -15.35 56.60 -57.35
CA ILE A 79 -15.38 57.93 -57.96
C ILE A 79 -16.48 58.77 -57.33
N VAL A 80 -16.09 59.76 -56.54
CA VAL A 80 -17.03 60.68 -55.92
C VAL A 80 -17.15 61.94 -56.78
N SER A 81 -18.38 62.28 -57.15
CA SER A 81 -18.61 63.44 -58.02
C SER A 81 -19.63 64.41 -57.45
N THR A 82 -19.37 65.70 -57.60
CA THR A 82 -20.27 66.76 -57.17
C THR A 82 -19.85 68.08 -57.79
N VAL A 83 -20.49 69.17 -57.35
CA VAL A 83 -20.06 70.50 -57.76
C VAL A 83 -19.22 71.12 -56.66
N SER A 84 -17.96 71.45 -56.98
CA SER A 84 -17.02 71.97 -56.00
C SER A 84 -17.41 73.34 -55.46
N PRO A 85 -17.36 73.50 -54.13
CA PRO A 85 -17.59 74.79 -53.47
C PRO A 85 -16.40 75.74 -53.62
N GLN A 86 -15.28 75.22 -54.08
CA GLN A 86 -14.08 76.06 -54.26
C GLN A 86 -13.98 76.59 -55.69
N THR A 87 -14.15 75.71 -56.67
CA THR A 87 -13.94 76.07 -58.06
C THR A 87 -15.24 76.39 -58.79
N LYS A 88 -16.36 76.01 -58.20
CA LYS A 88 -17.68 76.22 -58.80
C LYS A 88 -17.82 75.40 -60.08
N LEU A 89 -16.88 74.49 -60.31
CA LEU A 89 -16.95 73.57 -61.46
C LEU A 89 -17.27 72.17 -60.97
N MET A 90 -17.30 71.21 -61.89
CA MET A 90 -17.50 69.82 -61.49
C MET A 90 -16.28 69.31 -60.75
N ALA A 91 -16.52 68.49 -59.73
CA ALA A 91 -15.43 67.89 -58.97
C ALA A 91 -15.63 66.39 -58.84
N PHE A 92 -14.76 65.63 -59.50
CA PHE A 92 -14.72 64.19 -59.32
C PHE A 92 -13.44 63.82 -58.57
N SER A 93 -13.57 62.94 -57.58
CA SER A 93 -12.45 62.56 -56.74
C SER A 93 -12.35 61.04 -56.61
N MET A 94 -11.13 60.52 -56.69
CA MET A 94 -10.92 59.07 -56.63
C MET A 94 -10.42 58.61 -55.28
N MET A 95 -10.86 57.42 -54.89
CA MET A 95 -10.53 56.84 -53.59
C MET A 95 -10.23 55.35 -53.75
N GLY A 96 -9.12 54.90 -53.19
CA GLY A 96 -8.72 53.51 -53.31
C GLY A 96 -9.30 52.64 -52.20
N GLY A 97 -8.59 51.59 -51.84
CA GLY A 97 -8.98 50.75 -50.72
C GLY A 97 -9.93 49.62 -51.06
N PHE A 98 -11.01 49.52 -50.29
CA PHE A 98 -11.89 48.36 -50.35
C PHE A 98 -13.36 48.72 -50.43
N TRP A 99 -13.66 50.02 -50.46
CA TRP A 99 -15.04 50.48 -50.38
C TRP A 99 -15.85 50.18 -51.64
N ALA A 100 -15.27 50.47 -52.80
CA ALA A 100 -15.98 50.30 -54.07
C ALA A 100 -16.38 48.85 -54.34
N PRO A 101 -15.42 47.91 -54.22
CA PRO A 101 -15.74 46.49 -54.40
C PRO A 101 -16.82 45.99 -53.44
N GLU A 102 -16.82 46.50 -52.21
CA GLU A 102 -17.81 46.10 -51.23
C GLU A 102 -19.21 46.52 -51.66
N LEU A 103 -19.31 47.69 -52.30
CA LEU A 103 -20.59 48.19 -52.80
C LEU A 103 -21.15 47.25 -53.86
N LYS A 104 -20.29 46.81 -54.77
CA LYS A 104 -20.67 45.88 -55.81
C LYS A 104 -21.17 44.56 -55.22
N TYR A 105 -20.45 44.06 -54.21
CA TYR A 105 -20.86 42.84 -53.52
C TYR A 105 -22.19 43.03 -52.80
N ALA A 106 -22.56 44.29 -52.56
CA ALA A 106 -23.83 44.60 -51.92
C ALA A 106 -24.94 44.68 -52.96
N GLY A 107 -24.57 44.88 -54.23
CA GLY A 107 -25.50 44.85 -55.32
C GLY A 107 -25.77 46.17 -56.02
N TYR A 108 -24.92 47.16 -55.77
CA TYR A 108 -25.15 48.49 -56.30
C TYR A 108 -23.94 49.06 -57.05
N ASP A 109 -24.21 49.94 -58.01
CA ASP A 109 -23.17 50.56 -58.82
C ASP A 109 -22.86 51.98 -58.33
N LYS A 110 -23.87 52.66 -57.81
CA LYS A 110 -23.71 54.02 -57.30
C LYS A 110 -24.59 54.29 -56.09
N ILE A 111 -24.31 55.40 -55.42
CA ILE A 111 -25.23 55.97 -54.45
C ILE A 111 -25.33 57.47 -54.71
N ILE A 112 -26.52 57.94 -55.05
CA ILE A 112 -26.73 59.34 -55.38
C ILE A 112 -27.47 60.07 -54.27
N PHE A 113 -26.82 61.05 -53.66
CA PHE A 113 -27.39 61.80 -52.55
C PHE A 113 -27.90 63.17 -52.99
N ARG A 114 -29.13 63.49 -52.59
CA ARG A 114 -29.69 64.82 -52.82
C ARG A 114 -30.26 65.38 -51.53
N GLY A 115 -30.59 66.67 -51.55
CA GLY A 115 -31.15 67.33 -50.38
C GLY A 115 -30.17 67.39 -49.22
N LYS A 116 -30.69 67.70 -48.03
CA LYS A 116 -29.89 67.76 -46.83
C LYS A 116 -30.62 67.14 -45.64
N SER A 117 -29.86 66.56 -44.73
CA SER A 117 -30.45 66.03 -43.50
C SER A 117 -30.29 67.06 -42.38
N PRO A 118 -31.38 67.35 -41.67
CA PRO A 118 -31.34 68.35 -40.60
C PRO A 118 -30.46 67.89 -39.44
N GLU A 119 -30.48 66.59 -39.17
CA GLU A 119 -29.66 66.02 -38.11
C GLU A 119 -28.49 65.24 -38.69
N LEU A 120 -27.41 65.13 -37.93
CA LEU A 120 -26.25 64.36 -38.36
C LEU A 120 -26.61 62.87 -38.43
N VAL A 121 -26.36 62.27 -39.59
CA VAL A 121 -26.72 60.87 -39.81
C VAL A 121 -25.70 60.15 -40.68
N TYR A 122 -25.77 58.83 -40.70
CA TYR A 122 -24.97 58.04 -41.64
C TYR A 122 -25.82 56.96 -42.28
N LEU A 123 -25.43 56.54 -43.49
CA LEU A 123 -26.18 55.53 -44.22
C LEU A 123 -25.61 54.13 -44.00
N TYR A 124 -26.50 53.18 -43.71
CA TYR A 124 -26.09 51.79 -43.47
C TYR A 124 -26.62 50.87 -44.57
N ILE A 125 -25.70 50.19 -45.25
CA ILE A 125 -26.07 49.27 -46.32
C ILE A 125 -25.58 47.86 -46.02
N ASN A 126 -26.49 46.89 -46.10
CA ASN A 126 -26.14 45.49 -45.97
C ASN A 126 -26.93 44.67 -46.97
N ASN A 127 -26.36 44.50 -48.15
CA ASN A 127 -27.05 43.87 -49.26
C ASN A 127 -28.34 44.61 -49.58
N ASP A 128 -29.48 43.91 -49.51
CA ASP A 128 -30.76 44.53 -49.82
C ASP A 128 -31.24 45.45 -48.69
N LYS A 129 -30.59 45.38 -47.54
CA LYS A 129 -30.98 46.19 -46.39
C LYS A 129 -30.32 47.56 -46.41
N VAL A 130 -31.13 48.60 -46.49
CA VAL A 130 -30.62 49.97 -46.53
C VAL A 130 -31.40 50.87 -45.57
N GLU A 131 -30.69 51.59 -44.71
CA GLU A 131 -31.37 52.46 -43.75
C GLU A 131 -30.48 53.63 -43.30
N ILE A 132 -31.13 54.71 -42.89
CA ILE A 132 -30.44 55.89 -42.37
C ILE A 132 -30.39 55.86 -40.85
N ARG A 133 -29.18 55.95 -40.30
CA ARG A 133 -28.99 55.92 -38.85
C ARG A 133 -28.59 57.29 -38.31
N ASP A 134 -28.95 57.55 -37.06
CA ASP A 134 -28.53 58.79 -36.40
C ASP A 134 -27.04 58.74 -36.09
N ALA A 135 -26.37 59.88 -36.22
CA ALA A 135 -24.93 59.93 -36.01
C ALA A 135 -24.52 61.13 -35.16
N SER A 136 -25.43 61.60 -34.31
CA SER A 136 -25.17 62.75 -33.46
C SER A 136 -24.05 62.47 -32.46
N HIS A 137 -23.97 61.23 -32.02
CA HIS A 137 -22.94 60.80 -31.07
C HIS A 137 -21.57 60.71 -31.74
N LEU A 138 -21.51 61.05 -33.02
CA LEU A 138 -20.28 60.95 -33.80
C LEU A 138 -19.78 62.33 -34.22
N LYS A 139 -20.47 63.37 -33.76
CA LYS A 139 -20.14 64.75 -34.16
C LYS A 139 -18.75 65.16 -33.70
N GLY A 140 -17.94 65.66 -34.65
CA GLY A 140 -16.61 66.12 -34.34
C GLY A 140 -15.55 65.04 -34.41
N LYS A 141 -16.00 63.79 -34.29
CA LYS A 141 -15.10 62.64 -34.34
C LYS A 141 -14.31 62.59 -35.64
N GLY A 142 -13.08 62.08 -35.57
CA GLY A 142 -12.23 61.97 -36.74
C GLY A 142 -12.76 60.96 -37.73
N ALA A 143 -12.24 61.01 -38.95
CA ALA A 143 -12.71 60.15 -40.03
C ALA A 143 -12.50 58.65 -39.73
N ILE A 144 -11.29 58.30 -39.33
CA ILE A 144 -10.96 56.89 -39.04
C ILE A 144 -11.60 56.45 -37.73
N GLU A 145 -11.47 57.31 -36.72
CA GLU A 145 -12.09 57.09 -35.41
C GLU A 145 -13.58 56.78 -35.53
N THR A 146 -14.25 57.48 -36.44
CA THR A 146 -15.68 57.30 -36.67
C THR A 146 -16.02 55.91 -37.20
N ALA A 147 -15.19 55.41 -38.10
CA ALA A 147 -15.43 54.11 -38.72
C ALA A 147 -15.38 52.98 -37.70
N GLU A 148 -14.45 53.07 -36.75
CA GLU A 148 -14.26 52.02 -35.77
C GLU A 148 -15.41 51.96 -34.76
N ILE A 149 -15.93 53.13 -34.39
CA ILE A 149 -17.05 53.19 -33.47
C ILE A 149 -18.31 52.59 -34.11
N ILE A 150 -18.53 52.90 -35.39
CA ILE A 150 -19.68 52.39 -36.12
C ILE A 150 -19.66 50.88 -36.27
N LYS A 151 -18.50 50.34 -36.64
CA LYS A 151 -18.38 48.90 -36.86
C LYS A 151 -18.56 48.12 -35.56
N LYS A 152 -18.37 48.79 -34.43
CA LYS A 152 -18.66 48.18 -33.14
C LYS A 152 -20.15 48.28 -32.84
N GLU A 153 -20.72 49.45 -33.10
CA GLU A 153 -22.16 49.67 -32.92
C GLU A 153 -23.01 48.64 -33.66
N LEU A 154 -22.77 48.52 -34.96
CA LEU A 154 -23.55 47.63 -35.81
C LEU A 154 -23.11 46.18 -35.70
N ASN A 155 -21.94 45.96 -35.10
CA ASN A 155 -21.36 44.63 -35.03
C ASN A 155 -21.10 44.09 -36.44
N GLU A 156 -20.41 44.88 -37.24
CA GLU A 156 -20.05 44.50 -38.60
C GLU A 156 -18.56 44.76 -38.81
N PRO A 157 -17.71 43.86 -38.31
CA PRO A 157 -16.26 44.02 -38.38
C PRO A 157 -15.73 44.12 -39.81
N ARG A 158 -16.44 43.53 -40.77
CA ARG A 158 -15.97 43.51 -42.15
C ARG A 158 -16.70 44.50 -43.05
N ALA A 159 -17.33 45.51 -42.44
CA ALA A 159 -17.98 46.57 -43.22
C ALA A 159 -16.98 47.66 -43.57
N GLN A 160 -17.15 48.26 -44.75
CA GLN A 160 -16.26 49.34 -45.20
C GLN A 160 -16.92 50.70 -44.99
N VAL A 161 -16.17 51.63 -44.42
CA VAL A 161 -16.74 52.93 -44.04
C VAL A 161 -16.00 54.12 -44.67
N ALA A 162 -16.77 54.99 -45.34
CA ALA A 162 -16.23 56.25 -45.84
C ALA A 162 -16.82 57.41 -45.04
N ALA A 163 -15.96 58.11 -44.31
CA ALA A 163 -16.45 59.15 -43.39
C ALA A 163 -15.75 60.49 -43.59
N ILE A 164 -16.31 61.51 -42.95
CA ILE A 164 -15.69 62.84 -42.94
C ILE A 164 -15.26 63.21 -41.52
N GLY A 165 -14.26 64.08 -41.42
CA GLY A 165 -13.82 64.58 -40.14
C GLY A 165 -14.53 65.88 -39.80
N LYS A 166 -14.05 66.57 -38.77
CA LYS A 166 -14.66 67.82 -38.36
C LYS A 166 -14.57 68.87 -39.47
N ALA A 167 -13.54 68.76 -40.30
CA ALA A 167 -13.35 69.68 -41.41
C ALA A 167 -14.51 69.62 -42.39
N GLY A 168 -14.91 68.40 -42.76
CA GLY A 168 -16.03 68.20 -43.65
C GLY A 168 -17.33 68.71 -43.06
N GLU A 169 -17.55 68.39 -41.78
CA GLU A 169 -18.74 68.84 -41.07
C GLU A 169 -18.85 70.36 -41.07
N ASN A 170 -17.72 71.04 -40.96
CA ASN A 170 -17.70 72.49 -40.95
C ASN A 170 -17.52 73.07 -42.35
N ARG A 171 -17.60 72.21 -43.35
CA ARG A 171 -17.61 72.62 -44.75
C ARG A 171 -16.35 73.37 -45.17
N VAL A 172 -15.19 72.84 -44.82
CA VAL A 172 -13.93 73.38 -45.31
C VAL A 172 -13.83 73.06 -46.80
N PHE A 173 -13.51 74.06 -47.60
CA PHE A 173 -13.56 73.93 -49.06
C PHE A 173 -12.60 72.87 -49.61
N TYR A 174 -11.64 72.44 -48.80
CA TYR A 174 -10.72 71.39 -49.22
C TYR A 174 -10.78 70.21 -48.26
N ALA A 175 -11.96 69.95 -47.72
CA ALA A 175 -12.18 68.80 -46.85
C ALA A 175 -12.40 67.53 -47.67
N SER A 176 -11.91 66.41 -47.13
CA SER A 176 -11.91 65.15 -47.88
C SER A 176 -12.83 64.10 -47.28
N ILE A 177 -12.78 62.90 -47.86
CA ILE A 177 -13.51 61.75 -47.36
C ILE A 177 -12.53 60.59 -47.17
N GLU A 178 -12.47 60.07 -45.95
CA GLU A 178 -11.42 59.10 -45.59
C GLU A 178 -11.96 57.70 -45.34
N GLN A 179 -11.27 56.71 -45.88
CA GLN A 179 -11.63 55.30 -45.67
C GLN A 179 -10.38 54.43 -45.61
N GLY A 180 -9.92 54.15 -44.39
CA GLY A 180 -8.75 53.32 -44.19
C GLY A 180 -7.48 53.94 -44.75
N ARG A 181 -6.93 53.32 -45.78
CA ARG A 181 -5.73 53.84 -46.43
C ARG A 181 -6.08 54.51 -47.75
N SER A 182 -7.25 55.13 -47.79
CA SER A 182 -7.73 55.72 -49.04
C SER A 182 -8.42 57.06 -48.78
N SER A 183 -8.39 57.93 -49.79
CA SER A 183 -8.95 59.26 -49.65
C SER A 183 -9.43 59.87 -50.96
N ALA A 184 -10.70 60.25 -50.98
CA ALA A 184 -11.18 61.20 -51.97
C ALA A 184 -10.82 62.57 -51.43
N SER A 185 -9.74 63.14 -51.97
CA SER A 185 -9.06 64.24 -51.29
C SER A 185 -9.41 65.63 -51.79
N ARG A 186 -9.48 65.80 -53.11
CA ARG A 186 -9.52 67.12 -53.73
C ARG A 186 -10.89 67.50 -54.29
N GLY A 187 -11.21 68.78 -54.23
CA GLY A 187 -12.44 69.29 -54.82
C GLY A 187 -13.44 69.81 -53.80
N GLY A 188 -13.21 69.49 -52.53
CA GLY A 188 -14.10 69.91 -51.47
C GLY A 188 -15.32 69.02 -51.35
N ILE A 189 -15.22 67.80 -51.86
CA ILE A 189 -16.32 66.85 -51.81
C ILE A 189 -16.69 66.49 -50.38
N GLY A 190 -15.73 66.68 -49.47
CA GLY A 190 -15.99 66.47 -48.06
C GLY A 190 -16.87 67.57 -47.50
N ALA A 191 -16.76 68.76 -48.08
CA ALA A 191 -17.55 69.91 -47.64
C ALA A 191 -19.02 69.74 -48.03
N VAL A 192 -19.26 69.16 -49.21
CA VAL A 192 -20.62 68.89 -49.66
C VAL A 192 -21.27 67.80 -48.81
N MET A 193 -20.48 66.78 -48.49
CA MET A 193 -20.96 65.66 -47.70
C MET A 193 -21.40 66.13 -46.31
N GLY A 194 -20.61 67.00 -45.70
CA GLY A 194 -20.94 67.58 -44.42
C GLY A 194 -22.14 68.50 -44.53
N ASP A 195 -22.21 69.25 -45.62
CA ASP A 195 -23.31 70.17 -45.86
C ASP A 195 -24.66 69.46 -45.90
N LYS A 196 -24.63 68.18 -46.28
CA LYS A 196 -25.85 67.39 -46.38
C LYS A 196 -26.11 66.60 -45.11
N GLY A 197 -25.35 66.90 -44.06
CA GLY A 197 -25.51 66.23 -42.78
C GLY A 197 -25.21 64.75 -42.86
N LEU A 198 -24.30 64.38 -43.75
CA LEU A 198 -23.94 62.98 -43.95
C LEU A 198 -22.57 62.68 -43.36
N LYS A 199 -22.56 62.06 -42.19
CA LYS A 199 -21.32 61.81 -41.44
C LYS A 199 -20.49 60.68 -42.05
N ALA A 200 -21.16 59.65 -42.57
CA ALA A 200 -20.45 58.52 -43.17
C ALA A 200 -21.38 57.66 -44.01
N VAL A 201 -20.78 56.73 -44.75
CA VAL A 201 -21.53 55.75 -45.53
C VAL A 201 -20.95 54.37 -45.28
N VAL A 202 -21.75 53.51 -44.65
CA VAL A 202 -21.30 52.18 -44.27
C VAL A 202 -21.93 51.12 -45.17
N VAL A 203 -21.11 50.27 -45.78
CA VAL A 203 -21.62 49.23 -46.66
C VAL A 203 -21.01 47.86 -46.41
N ARG A 204 -21.86 46.84 -46.41
CA ARG A 204 -21.44 45.44 -46.30
C ARG A 204 -22.08 44.63 -47.42
N GLY A 205 -21.29 43.81 -48.11
CA GLY A 205 -21.79 43.04 -49.23
C GLY A 205 -21.30 41.60 -49.24
N THR A 206 -22.22 40.67 -49.49
CA THR A 206 -21.88 39.26 -49.55
C THR A 206 -22.56 38.55 -50.73
N LYS A 207 -23.02 39.32 -51.71
CA LYS A 207 -23.60 38.76 -52.92
C LYS A 207 -22.51 38.40 -53.94
N ASP A 208 -22.90 37.66 -54.97
CA ASP A 208 -21.99 37.31 -56.05
C ASP A 208 -21.90 38.44 -57.08
N LEU A 209 -20.76 38.53 -57.76
CA LEU A 209 -20.61 39.45 -58.86
C LEU A 209 -20.13 38.70 -60.10
N CYS A 210 -20.90 38.79 -61.19
CA CYS A 210 -20.66 37.96 -62.36
C CYS A 210 -19.92 38.67 -63.48
N VAL A 211 -19.28 37.87 -64.33
CA VAL A 211 -18.68 38.35 -65.56
C VAL A 211 -19.26 37.57 -66.74
N ALA A 212 -19.17 38.15 -67.94
CA ALA A 212 -19.80 37.57 -69.12
C ALA A 212 -18.99 36.41 -69.70
N LYS A 213 -17.67 36.59 -69.79
CA LYS A 213 -16.80 35.55 -70.32
C LYS A 213 -15.77 35.13 -69.27
N PRO A 214 -16.14 34.18 -68.41
CA PRO A 214 -15.36 33.72 -67.25
C PRO A 214 -13.93 33.30 -67.57
N GLU A 215 -13.78 32.29 -68.42
CA GLU A 215 -12.46 31.77 -68.80
C GLU A 215 -11.60 32.86 -69.43
N GLU A 216 -12.21 33.60 -70.36
CA GLU A 216 -11.52 34.67 -71.06
C GLU A 216 -11.13 35.79 -70.11
N TYR A 217 -12.00 36.09 -69.15
CA TYR A 217 -11.75 37.21 -68.24
C TYR A 217 -10.64 36.90 -67.24
N ILE A 218 -10.58 35.66 -66.77
CA ILE A 218 -9.54 35.28 -65.83
C ILE A 218 -8.20 35.16 -66.57
N GLY A 219 -8.27 34.86 -67.86
CA GLY A 219 -7.09 34.78 -68.70
C GLY A 219 -6.36 36.10 -68.77
N LEU A 220 -7.10 37.18 -69.02
CA LEU A 220 -6.52 38.52 -69.06
C LEU A 220 -5.99 38.92 -67.70
N CYS A 221 -6.67 38.48 -66.64
CA CYS A 221 -6.25 38.77 -65.28
C CYS A 221 -4.88 38.17 -64.99
N ASN A 222 -4.70 36.90 -65.38
CA ASN A 222 -3.41 36.24 -65.21
C ASN A 222 -2.34 36.88 -66.07
N GLU A 223 -2.75 37.37 -67.24
CA GLU A 223 -1.82 38.04 -68.14
C GLU A 223 -1.25 39.30 -67.49
N VAL A 224 -2.09 40.00 -66.73
CA VAL A 224 -1.68 41.19 -66.02
C VAL A 224 -0.67 40.86 -64.91
N LEU A 225 -1.01 39.87 -64.08
CA LEU A 225 -0.15 39.44 -62.99
C LEU A 225 1.25 39.07 -63.49
N ASP A 226 1.30 38.26 -64.55
CA ASP A 226 2.56 37.87 -65.15
C ASP A 226 3.39 39.07 -65.59
N TYR A 227 2.71 40.09 -66.13
CA TYR A 227 3.40 41.29 -66.57
C TYR A 227 3.93 42.08 -65.38
N ILE A 228 3.19 42.05 -64.27
CA ILE A 228 3.59 42.78 -63.06
C ILE A 228 4.86 42.20 -62.46
N LYS A 229 4.99 40.88 -62.52
CA LYS A 229 6.21 40.20 -62.06
C LYS A 229 7.39 40.61 -62.93
N HIS A 230 7.23 40.40 -64.23
CA HIS A 230 8.26 40.72 -65.21
C HIS A 230 8.66 42.18 -65.16
N ARG A 231 7.66 43.05 -65.04
CA ARG A 231 7.89 44.49 -64.97
C ARG A 231 8.66 44.89 -63.72
N GLU A 232 8.43 44.17 -62.62
CA GLU A 232 9.09 44.46 -61.36
C GLU A 232 10.46 43.79 -61.26
N GLU A 233 10.84 43.09 -62.33
CA GLU A 233 12.18 42.54 -62.45
C GLU A 233 12.98 43.38 -63.44
N ASN A 234 12.27 44.27 -64.13
CA ASN A 234 12.87 45.15 -65.13
C ASN A 234 12.40 46.58 -65.00
N PRO A 235 12.85 47.27 -63.95
CA PRO A 235 12.46 48.68 -63.75
C PRO A 235 13.04 49.55 -64.84
N ILE A 236 12.43 50.72 -65.08
CA ILE A 236 12.91 51.63 -66.11
C ILE A 236 14.30 52.15 -65.77
N PRO A 237 15.29 51.84 -66.62
CA PRO A 237 16.69 52.24 -66.47
C PRO A 237 16.90 53.74 -66.32
N ASP A 238 17.78 54.13 -65.40
CA ASP A 238 18.26 55.51 -65.27
C ASP A 238 17.17 56.52 -64.91
N VAL A 239 16.02 56.04 -64.47
CA VAL A 239 15.01 56.91 -63.87
C VAL A 239 15.21 56.88 -62.36
N MET A 240 14.61 57.83 -61.65
CA MET A 240 14.70 57.85 -60.19
C MET A 240 13.94 56.64 -59.61
N PRO A 241 14.03 56.43 -58.29
CA PRO A 241 13.45 55.21 -57.73
C PRO A 241 11.93 55.20 -57.80
N ILE A 242 11.31 56.31 -57.40
CA ILE A 242 9.86 56.40 -57.32
C ILE A 242 9.20 56.64 -58.67
N LEU A 243 9.88 56.25 -59.75
CA LEU A 243 9.32 56.36 -61.09
C LEU A 243 9.70 55.17 -61.96
N ALA A 244 10.53 54.28 -61.43
CA ALA A 244 11.02 53.14 -62.19
C ALA A 244 9.99 52.00 -62.23
N GLY A 245 9.23 51.86 -61.15
CA GLY A 245 8.31 50.73 -61.02
C GLY A 245 6.85 51.07 -61.23
N LEU A 246 5.99 50.10 -60.92
CA LEU A 246 4.55 50.26 -61.07
C LEU A 246 3.91 50.87 -59.82
N GLY A 247 2.63 51.21 -59.93
CA GLY A 247 1.87 51.70 -58.80
C GLY A 247 1.95 53.20 -58.58
N SER A 248 1.33 53.66 -57.50
CA SER A 248 1.44 55.04 -57.08
C SER A 248 2.88 55.33 -56.65
N PRO A 249 3.27 56.61 -56.63
CA PRO A 249 4.60 57.04 -56.20
C PRO A 249 5.03 56.36 -54.89
N GLN A 250 5.88 55.35 -55.00
CA GLN A 250 6.31 54.55 -53.87
C GLN A 250 7.17 55.34 -52.89
N GLU A 251 6.62 56.41 -52.32
CA GLU A 251 7.37 57.27 -51.43
C GLU A 251 7.45 56.71 -50.00
N MET A 252 6.65 55.69 -49.72
CA MET A 252 6.66 55.06 -48.41
C MET A 252 7.76 54.01 -48.34
N LYS A 253 8.16 53.51 -49.51
CA LYS A 253 9.21 52.51 -49.60
C LYS A 253 10.59 53.15 -49.73
N VAL A 254 10.70 54.13 -50.63
CA VAL A 254 11.97 54.78 -50.91
C VAL A 254 12.24 55.94 -49.95
N HIS A 255 13.38 55.90 -49.29
CA HIS A 255 13.76 56.95 -48.35
C HIS A 255 14.38 58.14 -49.07
N ASP A 256 14.85 57.91 -50.30
CA ASP A 256 15.51 58.94 -51.08
C ASP A 256 14.51 59.94 -51.67
N GLU A 257 14.63 61.20 -51.27
CA GLU A 257 13.73 62.25 -51.74
C GLU A 257 14.52 63.47 -52.23
N LYS A 258 15.64 63.22 -52.91
CA LYS A 258 16.50 64.29 -53.39
C LYS A 258 15.86 65.06 -54.55
N TRP A 259 15.22 64.32 -55.45
CA TRP A 259 14.53 64.94 -56.58
C TRP A 259 13.41 65.85 -56.11
N HIS A 260 12.71 65.41 -55.06
CA HIS A 260 11.57 66.14 -54.51
C HIS A 260 11.98 67.41 -53.77
N THR A 261 12.92 67.28 -52.84
CA THR A 261 13.27 68.37 -51.95
C THR A 261 14.14 69.44 -52.60
N GLU A 262 14.69 69.14 -53.78
CA GLU A 262 15.59 70.07 -54.44
C GLU A 262 15.02 70.63 -55.74
N ASN A 263 13.89 70.09 -56.18
CA ASN A 263 13.25 70.56 -57.41
C ASN A 263 11.87 71.16 -57.16
N PHE A 264 11.24 70.73 -56.07
CA PHE A 264 9.94 71.28 -55.68
C PHE A 264 10.14 72.49 -54.76
N ASN A 265 9.15 73.38 -54.74
CA ASN A 265 9.26 74.61 -53.97
C ASN A 265 8.69 74.48 -52.56
N TRP A 266 9.49 74.88 -51.57
CA TRP A 266 9.09 74.85 -50.17
C TRP A 266 8.17 76.02 -49.85
N GLY A 267 7.59 75.99 -48.65
CA GLY A 267 6.69 77.05 -48.21
C GLY A 267 5.45 77.16 -49.08
N ASN A 268 5.00 78.40 -49.30
CA ASN A 268 3.86 78.65 -50.16
C ASN A 268 4.23 78.51 -51.63
N ALA A 269 4.72 77.33 -52.01
CA ALA A 269 5.23 77.09 -53.35
C ALA A 269 6.19 78.20 -53.74
N ARG A 270 7.08 78.53 -52.82
CA ARG A 270 7.90 79.74 -52.92
C ARG A 270 9.39 79.47 -53.12
N THR A 271 9.99 78.79 -52.15
CA THR A 271 11.44 78.64 -52.10
C THR A 271 11.94 77.36 -52.75
N ARG A 272 13.01 77.49 -53.53
CA ARG A 272 13.71 76.33 -54.09
C ARG A 272 15.05 76.17 -53.40
N ARG A 273 15.30 74.99 -52.85
CA ARG A 273 16.55 74.71 -52.16
C ARG A 273 17.35 73.68 -52.95
N LYS A 274 18.27 74.16 -53.78
CA LYS A 274 19.01 73.32 -54.71
C LYS A 274 19.87 72.27 -54.04
N ASP A 275 20.35 72.57 -52.83
CA ASP A 275 21.29 71.70 -52.15
C ASP A 275 20.79 71.28 -50.76
N PHE A 276 19.52 70.91 -50.67
CA PHE A 276 18.93 70.55 -49.39
C PHE A 276 19.30 69.13 -48.95
N TRP A 277 19.28 68.19 -49.89
CA TRP A 277 19.48 66.79 -49.57
C TRP A 277 20.93 66.47 -49.23
N THR A 278 21.34 66.77 -48.00
CA THR A 278 22.68 66.47 -47.52
C THR A 278 22.73 65.07 -46.92
N ASP A 279 23.88 64.68 -46.40
CA ASP A 279 24.03 63.38 -45.76
C ASP A 279 23.35 63.36 -44.40
N GLU A 280 23.44 64.47 -43.67
CA GLU A 280 22.81 64.58 -42.36
C GLU A 280 21.29 64.49 -42.48
N VAL A 281 20.75 65.10 -43.52
CA VAL A 281 19.30 65.09 -43.75
C VAL A 281 18.82 63.71 -44.19
N SER A 282 19.58 63.08 -45.08
CA SER A 282 19.20 61.79 -45.63
C SER A 282 19.18 60.70 -44.55
N HIS A 283 20.06 60.84 -43.57
CA HIS A 283 20.14 59.88 -42.46
C HIS A 283 19.05 60.14 -41.42
N ALA A 284 18.77 61.41 -41.16
CA ALA A 284 17.77 61.78 -40.16
C ALA A 284 16.36 61.43 -40.62
N TRP A 285 16.12 61.53 -41.92
CA TRP A 285 14.81 61.21 -42.49
C TRP A 285 14.59 59.71 -42.59
N GLU A 286 15.65 58.97 -42.87
CA GLU A 286 15.56 57.52 -42.97
C GLU A 286 15.29 56.90 -41.61
N LYS A 287 15.86 57.50 -40.57
CA LYS A 287 15.66 57.02 -39.20
C LYS A 287 14.22 57.24 -38.76
N THR A 288 13.70 58.44 -39.02
CA THR A 288 12.33 58.77 -38.70
C THR A 288 11.34 57.85 -39.42
N MET A 289 11.65 57.53 -40.66
CA MET A 289 10.74 56.76 -41.50
C MET A 289 10.77 55.26 -41.16
N ASP A 290 11.93 54.77 -40.75
CA ASP A 290 12.05 53.37 -40.34
C ASP A 290 11.29 53.13 -39.04
N LYS A 291 11.27 54.15 -38.19
CA LYS A 291 10.63 54.03 -36.88
C LYS A 291 9.13 54.27 -36.94
N ALA A 292 8.69 54.99 -37.97
CA ALA A 292 7.28 55.37 -38.09
C ALA A 292 6.48 54.37 -38.93
N ARG A 293 7.12 53.79 -39.94
CA ARG A 293 6.44 52.85 -40.83
C ARG A 293 6.29 51.47 -40.18
N THR A 294 5.04 51.05 -39.98
CA THR A 294 4.77 49.76 -39.37
C THR A 294 4.72 48.65 -40.42
N ARG A 295 3.95 48.86 -41.48
CA ARG A 295 3.85 47.87 -42.55
C ARG A 295 3.42 48.51 -43.86
N LEU A 296 3.96 48.00 -44.96
CA LEU A 296 3.53 48.41 -46.29
C LEU A 296 2.31 47.59 -46.69
N ILE A 297 1.17 48.25 -46.83
CA ILE A 297 -0.08 47.55 -47.10
C ILE A 297 -0.66 47.91 -48.47
N SER A 298 -1.55 47.05 -48.97
CA SER A 298 -2.10 47.21 -50.31
C SER A 298 -3.57 47.63 -50.30
N CYS A 299 -4.09 47.90 -51.50
CA CYS A 299 -5.52 48.05 -51.70
C CYS A 299 -6.10 46.68 -52.07
N TYR A 300 -7.40 46.65 -52.33
CA TYR A 300 -8.08 45.39 -52.64
C TYR A 300 -7.51 44.74 -53.89
N ASN A 301 -7.08 43.48 -53.75
CA ASN A 301 -6.64 42.67 -54.88
C ASN A 301 -5.45 43.29 -55.64
N CYS A 302 -4.47 43.80 -54.90
CA CYS A 302 -3.27 44.35 -55.52
C CYS A 302 -2.02 44.03 -54.71
N PRO A 303 -0.95 43.61 -55.41
CA PRO A 303 0.31 43.22 -54.78
C PRO A 303 1.33 44.36 -54.61
N MET A 304 1.01 45.56 -55.09
CA MET A 304 2.00 46.64 -55.12
C MET A 304 2.25 47.28 -53.75
N LYS A 305 1.28 47.20 -52.85
CA LYS A 305 1.36 47.79 -51.50
C LYS A 305 2.07 49.14 -51.48
N CYS A 306 1.35 50.19 -51.90
CA CYS A 306 1.92 51.53 -51.99
C CYS A 306 1.82 52.28 -50.68
N GLY A 307 0.73 52.07 -49.95
CA GLY A 307 0.50 52.75 -48.70
C GLY A 307 1.32 52.17 -47.56
N ALA A 308 1.24 52.81 -46.40
CA ALA A 308 1.95 52.34 -45.22
C ALA A 308 1.28 52.84 -43.95
N THR A 309 1.21 51.99 -42.94
CA THR A 309 0.71 52.40 -41.64
C THR A 309 1.78 53.22 -40.93
N ILE A 310 1.40 54.39 -40.43
CA ILE A 310 2.35 55.30 -39.80
C ILE A 310 2.05 55.45 -38.31
N SER A 311 3.02 55.07 -37.48
CA SER A 311 2.84 55.15 -36.04
C SER A 311 3.84 56.10 -35.38
N MET A 312 3.38 57.30 -35.06
CA MET A 312 4.19 58.26 -34.33
C MET A 312 3.92 58.12 -32.84
N GLU A 313 4.96 58.27 -32.03
CA GLU A 313 4.85 58.08 -30.58
C GLU A 313 3.86 59.05 -29.97
N GLY A 314 2.94 58.53 -29.16
CA GLY A 314 1.95 59.34 -28.49
C GLY A 314 0.79 59.75 -29.39
N LEU A 315 0.77 59.21 -30.60
CA LEU A 315 -0.30 59.51 -31.55
C LEU A 315 -0.94 58.23 -32.09
N PRO A 316 -2.24 58.29 -32.39
CA PRO A 316 -2.93 57.14 -32.98
C PRO A 316 -2.34 56.78 -34.34
N THR A 317 -2.51 55.54 -34.75
CA THR A 317 -1.99 55.10 -36.04
C THR A 317 -2.89 55.57 -37.19
N TYR A 318 -2.27 56.05 -38.27
CA TYR A 318 -3.00 56.36 -39.49
C TYR A 318 -2.24 55.79 -40.68
N MET A 319 -2.86 55.83 -41.85
CA MET A 319 -2.25 55.30 -43.05
C MET A 319 -1.90 56.42 -44.04
N MET A 320 -0.82 56.23 -44.80
CA MET A 320 -0.33 57.25 -45.71
C MET A 320 0.25 56.66 -47.00
N LYS A 321 0.13 57.41 -48.09
CA LYS A 321 0.75 57.04 -49.36
C LYS A 321 1.05 58.29 -50.19
N CYS A 322 1.96 58.14 -51.16
CA CYS A 322 2.28 59.19 -52.10
C CYS A 322 2.80 60.47 -51.45
N PHE A 323 2.52 61.61 -52.09
CA PHE A 323 3.24 62.86 -51.84
C PHE A 323 2.84 63.64 -50.57
N THR A 324 1.77 63.23 -49.91
CA THR A 324 1.35 63.90 -48.67
C THR A 324 2.43 63.75 -47.59
N LYS A 325 3.39 62.87 -47.86
CA LYS A 325 4.53 62.64 -46.98
C LYS A 325 5.41 63.88 -46.84
N LEU A 326 5.41 64.74 -47.86
CA LEU A 326 6.33 65.88 -47.89
C LEU A 326 5.65 67.26 -47.87
N THR A 327 4.39 67.33 -48.29
CA THR A 327 3.73 68.62 -48.47
C THR A 327 3.65 69.45 -47.19
N TYR A 328 3.34 68.81 -46.07
CA TYR A 328 3.30 69.51 -44.79
C TYR A 328 4.69 69.89 -44.32
N THR A 329 5.66 69.02 -44.61
CA THR A 329 7.04 69.25 -44.23
C THR A 329 7.64 70.43 -45.01
N MET A 330 7.46 70.40 -46.32
CA MET A 330 8.06 71.40 -47.19
C MET A 330 7.38 72.77 -47.07
N ALA A 331 6.08 72.76 -46.79
CA ALA A 331 5.32 73.99 -46.69
C ALA A 331 5.65 74.75 -45.40
N ALA A 332 6.27 74.06 -44.45
CA ALA A 332 6.55 74.65 -43.15
C ALA A 332 8.05 74.81 -42.89
N TYR A 333 8.87 74.47 -43.88
CA TYR A 333 10.32 74.58 -43.73
C TYR A 333 10.82 73.72 -42.58
N SER A 334 10.25 72.54 -42.41
CA SER A 334 10.58 71.67 -41.29
C SER A 334 11.15 70.32 -41.75
N ASP A 335 10.96 69.29 -40.94
CA ASP A 335 11.51 67.97 -41.22
C ASP A 335 10.41 66.92 -41.41
N LEU A 336 10.83 65.69 -41.74
CA LEU A 336 9.89 64.62 -42.02
C LEU A 336 9.15 64.16 -40.76
N ASP A 337 9.75 64.39 -39.60
CA ASP A 337 9.11 64.04 -38.34
C ASP A 337 7.85 64.88 -38.12
N PHE A 338 8.01 66.19 -38.27
CA PHE A 338 6.87 67.11 -38.14
C PHE A 338 5.77 66.79 -39.13
N GLY A 339 6.16 66.51 -40.37
CA GLY A 339 5.21 66.21 -41.43
C GLY A 339 4.33 65.02 -41.12
N LEU A 340 4.92 63.98 -40.53
CA LEU A 340 4.19 62.76 -40.23
C LEU A 340 3.23 62.93 -39.05
N ARG A 341 3.55 63.86 -38.15
CA ARG A 341 2.76 64.08 -36.96
C ARG A 341 1.53 64.93 -37.24
N ILE A 342 1.70 65.97 -38.06
CA ILE A 342 0.59 66.86 -38.40
C ILE A 342 -0.32 66.22 -39.43
N ALA A 343 0.24 65.35 -40.27
CA ALA A 343 -0.55 64.62 -41.26
C ALA A 343 -1.56 63.72 -40.56
N GLN A 344 -1.22 63.28 -39.36
CA GLN A 344 -2.12 62.45 -38.57
C GLN A 344 -3.35 63.24 -38.16
N LYS A 345 -3.12 64.45 -37.68
CA LYS A 345 -4.20 65.37 -37.32
C LYS A 345 -5.06 65.72 -38.53
N ALA A 346 -4.40 66.00 -39.65
CA ALA A 346 -5.09 66.44 -40.86
C ALA A 346 -5.91 65.32 -41.48
N THR A 347 -5.38 64.10 -41.43
CA THR A 347 -6.10 62.95 -41.98
C THR A 347 -7.35 62.65 -41.17
N GLU A 348 -7.26 62.80 -39.85
CA GLU A 348 -8.41 62.60 -38.98
C GLU A 348 -9.46 63.69 -39.20
N TYR A 349 -9.00 64.93 -39.32
CA TYR A 349 -9.89 66.05 -39.62
C TYR A 349 -10.54 65.89 -40.99
N GLY A 350 -9.79 65.31 -41.92
CA GLY A 350 -10.28 65.12 -43.27
C GLY A 350 -9.97 66.32 -44.16
N LEU A 351 -8.69 66.64 -44.32
CA LEU A 351 -8.26 67.76 -45.14
C LEU A 351 -7.40 67.31 -46.31
N ASP A 352 -7.47 68.08 -47.40
CA ASP A 352 -6.63 67.83 -48.57
C ASP A 352 -5.17 68.14 -48.26
N GLY A 353 -4.30 67.15 -48.45
CA GLY A 353 -2.89 67.28 -48.12
C GLY A 353 -2.10 68.13 -49.10
N PHE A 354 -2.76 68.55 -50.17
CA PHE A 354 -2.14 69.44 -51.15
C PHE A 354 -2.45 70.90 -50.85
N SER A 355 -3.74 71.20 -50.73
CA SER A 355 -4.18 72.59 -50.52
C SER A 355 -3.89 73.10 -49.12
N ALA A 356 -4.22 72.28 -48.12
CA ALA A 356 -4.08 72.67 -46.71
C ALA A 356 -2.70 73.24 -46.38
N PRO A 357 -1.63 72.52 -46.74
CA PRO A 357 -0.27 73.01 -46.49
C PRO A 357 0.02 74.36 -47.16
N GLN A 358 -0.53 74.56 -48.35
CA GLN A 358 -0.29 75.81 -49.09
C GLN A 358 -1.11 76.97 -48.55
N VAL A 359 -2.28 76.65 -48.02
CA VAL A 359 -3.15 77.68 -47.43
C VAL A 359 -2.52 78.25 -46.16
N MET A 360 -1.97 77.39 -45.32
CA MET A 360 -1.34 77.81 -44.08
C MET A 360 -0.05 78.59 -44.32
N ALA A 361 0.72 78.15 -45.32
CA ALA A 361 1.94 78.85 -45.69
C ALA A 361 1.61 80.18 -46.36
N PHE A 362 0.48 80.21 -47.06
CA PHE A 362 -0.03 81.43 -47.68
C PHE A 362 -0.41 82.45 -46.60
N ALA A 363 -0.95 81.96 -45.50
CA ALA A 363 -1.39 82.82 -44.42
C ALA A 363 -0.21 83.45 -43.68
N PHE A 364 0.85 82.69 -43.50
CA PHE A 364 2.03 83.17 -42.78
C PHE A 364 2.83 84.15 -43.62
N GLU A 365 2.73 84.02 -44.94
CA GLU A 365 3.36 84.99 -45.84
C GLU A 365 2.64 86.33 -45.73
N LEU A 366 1.32 86.29 -45.59
CA LEU A 366 0.53 87.50 -45.42
C LEU A 366 0.83 88.14 -44.07
N LEU A 367 0.97 87.31 -43.05
CA LEU A 367 1.32 87.78 -41.71
C LEU A 367 2.74 88.33 -41.71
N GLU A 368 3.59 87.74 -42.53
CA GLU A 368 4.98 88.18 -42.66
C GLU A 368 5.05 89.55 -43.34
N LYS A 369 4.32 89.68 -44.45
CA LYS A 369 4.30 90.91 -45.22
C LYS A 369 3.68 92.07 -44.44
N GLY A 370 2.69 91.75 -43.60
CA GLY A 370 2.00 92.76 -42.83
C GLY A 370 0.58 92.96 -43.33
N ILE A 371 0.21 92.21 -44.36
CA ILE A 371 -1.15 92.26 -44.90
C ILE A 371 -2.13 91.70 -43.86
N LEU A 372 -1.66 90.72 -43.10
CA LEU A 372 -2.39 90.24 -41.93
C LEU A 372 -1.64 90.66 -40.67
N LYS A 373 -2.39 91.03 -39.64
CA LYS A 373 -1.78 91.49 -38.39
C LYS A 373 -1.77 90.37 -37.35
N ASP A 374 -1.01 90.59 -36.28
CA ASP A 374 -0.93 89.60 -35.21
C ASP A 374 -2.26 89.52 -34.44
N SER A 375 -3.07 90.57 -34.56
CA SER A 375 -4.37 90.60 -33.90
C SER A 375 -5.32 89.59 -34.55
N ASP A 376 -5.05 89.24 -35.80
CA ASP A 376 -5.83 88.22 -36.50
C ASP A 376 -5.49 86.84 -35.96
N PHE A 377 -4.26 86.69 -35.47
CA PHE A 377 -3.81 85.45 -34.86
C PHE A 377 -3.62 85.64 -33.36
N PRO A 378 -4.70 85.57 -32.58
CA PRO A 378 -4.57 85.75 -31.14
C PRO A 378 -4.01 84.51 -30.45
N GLY A 379 -3.20 84.72 -29.42
CA GLY A 379 -2.60 83.62 -28.68
C GLY A 379 -1.63 82.79 -29.50
N LEU A 380 -1.20 83.35 -30.63
CA LEU A 380 -0.30 82.65 -31.55
C LEU A 380 0.97 82.18 -30.84
N PRO A 381 1.31 80.90 -31.00
CA PRO A 381 2.52 80.35 -30.39
C PRO A 381 3.78 80.87 -31.07
N GLU A 382 4.94 80.60 -30.47
CA GLU A 382 6.21 81.11 -30.96
C GLU A 382 6.81 80.27 -32.07
N GLY A 383 6.94 78.96 -31.81
CA GLY A 383 7.59 78.06 -32.74
C GLY A 383 6.90 77.96 -34.10
N ASN A 384 7.68 77.63 -35.11
CA ASN A 384 7.16 77.47 -36.47
C ASN A 384 6.26 76.25 -36.57
N GLU A 385 6.65 75.17 -35.91
CA GLU A 385 5.85 73.95 -35.89
C GLU A 385 4.53 74.18 -35.16
N GLU A 386 4.61 74.80 -33.98
CA GLU A 386 3.43 75.03 -33.15
C GLU A 386 2.44 75.96 -33.85
N ARG A 387 2.93 76.81 -34.73
CA ARG A 387 2.07 77.75 -35.45
C ARG A 387 1.21 77.04 -36.49
N PHE A 388 1.73 75.95 -37.05
CA PHE A 388 0.98 75.17 -38.01
C PHE A 388 -0.12 74.36 -37.34
N PHE A 389 0.19 73.79 -36.18
CA PHE A 389 -0.80 73.07 -35.40
C PHE A 389 -1.88 74.02 -34.90
N TYR A 390 -1.46 75.25 -34.58
CA TYR A 390 -2.38 76.30 -34.16
C TYR A 390 -3.34 76.67 -35.28
N LEU A 391 -2.78 76.99 -36.44
CA LEU A 391 -3.57 77.44 -37.59
C LEU A 391 -4.45 76.32 -38.13
N LEU A 392 -4.00 75.08 -37.95
CA LEU A 392 -4.77 73.93 -38.41
C LEU A 392 -6.10 73.82 -37.67
N ASP A 393 -6.05 74.00 -36.35
CA ASP A 393 -7.26 73.95 -35.53
C ASP A 393 -8.18 75.13 -35.82
N LYS A 394 -7.59 76.28 -36.12
CA LYS A 394 -8.37 77.48 -36.43
C LYS A 394 -9.15 77.30 -37.73
N ILE A 395 -8.56 76.57 -38.67
CA ILE A 395 -9.18 76.33 -39.97
C ILE A 395 -10.34 75.35 -39.90
N VAL A 396 -10.09 74.19 -39.29
CA VAL A 396 -11.09 73.13 -39.22
C VAL A 396 -12.33 73.57 -38.46
N ASN A 397 -12.17 74.50 -37.53
CA ASN A 397 -13.29 75.02 -36.77
C ASN A 397 -13.88 76.29 -37.36
N ARG A 398 -13.24 76.79 -38.42
CA ARG A 398 -13.64 78.06 -39.04
C ARG A 398 -13.66 79.17 -37.99
N ASP A 399 -12.64 79.17 -37.13
CA ASP A 399 -12.57 80.11 -36.01
C ASP A 399 -11.80 81.37 -36.39
N GLY A 400 -12.50 82.50 -36.41
CA GLY A 400 -11.89 83.78 -36.72
C GLY A 400 -11.23 83.78 -38.09
N ILE A 401 -9.92 83.94 -38.10
CA ILE A 401 -9.16 83.98 -39.34
C ILE A 401 -9.21 82.62 -40.04
N GLY A 402 -9.51 81.58 -39.27
CA GLY A 402 -9.62 80.23 -39.82
C GLY A 402 -10.86 80.08 -40.69
N ASP A 403 -11.85 80.95 -40.48
CA ASP A 403 -13.08 80.90 -41.24
C ASP A 403 -12.86 81.37 -42.68
N ILE A 404 -11.93 82.29 -42.84
CA ILE A 404 -11.61 82.83 -44.17
C ILE A 404 -10.65 81.90 -44.91
N LEU A 405 -9.65 81.40 -44.20
CA LEU A 405 -8.66 80.50 -44.78
C LEU A 405 -9.28 79.17 -45.16
N ALA A 406 -10.46 78.89 -44.61
CA ALA A 406 -11.16 77.64 -44.88
C ALA A 406 -11.81 77.64 -46.27
N ASN A 407 -11.66 78.74 -47.00
CA ASN A 407 -12.26 78.88 -48.31
C ASN A 407 -11.26 78.67 -49.45
N GLY A 408 -9.99 78.53 -49.10
CA GLY A 408 -8.94 78.36 -50.10
C GLY A 408 -8.18 79.65 -50.32
N THR A 409 -7.01 79.53 -50.93
CA THR A 409 -6.14 80.70 -51.15
C THR A 409 -6.82 81.76 -52.01
N TYR A 410 -7.58 81.31 -53.01
CA TYR A 410 -8.25 82.23 -53.92
C TYR A 410 -9.28 83.09 -53.19
N TRP A 411 -10.29 82.45 -52.61
CA TRP A 411 -11.38 83.16 -51.97
C TRP A 411 -10.92 83.91 -50.73
N ALA A 412 -9.95 83.35 -50.01
CA ALA A 412 -9.40 84.00 -48.82
C ALA A 412 -8.73 85.32 -49.20
N ALA A 413 -7.88 85.28 -50.23
CA ALA A 413 -7.20 86.47 -50.70
C ALA A 413 -8.19 87.49 -51.25
N GLN A 414 -9.26 87.00 -51.85
CA GLN A 414 -10.32 87.85 -52.38
C GLN A 414 -10.99 88.64 -51.27
N GLU A 415 -11.21 87.98 -50.13
CA GLU A 415 -11.88 88.60 -48.99
C GLU A 415 -10.92 89.48 -48.20
N ILE A 416 -9.68 89.01 -48.04
CA ILE A 416 -8.67 89.76 -47.31
C ILE A 416 -8.33 91.08 -47.99
N GLY A 417 -8.06 91.02 -49.28
CA GLY A 417 -7.70 92.21 -50.05
C GLY A 417 -6.35 92.76 -49.66
N ASN A 418 -6.12 94.03 -49.96
CA ASN A 418 -4.86 94.69 -49.65
C ASN A 418 -3.66 94.02 -50.33
N GLY A 419 -3.89 93.47 -51.52
CA GLY A 419 -2.83 92.85 -52.28
C GLY A 419 -2.58 91.40 -51.90
N ALA A 420 -3.57 90.77 -51.29
CA ALA A 420 -3.45 89.37 -50.90
C ALA A 420 -3.55 88.45 -52.12
N GLU A 421 -4.12 88.96 -53.20
CA GLU A 421 -4.28 88.19 -54.43
C GLU A 421 -2.92 87.91 -55.07
N ASP A 422 -1.94 88.76 -54.79
CA ASP A 422 -0.59 88.60 -55.33
C ASP A 422 0.06 87.34 -54.80
N TYR A 423 -0.32 86.94 -53.59
CA TYR A 423 0.30 85.79 -52.94
C TYR A 423 -0.49 84.51 -53.20
N ALA A 424 -1.64 84.63 -53.85
CA ALA A 424 -2.35 83.48 -54.37
C ALA A 424 -1.86 83.19 -55.78
N HIS A 425 -0.56 82.86 -55.87
CA HIS A 425 0.14 82.79 -57.14
C HIS A 425 0.23 81.36 -57.69
N ASN A 426 -0.39 80.41 -57.01
CA ASN A 426 -0.28 79.01 -57.42
C ASN A 426 -1.63 78.35 -57.62
N ASN A 427 -2.55 79.07 -58.26
CA ASN A 427 -3.89 78.56 -58.51
C ASN A 427 -4.23 78.46 -59.99
N ILE A 428 -4.99 77.42 -60.34
CA ILE A 428 -5.59 77.30 -61.66
C ILE A 428 -7.06 76.99 -61.50
N LYS A 429 -7.91 77.90 -61.97
CA LYS A 429 -9.36 77.75 -61.79
C LYS A 429 -9.69 77.66 -60.31
N LYS A 430 -9.02 78.49 -59.51
CA LYS A 430 -9.27 78.60 -58.08
C LYS A 430 -8.82 77.37 -57.30
N HIS A 431 -8.05 76.50 -57.95
CA HIS A 431 -7.59 75.26 -57.33
C HIS A 431 -6.07 75.25 -57.20
N GLU A 432 -5.57 74.92 -56.01
CA GLU A 432 -4.13 74.89 -55.77
C GLU A 432 -3.43 73.82 -56.61
N GLN A 433 -2.27 74.17 -57.16
CA GLN A 433 -1.49 73.24 -57.97
C GLN A 433 -0.33 72.66 -57.18
N LEU A 434 0.39 71.72 -57.80
CA LEU A 434 1.62 71.20 -57.22
C LEU A 434 2.65 72.31 -57.10
N PRO A 435 3.36 72.35 -55.96
CA PRO A 435 4.42 73.34 -55.75
C PRO A 435 5.61 73.13 -56.70
N LEU A 436 5.45 73.54 -57.95
CA LEU A 436 6.50 73.41 -58.95
C LEU A 436 6.65 74.69 -59.78
N LYS A 437 7.79 75.35 -59.62
CA LYS A 437 8.10 76.53 -60.41
C LYS A 437 9.41 76.32 -61.18
N LEU A 438 9.30 75.70 -62.35
CA LEU A 438 10.47 75.32 -63.13
C LEU A 438 10.97 76.47 -64.00
N SER A 439 12.07 76.25 -64.70
CA SER A 439 12.72 77.30 -65.48
C SER A 439 12.18 77.40 -66.90
N MET A 440 12.35 76.34 -67.69
CA MET A 440 11.98 76.37 -69.09
C MET A 440 10.56 75.85 -69.32
N LEU A 441 9.86 76.48 -70.27
CA LEU A 441 8.50 76.10 -70.62
C LEU A 441 8.42 74.66 -71.12
N ASN A 442 7.45 73.92 -70.59
CA ASN A 442 7.19 72.56 -71.04
C ASN A 442 5.91 72.51 -71.85
N PRO A 443 6.03 72.30 -73.16
CA PRO A 443 4.89 72.32 -74.09
C PRO A 443 3.86 71.23 -73.81
N ILE A 444 4.30 70.12 -73.24
CA ILE A 444 3.42 69.00 -72.94
C ILE A 444 2.66 69.23 -71.64
N TYR A 445 3.32 69.82 -70.65
CA TYR A 445 2.72 70.04 -69.36
C TYR A 445 1.87 71.31 -69.35
N TYR A 446 2.23 72.27 -70.20
CA TYR A 446 1.44 73.48 -70.37
C TYR A 446 0.00 73.12 -70.71
N LEU A 447 -0.17 72.23 -71.67
CA LEU A 447 -1.50 71.79 -72.09
C LEU A 447 -2.24 71.07 -70.98
N MET A 448 -1.52 70.26 -70.21
CA MET A 448 -2.12 69.49 -69.13
C MET A 448 -2.57 70.38 -67.98
N TYR A 449 -1.85 71.47 -67.75
CA TYR A 449 -2.22 72.43 -66.71
C TYR A 449 -3.44 73.24 -67.11
N CYS A 450 -3.58 73.50 -68.41
CA CYS A 450 -4.64 74.38 -68.90
C CYS A 450 -6.00 73.68 -69.04
N THR A 451 -6.00 72.40 -69.39
CA THR A 451 -7.23 71.73 -69.79
C THR A 451 -7.68 70.59 -68.87
N GLY A 452 -6.83 70.19 -67.93
CA GLY A 452 -7.14 69.10 -67.04
C GLY A 452 -8.36 69.35 -66.18
N GLU A 453 -9.43 68.59 -66.40
CA GLU A 453 -10.68 68.78 -65.68
C GLU A 453 -10.52 68.50 -64.19
N LYS A 454 -9.60 67.62 -63.84
CA LYS A 454 -9.28 67.36 -62.44
C LYS A 454 -8.49 68.52 -61.85
N ILE A 455 -7.89 69.30 -62.73
CA ILE A 455 -7.09 70.47 -62.33
C ILE A 455 -5.93 70.04 -61.43
N ASN A 456 -5.43 68.84 -61.67
CA ASN A 456 -4.27 68.32 -60.95
C ASN A 456 -3.32 67.66 -61.94
N ILE A 457 -2.04 68.02 -61.88
CA ILE A 457 -1.08 67.57 -62.88
C ILE A 457 -0.68 66.10 -62.69
N THR A 458 -0.69 65.62 -61.45
CA THR A 458 -0.30 64.24 -61.18
C THR A 458 -1.37 63.25 -61.66
N GLN A 459 -2.53 63.77 -62.02
CA GLN A 459 -3.64 62.92 -62.42
C GLN A 459 -4.07 63.17 -63.86
N ILE A 460 -3.10 63.44 -64.73
CA ILE A 460 -3.34 63.53 -66.16
C ILE A 460 -2.12 63.04 -66.95
N GLU A 461 -0.95 63.10 -66.30
CA GLU A 461 0.30 62.63 -66.91
C GLU A 461 0.44 61.11 -66.82
N GLY A 462 1.60 60.60 -67.19
CA GLY A 462 1.92 59.20 -66.97
C GLY A 462 2.59 58.42 -68.09
N GLN A 463 1.90 58.27 -69.21
CA GLN A 463 2.32 57.32 -70.24
C GLN A 463 3.54 57.77 -71.06
N PHE A 464 3.75 59.08 -71.18
CA PHE A 464 4.93 59.58 -71.85
C PHE A 464 5.96 60.04 -70.82
N PRO A 465 7.23 59.65 -71.01
CA PRO A 465 8.32 60.01 -70.09
C PRO A 465 8.41 61.51 -69.85
N GLN A 466 8.72 61.91 -68.63
CA GLN A 466 8.80 63.31 -68.25
C GLN A 466 10.08 63.97 -68.78
N ALA A 467 11.06 63.15 -69.13
CA ALA A 467 12.32 63.64 -69.66
C ALA A 467 12.90 62.67 -70.68
N PRO A 468 13.67 63.19 -71.64
CA PRO A 468 14.31 62.37 -72.69
C PRO A 468 15.63 61.76 -72.22
N TYR A 469 16.02 60.65 -72.83
CA TYR A 469 17.33 60.07 -72.58
C TYR A 469 18.42 60.85 -73.29
N PRO A 470 19.56 61.05 -72.63
CA PRO A 470 20.71 61.73 -73.25
C PRO A 470 21.22 60.98 -74.47
N LYS A 471 21.29 59.66 -74.36
CA LYS A 471 21.89 58.83 -75.41
C LYS A 471 20.84 58.11 -76.25
N LEU A 472 21.11 57.98 -77.55
CA LEU A 472 20.16 57.37 -78.47
C LEU A 472 19.96 55.88 -78.21
N GLU A 473 20.99 55.21 -77.72
CA GLU A 473 20.90 53.79 -77.42
C GLU A 473 19.84 53.52 -76.36
N GLN A 474 19.75 54.42 -75.39
CA GLN A 474 18.78 54.29 -74.31
C GLN A 474 17.34 54.39 -74.82
N ARG A 475 17.14 55.24 -75.82
CA ARG A 475 15.81 55.44 -76.39
C ARG A 475 15.38 54.24 -77.21
N GLU A 476 16.29 53.76 -78.06
CA GLU A 476 16.04 52.58 -78.88
C GLU A 476 15.68 51.38 -78.01
N ALA A 477 16.34 51.30 -76.85
CA ALA A 477 16.09 50.22 -75.91
C ALA A 477 14.71 50.35 -75.29
N PHE A 478 14.30 51.58 -75.01
CA PHE A 478 13.03 51.84 -74.37
C PHE A 478 11.84 51.54 -75.29
N VAL A 479 11.91 52.05 -76.52
CA VAL A 479 10.81 51.89 -77.47
C VAL A 479 10.73 50.47 -78.03
N GLU A 480 11.72 49.65 -77.68
CA GLU A 480 11.79 48.27 -78.15
C GLU A 480 10.53 47.46 -77.80
N ASP A 481 10.21 47.42 -76.52
CA ASP A 481 9.05 46.66 -76.05
C ASP A 481 7.97 47.58 -75.49
N TRP A 482 7.86 48.78 -76.06
CA TRP A 482 6.85 49.74 -75.64
C TRP A 482 5.52 49.45 -76.31
N ILE A 483 4.92 48.31 -75.97
CA ILE A 483 3.71 47.83 -76.62
C ILE A 483 2.47 48.63 -76.27
N GLN A 484 2.58 49.52 -75.28
CA GLN A 484 1.42 50.25 -74.78
C GLN A 484 1.01 51.42 -75.67
N VAL A 485 1.87 51.82 -76.59
CA VAL A 485 1.59 52.95 -77.47
C VAL A 485 0.44 52.66 -78.43
N PRO A 486 -0.44 53.64 -78.65
CA PRO A 486 -1.54 53.52 -79.61
C PRO A 486 -1.03 53.53 -81.05
N ASP A 487 0.12 54.17 -81.25
CA ASP A 487 0.67 54.33 -82.59
C ASP A 487 2.19 54.31 -82.58
N GLU A 488 2.79 53.85 -83.67
CA GLU A 488 4.23 53.78 -83.80
C GLU A 488 4.89 55.15 -83.68
N LYS A 489 4.15 56.20 -83.98
CA LYS A 489 4.69 57.56 -84.00
C LYS A 489 5.14 58.02 -82.62
N PHE A 490 4.53 57.46 -81.58
CA PHE A 490 4.91 57.80 -80.21
C PHE A 490 6.31 57.31 -79.89
N LYS A 491 6.73 56.23 -80.55
CA LYS A 491 8.09 55.74 -80.42
C LYS A 491 9.07 56.67 -81.14
N LYS A 492 8.66 57.12 -82.32
CA LYS A 492 9.50 57.97 -83.15
C LYS A 492 9.72 59.33 -82.51
N ILE A 493 8.72 59.82 -81.77
CA ILE A 493 8.84 61.09 -81.06
C ILE A 493 9.89 60.99 -79.97
N PHE A 494 9.85 59.91 -79.20
CA PHE A 494 10.76 59.73 -78.08
C PHE A 494 12.19 59.46 -78.55
N LEU A 495 12.32 58.95 -79.76
CA LEU A 495 13.64 58.70 -80.34
C LEU A 495 14.35 60.01 -80.70
N GLU A 496 13.61 60.92 -81.32
CA GLU A 496 14.18 62.21 -81.73
C GLU A 496 14.38 63.15 -80.56
N TRP A 497 13.55 63.00 -79.53
CA TRP A 497 13.56 63.89 -78.38
C TRP A 497 14.89 63.88 -77.65
N GLU A 498 15.46 65.05 -77.43
CA GLU A 498 16.74 65.18 -76.75
C GLU A 498 16.67 66.26 -75.66
N PRO A 499 17.47 66.09 -74.59
CA PRO A 499 17.51 67.04 -73.48
C PRO A 499 18.06 68.40 -73.88
N ARG A 500 18.97 68.43 -74.86
CA ARG A 500 19.59 69.67 -75.31
C ARG A 500 19.75 69.72 -76.82
N GLY A 501 19.57 70.90 -77.40
CA GLY A 501 19.86 71.10 -78.80
C GLY A 501 18.66 71.28 -79.72
N GLU A 502 18.86 70.97 -81.00
CA GLU A 502 17.86 71.21 -82.04
C GLU A 502 16.57 70.42 -81.85
N LYS A 503 16.59 69.44 -80.94
CA LYS A 503 15.42 68.61 -80.72
C LYS A 503 15.04 68.56 -79.24
N SER A 504 15.19 69.69 -78.57
CA SER A 504 14.82 69.80 -77.17
C SER A 504 13.65 70.77 -76.98
N MET A 505 13.05 70.75 -75.80
CA MET A 505 11.98 71.68 -75.47
C MET A 505 12.52 73.11 -75.39
N PRO A 506 11.63 74.10 -75.56
CA PRO A 506 10.19 73.94 -75.75
C PRO A 506 9.76 73.75 -77.21
N ASN A 507 10.71 73.84 -78.14
CA ASN A 507 10.37 73.78 -79.56
C ASN A 507 10.20 72.35 -80.08
N PHE A 508 10.62 71.38 -79.29
CA PHE A 508 10.42 69.97 -79.62
C PHE A 508 10.16 69.16 -78.36
N PRO A 509 9.23 68.20 -78.43
CA PRO A 509 8.46 67.80 -79.61
C PRO A 509 7.63 68.94 -80.20
N THR A 510 7.19 68.76 -81.45
CA THR A 510 6.41 69.78 -82.13
C THR A 510 5.05 69.97 -81.50
N VAL A 511 4.31 70.98 -81.96
CA VAL A 511 3.00 71.28 -81.43
C VAL A 511 2.01 70.14 -81.69
N ASP A 512 2.08 69.55 -82.87
CA ASP A 512 1.22 68.43 -83.22
C ASP A 512 1.55 67.19 -82.40
N MET A 513 2.85 66.99 -82.14
CA MET A 513 3.30 65.85 -81.36
C MET A 513 2.88 65.99 -79.89
N CYS A 514 2.97 67.21 -79.37
CA CYS A 514 2.58 67.48 -77.99
C CYS A 514 1.09 67.22 -77.78
N CYS A 515 0.27 67.67 -78.73
CA CYS A 515 -1.18 67.47 -78.66
C CYS A 515 -1.54 65.99 -78.64
N ASP A 516 -0.88 65.20 -79.47
CA ASP A 516 -1.11 63.77 -79.51
C ASP A 516 -0.71 63.10 -78.20
N ILE A 517 0.40 63.53 -77.63
CA ILE A 517 0.88 62.98 -76.36
C ILE A 517 -0.12 63.27 -75.24
N VAL A 518 -0.48 64.54 -75.10
CA VAL A 518 -1.43 64.96 -74.07
C VAL A 518 -2.77 64.25 -74.20
N ASP A 519 -3.20 64.03 -75.44
CA ASP A 519 -4.47 63.37 -75.69
C ASP A 519 -4.43 61.90 -75.28
N TRP A 520 -3.28 61.26 -75.47
CA TRP A 520 -3.12 59.85 -75.11
C TRP A 520 -3.07 59.68 -73.59
N GLN A 521 -2.21 60.46 -72.93
CA GLN A 521 -2.07 60.40 -71.49
C GLN A 521 -3.39 60.67 -70.77
N GLU A 522 -4.14 61.67 -71.25
CA GLU A 522 -5.41 62.00 -70.63
C GLU A 522 -6.44 60.88 -70.85
N MET A 523 -6.44 60.31 -72.05
CA MET A 523 -7.39 59.26 -72.39
C MET A 523 -7.30 58.06 -71.46
N MET A 524 -6.08 57.72 -71.04
CA MET A 524 -5.87 56.56 -70.18
C MET A 524 -6.40 56.79 -68.77
N HIS A 525 -6.31 58.03 -68.31
CA HIS A 525 -6.84 58.38 -66.98
C HIS A 525 -8.36 58.29 -66.95
N TYR A 526 -9.00 58.72 -68.03
CA TYR A 526 -10.46 58.70 -68.11
C TYR A 526 -10.99 57.27 -68.24
N ILE A 527 -10.23 56.40 -68.90
CA ILE A 527 -10.60 55.00 -68.99
C ILE A 527 -10.48 54.35 -67.60
N ASP A 528 -9.41 54.70 -66.89
CA ASP A 528 -9.19 54.22 -65.53
C ASP A 528 -10.32 54.63 -64.58
N ASP A 529 -10.72 55.90 -64.66
CA ASP A 529 -11.69 56.46 -63.73
C ASP A 529 -13.13 56.09 -64.08
N ALA A 530 -13.30 55.32 -65.15
CA ALA A 530 -14.62 54.81 -65.51
C ALA A 530 -14.71 53.34 -65.16
N LEU A 531 -13.61 52.63 -65.34
CA LEU A 531 -13.54 51.20 -65.04
C LEU A 531 -13.27 50.96 -63.55
N GLY A 532 -12.70 51.95 -62.88
CA GLY A 532 -12.37 51.82 -61.47
C GLY A 532 -10.95 51.34 -61.25
N GLN A 533 -10.21 51.18 -62.35
CA GLN A 533 -8.85 50.69 -62.29
C GLN A 533 -7.89 51.71 -61.69
N CYS A 534 -7.13 51.30 -60.69
CA CYS A 534 -6.12 52.16 -60.09
C CYS A 534 -5.07 52.54 -61.13
N ALA A 535 -4.75 53.82 -61.20
CA ALA A 535 -3.80 54.33 -62.18
C ALA A 535 -2.41 53.72 -61.98
N GLY A 536 -2.14 53.25 -60.76
CA GLY A 536 -0.85 52.68 -60.43
C GLY A 536 -0.48 51.48 -61.30
N LEU A 537 -1.49 50.85 -61.87
CA LEU A 537 -1.26 49.70 -62.75
C LEU A 537 -1.67 50.04 -64.19
N SER A 538 -1.95 51.31 -64.43
CA SER A 538 -2.44 51.74 -65.73
C SER A 538 -1.84 53.07 -66.19
N SER A 539 -2.63 54.14 -66.10
CA SER A 539 -2.31 55.40 -66.75
C SER A 539 -1.15 56.17 -66.11
N PHE A 540 -0.73 55.78 -64.91
CA PHE A 540 0.30 56.56 -64.23
C PHE A 540 1.74 56.15 -64.57
N PRO A 541 2.10 54.88 -64.35
CA PRO A 541 3.49 54.46 -64.53
C PRO A 541 3.83 54.15 -65.99
N LEU A 542 5.12 54.16 -66.31
CA LEU A 542 5.58 53.81 -67.65
C LEU A 542 5.41 52.33 -67.93
N LYS A 543 4.90 52.01 -69.11
CA LYS A 543 4.73 50.62 -69.55
C LYS A 543 3.93 49.79 -68.55
N PRO A 544 2.63 50.11 -68.41
CA PRO A 544 1.72 49.41 -67.48
C PRO A 544 1.17 48.10 -68.02
N PRO A 545 0.64 47.24 -67.13
CA PRO A 545 0.00 45.99 -67.49
C PRO A 545 -1.36 46.20 -68.19
N TYR A 546 -2.03 47.29 -67.83
CA TYR A 546 -3.26 47.69 -68.53
C TYR A 546 -2.94 48.76 -69.57
N HIS A 547 -3.50 48.63 -70.77
CA HIS A 547 -3.28 49.60 -71.82
C HIS A 547 -4.39 49.58 -72.89
N ILE A 548 -4.25 50.43 -73.90
CA ILE A 548 -5.30 50.62 -74.90
C ILE A 548 -5.61 49.39 -75.73
N HIS A 549 -4.74 48.38 -75.64
CA HIS A 549 -4.87 47.19 -76.49
C HIS A 549 -5.57 46.02 -75.81
N ASN A 550 -5.47 45.93 -74.49
CA ASN A 550 -6.11 44.83 -73.77
C ASN A 550 -7.32 45.29 -72.96
N TYR A 551 -7.40 46.60 -72.72
CA TYR A 551 -8.54 47.18 -72.02
C TYR A 551 -9.88 46.83 -72.68
N PRO A 552 -9.96 46.95 -74.02
CA PRO A 552 -11.18 46.56 -74.75
C PRO A 552 -11.59 45.12 -74.48
N LYS A 553 -10.61 44.25 -74.27
CA LYS A 553 -10.88 42.84 -74.00
C LYS A 553 -11.44 42.65 -72.60
N PHE A 554 -10.89 43.38 -71.64
CA PHE A 554 -11.38 43.34 -70.26
C PHE A 554 -12.84 43.77 -70.18
N ILE A 555 -13.19 44.81 -70.94
CA ILE A 555 -14.55 45.33 -70.95
C ILE A 555 -15.52 44.33 -71.58
N ALA A 556 -15.12 43.76 -72.72
CA ALA A 556 -15.96 42.81 -73.45
C ALA A 556 -16.22 41.56 -72.62
N ALA A 557 -15.17 40.97 -72.08
CA ALA A 557 -15.29 39.72 -71.33
C ALA A 557 -15.90 39.94 -69.95
N GLY A 558 -15.75 41.16 -69.43
CA GLY A 558 -16.26 41.47 -68.10
C GLY A 558 -17.71 41.93 -68.09
N ALA A 559 -18.05 42.81 -69.02
CA ALA A 559 -19.37 43.43 -69.04
C ALA A 559 -20.30 42.82 -70.08
N GLY A 560 -19.72 42.17 -71.09
CA GLY A 560 -20.51 41.52 -72.12
C GLY A 560 -21.04 42.48 -73.17
N ILE A 561 -20.32 43.57 -73.40
CA ILE A 561 -20.66 44.50 -74.45
C ILE A 561 -19.61 44.48 -75.54
N GLU A 562 -19.99 44.86 -76.75
CA GLU A 562 -19.05 44.96 -77.86
C GLU A 562 -18.06 46.09 -77.61
N MET A 563 -16.78 45.79 -77.67
CA MET A 563 -15.75 46.79 -77.40
C MET A 563 -14.43 46.47 -78.09
N ASP A 564 -13.90 47.46 -78.80
CA ASP A 564 -12.59 47.35 -79.43
C ASP A 564 -11.74 48.56 -79.10
N THR A 565 -10.56 48.66 -79.72
CA THR A 565 -9.65 49.76 -79.45
C THR A 565 -10.23 51.11 -79.86
N GLU A 566 -10.75 51.18 -81.08
CA GLU A 566 -11.27 52.44 -81.61
C GLU A 566 -12.56 52.86 -80.91
N LYS A 567 -13.44 51.88 -80.69
CA LYS A 567 -14.70 52.16 -80.01
C LYS A 567 -14.47 52.61 -78.58
N LEU A 568 -13.38 52.14 -77.99
CA LEU A 568 -13.00 52.53 -76.63
C LEU A 568 -12.44 53.95 -76.60
N LYS A 569 -11.58 54.24 -77.58
CA LYS A 569 -11.03 55.59 -77.73
C LYS A 569 -12.14 56.62 -77.86
N LYS A 570 -13.15 56.30 -78.65
CA LYS A 570 -14.28 57.20 -78.87
C LYS A 570 -15.12 57.36 -77.62
N ALA A 571 -15.26 56.27 -76.87
CA ALA A 571 -16.02 56.30 -75.61
C ALA A 571 -15.37 57.25 -74.61
N ALA A 572 -14.06 57.10 -74.43
CA ALA A 572 -13.31 57.96 -73.52
C ALA A 572 -13.42 59.42 -73.95
N LYS A 573 -13.43 59.65 -75.26
CA LYS A 573 -13.57 61.00 -75.80
C LYS A 573 -14.98 61.52 -75.56
N ARG A 574 -15.94 60.61 -75.51
CA ARG A 574 -17.35 60.99 -75.36
C ARG A 574 -17.63 61.66 -74.02
N TYR A 575 -17.33 60.96 -72.91
CA TYR A 575 -17.65 61.51 -71.60
C TYR A 575 -16.56 62.43 -71.07
N ARG A 576 -15.43 62.50 -71.77
CA ARG A 576 -14.41 63.50 -71.45
C ARG A 576 -14.86 64.84 -72.04
N THR A 577 -15.64 64.77 -73.11
CA THR A 577 -16.23 65.95 -73.72
C THR A 577 -17.45 66.38 -72.93
N LEU A 578 -18.18 65.40 -72.41
CA LEU A 578 -19.36 65.65 -71.58
C LEU A 578 -18.97 66.37 -70.30
N VAL A 579 -17.88 65.93 -69.69
CA VAL A 579 -17.35 66.60 -68.50
C VAL A 579 -16.97 68.03 -68.85
N ARG A 580 -16.34 68.20 -70.00
CA ARG A 580 -15.97 69.52 -70.50
C ARG A 580 -17.21 70.38 -70.70
N ALA A 581 -18.24 69.80 -71.30
CA ALA A 581 -19.49 70.50 -71.56
C ALA A 581 -20.16 70.95 -70.27
N PHE A 582 -19.99 70.16 -69.21
CA PHE A 582 -20.56 70.50 -67.91
C PHE A 582 -19.93 71.76 -67.36
N ASN A 583 -18.61 71.88 -67.50
CA ASN A 583 -17.90 73.05 -67.02
C ASN A 583 -18.14 74.27 -67.91
N ILE A 584 -18.35 74.04 -69.20
CA ILE A 584 -18.69 75.12 -70.11
C ILE A 584 -20.02 75.72 -69.70
N ARG A 585 -20.99 74.87 -69.38
CA ARG A 585 -22.31 75.30 -68.97
C ARG A 585 -22.25 76.06 -67.65
N ARG A 586 -21.18 75.86 -66.90
CA ARG A 586 -21.02 76.54 -65.60
C ARG A 586 -20.11 77.77 -65.70
N GLY A 587 -19.78 78.18 -66.92
CA GLY A 587 -19.10 79.44 -67.15
C GLY A 587 -17.60 79.39 -67.39
N MET A 588 -17.09 78.22 -67.74
CA MET A 588 -15.65 78.08 -68.02
C MET A 588 -15.36 78.40 -69.48
N ARG A 589 -14.40 79.28 -69.71
CA ARG A 589 -13.98 79.64 -71.06
C ARG A 589 -12.46 79.51 -71.20
N ARG A 590 -11.95 79.75 -72.40
CA ARG A 590 -10.52 79.66 -72.67
C ARG A 590 -9.71 80.52 -71.70
N VAL A 591 -10.31 81.64 -71.29
CA VAL A 591 -9.65 82.59 -70.39
C VAL A 591 -9.27 81.95 -69.06
N ASP A 592 -10.05 80.97 -68.62
CA ASP A 592 -9.80 80.30 -67.36
C ASP A 592 -8.67 79.29 -67.48
N GLU A 593 -8.31 78.95 -68.72
CA GLU A 593 -7.35 77.89 -68.97
C GLU A 593 -5.95 78.45 -69.17
N GLN A 594 -5.37 78.97 -68.09
CA GLN A 594 -4.01 79.48 -68.11
C GLN A 594 -3.28 79.09 -66.83
N PRO A 595 -2.02 78.64 -66.97
CA PRO A 595 -1.20 78.31 -65.80
C PRO A 595 -0.89 79.57 -64.98
N PRO A 596 -0.38 79.39 -63.75
CA PRO A 596 0.07 80.52 -62.93
C PRO A 596 1.09 81.37 -63.68
N ALA A 597 1.08 82.68 -63.44
CA ALA A 597 1.93 83.61 -64.19
C ALA A 597 3.41 83.34 -63.95
N ASN A 598 3.74 82.76 -62.80
CA ASN A 598 5.13 82.49 -62.47
C ASN A 598 5.47 81.00 -62.46
N HIS A 599 4.69 80.20 -63.18
CA HIS A 599 4.89 78.77 -63.20
C HIS A 599 6.20 78.40 -63.89
N TRP A 600 6.52 79.13 -64.96
CA TRP A 600 7.81 79.01 -65.63
C TRP A 600 8.48 80.37 -65.69
N LYS A 601 9.80 80.40 -65.74
CA LYS A 601 10.53 81.66 -65.83
C LYS A 601 10.71 82.10 -67.28
N ASN A 602 10.76 81.12 -68.18
CA ASN A 602 10.87 81.41 -69.61
C ASN A 602 9.56 81.09 -70.33
N ARG A 603 8.85 82.12 -70.75
CA ARG A 603 7.55 81.95 -71.40
C ARG A 603 7.61 82.30 -72.88
N PHE A 604 6.77 81.64 -73.67
CA PHE A 604 6.69 81.87 -75.10
C PHE A 604 5.25 81.97 -75.56
N PRO A 605 4.68 83.19 -75.48
CA PRO A 605 3.26 83.47 -75.75
C PRO A 605 2.78 82.93 -77.10
N GLU A 606 3.57 83.15 -78.14
CA GLU A 606 3.19 82.73 -79.49
C GLU A 606 3.15 81.21 -79.62
N LEU A 607 4.08 80.54 -78.94
CA LEU A 607 4.09 79.07 -78.95
C LEU A 607 2.96 78.52 -78.10
N GLU A 608 2.65 79.20 -77.00
CA GLU A 608 1.58 78.78 -76.12
C GLU A 608 0.21 78.96 -76.76
N LYS A 609 0.05 80.03 -77.53
CA LYS A 609 -1.19 80.27 -78.25
C LYS A 609 -1.40 79.21 -79.32
N GLU A 610 -0.34 78.88 -80.03
CA GLU A 610 -0.39 77.87 -81.07
C GLU A 610 -0.66 76.48 -80.48
N LEU A 611 -0.12 76.24 -79.28
CA LEU A 611 -0.34 74.97 -78.60
C LEU A 611 -1.80 74.78 -78.21
N LEU A 612 -2.38 75.80 -77.58
CA LEU A 612 -3.75 75.72 -77.11
C LEU A 612 -4.73 75.73 -78.28
N ASP A 613 -4.40 76.46 -79.33
CA ASP A 613 -5.21 76.50 -80.54
C ASP A 613 -5.26 75.12 -81.21
N SER A 614 -4.09 74.51 -81.36
CA SER A 614 -3.98 73.22 -82.03
C SER A 614 -4.62 72.09 -81.21
N TYR A 615 -4.52 72.18 -79.89
CA TYR A 615 -5.10 71.16 -79.03
C TYR A 615 -6.62 71.20 -79.08
N TYR A 616 -7.18 72.40 -79.06
CA TYR A 616 -8.62 72.58 -79.18
C TYR A 616 -9.15 71.94 -80.46
N LYS A 617 -8.39 72.11 -81.54
CA LYS A 617 -8.75 71.53 -82.83
C LYS A 617 -8.82 70.00 -82.75
N LEU A 618 -7.82 69.42 -82.10
CA LEU A 618 -7.74 67.97 -81.93
C LEU A 618 -8.92 67.45 -81.12
N LYS A 619 -9.22 68.13 -80.01
CA LYS A 619 -10.35 67.79 -79.17
C LYS A 619 -11.67 67.94 -79.95
N GLY A 620 -11.69 68.92 -80.85
CA GLY A 620 -12.88 69.22 -81.63
C GLY A 620 -13.66 70.37 -81.02
N TRP A 621 -12.97 71.22 -80.28
CA TRP A 621 -13.60 72.33 -79.57
C TRP A 621 -13.47 73.64 -80.34
N ASN A 622 -14.08 74.70 -79.81
CA ASN A 622 -13.94 76.05 -80.36
C ASN A 622 -12.54 76.60 -80.13
N ASP A 623 -12.33 77.85 -80.55
CA ASP A 623 -11.12 78.56 -80.19
C ASP A 623 -11.37 79.31 -78.89
N ASP A 624 -12.46 78.95 -78.21
CA ASP A 624 -12.77 79.47 -76.88
C ASP A 624 -12.88 78.31 -75.89
N GLY A 625 -12.68 77.08 -76.38
CA GLY A 625 -12.65 75.91 -75.53
C GLY A 625 -13.94 75.13 -75.49
N ILE A 626 -14.92 75.55 -76.29
CA ILE A 626 -16.23 74.91 -76.29
C ILE A 626 -16.37 73.87 -77.40
N PRO A 627 -16.83 72.66 -77.05
CA PRO A 627 -17.09 71.59 -78.01
C PRO A 627 -18.11 72.02 -79.07
N THR A 628 -17.72 71.94 -80.34
CA THR A 628 -18.59 72.38 -81.43
C THR A 628 -19.81 71.49 -81.59
N LYS A 629 -20.75 71.94 -82.39
CA LYS A 629 -21.96 71.19 -82.70
C LYS A 629 -21.65 69.97 -83.54
N GLU A 630 -20.58 70.06 -84.32
CA GLU A 630 -20.18 69.00 -85.24
C GLU A 630 -19.65 67.80 -84.48
N THR A 631 -18.72 68.05 -83.57
CA THR A 631 -18.10 67.00 -82.77
C THR A 631 -19.09 66.39 -81.77
N LEU A 632 -20.01 67.23 -81.27
CA LEU A 632 -21.01 66.76 -80.32
C LEU A 632 -21.98 65.78 -80.99
N ASP A 633 -22.41 66.11 -82.19
CA ASP A 633 -23.30 65.23 -82.95
C ASP A 633 -22.59 63.93 -83.32
N ASP A 634 -21.30 64.03 -83.63
CA ASP A 634 -20.52 62.86 -84.01
C ASP A 634 -20.33 61.90 -82.84
N LEU A 635 -20.31 62.44 -81.63
CA LEU A 635 -20.07 61.64 -80.43
C LEU A 635 -21.36 61.05 -79.87
N GLY A 636 -22.49 61.52 -80.36
CA GLY A 636 -23.78 61.11 -79.83
C GLY A 636 -24.20 62.02 -78.68
N LEU A 637 -23.64 63.22 -78.66
CA LEU A 637 -23.96 64.21 -77.65
C LEU A 637 -24.77 65.34 -78.26
N GLY A 638 -25.77 64.97 -79.07
CA GLY A 638 -26.61 65.94 -79.75
C GLY A 638 -27.44 66.78 -78.79
N TYR A 639 -27.90 66.19 -77.70
CA TYR A 639 -28.69 66.91 -76.71
C TYR A 639 -27.88 68.02 -76.07
N VAL A 640 -26.57 67.84 -76.03
CA VAL A 640 -25.66 68.86 -75.50
C VAL A 640 -25.58 70.05 -76.46
N GLY A 641 -25.44 69.75 -77.75
CA GLY A 641 -25.34 70.77 -78.77
C GLY A 641 -26.61 71.60 -78.85
N ASP A 642 -27.75 70.95 -78.68
CA ASP A 642 -29.04 71.64 -78.70
C ASP A 642 -29.16 72.60 -77.53
N GLU A 643 -28.77 72.14 -76.34
CA GLU A 643 -28.85 72.95 -75.14
C GLU A 643 -27.84 74.10 -75.17
N PHE A 644 -26.73 73.89 -75.86
CA PHE A 644 -25.73 74.94 -76.03
C PHE A 644 -26.28 76.08 -76.87
N ILE A 645 -26.94 75.74 -77.96
CA ILE A 645 -27.56 76.72 -78.84
C ILE A 645 -28.68 77.45 -78.11
N LYS A 646 -29.55 76.67 -77.46
CA LYS A 646 -30.67 77.21 -76.70
C LYS A 646 -30.20 78.17 -75.61
N ARG A 647 -29.03 77.88 -75.04
CA ARG A 647 -28.45 78.72 -73.98
C ARG A 647 -27.52 79.79 -74.56
N GLY A 648 -27.34 79.78 -75.87
CA GLY A 648 -26.52 80.78 -76.53
C GLY A 648 -25.02 80.54 -76.39
N ILE A 649 -24.67 79.45 -75.72
CA ILE A 649 -23.26 79.06 -75.58
C ILE A 649 -22.66 78.80 -76.95
N LEU A 650 -23.43 78.12 -77.80
CA LEU A 650 -23.05 77.92 -79.19
C LEU A 650 -24.02 78.65 -80.11
N SER A 651 -23.50 79.14 -81.23
CA SER A 651 -24.34 79.77 -82.25
C SER A 651 -24.74 78.75 -83.30
N ALA A 652 -25.95 78.88 -83.82
CA ALA A 652 -26.36 78.10 -84.98
C ALA A 652 -25.72 78.71 -86.22
N GLY A 653 -24.71 78.03 -86.75
CA GLY A 653 -23.96 78.55 -87.88
C GLY A 653 -22.91 79.55 -87.46
N MET B 1 -1.55 -0.03 -2.03
CA MET B 1 -0.71 0.49 -3.11
C MET B 1 0.05 1.74 -2.62
N ARG B 2 1.05 2.17 -3.39
CA ARG B 2 1.89 3.28 -3.00
C ARG B 2 1.33 4.62 -3.47
N TYR B 3 1.62 5.68 -2.73
CA TYR B 3 1.14 7.02 -3.07
C TYR B 3 2.27 8.05 -3.02
N ALA B 4 2.09 9.14 -3.76
CA ALA B 4 3.11 10.20 -3.87
C ALA B 4 4.36 9.68 -4.57
N GLU B 5 4.95 8.63 -4.00
CA GLU B 5 6.04 7.92 -4.66
C GLU B 5 5.46 6.94 -5.67
N THR B 6 6.27 6.49 -6.62
CA THR B 6 5.81 5.49 -7.59
C THR B 6 6.17 4.10 -7.11
N GLY B 7 7.17 4.00 -6.23
CA GLY B 7 7.57 2.74 -5.66
C GLY B 7 8.52 1.94 -6.54
N TYR B 8 8.96 2.55 -7.64
CA TYR B 8 9.87 1.89 -8.56
C TYR B 8 11.07 2.76 -8.89
N VAL B 9 12.20 2.12 -9.17
CA VAL B 9 13.40 2.82 -9.59
C VAL B 9 14.02 2.14 -10.80
N LEU B 10 14.91 2.84 -11.49
CA LEU B 10 15.63 2.28 -12.63
C LEU B 10 17.08 2.00 -12.27
N GLU B 11 17.52 0.78 -12.53
CA GLU B 11 18.91 0.38 -12.31
C GLU B 11 19.61 0.24 -13.66
N VAL B 12 20.55 1.15 -13.94
CA VAL B 12 21.23 1.15 -15.22
C VAL B 12 22.72 0.83 -15.10
N ASP B 13 23.16 -0.20 -15.82
CA ASP B 13 24.57 -0.51 -15.91
C ASP B 13 25.12 -0.08 -17.25
N LEU B 14 25.86 1.02 -17.25
CA LEU B 14 26.37 1.63 -18.49
C LEU B 14 27.51 0.82 -19.10
N THR B 15 28.01 -0.15 -18.35
CA THR B 15 29.06 -1.03 -18.84
C THR B 15 28.48 -2.15 -19.68
N LYS B 16 27.36 -2.70 -19.22
CA LYS B 16 26.72 -3.82 -19.90
C LYS B 16 25.52 -3.37 -20.72
N GLY B 17 25.12 -2.11 -20.56
CA GLY B 17 23.99 -1.56 -21.27
C GLY B 17 22.67 -2.15 -20.79
N SER B 18 22.69 -2.69 -19.57
CA SER B 18 21.50 -3.31 -19.00
C SER B 18 20.62 -2.31 -18.28
N ILE B 19 19.31 -2.54 -18.34
CA ILE B 19 18.34 -1.67 -17.69
C ILE B 19 17.34 -2.54 -16.93
N GLU B 20 16.94 -2.09 -15.75
CA GLU B 20 16.08 -2.90 -14.90
C GLU B 20 15.20 -2.04 -13.98
N ARG B 21 13.90 -2.32 -13.97
CA ARG B 21 13.00 -1.67 -13.03
C ARG B 21 12.86 -2.53 -11.78
N VAL B 22 13.07 -1.90 -10.63
CA VAL B 22 13.02 -2.62 -9.36
C VAL B 22 12.08 -1.91 -8.37
N ALA B 23 11.21 -2.69 -7.74
CA ALA B 23 10.33 -2.14 -6.71
C ALA B 23 11.13 -1.75 -5.48
N THR B 24 10.71 -0.69 -4.81
CA THR B 24 11.43 -0.21 -3.64
C THR B 24 10.83 -0.74 -2.34
N ASP B 25 11.63 -0.72 -1.27
CA ASP B 25 11.16 -1.13 0.04
C ASP B 25 10.39 0.01 0.70
N PRO B 26 9.10 -0.22 1.01
CA PRO B 26 8.25 0.79 1.64
C PRO B 26 8.79 1.19 3.02
N ARG B 27 9.55 0.33 3.65
CA ARG B 27 10.14 0.64 4.95
C ARG B 27 11.13 1.79 4.82
N ASP B 28 11.83 1.85 3.70
CA ASP B 28 12.78 2.93 3.44
C ASP B 28 12.08 4.28 3.46
N THR B 29 10.87 4.32 2.91
CA THR B 29 10.10 5.55 2.85
C THR B 29 9.76 6.07 4.25
N GLU B 30 9.38 5.16 5.15
CA GLU B 30 9.01 5.53 6.52
C GLU B 30 10.21 6.05 7.30
N LEU B 31 11.41 5.64 6.91
CA LEU B 31 12.61 5.98 7.66
C LEU B 31 13.37 7.15 7.05
N TYR B 32 13.40 7.21 5.72
CA TYR B 32 14.21 8.21 5.03
C TYR B 32 13.39 9.08 4.07
N LEU B 33 12.07 8.95 4.14
CA LEU B 33 11.14 9.79 3.38
C LEU B 33 11.29 9.65 1.87
N GLY B 34 12.42 10.11 1.34
CA GLY B 34 12.67 10.06 -0.09
C GLY B 34 13.71 11.07 -0.50
N GLY B 35 13.92 11.21 -1.81
CA GLY B 35 14.89 12.14 -2.34
C GLY B 35 16.28 11.94 -1.77
N LEU B 36 16.76 12.94 -1.04
CA LEU B 36 18.11 12.91 -0.47
C LEU B 36 18.28 11.79 0.56
N GLY B 37 17.23 11.55 1.33
CA GLY B 37 17.26 10.55 2.38
C GLY B 37 17.48 9.14 1.85
N THR B 38 16.71 8.76 0.84
CA THR B 38 16.83 7.43 0.25
C THR B 38 18.06 7.33 -0.63
N ASN B 39 18.48 8.46 -1.21
CA ASN B 39 19.74 8.52 -1.93
C ASN B 39 20.90 8.17 -1.00
N ALA B 40 20.82 8.67 0.24
CA ALA B 40 21.84 8.43 1.24
C ALA B 40 21.89 6.96 1.64
N LYS B 41 20.72 6.34 1.75
CA LYS B 41 20.62 4.93 2.08
C LYS B 41 21.26 4.06 1.01
N ILE B 42 21.03 4.43 -0.25
CA ILE B 42 21.58 3.67 -1.38
C ILE B 42 23.10 3.79 -1.44
N LEU B 43 23.61 5.02 -1.31
CA LEU B 43 25.04 5.26 -1.39
C LEU B 43 25.78 4.61 -0.22
N TRP B 44 25.14 4.57 0.94
CA TRP B 44 25.76 4.02 2.14
C TRP B 44 26.12 2.54 1.99
N ASP B 45 25.15 1.72 1.61
CA ASP B 45 25.37 0.28 1.55
C ASP B 45 25.63 -0.22 0.13
N ARG B 46 26.09 0.65 -0.75
CA ARG B 46 26.45 0.26 -2.11
C ARG B 46 27.73 0.94 -2.56
N VAL B 47 28.17 1.94 -1.79
CA VAL B 47 29.40 2.65 -2.13
C VAL B 47 30.34 2.73 -0.93
N PRO B 48 31.15 1.68 -0.74
CA PRO B 48 32.16 1.64 0.33
C PRO B 48 33.27 2.66 0.09
N PRO B 49 34.01 3.02 1.14
CA PRO B 49 35.02 4.08 1.09
C PRO B 49 36.18 3.79 0.12
N GLU B 50 36.39 2.54 -0.23
CA GLU B 50 37.49 2.20 -1.15
C GLU B 50 37.16 2.56 -2.59
N VAL B 51 35.92 2.93 -2.84
CA VAL B 51 35.50 3.34 -4.18
C VAL B 51 35.95 4.76 -4.48
N GLU B 52 36.63 4.94 -5.61
CA GLU B 52 37.07 6.27 -6.04
C GLU B 52 35.99 6.94 -6.89
N PRO B 53 35.98 8.28 -6.89
CA PRO B 53 34.99 9.08 -7.64
C PRO B 53 34.87 8.68 -9.10
N PHE B 54 35.99 8.50 -9.79
CA PHE B 54 35.98 8.12 -11.19
C PHE B 54 36.15 6.61 -11.36
N SER B 55 35.68 5.87 -10.38
CA SER B 55 35.65 4.41 -10.44
C SER B 55 34.28 3.94 -10.92
N PRO B 56 34.27 2.88 -11.74
CA PRO B 56 33.04 2.33 -12.31
C PRO B 56 31.98 2.02 -11.24
N GLU B 57 32.43 1.70 -10.03
CA GLU B 57 31.51 1.31 -8.96
C GLU B 57 30.88 2.53 -8.28
N ASN B 58 31.37 3.72 -8.60
CA ASN B 58 30.76 4.94 -8.11
C ASN B 58 29.36 5.09 -8.71
N LEU B 59 28.42 5.57 -7.91
CA LEU B 59 27.03 5.69 -8.36
C LEU B 59 26.64 7.12 -8.69
N LEU B 60 25.80 7.26 -9.71
CA LEU B 60 25.19 8.54 -10.05
C LEU B 60 23.68 8.40 -10.00
N ILE B 61 23.07 8.98 -8.97
CA ILE B 61 21.64 8.82 -8.74
C ILE B 61 20.85 10.08 -9.08
N PHE B 62 19.81 9.91 -9.90
CA PHE B 62 18.85 10.98 -10.20
C PHE B 62 17.55 10.72 -9.45
N ALA B 63 17.27 11.51 -8.42
CA ALA B 63 16.11 11.27 -7.59
C ALA B 63 15.07 12.40 -7.67
N ALA B 64 13.82 12.02 -7.90
CA ALA B 64 12.71 12.96 -7.80
C ALA B 64 12.13 12.92 -6.40
N GLY B 65 11.92 14.08 -5.81
CA GLY B 65 11.39 14.19 -4.45
C GLY B 65 10.12 13.40 -4.23
N LEU B 66 9.83 13.10 -2.96
CA LEU B 66 8.68 12.30 -2.58
C LEU B 66 7.37 12.90 -3.09
N LEU B 67 7.23 14.21 -2.99
CA LEU B 67 5.98 14.87 -3.32
C LEU B 67 5.99 15.53 -4.70
N CYS B 68 7.04 15.29 -5.48
CA CYS B 68 7.07 15.77 -6.85
C CYS B 68 6.05 15.00 -7.69
N GLY B 69 5.37 15.70 -8.59
CA GLY B 69 4.34 15.08 -9.40
C GLY B 69 2.96 15.24 -8.78
N THR B 70 2.93 15.79 -7.57
CA THR B 70 1.67 16.11 -6.91
C THR B 70 1.36 17.59 -7.11
N PRO B 71 0.13 18.00 -6.79
CA PRO B 71 -0.26 19.40 -6.98
C PRO B 71 0.41 20.36 -5.99
N ALA B 72 1.33 19.84 -5.17
CA ALA B 72 2.03 20.67 -4.18
C ALA B 72 2.85 21.75 -4.86
N THR B 73 2.48 23.00 -4.61
CA THR B 73 3.14 24.16 -5.23
C THR B 73 4.66 24.15 -5.01
N GLY B 74 5.41 24.27 -6.09
CA GLY B 74 6.85 24.41 -6.03
C GLY B 74 7.62 23.12 -5.78
N CYS B 75 6.90 22.03 -5.54
CA CYS B 75 7.56 20.75 -5.28
C CYS B 75 7.98 20.08 -6.60
N ASN B 76 9.23 20.30 -6.99
CA ASN B 76 9.68 19.90 -8.31
C ASN B 76 11.17 19.63 -8.41
N ARG B 77 11.85 19.58 -7.26
CA ARG B 77 13.30 19.49 -7.24
C ARG B 77 13.83 18.09 -7.52
N THR B 78 14.93 18.02 -8.25
CA THR B 78 15.66 16.77 -8.46
C THR B 78 16.88 16.75 -7.55
N ILE B 79 17.16 15.60 -6.95
CA ILE B 79 18.33 15.44 -6.10
C ILE B 79 19.32 14.49 -6.74
N VAL B 80 20.43 15.03 -7.21
CA VAL B 80 21.50 14.22 -7.79
C VAL B 80 22.57 13.93 -6.74
N SER B 81 22.88 12.66 -6.54
CA SER B 81 23.85 12.27 -5.51
C SER B 81 24.95 11.37 -6.06
N THR B 82 26.17 11.61 -5.58
CA THR B 82 27.33 10.80 -5.96
C THR B 82 28.49 11.09 -5.00
N VAL B 83 29.66 10.56 -5.32
CA VAL B 83 30.86 10.90 -4.57
C VAL B 83 31.66 11.94 -5.35
N SER B 84 31.86 13.10 -4.72
CA SER B 84 32.53 14.22 -5.38
C SER B 84 34.00 13.95 -5.69
N PRO B 85 34.42 14.26 -6.92
CA PRO B 85 35.83 14.15 -7.32
C PRO B 85 36.68 15.29 -6.76
N GLN B 86 36.04 16.31 -6.20
CA GLN B 86 36.76 17.45 -5.64
C GLN B 86 37.00 17.27 -4.14
N THR B 87 35.94 16.91 -3.41
CA THR B 87 36.00 16.85 -1.96
C THR B 87 36.22 15.43 -1.44
N LYS B 88 36.02 14.45 -2.30
CA LYS B 88 36.14 13.03 -1.93
C LYS B 88 35.09 12.64 -0.89
N LEU B 89 34.11 13.51 -0.69
CA LEU B 89 33.00 13.24 0.20
C LEU B 89 31.73 13.01 -0.62
N MET B 90 30.60 12.81 0.06
CA MET B 90 29.33 12.69 -0.64
C MET B 90 28.94 14.03 -1.24
N ALA B 91 28.35 13.99 -2.43
CA ALA B 91 27.88 15.20 -3.08
C ALA B 91 26.44 15.03 -3.54
N PHE B 92 25.53 15.76 -2.90
CA PHE B 92 24.15 15.83 -3.38
C PHE B 92 23.90 17.23 -3.92
N SER B 93 23.24 17.29 -5.08
CA SER B 93 22.99 18.56 -5.76
C SER B 93 21.53 18.68 -6.17
N MET B 94 20.95 19.86 -5.97
CA MET B 94 19.55 20.07 -6.29
C MET B 94 19.35 20.84 -7.60
N MET B 95 18.28 20.49 -8.30
CA MET B 95 17.96 21.05 -9.60
C MET B 95 16.46 21.31 -9.70
N GLY B 96 16.09 22.52 -10.12
CA GLY B 96 14.69 22.88 -10.22
C GLY B 96 14.09 22.51 -11.57
N GLY B 97 13.10 23.29 -12.01
CA GLY B 97 12.53 23.13 -13.33
C GLY B 97 11.39 22.12 -13.43
N PHE B 98 11.48 21.22 -14.39
CA PHE B 98 10.37 20.34 -14.73
C PHE B 98 10.78 18.88 -14.87
N TRP B 99 12.05 18.58 -14.62
CA TRP B 99 12.58 17.25 -14.87
C TRP B 99 12.07 16.21 -13.87
N ALA B 100 12.09 16.55 -12.58
CA ALA B 100 11.68 15.61 -11.53
C ALA B 100 10.23 15.16 -11.66
N PRO B 101 9.30 16.12 -11.79
CA PRO B 101 7.89 15.77 -11.96
C PRO B 101 7.64 14.90 -13.19
N GLU B 102 8.38 15.14 -14.27
CA GLU B 102 8.24 14.36 -15.49
C GLU B 102 8.62 12.89 -15.24
N LEU B 103 9.63 12.68 -14.41
CA LEU B 103 10.07 11.32 -14.07
C LEU B 103 8.96 10.57 -13.35
N LYS B 104 8.31 11.24 -12.41
CA LYS B 104 7.20 10.66 -11.67
C LYS B 104 6.05 10.29 -12.62
N TYR B 105 5.74 11.18 -13.54
CA TYR B 105 4.69 10.93 -14.54
C TYR B 105 5.09 9.76 -15.45
N ALA B 106 6.38 9.44 -15.48
CA ALA B 106 6.88 8.32 -16.28
C ALA B 106 6.78 7.02 -15.47
N GLY B 107 6.71 7.15 -14.15
CA GLY B 107 6.49 6.01 -13.27
C GLY B 107 7.66 5.63 -12.38
N TYR B 108 8.64 6.51 -12.26
CA TYR B 108 9.84 6.18 -11.51
C TYR B 108 10.20 7.21 -10.45
N ASP B 109 10.86 6.76 -9.39
CA ASP B 109 11.27 7.63 -8.29
C ASP B 109 12.74 8.04 -8.41
N LYS B 110 13.56 7.14 -8.95
CA LYS B 110 14.98 7.40 -9.13
C LYS B 110 15.54 6.76 -10.40
N ILE B 111 16.75 7.18 -10.76
CA ILE B 111 17.54 6.46 -11.75
C ILE B 111 18.95 6.31 -11.20
N ILE B 112 19.40 5.07 -11.01
CA ILE B 112 20.71 4.82 -10.44
C ILE B 112 21.69 4.30 -11.50
N PHE B 113 22.74 5.07 -11.75
CA PHE B 113 23.71 4.71 -12.77
C PHE B 113 24.99 4.13 -12.16
N ARG B 114 25.43 3.00 -12.71
CA ARG B 114 26.71 2.41 -12.32
C ARG B 114 27.54 2.10 -13.56
N GLY B 115 28.82 1.78 -13.34
CA GLY B 115 29.72 1.45 -14.43
C GLY B 115 29.99 2.64 -15.33
N LYS B 116 30.54 2.36 -16.51
CA LYS B 116 30.82 3.39 -17.49
C LYS B 116 30.48 2.89 -18.89
N SER B 117 30.07 3.81 -19.76
CA SER B 117 29.82 3.48 -21.16
C SER B 117 31.05 3.86 -21.98
N PRO B 118 31.54 2.91 -22.81
CA PRO B 118 32.73 3.16 -23.62
C PRO B 118 32.47 4.25 -24.67
N GLU B 119 31.26 4.29 -25.20
CA GLU B 119 30.87 5.29 -26.18
C GLU B 119 29.95 6.33 -25.56
N LEU B 120 29.95 7.53 -26.11
CA LEU B 120 29.07 8.59 -25.64
C LEU B 120 27.62 8.22 -25.95
N VAL B 121 26.78 8.24 -24.92
CA VAL B 121 25.37 7.84 -25.07
C VAL B 121 24.46 8.67 -24.18
N TYR B 122 23.16 8.61 -24.44
CA TYR B 122 22.17 9.21 -23.56
C TYR B 122 21.00 8.25 -23.33
N LEU B 123 20.34 8.40 -22.20
CA LEU B 123 19.23 7.52 -21.83
C LEU B 123 17.89 8.12 -22.23
N TYR B 124 17.04 7.30 -22.88
CA TYR B 124 15.73 7.74 -23.32
C TYR B 124 14.62 7.02 -22.56
N ILE B 125 13.79 7.79 -21.86
CA ILE B 125 12.68 7.22 -21.10
C ILE B 125 11.34 7.74 -21.59
N ASN B 126 10.41 6.84 -21.88
CA ASN B 126 9.06 7.20 -22.25
C ASN B 126 8.09 6.24 -21.60
N ASN B 127 7.64 6.58 -20.38
CA ASN B 127 6.83 5.67 -19.59
C ASN B 127 7.54 4.34 -19.37
N ASP B 128 6.92 3.25 -19.80
CA ASP B 128 7.52 1.92 -19.62
C ASP B 128 8.66 1.67 -20.60
N LYS B 129 8.80 2.54 -21.60
CA LYS B 129 9.84 2.39 -22.62
C LYS B 129 11.16 3.03 -22.19
N VAL B 130 12.20 2.22 -22.04
CA VAL B 130 13.51 2.70 -21.62
C VAL B 130 14.62 2.12 -22.50
N GLU B 131 15.46 2.99 -23.05
CA GLU B 131 16.54 2.53 -23.92
C GLU B 131 17.73 3.47 -23.93
N ILE B 132 18.90 2.92 -24.23
CA ILE B 132 20.13 3.69 -24.34
C ILE B 132 20.42 4.05 -25.81
N ARG B 133 20.57 5.34 -26.08
CA ARG B 133 20.83 5.80 -27.44
C ARG B 133 22.26 6.30 -27.60
N ASP B 134 22.79 6.19 -28.82
CA ASP B 134 24.11 6.73 -29.12
C ASP B 134 24.06 8.25 -29.13
N ALA B 135 25.12 8.89 -28.65
CA ALA B 135 25.16 10.35 -28.56
C ALA B 135 26.49 10.91 -29.05
N SER B 136 27.16 10.18 -29.94
CA SER B 136 28.46 10.61 -30.46
C SER B 136 28.34 11.89 -31.28
N HIS B 137 27.20 12.06 -31.94
CA HIS B 137 26.93 13.25 -32.74
C HIS B 137 26.65 14.47 -31.86
N LEU B 138 26.71 14.27 -30.54
CA LEU B 138 26.43 15.33 -29.59
C LEU B 138 27.66 15.74 -28.81
N LYS B 139 28.80 15.16 -29.15
CA LYS B 139 30.05 15.40 -28.43
C LYS B 139 30.49 16.86 -28.51
N GLY B 140 30.74 17.46 -27.36
CA GLY B 140 31.22 18.83 -27.29
C GLY B 140 30.09 19.85 -27.26
N LYS B 141 28.92 19.44 -27.70
CA LYS B 141 27.75 20.32 -27.74
C LYS B 141 27.40 20.84 -26.35
N GLY B 142 26.87 22.05 -26.29
CA GLY B 142 26.49 22.66 -25.04
C GLY B 142 25.31 21.94 -24.38
N ALA B 143 25.09 22.22 -23.11
CA ALA B 143 24.04 21.55 -22.34
C ALA B 143 22.65 21.81 -22.90
N ILE B 144 22.32 23.08 -23.12
CA ILE B 144 21.00 23.44 -23.62
C ILE B 144 20.86 23.08 -25.10
N GLU B 145 21.89 23.40 -25.87
CA GLU B 145 21.98 23.05 -27.29
C GLU B 145 21.70 21.56 -27.52
N THR B 146 22.24 20.73 -26.62
CA THR B 146 22.08 19.28 -26.71
C THR B 146 20.62 18.85 -26.57
N ALA B 147 19.90 19.48 -25.64
CA ALA B 147 18.52 19.13 -25.37
C ALA B 147 17.62 19.38 -26.57
N GLU B 148 17.86 20.47 -27.28
CA GLU B 148 17.03 20.85 -28.42
C GLU B 148 17.23 19.92 -29.60
N ILE B 149 18.46 19.48 -29.81
CA ILE B 149 18.76 18.55 -30.91
C ILE B 149 18.09 17.20 -30.65
N ILE B 150 18.14 16.74 -29.40
CA ILE B 150 17.55 15.46 -29.03
C ILE B 150 16.03 15.46 -29.20
N LYS B 151 15.38 16.52 -28.73
CA LYS B 151 13.93 16.60 -28.79
C LYS B 151 13.43 16.67 -30.24
N LYS B 152 14.31 17.06 -31.14
CA LYS B 152 13.99 17.04 -32.57
C LYS B 152 14.21 15.64 -33.12
N GLU B 153 15.33 15.02 -32.73
CA GLU B 153 15.64 13.65 -33.13
C GLU B 153 14.51 12.68 -32.80
N LEU B 154 14.12 12.66 -31.53
CA LEU B 154 13.12 11.73 -31.05
C LEU B 154 11.70 12.18 -31.37
N ASN B 155 11.56 13.44 -31.78
CA ASN B 155 10.24 14.02 -32.00
C ASN B 155 9.42 13.99 -30.72
N GLU B 156 10.01 14.52 -29.65
CA GLU B 156 9.34 14.62 -28.35
C GLU B 156 9.49 16.03 -27.81
N PRO B 157 8.67 16.96 -28.33
CA PRO B 157 8.75 18.38 -27.94
C PRO B 157 8.55 18.61 -26.45
N ARG B 158 7.80 17.74 -25.79
CA ARG B 158 7.47 17.92 -24.39
C ARG B 158 8.29 17.03 -23.45
N ALA B 159 9.42 16.54 -23.94
CA ALA B 159 10.33 15.75 -23.10
C ALA B 159 11.28 16.67 -22.34
N GLN B 160 11.64 16.27 -21.13
CA GLN B 160 12.57 17.05 -20.30
C GLN B 160 13.96 16.45 -20.34
N VAL B 161 14.98 17.29 -20.56
CA VAL B 161 16.34 16.80 -20.75
C VAL B 161 17.34 17.40 -19.76
N ALA B 162 18.08 16.53 -19.09
CA ALA B 162 19.19 16.95 -18.24
C ALA B 162 20.51 16.54 -18.88
N ALA B 163 21.32 17.52 -19.28
CA ALA B 163 22.53 17.23 -20.03
C ALA B 163 23.78 17.87 -19.43
N ILE B 164 24.94 17.45 -19.94
CA ILE B 164 26.21 18.05 -19.56
C ILE B 164 26.84 18.76 -20.75
N GLY B 165 27.67 19.75 -20.47
CA GLY B 165 28.41 20.44 -21.52
C GLY B 165 29.77 19.80 -21.72
N LYS B 166 30.63 20.48 -22.46
CA LYS B 166 31.98 19.96 -22.72
C LYS B 166 32.77 19.83 -21.42
N ALA B 167 32.45 20.68 -20.45
CA ALA B 167 33.12 20.66 -19.15
C ALA B 167 32.91 19.33 -18.45
N GLY B 168 31.66 18.87 -18.42
CA GLY B 168 31.33 17.59 -17.81
C GLY B 168 31.99 16.44 -18.54
N GLU B 169 31.96 16.47 -19.86
CA GLU B 169 32.59 15.43 -20.68
C GLU B 169 34.07 15.32 -20.37
N ASN B 170 34.72 16.46 -20.13
CA ASN B 170 36.14 16.48 -19.84
C ASN B 170 36.41 16.39 -18.34
N ARG B 171 35.36 16.11 -17.57
CA ARG B 171 35.49 15.83 -16.15
C ARG B 171 36.09 16.98 -15.35
N VAL B 172 35.59 18.19 -15.58
CA VAL B 172 35.97 19.33 -14.76
C VAL B 172 35.35 19.15 -13.37
N PHE B 173 36.15 19.30 -12.33
CA PHE B 173 35.72 18.96 -10.98
C PHE B 173 34.53 19.79 -10.48
N TYR B 174 34.25 20.89 -11.16
CA TYR B 174 33.09 21.72 -10.81
C TYR B 174 32.13 21.85 -11.98
N ALA B 175 32.03 20.79 -12.78
CA ALA B 175 31.11 20.74 -13.90
C ALA B 175 29.69 20.38 -13.42
N SER B 176 28.69 20.96 -14.07
CA SER B 176 27.31 20.81 -13.62
C SER B 176 26.44 20.03 -14.58
N ILE B 177 25.15 19.96 -14.26
CA ILE B 177 24.15 19.34 -15.12
C ILE B 177 23.02 20.34 -15.36
N GLU B 178 22.75 20.64 -16.63
CA GLU B 178 21.84 21.73 -16.98
C GLU B 178 20.54 21.25 -17.61
N GLN B 179 19.43 21.82 -17.16
CA GLN B 179 18.11 21.51 -17.72
C GLN B 179 17.22 22.75 -17.73
N GLY B 180 17.19 23.43 -18.87
CA GLY B 180 16.37 24.62 -19.02
C GLY B 180 16.81 25.75 -18.11
N ARG B 181 15.96 26.10 -17.15
CA ARG B 181 16.28 27.15 -16.19
C ARG B 181 16.69 26.56 -14.84
N SER B 182 17.33 25.40 -14.90
CA SER B 182 17.68 24.67 -13.67
C SER B 182 19.08 24.06 -13.77
N SER B 183 19.71 23.89 -12.61
CA SER B 183 21.07 23.36 -12.58
C SER B 183 21.41 22.65 -11.28
N ALA B 184 21.83 21.39 -11.42
CA ALA B 184 22.58 20.72 -10.37
C ALA B 184 24.02 21.19 -10.53
N SER B 185 24.43 22.14 -9.70
CA SER B 185 25.61 22.95 -9.98
C SER B 185 26.89 22.49 -9.28
N ARG B 186 26.77 22.18 -8.00
CA ARG B 186 27.95 22.02 -7.14
C ARG B 186 28.25 20.57 -6.77
N GLY B 187 29.54 20.26 -6.62
CA GLY B 187 29.97 18.94 -6.19
C GLY B 187 30.72 18.16 -7.25
N GLY B 188 30.66 18.63 -8.50
CA GLY B 188 31.33 17.96 -9.59
C GLY B 188 30.54 16.79 -10.14
N ILE B 189 29.23 16.79 -9.87
CA ILE B 189 28.35 15.72 -10.32
C ILE B 189 28.31 15.64 -11.85
N GLY B 190 28.63 16.75 -12.50
CA GLY B 190 28.73 16.78 -13.95
C GLY B 190 29.96 16.01 -14.42
N ALA B 191 31.00 16.01 -13.59
CA ALA B 191 32.24 15.32 -13.92
C ALA B 191 32.06 13.81 -13.86
N VAL B 192 31.27 13.34 -12.91
CA VAL B 192 30.97 11.92 -12.79
C VAL B 192 30.10 11.46 -13.95
N MET B 193 29.12 12.28 -14.31
CA MET B 193 28.22 11.96 -15.40
C MET B 193 28.98 11.80 -16.72
N GLY B 194 29.91 12.71 -16.97
CA GLY B 194 30.76 12.62 -18.15
C GLY B 194 31.69 11.42 -18.08
N ASP B 195 32.21 11.14 -16.89
CA ASP B 195 33.10 10.02 -16.67
C ASP B 195 32.45 8.69 -17.04
N LYS B 196 31.12 8.64 -16.93
CA LYS B 196 30.38 7.43 -17.23
C LYS B 196 29.88 7.41 -18.67
N GLY B 197 30.34 8.37 -19.46
CA GLY B 197 29.97 8.46 -20.86
C GLY B 197 28.49 8.74 -21.04
N LEU B 198 27.90 9.46 -20.09
CA LEU B 198 26.48 9.76 -20.12
C LEU B 198 26.25 11.23 -20.49
N LYS B 199 25.89 11.46 -21.75
CA LYS B 199 25.74 12.83 -22.27
C LYS B 199 24.47 13.52 -21.77
N ALA B 200 23.39 12.76 -21.61
CA ALA B 200 22.14 13.34 -21.14
C ALA B 200 21.16 12.26 -20.68
N VAL B 201 20.07 12.70 -20.05
CA VAL B 201 19.00 11.83 -19.64
C VAL B 201 17.66 12.44 -20.07
N VAL B 202 16.99 11.78 -21.00
CA VAL B 202 15.74 12.29 -21.56
C VAL B 202 14.55 11.49 -21.03
N VAL B 203 13.56 12.19 -20.47
CA VAL B 203 12.39 11.51 -19.94
C VAL B 203 11.07 12.16 -20.35
N ARG B 204 10.10 11.32 -20.72
CA ARG B 204 8.75 11.75 -21.04
C ARG B 204 7.76 10.90 -20.25
N GLY B 205 6.78 11.55 -19.62
CA GLY B 205 5.81 10.84 -18.79
C GLY B 205 4.39 11.32 -18.98
N THR B 206 3.46 10.37 -19.11
CA THR B 206 2.06 10.69 -19.29
C THR B 206 1.15 9.80 -18.44
N LYS B 207 1.73 9.15 -17.42
CA LYS B 207 0.95 8.35 -16.48
C LYS B 207 0.34 9.21 -15.37
N ASP B 208 -0.57 8.63 -14.61
CA ASP B 208 -1.17 9.30 -13.48
C ASP B 208 -0.28 9.20 -12.24
N LEU B 209 -0.39 10.19 -11.36
CA LEU B 209 0.29 10.13 -10.06
C LEU B 209 -0.73 10.35 -8.95
N CYS B 210 -0.82 9.40 -8.04
CA CYS B 210 -1.88 9.39 -7.04
C CYS B 210 -1.45 9.90 -5.67
N VAL B 211 -2.42 10.37 -4.91
CA VAL B 211 -2.23 10.71 -3.50
C VAL B 211 -3.21 9.92 -2.65
N ALA B 212 -2.89 9.77 -1.36
CA ALA B 212 -3.67 8.92 -0.48
C ALA B 212 -4.97 9.61 0.00
N LYS B 213 -4.86 10.88 0.38
CA LYS B 213 -6.01 11.63 0.84
C LYS B 213 -6.25 12.85 -0.06
N PRO B 214 -6.99 12.65 -1.16
CA PRO B 214 -7.24 13.64 -2.21
C PRO B 214 -7.78 14.98 -1.72
N GLU B 215 -8.95 14.96 -1.08
CA GLU B 215 -9.59 16.18 -0.59
C GLU B 215 -8.68 16.89 0.41
N GLU B 216 -8.12 16.12 1.33
CA GLU B 216 -7.25 16.67 2.36
C GLU B 216 -5.97 17.25 1.75
N TYR B 217 -5.45 16.57 0.73
CA TYR B 217 -4.17 16.99 0.14
C TYR B 217 -4.32 18.27 -0.67
N ILE B 218 -5.44 18.43 -1.36
CA ILE B 218 -5.66 19.63 -2.14
C ILE B 218 -5.98 20.79 -1.21
N GLY B 219 -6.54 20.47 -0.04
CA GLY B 219 -6.84 21.47 0.97
C GLY B 219 -5.59 22.18 1.45
N LEU B 220 -4.55 21.40 1.76
CA LEU B 220 -3.28 21.95 2.19
C LEU B 220 -2.63 22.75 1.07
N CYS B 221 -2.81 22.29 -0.16
CA CYS B 221 -2.28 22.97 -1.33
C CYS B 221 -2.87 24.37 -1.48
N ASN B 222 -4.18 24.46 -1.33
CA ASN B 222 -4.85 25.75 -1.39
C ASN B 222 -4.45 26.64 -0.22
N GLU B 223 -4.18 26.02 0.92
CA GLU B 223 -3.75 26.74 2.11
C GLU B 223 -2.41 27.44 1.85
N VAL B 224 -1.54 26.76 1.12
CA VAL B 224 -0.23 27.32 0.75
C VAL B 224 -0.38 28.50 -0.19
N LEU B 225 -1.17 28.33 -1.25
CA LEU B 225 -1.40 29.40 -2.23
C LEU B 225 -1.92 30.67 -1.56
N ASP B 226 -2.93 30.51 -0.70
CA ASP B 226 -3.50 31.63 0.04
C ASP B 226 -2.44 32.35 0.86
N TYR B 227 -1.52 31.59 1.47
CA TYR B 227 -0.47 32.18 2.27
C TYR B 227 0.54 32.93 1.39
N ILE B 228 0.76 32.42 0.18
CA ILE B 228 1.69 33.04 -0.75
C ILE B 228 1.20 34.41 -1.21
N LYS B 229 -0.12 34.52 -1.40
CA LYS B 229 -0.73 35.81 -1.76
C LYS B 229 -0.56 36.79 -0.61
N HIS B 230 -1.02 36.39 0.57
CA HIS B 230 -0.95 37.22 1.77
C HIS B 230 0.49 37.62 2.10
N ARG B 231 1.40 36.66 1.97
CA ARG B 231 2.81 36.90 2.25
C ARG B 231 3.42 37.90 1.28
N GLU B 232 2.94 37.88 0.03
CA GLU B 232 3.47 38.77 -1.00
C GLU B 232 2.77 40.13 -0.97
N GLU B 233 1.86 40.29 -0.01
CA GLU B 233 1.24 41.59 0.24
C GLU B 233 1.82 42.19 1.51
N ASN B 234 2.59 41.36 2.23
CA ASN B 234 3.21 41.75 3.48
C ASN B 234 4.66 41.32 3.57
N PRO B 235 5.53 41.95 2.78
CA PRO B 235 6.96 41.61 2.82
C PRO B 235 7.58 41.97 4.16
N ILE B 236 8.68 41.33 4.51
CA ILE B 236 9.35 41.60 5.78
C ILE B 236 9.88 43.03 5.82
N PRO B 237 9.35 43.83 6.77
CA PRO B 237 9.71 45.24 6.96
C PRO B 237 11.21 45.48 7.19
N ASP B 238 11.73 46.52 6.54
CA ASP B 238 13.09 47.02 6.81
C ASP B 238 14.20 46.02 6.46
N VAL B 239 13.87 44.98 5.71
CA VAL B 239 14.89 44.11 5.14
C VAL B 239 15.15 44.59 3.71
N MET B 240 16.25 44.14 3.11
CA MET B 240 16.56 44.52 1.73
C MET B 240 15.54 43.89 0.79
N PRO B 241 15.59 44.23 -0.50
CA PRO B 241 14.55 43.77 -1.41
C PRO B 241 14.58 42.25 -1.63
N ILE B 242 15.77 41.73 -1.90
CA ILE B 242 15.93 40.33 -2.24
C ILE B 242 15.92 39.41 -1.01
N LEU B 243 15.30 39.88 0.06
CA LEU B 243 15.16 39.06 1.27
C LEU B 243 13.79 39.27 1.93
N ALA B 244 13.00 40.18 1.39
CA ALA B 244 11.71 40.51 1.98
C ALA B 244 10.62 39.50 1.58
N GLY B 245 10.73 38.95 0.37
CA GLY B 245 9.70 38.08 -0.16
C GLY B 245 10.05 36.61 -0.17
N LEU B 246 9.20 35.83 -0.82
CA LEU B 246 9.38 34.38 -0.93
C LEU B 246 10.25 34.00 -2.12
N GLY B 247 10.63 32.73 -2.19
CA GLY B 247 11.36 32.19 -3.31
C GLY B 247 12.86 32.32 -3.19
N SER B 248 13.56 31.92 -4.26
CA SER B 248 15.00 32.11 -4.35
C SER B 248 15.30 33.60 -4.42
N PRO B 249 16.55 33.99 -4.11
CA PRO B 249 17.00 35.39 -4.19
C PRO B 249 16.59 36.05 -5.50
N GLN B 250 15.54 36.87 -5.44
CA GLN B 250 14.97 37.52 -6.61
C GLN B 250 15.91 38.55 -7.22
N GLU B 251 17.09 38.11 -7.65
CA GLU B 251 18.08 39.03 -8.19
C GLU B 251 17.83 39.38 -9.64
N MET B 252 16.93 38.65 -10.29
CA MET B 252 16.58 38.92 -11.67
C MET B 252 15.51 40.01 -11.75
N LYS B 253 14.77 40.17 -10.66
CA LYS B 253 13.72 41.18 -10.59
C LYS B 253 14.27 42.51 -10.06
N VAL B 254 15.03 42.44 -8.97
CA VAL B 254 15.57 43.64 -8.33
C VAL B 254 16.88 44.08 -8.95
N HIS B 255 16.94 45.34 -9.38
CA HIS B 255 18.14 45.90 -10.00
C HIS B 255 19.13 46.37 -8.93
N ASP B 256 18.64 46.57 -7.71
CA ASP B 256 19.46 47.08 -6.63
C ASP B 256 20.36 45.99 -6.04
N GLU B 257 21.67 46.18 -6.15
CA GLU B 257 22.63 45.22 -5.64
C GLU B 257 23.69 45.89 -4.77
N LYS B 258 23.26 46.85 -3.96
CA LYS B 258 24.19 47.61 -3.11
C LYS B 258 24.72 46.75 -1.96
N TRP B 259 23.85 45.95 -1.36
CA TRP B 259 24.24 45.05 -0.29
C TRP B 259 25.27 44.05 -0.77
N HIS B 260 25.09 43.56 -1.99
CA HIS B 260 25.97 42.56 -2.58
C HIS B 260 27.34 43.10 -2.95
N THR B 261 27.36 44.20 -3.69
CA THR B 261 28.60 44.72 -4.26
C THR B 261 29.47 45.45 -3.25
N GLU B 262 28.92 45.75 -2.08
CA GLU B 262 29.65 46.52 -1.07
C GLU B 262 29.97 45.70 0.18
N ASN B 263 29.39 44.51 0.28
CA ASN B 263 29.63 43.65 1.43
C ASN B 263 30.32 42.34 1.05
N PHE B 264 30.15 41.93 -0.20
CA PHE B 264 30.83 40.74 -0.70
C PHE B 264 32.18 41.11 -1.29
N ASN B 265 33.09 40.15 -1.32
CA ASN B 265 34.46 40.40 -1.78
C ASN B 265 34.65 40.11 -3.27
N TRP B 266 35.19 41.10 -3.98
CA TRP B 266 35.46 40.98 -5.40
C TRP B 266 36.72 40.13 -5.66
N GLY B 267 36.96 39.79 -6.92
CA GLY B 267 38.11 39.00 -7.29
C GLY B 267 38.11 37.61 -6.66
N ASN B 268 39.29 37.13 -6.29
CA ASN B 268 39.40 35.85 -5.63
C ASN B 268 38.95 35.93 -4.16
N ALA B 269 37.69 36.32 -3.96
CA ALA B 269 37.17 36.57 -2.63
C ALA B 269 38.14 37.44 -1.84
N ARG B 270 38.61 38.49 -2.49
CA ARG B 270 39.74 39.27 -1.98
C ARG B 270 39.37 40.70 -1.57
N THR B 271 38.88 41.47 -2.53
CA THR B 271 38.69 42.90 -2.32
C THR B 271 37.28 43.28 -1.87
N ARG B 272 37.21 44.17 -0.89
CA ARG B 272 35.93 44.73 -0.47
C ARG B 272 35.86 46.20 -0.90
N ARG B 273 34.80 46.55 -1.63
CA ARG B 273 34.62 47.90 -2.12
C ARG B 273 33.41 48.54 -1.42
N LYS B 274 33.68 49.27 -0.34
CA LYS B 274 32.64 49.81 0.52
C LYS B 274 31.71 50.80 -0.19
N ASP B 275 32.24 51.49 -1.19
CA ASP B 275 31.48 52.55 -1.85
C ASP B 275 31.37 52.34 -3.36
N PHE B 276 31.07 51.10 -3.76
CA PHE B 276 31.01 50.77 -5.18
C PHE B 276 29.71 51.21 -5.82
N TRP B 277 28.60 51.01 -5.13
CA TRP B 277 27.27 51.27 -5.70
C TRP B 277 26.98 52.77 -5.80
N THR B 278 27.51 53.40 -6.84
CA THR B 278 27.25 54.81 -7.11
C THR B 278 26.00 54.97 -7.97
N ASP B 279 25.68 56.20 -8.34
CA ASP B 279 24.53 56.47 -9.20
C ASP B 279 24.82 56.06 -10.64
N GLU B 280 26.05 56.30 -11.08
CA GLU B 280 26.45 55.95 -12.43
C GLU B 280 26.41 54.43 -12.63
N VAL B 281 26.81 53.69 -11.60
CA VAL B 281 26.81 52.23 -11.66
C VAL B 281 25.40 51.67 -11.61
N SER B 282 24.56 52.24 -10.75
CA SER B 282 23.19 51.76 -10.56
C SER B 282 22.36 51.95 -11.82
N HIS B 283 22.67 53.01 -12.58
CA HIS B 283 21.94 53.29 -13.82
C HIS B 283 22.45 52.44 -14.97
N ALA B 284 23.75 52.20 -15.01
CA ALA B 284 24.37 51.42 -16.08
C ALA B 284 23.98 49.95 -15.98
N TRP B 285 23.83 49.45 -14.76
CA TRP B 285 23.46 48.07 -14.53
C TRP B 285 21.98 47.82 -14.79
N GLU B 286 21.16 48.82 -14.47
CA GLU B 286 19.71 48.70 -14.69
C GLU B 286 19.40 48.70 -16.18
N LYS B 287 20.17 49.47 -16.94
CA LYS B 287 19.99 49.54 -18.39
C LYS B 287 20.36 48.22 -19.05
N THR B 288 21.50 47.65 -18.64
CA THR B 288 21.95 46.36 -19.14
C THR B 288 20.95 45.26 -18.83
N MET B 289 20.36 45.32 -17.64
CA MET B 289 19.46 44.26 -17.17
C MET B 289 18.08 44.36 -17.80
N ASP B 290 17.63 45.58 -18.08
CA ASP B 290 16.34 45.77 -18.74
C ASP B 290 16.40 45.28 -20.18
N LYS B 291 17.56 45.42 -20.80
CA LYS B 291 17.75 45.05 -22.20
C LYS B 291 18.04 43.56 -22.37
N ALA B 292 18.54 42.93 -21.32
CA ALA B 292 18.94 41.53 -21.39
C ALA B 292 17.83 40.57 -20.95
N ARG B 293 17.03 41.01 -19.99
CA ARG B 293 15.95 40.17 -19.45
C ARG B 293 14.75 40.15 -20.39
N THR B 294 14.43 38.96 -20.91
CA THR B 294 13.30 38.82 -21.81
C THR B 294 12.00 38.56 -21.05
N ARG B 295 12.03 37.60 -20.13
CA ARG B 295 10.85 37.29 -19.33
C ARG B 295 11.22 36.62 -18.02
N LEU B 296 10.48 36.93 -16.97
CA LEU B 296 10.62 36.26 -15.69
C LEU B 296 9.79 34.98 -15.71
N ILE B 297 10.46 33.83 -15.65
CA ILE B 297 9.77 32.55 -15.77
C ILE B 297 9.87 31.72 -14.49
N SER B 298 8.96 30.75 -14.36
CA SER B 298 8.87 29.94 -13.15
C SER B 298 9.33 28.50 -13.35
N CYS B 299 9.37 27.77 -12.24
CA CYS B 299 9.54 26.32 -12.29
C CYS B 299 8.16 25.68 -12.33
N TYR B 300 8.11 24.36 -12.33
CA TYR B 300 6.86 23.64 -12.43
C TYR B 300 5.93 23.95 -11.26
N ASN B 301 4.72 24.39 -11.57
CA ASN B 301 3.68 24.60 -10.57
C ASN B 301 4.08 25.62 -9.49
N CYS B 302 4.68 26.72 -9.90
CA CYS B 302 5.07 27.78 -8.97
C CYS B 302 4.85 29.17 -9.57
N PRO B 303 4.26 30.08 -8.79
CA PRO B 303 3.95 31.45 -9.24
C PRO B 303 5.06 32.48 -8.96
N MET B 304 6.15 32.07 -8.31
CA MET B 304 7.16 33.03 -7.88
C MET B 304 8.06 33.56 -9.01
N LYS B 305 8.20 32.77 -10.08
CA LYS B 305 9.04 33.11 -11.23
C LYS B 305 10.34 33.81 -10.84
N CYS B 306 11.31 33.03 -10.35
CA CYS B 306 12.58 33.57 -9.87
C CYS B 306 13.59 33.73 -11.00
N GLY B 307 13.57 32.80 -11.94
CA GLY B 307 14.50 32.81 -13.06
C GLY B 307 14.13 33.84 -14.11
N ALA B 308 15.00 33.99 -15.10
CA ALA B 308 14.76 34.91 -16.19
C ALA B 308 15.53 34.50 -17.44
N THR B 309 14.90 34.63 -18.60
CA THR B 309 15.60 34.39 -19.86
C THR B 309 16.49 35.58 -20.17
N ILE B 310 17.76 35.30 -20.47
CA ILE B 310 18.73 36.36 -20.71
C ILE B 310 19.20 36.36 -22.16
N SER B 311 18.96 37.47 -22.85
CA SER B 311 19.34 37.57 -24.26
C SER B 311 20.35 38.69 -24.49
N MET B 312 21.61 38.29 -24.64
CA MET B 312 22.67 39.24 -24.98
C MET B 312 22.85 39.26 -26.50
N GLU B 313 23.11 40.44 -27.05
CA GLU B 313 23.22 40.61 -28.49
C GLU B 313 24.35 39.75 -29.07
N GLY B 314 24.04 39.01 -30.13
CA GLY B 314 25.01 38.17 -30.79
C GLY B 314 25.27 36.86 -30.07
N LEU B 315 24.50 36.60 -29.01
CA LEU B 315 24.64 35.37 -28.25
C LEU B 315 23.31 34.64 -28.12
N PRO B 316 23.36 33.30 -28.07
CA PRO B 316 22.14 32.51 -27.87
C PRO B 316 21.50 32.83 -26.53
N THR B 317 20.20 32.58 -26.42
CA THR B 317 19.48 32.84 -25.17
C THR B 317 19.75 31.73 -24.16
N TYR B 318 19.97 32.13 -22.90
CA TYR B 318 20.07 31.18 -21.81
C TYR B 318 19.23 31.69 -20.63
N MET B 319 19.06 30.85 -19.62
CA MET B 319 18.27 31.22 -18.45
C MET B 319 19.15 31.37 -17.21
N MET B 320 18.76 32.27 -16.31
CA MET B 320 19.55 32.58 -15.13
C MET B 320 18.68 32.91 -13.92
N LYS B 321 19.20 32.57 -12.73
CA LYS B 321 18.56 32.93 -11.48
C LYS B 321 19.59 33.07 -10.36
N CYS B 322 19.21 33.78 -9.30
CA CYS B 322 20.04 33.91 -8.10
C CYS B 322 21.41 34.55 -8.38
N PHE B 323 22.39 34.15 -7.58
CA PHE B 323 23.63 34.91 -7.41
C PHE B 323 24.67 34.76 -8.54
N THR B 324 24.45 33.83 -9.46
CA THR B 324 25.37 33.67 -10.59
C THR B 324 25.41 34.93 -11.45
N LYS B 325 24.45 35.82 -11.21
CA LYS B 325 24.37 37.10 -11.88
C LYS B 325 25.57 38.00 -11.58
N LEU B 326 26.21 37.80 -10.43
CA LEU B 326 27.27 38.69 -9.99
C LEU B 326 28.65 38.04 -9.85
N THR B 327 28.69 36.72 -9.66
CA THR B 327 29.94 36.04 -9.36
C THR B 327 31.02 36.21 -10.42
N TYR B 328 30.63 36.12 -11.70
CA TYR B 328 31.59 36.33 -12.78
C TYR B 328 31.99 37.79 -12.89
N THR B 329 31.04 38.68 -12.61
CA THR B 329 31.30 40.11 -12.66
C THR B 329 32.25 40.55 -11.56
N MET B 330 31.97 40.12 -10.34
CA MET B 330 32.75 40.54 -9.18
C MET B 330 34.13 39.90 -9.14
N ALA B 331 34.23 38.67 -9.65
CA ALA B 331 35.49 37.94 -9.64
C ALA B 331 36.48 38.52 -10.65
N ALA B 332 35.98 39.31 -11.60
CA ALA B 332 36.80 39.84 -12.67
C ALA B 332 36.95 41.36 -12.60
N TYR B 333 36.39 41.98 -11.57
CA TYR B 333 36.46 43.43 -11.41
C TYR B 333 35.84 44.15 -12.60
N SER B 334 34.74 43.61 -13.11
CA SER B 334 34.11 44.17 -14.31
C SER B 334 32.67 44.62 -14.04
N ASP B 335 31.84 44.59 -15.08
CA ASP B 335 30.47 45.08 -14.97
C ASP B 335 29.44 43.97 -15.21
N LEU B 336 28.16 44.31 -15.07
CA LEU B 336 27.09 43.33 -15.21
C LEU B 336 26.93 42.85 -16.64
N ASP B 337 27.37 43.66 -17.60
CA ASP B 337 27.30 43.27 -19.00
C ASP B 337 28.23 42.10 -19.28
N PHE B 338 29.47 42.21 -18.84
CA PHE B 338 30.44 41.14 -18.99
C PHE B 338 29.97 39.85 -18.31
N GLY B 339 29.43 40.00 -17.11
CA GLY B 339 28.96 38.86 -16.34
C GLY B 339 27.88 38.05 -17.04
N LEU B 340 26.97 38.74 -17.71
CA LEU B 340 25.87 38.09 -18.40
C LEU B 340 26.32 37.38 -19.68
N ARG B 341 27.40 37.87 -20.28
CA ARG B 341 27.89 37.31 -21.53
C ARG B 341 28.72 36.06 -21.31
N ILE B 342 29.55 36.07 -20.28
CA ILE B 342 30.41 34.92 -19.98
C ILE B 342 29.60 33.82 -19.30
N ALA B 343 28.56 34.21 -18.57
CA ALA B 343 27.68 33.24 -17.92
C ALA B 343 26.97 32.39 -18.97
N GLN B 344 26.77 32.94 -20.15
CA GLN B 344 26.15 32.22 -21.25
C GLN B 344 27.07 31.10 -21.71
N LYS B 345 28.35 31.42 -21.88
CA LYS B 345 29.36 30.43 -22.24
C LYS B 345 29.49 29.35 -21.16
N ALA B 346 29.51 29.78 -19.91
CA ALA B 346 29.72 28.87 -18.79
C ALA B 346 28.53 27.94 -18.58
N THR B 347 27.33 28.46 -18.78
CA THR B 347 26.12 27.66 -18.63
C THR B 347 26.05 26.57 -19.70
N GLU B 348 26.46 26.93 -20.92
CA GLU B 348 26.49 25.96 -22.02
C GLU B 348 27.55 24.90 -21.79
N TYR B 349 28.72 25.32 -21.32
CA TYR B 349 29.79 24.40 -20.98
C TYR B 349 29.39 23.50 -19.81
N GLY B 350 28.59 24.04 -18.89
CA GLY B 350 28.16 23.30 -17.72
C GLY B 350 29.13 23.43 -16.57
N LEU B 351 29.36 24.66 -16.11
CA LEU B 351 30.27 24.92 -15.00
C LEU B 351 29.56 25.54 -13.81
N ASP B 352 30.09 25.26 -12.62
CA ASP B 352 29.57 25.86 -11.39
C ASP B 352 29.88 27.36 -11.35
N GLY B 353 28.83 28.16 -11.21
CA GLY B 353 28.98 29.61 -11.23
C GLY B 353 29.57 30.19 -9.96
N PHE B 354 29.80 29.34 -8.97
CA PHE B 354 30.43 29.77 -7.73
C PHE B 354 31.94 29.51 -7.77
N SER B 355 32.32 28.28 -8.07
CA SER B 355 33.73 27.89 -8.06
C SER B 355 34.51 28.44 -9.25
N ALA B 356 33.92 28.32 -10.44
CA ALA B 356 34.58 28.73 -11.69
C ALA B 356 35.16 30.15 -11.61
N PRO B 357 34.33 31.12 -11.22
CA PRO B 357 34.81 32.50 -11.11
C PRO B 357 35.97 32.66 -10.12
N GLN B 358 35.95 31.89 -9.03
CA GLN B 358 37.00 31.98 -8.02
C GLN B 358 38.28 31.28 -8.46
N VAL B 359 38.14 30.23 -9.27
CA VAL B 359 39.30 29.50 -9.78
C VAL B 359 40.09 30.36 -10.76
N MET B 360 39.38 31.07 -11.63
CA MET B 360 40.03 31.92 -12.63
C MET B 360 40.69 33.13 -11.98
N ALA B 361 40.03 33.71 -10.97
CA ALA B 361 40.60 34.83 -10.24
C ALA B 361 41.77 34.38 -9.38
N PHE B 362 41.70 33.13 -8.92
CA PHE B 362 42.78 32.52 -8.17
C PHE B 362 44.02 32.35 -9.05
N ALA B 363 43.78 32.03 -10.32
CA ALA B 363 44.87 31.81 -11.27
C ALA B 363 45.59 33.12 -11.62
N PHE B 364 44.83 34.20 -11.75
CA PHE B 364 45.39 35.48 -12.12
C PHE B 364 46.15 36.11 -10.95
N GLU B 365 45.77 35.76 -9.73
CA GLU B 365 46.51 36.20 -8.55
C GLU B 365 47.87 35.52 -8.51
N LEU B 366 47.91 34.25 -8.91
CA LEU B 366 49.16 33.51 -8.97
C LEU B 366 50.05 34.06 -10.07
N LEU B 367 49.44 34.40 -11.20
CA LEU B 367 50.15 35.00 -12.31
C LEU B 367 50.64 36.39 -11.93
N GLU B 368 49.86 37.07 -11.10
CA GLU B 368 50.21 38.40 -10.62
C GLU B 368 51.40 38.34 -9.68
N LYS B 369 51.34 37.42 -8.73
CA LYS B 369 52.39 37.24 -7.73
C LYS B 369 53.70 36.78 -8.36
N GLY B 370 53.60 35.99 -9.41
CA GLY B 370 54.77 35.45 -10.08
C GLY B 370 54.93 33.96 -9.83
N ILE B 371 54.00 33.39 -9.06
CA ILE B 371 53.99 31.96 -8.80
C ILE B 371 53.70 31.21 -10.08
N LEU B 372 52.87 31.80 -10.94
CA LEU B 372 52.68 31.32 -12.30
C LEU B 372 53.30 32.30 -13.27
N LYS B 373 53.91 31.77 -14.33
CA LYS B 373 54.59 32.60 -15.31
C LYS B 373 53.71 32.82 -16.54
N ASP B 374 54.10 33.78 -17.38
CA ASP B 374 53.36 34.05 -18.61
C ASP B 374 53.49 32.91 -19.61
N SER B 375 54.52 32.08 -19.43
CA SER B 375 54.74 30.94 -20.30
C SER B 375 53.67 29.88 -20.07
N ASP B 376 53.04 29.90 -18.90
CA ASP B 376 51.95 29.00 -18.59
C ASP B 376 50.69 29.45 -19.31
N PHE B 377 50.60 30.74 -19.59
CA PHE B 377 49.50 31.31 -20.35
C PHE B 377 49.97 31.78 -21.72
N PRO B 378 50.10 30.86 -22.68
CA PRO B 378 50.57 31.28 -24.00
C PRO B 378 49.47 31.96 -24.82
N GLY B 379 49.85 32.96 -25.60
CA GLY B 379 48.91 33.69 -26.43
C GLY B 379 47.89 34.48 -25.63
N LEU B 380 48.18 34.67 -24.35
CA LEU B 380 47.28 35.38 -23.44
C LEU B 380 46.92 36.76 -23.97
N PRO B 381 45.62 37.07 -24.03
CA PRO B 381 45.15 38.38 -24.50
C PRO B 381 45.46 39.48 -23.50
N GLU B 382 45.28 40.73 -23.90
CA GLU B 382 45.63 41.88 -23.08
C GLU B 382 44.55 42.25 -22.08
N GLY B 383 43.33 42.43 -22.58
CA GLY B 383 42.22 42.89 -21.76
C GLY B 383 41.87 41.95 -20.61
N ASN B 384 41.32 42.52 -19.55
CA ASN B 384 40.91 41.75 -18.38
C ASN B 384 39.73 40.83 -18.70
N GLU B 385 38.78 41.35 -19.49
CA GLU B 385 37.64 40.56 -19.92
C GLU B 385 38.06 39.42 -20.82
N GLU B 386 38.90 39.73 -21.81
CA GLU B 386 39.35 38.73 -22.78
C GLU B 386 40.15 37.61 -22.10
N ARG B 387 40.79 37.94 -20.99
CA ARG B 387 41.59 36.96 -20.26
C ARG B 387 40.72 35.90 -19.58
N PHE B 388 39.52 36.31 -19.17
CA PHE B 388 38.59 35.37 -18.55
C PHE B 388 37.98 34.42 -19.57
N PHE B 389 37.65 34.96 -20.75
CA PHE B 389 37.14 34.13 -21.83
C PHE B 389 38.23 33.18 -22.31
N TYR B 390 39.46 33.65 -22.29
CA TYR B 390 40.62 32.84 -22.64
C TYR B 390 40.80 31.67 -21.67
N LEU B 391 40.85 32.00 -20.39
CA LEU B 391 41.09 31.00 -19.35
C LEU B 391 39.91 30.03 -19.23
N LEU B 392 38.72 30.50 -19.57
CA LEU B 392 37.52 29.66 -19.52
C LEU B 392 37.63 28.50 -20.51
N ASP B 393 38.08 28.80 -21.73
CA ASP B 393 38.24 27.77 -22.74
C ASP B 393 39.37 26.81 -22.40
N LYS B 394 40.41 27.33 -21.76
CA LYS B 394 41.55 26.52 -21.36
C LYS B 394 41.15 25.50 -20.30
N ILE B 395 40.22 25.89 -19.44
CA ILE B 395 39.75 25.03 -18.36
C ILE B 395 38.84 23.91 -18.84
N VAL B 396 37.82 24.28 -19.63
CA VAL B 396 36.84 23.31 -20.11
C VAL B 396 37.48 22.23 -20.98
N ASN B 397 38.58 22.57 -21.65
CA ASN B 397 39.28 21.62 -22.49
C ASN B 397 40.43 20.93 -21.76
N ARG B 398 40.68 21.35 -20.52
CA ARG B 398 41.81 20.85 -19.74
C ARG B 398 43.11 21.03 -20.52
N ASP B 399 43.24 22.19 -21.16
CA ASP B 399 44.39 22.48 -22.02
C ASP B 399 45.51 23.16 -21.25
N GLY B 400 46.64 22.47 -21.13
CA GLY B 400 47.80 23.01 -20.44
C GLY B 400 47.51 23.39 -19.01
N ILE B 401 47.61 24.68 -18.71
CA ILE B 401 47.35 25.18 -17.36
C ILE B 401 45.88 25.00 -16.99
N GLY B 402 45.03 24.85 -18.00
CA GLY B 402 43.62 24.63 -17.77
C GLY B 402 43.34 23.25 -17.20
N ASP B 403 44.27 22.32 -17.42
CA ASP B 403 44.11 20.96 -16.93
C ASP B 403 44.27 20.90 -15.42
N ILE B 404 45.11 21.79 -14.88
CA ILE B 404 45.34 21.85 -13.45
C ILE B 404 44.25 22.64 -12.74
N LEU B 405 43.86 23.76 -13.35
CA LEU B 405 42.82 24.62 -12.78
C LEU B 405 41.46 23.92 -12.80
N ALA B 406 41.35 22.88 -13.62
CA ALA B 406 40.10 22.13 -13.75
C ALA B 406 39.86 21.22 -12.55
N ASN B 407 40.77 21.24 -11.59
CA ASN B 407 40.67 20.39 -10.41
C ASN B 407 40.18 21.15 -9.17
N GLY B 408 40.06 22.46 -9.29
CA GLY B 408 39.65 23.29 -8.18
C GLY B 408 40.83 24.01 -7.55
N THR B 409 40.56 25.04 -6.76
CA THR B 409 41.61 25.84 -6.15
C THR B 409 42.50 25.01 -5.23
N TYR B 410 41.90 24.07 -4.51
CA TYR B 410 42.64 23.23 -3.57
C TYR B 410 43.67 22.37 -4.28
N TRP B 411 43.19 21.50 -5.17
CA TRP B 411 44.07 20.55 -5.85
C TRP B 411 45.05 21.24 -6.79
N ALA B 412 44.59 22.32 -7.41
CA ALA B 412 45.46 23.10 -8.30
C ALA B 412 46.64 23.69 -7.55
N ALA B 413 46.35 24.31 -6.41
CA ALA B 413 47.40 24.90 -5.57
C ALA B 413 48.33 23.83 -5.03
N GLN B 414 47.76 22.65 -4.76
CA GLN B 414 48.53 21.52 -4.27
C GLN B 414 49.56 21.07 -5.31
N GLU B 415 49.14 21.07 -6.57
CA GLU B 415 50.01 20.64 -7.66
C GLU B 415 51.00 21.74 -8.06
N ILE B 416 50.53 22.98 -8.08
CA ILE B 416 51.36 24.12 -8.43
C ILE B 416 52.50 24.32 -7.44
N GLY B 417 52.17 24.33 -6.15
CA GLY B 417 53.16 24.53 -5.11
C GLY B 417 53.72 25.94 -5.11
N ASN B 418 54.89 26.10 -4.51
CA ASN B 418 55.56 27.40 -4.44
C ASN B 418 54.71 28.44 -3.69
N GLY B 419 53.94 27.99 -2.71
CA GLY B 419 53.13 28.88 -1.90
C GLY B 419 51.78 29.20 -2.52
N ALA B 420 51.33 28.34 -3.42
CA ALA B 420 50.04 28.52 -4.07
C ALA B 420 48.89 28.20 -3.12
N GLU B 421 49.21 27.43 -2.08
CA GLU B 421 48.20 27.05 -1.09
C GLU B 421 47.74 28.25 -0.27
N ASP B 422 48.59 29.26 -0.19
CA ASP B 422 48.26 30.47 0.56
C ASP B 422 47.11 31.23 -0.09
N TYR B 423 46.98 31.09 -1.40
CA TYR B 423 45.96 31.81 -2.16
C TYR B 423 44.69 30.99 -2.32
N ALA B 424 44.73 29.74 -1.88
CA ALA B 424 43.52 28.93 -1.77
C ALA B 424 42.93 29.16 -0.38
N HIS B 425 42.55 30.40 -0.12
CA HIS B 425 42.17 30.84 1.23
C HIS B 425 40.67 30.83 1.48
N ASN B 426 39.90 30.34 0.52
CA ASN B 426 38.44 30.38 0.62
C ASN B 426 37.80 29.00 0.43
N ASN B 427 38.43 27.98 1.01
CA ASN B 427 37.93 26.62 0.90
C ASN B 427 37.55 26.00 2.24
N ILE B 428 36.49 25.19 2.21
CA ILE B 428 36.12 24.34 3.34
C ILE B 428 35.92 22.92 2.84
N LYS B 429 36.75 22.00 3.31
CA LYS B 429 36.70 20.63 2.85
C LYS B 429 36.92 20.58 1.34
N LYS B 430 37.87 21.39 0.87
CA LYS B 430 38.28 21.44 -0.52
C LYS B 430 37.22 22.02 -1.45
N HIS B 431 36.20 22.65 -0.86
CA HIS B 431 35.10 23.23 -1.63
C HIS B 431 35.04 24.74 -1.46
N GLU B 432 34.94 25.46 -2.58
CA GLU B 432 34.91 26.92 -2.54
C GLU B 432 33.67 27.44 -1.82
N GLN B 433 33.84 28.48 -1.01
CA GLN B 433 32.74 29.07 -0.27
C GLN B 433 32.29 30.37 -0.92
N LEU B 434 31.22 30.95 -0.39
CA LEU B 434 30.77 32.27 -0.82
C LEU B 434 31.84 33.31 -0.52
N PRO B 435 32.08 34.23 -1.46
CA PRO B 435 33.05 35.31 -1.25
C PRO B 435 32.60 36.28 -0.17
N LEU B 436 32.76 35.89 1.10
CA LEU B 436 32.38 36.72 2.23
C LEU B 436 33.45 36.72 3.31
N LYS B 437 34.09 37.86 3.51
CA LYS B 437 35.07 38.01 4.58
C LYS B 437 34.64 39.14 5.52
N LEU B 438 33.80 38.81 6.49
CA LEU B 438 33.23 39.81 7.39
C LEU B 438 34.17 40.13 8.55
N SER B 439 33.76 41.08 9.39
CA SER B 439 34.59 41.56 10.49
C SER B 439 34.42 40.74 11.76
N MET B 440 33.23 40.78 12.33
CA MET B 440 32.98 40.13 13.62
C MET B 440 32.49 38.69 13.45
N LEU B 441 32.93 37.83 14.36
CA LEU B 441 32.55 36.42 14.36
C LEU B 441 31.05 36.24 14.53
N ASN B 442 30.46 35.40 13.67
CA ASN B 442 29.05 35.06 13.77
C ASN B 442 28.89 33.63 14.29
N PRO B 443 28.41 33.50 15.54
CA PRO B 443 28.30 32.20 16.22
C PRO B 443 27.34 31.24 15.53
N ILE B 444 26.34 31.79 14.83
CA ILE B 444 25.33 30.98 14.15
C ILE B 444 25.85 30.49 12.80
N TYR B 445 26.60 31.34 12.11
CA TYR B 445 27.12 30.98 10.79
C TYR B 445 28.40 30.16 10.88
N TYR B 446 29.13 30.36 11.97
CA TYR B 446 30.32 29.55 12.23
C TYR B 446 29.97 28.06 12.22
N LEU B 447 28.90 27.71 12.92
CA LEU B 447 28.45 26.32 12.98
C LEU B 447 27.99 25.81 11.62
N MET B 448 27.33 26.67 10.85
CA MET B 448 26.82 26.28 9.54
C MET B 448 27.95 26.06 8.53
N TYR B 449 29.03 26.83 8.68
CA TYR B 449 30.20 26.67 7.81
C TYR B 449 30.96 25.38 8.14
N CYS B 450 30.96 24.99 9.41
CA CYS B 450 31.75 23.86 9.86
C CYS B 450 31.10 22.50 9.59
N THR B 451 29.77 22.44 9.66
CA THR B 451 29.09 21.14 9.67
C THR B 451 28.18 20.88 8.47
N GLY B 452 27.95 21.90 7.64
CA GLY B 452 27.07 21.77 6.49
C GLY B 452 27.55 20.74 5.49
N GLU B 453 26.79 19.65 5.35
CA GLU B 453 27.19 18.56 4.46
C GLU B 453 27.21 19.00 2.99
N LYS B 454 26.38 19.98 2.66
CA LYS B 454 26.39 20.55 1.32
C LYS B 454 27.61 21.44 1.14
N ILE B 455 28.18 21.88 2.26
CA ILE B 455 29.37 22.73 2.27
C ILE B 455 29.10 24.04 1.55
N ASN B 456 27.84 24.49 1.62
CA ASN B 456 27.44 25.77 1.05
C ASN B 456 26.54 26.50 2.03
N ILE B 457 26.86 27.77 2.29
CA ILE B 457 26.17 28.53 3.33
C ILE B 457 24.76 28.95 2.92
N THR B 458 24.54 29.19 1.64
CA THR B 458 23.23 29.62 1.16
C THR B 458 22.21 28.48 1.22
N GLN B 459 22.69 27.26 1.46
CA GLN B 459 21.83 26.10 1.45
C GLN B 459 21.80 25.39 2.81
N ILE B 460 21.84 26.18 3.87
CA ILE B 460 21.65 25.66 5.22
C ILE B 460 20.96 26.71 6.10
N GLU B 461 21.10 27.97 5.72
CA GLU B 461 20.46 29.09 6.44
C GLU B 461 18.99 29.24 6.06
N GLY B 462 18.36 30.31 6.54
CA GLY B 462 17.03 30.66 6.09
C GLY B 462 16.02 31.11 7.13
N GLN B 463 15.67 30.21 8.05
CA GLN B 463 14.52 30.42 8.92
C GLN B 463 14.73 31.45 10.03
N PHE B 464 15.98 31.64 10.45
CA PHE B 464 16.28 32.67 11.44
C PHE B 464 16.90 33.87 10.73
N PRO B 465 16.43 35.08 11.06
CA PRO B 465 16.92 36.33 10.48
C PRO B 465 18.44 36.47 10.58
N GLN B 466 19.05 37.02 9.54
CA GLN B 466 20.51 37.17 9.49
C GLN B 466 21.00 38.31 10.37
N ALA B 467 20.08 39.21 10.73
CA ALA B 467 20.40 40.35 11.59
C ALA B 467 19.22 40.71 12.46
N PRO B 468 19.50 41.29 13.64
CA PRO B 468 18.46 41.70 14.59
C PRO B 468 17.90 43.09 14.28
N TYR B 469 16.67 43.36 14.70
CA TYR B 469 16.10 44.69 14.59
C TYR B 469 16.68 45.62 15.64
N PRO B 470 16.96 46.86 15.26
CA PRO B 470 17.46 47.87 16.21
C PRO B 470 16.45 48.15 17.33
N LYS B 471 15.18 48.23 16.97
CA LYS B 471 14.13 48.61 17.91
C LYS B 471 13.30 47.42 18.36
N LEU B 472 12.89 47.43 19.62
CA LEU B 472 12.15 46.31 20.22
C LEU B 472 10.76 46.16 19.62
N GLU B 473 10.15 47.28 19.20
CA GLU B 473 8.82 47.25 18.60
C GLU B 473 8.82 46.42 17.33
N GLN B 474 9.90 46.51 16.57
CA GLN B 474 10.04 45.77 15.31
C GLN B 474 10.09 44.27 15.55
N ARG B 475 10.73 43.87 16.65
CA ARG B 475 10.86 42.46 16.98
C ARG B 475 9.53 41.87 17.44
N GLU B 476 8.86 42.60 18.33
CA GLU B 476 7.55 42.18 18.82
C GLU B 476 6.57 42.02 17.67
N ALA B 477 6.69 42.88 16.68
CA ALA B 477 5.84 42.82 15.50
C ALA B 477 6.15 41.58 14.67
N PHE B 478 7.43 41.24 14.57
CA PHE B 478 7.87 40.10 13.77
C PHE B 478 7.44 38.77 14.38
N VAL B 479 7.68 38.59 15.67
CA VAL B 479 7.38 37.34 16.35
C VAL B 479 5.88 37.16 16.56
N GLU B 480 5.10 38.18 16.24
CA GLU B 480 3.65 38.16 16.43
C GLU B 480 2.99 37.00 15.68
N ASP B 481 3.22 36.93 14.37
CA ASP B 481 2.63 35.88 13.55
C ASP B 481 3.68 34.93 13.00
N TRP B 482 4.74 34.72 13.77
CA TRP B 482 5.81 33.81 13.38
C TRP B 482 5.44 32.37 13.71
N ILE B 483 4.43 31.85 13.03
CA ILE B 483 3.86 30.54 13.33
C ILE B 483 4.78 29.38 12.93
N GLN B 484 5.84 29.69 12.18
CA GLN B 484 6.70 28.65 11.63
C GLN B 484 7.69 28.07 12.65
N VAL B 485 7.84 28.74 13.79
CA VAL B 485 8.80 28.29 14.81
C VAL B 485 8.36 26.98 15.45
N PRO B 486 9.32 26.07 15.70
CA PRO B 486 9.03 24.81 16.38
C PRO B 486 8.74 25.03 17.86
N ASP B 487 9.28 26.12 18.41
CA ASP B 487 9.14 26.40 19.83
C ASP B 487 9.06 27.90 20.10
N GLU B 488 8.36 28.26 21.17
CA GLU B 488 8.20 29.66 21.56
C GLU B 488 9.54 30.33 21.85
N LYS B 489 10.53 29.54 22.22
CA LYS B 489 11.83 30.07 22.62
C LYS B 489 12.55 30.77 21.48
N PHE B 490 12.24 30.38 20.24
CA PHE B 490 12.84 31.02 19.08
C PHE B 490 12.37 32.46 18.93
N LYS B 491 11.17 32.74 19.42
CA LYS B 491 10.64 34.10 19.46
C LYS B 491 11.37 34.91 20.52
N LYS B 492 11.59 34.29 21.67
CA LYS B 492 12.22 34.95 22.81
C LYS B 492 13.68 35.29 22.52
N ILE B 493 14.33 34.45 21.71
CA ILE B 493 15.71 34.72 21.33
C ILE B 493 15.81 35.95 20.44
N PHE B 494 14.90 36.06 19.48
CA PHE B 494 14.93 37.18 18.55
C PHE B 494 14.51 38.48 19.21
N LEU B 495 13.74 38.39 20.29
CA LEU B 495 13.33 39.56 21.04
C LEU B 495 14.51 40.19 21.79
N GLU B 496 15.31 39.35 22.44
CA GLU B 496 16.45 39.82 23.21
C GLU B 496 17.61 40.25 22.31
N TRP B 497 17.71 39.63 21.15
CA TRP B 497 18.82 39.86 20.23
C TRP B 497 18.89 41.31 19.78
N GLU B 498 20.07 41.92 19.92
CA GLU B 498 20.28 43.30 19.54
C GLU B 498 21.56 43.45 18.70
N PRO B 499 21.58 44.43 17.80
CA PRO B 499 22.73 44.69 16.93
C PRO B 499 23.96 45.16 17.70
N ARG B 500 23.75 45.86 18.82
CA ARG B 500 24.85 46.37 19.63
C ARG B 500 24.58 46.24 21.12
N GLY B 501 25.62 45.96 21.89
CA GLY B 501 25.52 45.96 23.34
C GLY B 501 25.56 44.61 24.03
N GLU B 502 24.99 44.56 25.23
CA GLU B 502 25.06 43.37 26.07
C GLU B 502 24.36 42.15 25.47
N LYS B 503 23.60 42.35 24.42
CA LYS B 503 22.87 41.24 23.81
C LYS B 503 23.14 41.15 22.30
N SER B 504 24.39 41.42 21.92
CA SER B 504 24.80 41.33 20.53
C SER B 504 25.83 40.24 20.33
N MET B 505 26.08 39.87 19.08
CA MET B 505 27.10 38.88 18.75
C MET B 505 28.48 39.42 19.08
N PRO B 506 29.46 38.53 19.29
CA PRO B 506 29.31 37.08 19.15
C PRO B 506 28.86 36.37 20.43
N ASN B 507 28.70 37.12 21.52
CA ASN B 507 28.38 36.52 22.81
C ASN B 507 26.88 36.25 22.98
N PHE B 508 26.07 36.82 22.10
CA PHE B 508 24.64 36.56 22.10
C PHE B 508 24.12 36.54 20.66
N PRO B 509 23.20 35.61 20.34
CA PRO B 509 22.59 34.62 21.25
C PRO B 509 23.62 33.70 21.90
N THR B 510 23.21 33.02 22.97
CA THR B 510 24.11 32.14 23.70
C THR B 510 24.48 30.91 22.87
N VAL B 511 25.40 30.11 23.38
CA VAL B 511 25.86 28.91 22.68
C VAL B 511 24.72 27.90 22.51
N ASP B 512 23.91 27.74 23.54
CA ASP B 512 22.78 26.81 23.47
C ASP B 512 21.72 27.32 22.50
N MET B 513 21.52 28.63 22.44
CA MET B 513 20.55 29.22 21.54
C MET B 513 21.01 29.09 20.09
N CYS B 514 22.30 29.28 19.85
CA CYS B 514 22.86 29.17 18.51
C CYS B 514 22.72 27.75 17.97
N CYS B 515 22.98 26.76 18.83
CA CYS B 515 22.87 25.36 18.44
C CYS B 515 21.44 25.01 18.04
N ASP B 516 20.47 25.50 18.80
CA ASP B 516 19.06 25.25 18.50
C ASP B 516 18.66 25.89 17.17
N ILE B 517 19.15 27.11 16.94
CA ILE B 517 18.86 27.82 15.69
C ILE B 517 19.41 27.07 14.49
N VAL B 518 20.69 26.72 14.55
CA VAL B 518 21.35 26.00 13.46
C VAL B 518 20.68 24.66 13.19
N ASP B 519 20.23 23.99 14.25
CA ASP B 519 19.58 22.69 14.11
C ASP B 519 18.23 22.81 13.42
N TRP B 520 17.53 23.91 13.69
CA TRP B 520 16.22 24.14 13.07
C TRP B 520 16.36 24.49 11.59
N GLN B 521 17.22 25.45 11.29
CA GLN B 521 17.44 25.87 9.91
C GLN B 521 17.91 24.72 9.04
N GLU B 522 18.81 23.89 9.56
CA GLU B 522 19.33 22.76 8.80
C GLU B 522 18.23 21.71 8.57
N MET B 523 17.42 21.47 9.61
CA MET B 523 16.37 20.47 9.54
C MET B 523 15.38 20.75 8.41
N MET B 524 15.08 22.02 8.17
CA MET B 524 14.11 22.39 7.15
C MET B 524 14.64 22.15 5.74
N HIS B 525 15.95 22.32 5.56
CA HIS B 525 16.58 22.07 4.27
C HIS B 525 16.57 20.59 3.93
N TYR B 526 16.79 19.75 4.94
CA TYR B 526 16.81 18.30 4.73
C TYR B 526 15.41 17.75 4.47
N ILE B 527 14.40 18.37 5.06
CA ILE B 527 13.02 17.99 4.77
C ILE B 527 12.68 18.37 3.34
N ASP B 528 13.11 19.56 2.93
CA ASP B 528 12.91 20.03 1.57
C ASP B 528 13.55 19.11 0.53
N ASP B 529 14.79 18.71 0.79
CA ASP B 529 15.57 17.94 -0.18
C ASP B 529 15.20 16.46 -0.19
N ALA B 530 14.23 16.08 0.64
CA ALA B 530 13.72 14.72 0.65
C ALA B 530 12.36 14.69 -0.02
N LEU B 531 11.57 15.74 0.21
CA LEU B 531 10.24 15.86 -0.37
C LEU B 531 10.29 16.42 -1.79
N GLY B 532 11.37 17.11 -2.12
CA GLY B 532 11.53 17.71 -3.43
C GLY B 532 11.04 19.14 -3.48
N GLN B 533 10.62 19.66 -2.32
CA GLN B 533 10.10 21.00 -2.21
C GLN B 533 11.18 22.06 -2.39
N CYS B 534 10.95 23.00 -3.30
CA CYS B 534 11.88 24.11 -3.50
C CYS B 534 11.99 24.94 -2.22
N ALA B 535 13.23 25.24 -1.83
CA ALA B 535 13.47 25.99 -0.60
C ALA B 535 12.87 27.38 -0.66
N GLY B 536 12.64 27.88 -1.86
CA GLY B 536 12.09 29.21 -2.06
C GLY B 536 10.73 29.40 -1.40
N LEU B 537 10.03 28.31 -1.18
CA LEU B 537 8.73 28.35 -0.53
C LEU B 537 8.79 27.69 0.84
N SER B 538 9.99 27.35 1.29
CA SER B 538 10.16 26.62 2.53
C SER B 538 11.35 27.12 3.35
N SER B 539 12.44 26.36 3.34
CA SER B 539 13.53 26.56 4.29
C SER B 539 14.37 27.81 4.06
N PHE B 540 14.21 28.47 2.91
CA PHE B 540 15.08 29.61 2.61
C PHE B 540 14.54 30.94 3.13
N PRO B 541 13.33 31.34 2.71
CA PRO B 541 12.82 32.66 3.06
C PRO B 541 12.22 32.72 4.46
N LEU B 542 12.10 33.93 5.02
CA LEU B 542 11.47 34.11 6.32
C LEU B 542 9.97 33.89 6.25
N LYS B 543 9.44 33.16 7.22
CA LYS B 543 8.00 32.91 7.31
C LYS B 543 7.42 32.31 6.03
N PRO B 544 7.80 31.07 5.72
CA PRO B 544 7.37 30.37 4.51
C PRO B 544 5.99 29.71 4.65
N PRO B 545 5.36 29.37 3.53
CA PRO B 545 4.08 28.66 3.48
C PRO B 545 4.20 27.20 3.93
N TYR B 546 5.37 26.60 3.70
CA TYR B 546 5.66 25.27 4.22
C TYR B 546 6.48 25.38 5.50
N HIS B 547 6.13 24.59 6.51
CA HIS B 547 6.87 24.60 7.77
C HIS B 547 6.66 23.32 8.57
N ILE B 548 7.29 23.26 9.75
CA ILE B 548 7.33 22.04 10.54
C ILE B 548 5.96 21.58 11.03
N HIS B 549 4.94 22.43 10.89
CA HIS B 549 3.63 22.13 11.44
C HIS B 549 2.64 21.60 10.40
N ASN B 550 2.82 21.94 9.14
CA ASN B 550 1.92 21.46 8.10
C ASN B 550 2.58 20.42 7.19
N TYR B 551 3.92 20.38 7.22
CA TYR B 551 4.68 19.41 6.45
C TYR B 551 4.25 17.97 6.76
N PRO B 552 4.11 17.63 8.05
CA PRO B 552 3.63 16.29 8.43
C PRO B 552 2.28 15.95 7.81
N LYS B 553 1.43 16.95 7.62
CA LYS B 553 0.12 16.73 7.00
C LYS B 553 0.24 16.45 5.52
N PHE B 554 1.13 17.18 4.85
CA PHE B 554 1.39 16.96 3.43
C PHE B 554 1.89 15.55 3.16
N ILE B 555 2.77 15.06 4.04
CA ILE B 555 3.32 13.72 3.90
C ILE B 555 2.26 12.65 4.11
N ALA B 556 1.46 12.82 5.16
CA ALA B 556 0.42 11.86 5.50
C ALA B 556 -0.63 11.76 4.40
N ALA B 557 -1.15 12.90 3.96
CA ALA B 557 -2.20 12.93 2.95
C ALA B 557 -1.68 12.59 1.56
N GLY B 558 -0.39 12.84 1.33
CA GLY B 558 0.21 12.60 0.04
C GLY B 558 0.72 11.18 -0.14
N ALA B 559 1.41 10.67 0.86
CA ALA B 559 2.06 9.37 0.75
C ALA B 559 1.29 8.25 1.45
N GLY B 560 0.43 8.62 2.39
CA GLY B 560 -0.39 7.65 3.10
C GLY B 560 0.35 6.92 4.20
N ILE B 561 1.35 7.59 4.79
CA ILE B 561 2.06 7.04 5.93
C ILE B 561 1.76 7.87 7.17
N GLU B 562 1.92 7.26 8.34
CA GLU B 562 1.74 7.96 9.60
C GLU B 562 2.86 8.99 9.78
N MET B 563 2.50 10.24 10.02
CA MET B 563 3.50 11.30 10.16
C MET B 563 2.99 12.46 11.02
N ASP B 564 3.79 12.84 12.01
CA ASP B 564 3.49 14.00 12.83
C ASP B 564 4.72 14.90 12.93
N THR B 565 4.64 15.93 13.76
CA THR B 565 5.73 16.88 13.90
C THR B 565 6.99 16.24 14.47
N GLU B 566 6.83 15.50 15.56
CA GLU B 566 7.98 14.88 16.23
C GLU B 566 8.57 13.75 15.40
N LYS B 567 7.71 12.92 14.81
CA LYS B 567 8.17 11.81 13.98
C LYS B 567 8.89 12.33 12.74
N LEU B 568 8.51 13.51 12.29
CA LEU B 568 9.15 14.13 11.14
C LEU B 568 10.52 14.70 11.51
N LYS B 569 10.58 15.35 12.68
CA LYS B 569 11.84 15.87 13.21
C LYS B 569 12.87 14.76 13.33
N LYS B 570 12.42 13.60 13.82
CA LYS B 570 13.31 12.46 14.03
C LYS B 570 13.76 11.88 12.69
N ALA B 571 12.85 11.89 11.71
CA ALA B 571 13.17 11.39 10.37
C ALA B 571 14.27 12.22 9.74
N ALA B 572 14.11 13.54 9.78
CA ALA B 572 15.11 14.45 9.23
C ALA B 572 16.46 14.26 9.92
N LYS B 573 16.42 14.00 11.22
CA LYS B 573 17.63 13.75 11.99
C LYS B 573 18.25 12.42 11.61
N ARG B 574 17.41 11.48 11.19
CA ARG B 574 17.87 10.13 10.85
C ARG B 574 18.80 10.11 9.65
N TYR B 575 18.33 10.62 8.51
CA TYR B 575 19.16 10.56 7.30
C TYR B 575 20.12 11.74 7.19
N ARG B 576 20.00 12.71 8.09
CA ARG B 576 21.00 13.77 8.19
C ARG B 576 22.21 13.22 8.95
N THR B 577 21.94 12.24 9.81
CA THR B 577 23.01 11.55 10.52
C THR B 577 23.64 10.50 9.62
N LEU B 578 22.81 9.89 8.78
CA LEU B 578 23.28 8.90 7.82
C LEU B 578 24.22 9.52 6.80
N VAL B 579 23.88 10.72 6.34
CA VAL B 579 24.75 11.46 5.44
C VAL B 579 26.06 11.77 6.14
N ARG B 580 25.97 12.17 7.41
CA ARG B 580 27.14 12.43 8.23
C ARG B 580 27.99 11.18 8.37
N ALA B 581 27.34 10.05 8.62
CA ALA B 581 28.03 8.78 8.78
C ALA B 581 28.76 8.37 7.51
N PHE B 582 28.19 8.74 6.36
CA PHE B 582 28.81 8.43 5.08
C PHE B 582 30.14 9.16 4.92
N ASN B 583 30.17 10.43 5.34
CA ASN B 583 31.39 11.22 5.26
C ASN B 583 32.41 10.82 6.31
N ILE B 584 31.92 10.36 7.47
CA ILE B 584 32.80 9.84 8.51
C ILE B 584 33.53 8.61 7.98
N ARG B 585 32.80 7.73 7.32
CA ARG B 585 33.37 6.51 6.76
C ARG B 585 34.38 6.83 5.66
N ARG B 586 34.30 8.03 5.10
CA ARG B 586 35.21 8.43 4.03
C ARG B 586 36.36 9.31 4.55
N GLY B 587 36.49 9.40 5.87
CA GLY B 587 37.66 10.03 6.47
C GLY B 587 37.49 11.44 6.98
N MET B 588 36.26 11.89 7.16
CA MET B 588 36.01 13.23 7.69
C MET B 588 36.01 13.23 9.22
N ARG B 589 36.79 14.15 9.80
CA ARG B 589 36.83 14.30 11.25
C ARG B 589 36.62 15.75 11.64
N ARG B 590 36.60 16.02 12.94
CA ARG B 590 36.40 17.37 13.45
C ARG B 590 37.41 18.35 12.86
N VAL B 591 38.60 17.84 12.58
CA VAL B 591 39.68 18.65 12.04
C VAL B 591 39.32 19.30 10.70
N ASP B 592 38.48 18.61 9.93
CA ASP B 592 38.06 19.11 8.62
C ASP B 592 37.01 20.19 8.75
N GLU B 593 36.41 20.29 9.93
CA GLU B 593 35.28 21.19 10.13
C GLU B 593 35.73 22.54 10.71
N GLN B 594 36.44 23.30 9.90
CA GLN B 594 36.87 24.64 10.28
C GLN B 594 36.73 25.60 9.11
N PRO B 595 36.21 26.81 9.38
CA PRO B 595 36.09 27.85 8.35
C PRO B 595 37.47 28.30 7.87
N PRO B 596 37.53 29.05 6.76
CA PRO B 596 38.79 29.65 6.30
C PRO B 596 39.42 30.49 7.39
N ALA B 597 40.75 30.53 7.43
CA ALA B 597 41.47 31.23 8.50
C ALA B 597 41.19 32.73 8.50
N ASN B 598 40.85 33.28 7.34
CA ASN B 598 40.60 34.71 7.23
C ASN B 598 39.13 35.04 6.97
N HIS B 599 38.24 34.14 7.35
CA HIS B 599 36.81 34.32 7.10
C HIS B 599 36.26 35.47 7.95
N TRP B 600 36.75 35.58 9.18
CA TRP B 600 36.44 36.72 10.04
C TRP B 600 37.73 37.36 10.52
N LYS B 601 37.69 38.65 10.82
CA LYS B 601 38.87 39.35 11.30
C LYS B 601 39.00 39.24 12.82
N ASN B 602 37.87 39.11 13.49
CA ASN B 602 37.84 38.94 14.95
C ASN B 602 37.44 37.52 15.32
N ARG B 603 38.40 36.74 15.80
CA ARG B 603 38.15 35.34 16.14
C ARG B 603 38.19 35.11 17.65
N PHE B 604 37.41 34.13 18.11
CA PHE B 604 37.34 33.78 19.51
C PHE B 604 37.43 32.27 19.69
N PRO B 605 38.65 31.73 19.76
CA PRO B 605 38.93 30.30 19.82
C PRO B 605 38.15 29.56 20.91
N GLU B 606 38.11 30.13 22.11
CA GLU B 606 37.44 29.48 23.24
C GLU B 606 35.92 29.42 23.04
N LEU B 607 35.37 30.46 22.43
CA LEU B 607 33.94 30.49 22.13
C LEU B 607 33.62 29.53 20.98
N GLU B 608 34.52 29.44 20.03
CA GLU B 608 34.34 28.57 18.88
C GLU B 608 34.43 27.09 19.27
N LYS B 609 35.34 26.80 20.21
CA LYS B 609 35.47 25.43 20.70
C LYS B 609 34.22 25.02 21.46
N GLU B 610 33.71 25.93 22.29
CA GLU B 610 32.51 25.67 23.07
C GLU B 610 31.29 25.52 22.16
N LEU B 611 31.27 26.27 21.07
CA LEU B 611 30.18 26.20 20.10
C LEU B 611 30.13 24.84 19.41
N LEU B 612 31.27 24.40 18.91
CA LEU B 612 31.35 23.14 18.18
C LEU B 612 31.17 21.95 19.11
N ASP B 613 31.65 22.08 20.35
CA ASP B 613 31.47 21.04 21.36
C ASP B 613 30.00 20.87 21.70
N SER B 614 29.32 21.98 21.95
CA SER B 614 27.91 21.95 22.33
C SER B 614 27.01 21.48 21.20
N TYR B 615 27.36 21.84 19.97
CA TYR B 615 26.56 21.45 18.81
C TYR B 615 26.65 19.95 18.59
N TYR B 616 27.86 19.40 18.71
CA TYR B 616 28.06 17.95 18.59
C TYR B 616 27.19 17.19 19.59
N LYS B 617 27.11 17.71 20.80
CA LYS B 617 26.29 17.12 21.85
C LYS B 617 24.82 17.07 21.43
N LEU B 618 24.34 18.17 20.88
CA LEU B 618 22.96 18.27 20.44
C LEU B 618 22.66 17.29 19.32
N LYS B 619 23.57 17.21 18.35
CA LYS B 619 23.45 16.25 17.26
C LYS B 619 23.50 14.82 17.79
N GLY B 620 24.26 14.62 18.85
CA GLY B 620 24.45 13.31 19.43
C GLY B 620 25.73 12.65 18.94
N TRP B 621 26.68 13.48 18.53
CA TRP B 621 27.95 13.00 17.97
C TRP B 621 29.06 12.97 19.01
N ASN B 622 30.24 12.49 18.59
CA ASN B 622 31.43 12.52 19.43
C ASN B 622 31.97 13.93 19.59
N ASP B 623 33.09 14.06 20.29
CA ASP B 623 33.81 15.32 20.32
C ASP B 623 34.82 15.32 19.18
N ASP B 624 34.64 14.39 18.26
CA ASP B 624 35.43 14.34 17.03
C ASP B 624 34.51 14.42 15.81
N GLY B 625 33.21 14.53 16.08
CA GLY B 625 32.23 14.73 15.02
C GLY B 625 31.52 13.45 14.57
N ILE B 626 31.82 12.34 15.24
CA ILE B 626 31.24 11.06 14.85
C ILE B 626 30.00 10.71 15.68
N PRO B 627 28.92 10.32 15.00
CA PRO B 627 27.68 9.87 15.65
C PRO B 627 27.92 8.67 16.57
N THR B 628 27.57 8.81 17.84
CA THR B 628 27.82 7.75 18.82
C THR B 628 26.96 6.51 18.55
N LYS B 629 27.29 5.43 19.24
CA LYS B 629 26.53 4.18 19.13
C LYS B 629 25.15 4.33 19.76
N GLU B 630 25.05 5.23 20.73
CA GLU B 630 23.80 5.44 21.46
C GLU B 630 22.76 6.11 20.58
N THR B 631 23.15 7.20 19.93
CA THR B 631 22.26 7.96 19.07
C THR B 631 21.91 7.18 17.81
N LEU B 632 22.87 6.39 17.32
CA LEU B 632 22.65 5.58 16.12
C LEU B 632 21.59 4.51 16.37
N ASP B 633 21.68 3.84 17.51
CA ASP B 633 20.71 2.83 17.89
C ASP B 633 19.34 3.44 18.11
N ASP B 634 19.31 4.65 18.67
CA ASP B 634 18.06 5.34 18.94
C ASP B 634 17.35 5.76 17.66
N LEU B 635 18.13 6.01 16.61
CA LEU B 635 17.58 6.47 15.34
C LEU B 635 17.17 5.33 14.43
N GLY B 636 17.58 4.11 14.78
CA GLY B 636 17.33 2.95 13.94
C GLY B 636 18.47 2.76 12.95
N LEU B 637 19.62 3.33 13.29
CA LEU B 637 20.82 3.20 12.46
C LEU B 637 21.83 2.29 13.14
N GLY B 638 21.35 1.15 13.64
CA GLY B 638 22.19 0.19 14.33
C GLY B 638 23.25 -0.43 13.44
N TYR B 639 22.90 -0.66 12.17
CA TYR B 639 23.84 -1.26 11.23
C TYR B 639 25.02 -0.33 11.00
N VAL B 640 24.80 0.96 11.17
CA VAL B 640 25.88 1.95 11.05
C VAL B 640 26.84 1.85 12.23
N GLY B 641 26.27 1.74 13.43
CA GLY B 641 27.06 1.63 14.64
C GLY B 641 27.92 0.38 14.65
N ASP B 642 27.36 -0.72 14.13
CA ASP B 642 28.08 -1.98 14.05
C ASP B 642 29.27 -1.87 13.11
N GLU B 643 29.04 -1.25 11.94
CA GLU B 643 30.08 -1.10 10.94
C GLU B 643 31.15 -0.12 11.41
N PHE B 644 30.77 0.83 12.25
CA PHE B 644 31.72 1.78 12.80
C PHE B 644 32.69 1.09 13.75
N ILE B 645 32.15 0.22 14.60
CA ILE B 645 32.96 -0.55 15.52
C ILE B 645 33.87 -1.52 14.76
N LYS B 646 33.27 -2.24 13.81
CA LYS B 646 34.01 -3.19 12.98
C LYS B 646 35.15 -2.50 12.23
N ARG B 647 34.93 -1.25 11.84
CA ARG B 647 35.94 -0.48 11.12
C ARG B 647 36.83 0.32 12.06
N GLY B 648 36.55 0.24 13.36
CA GLY B 648 37.36 0.92 14.36
C GLY B 648 37.09 2.41 14.46
N ILE B 649 36.14 2.90 13.65
CA ILE B 649 35.73 4.30 13.70
C ILE B 649 35.18 4.62 15.08
N LEU B 650 34.37 3.71 15.61
CA LEU B 650 33.87 3.80 16.97
C LEU B 650 34.45 2.68 17.83
N SER B 651 34.67 2.97 19.09
CA SER B 651 35.11 1.95 20.04
C SER B 651 33.92 1.36 20.77
N ALA B 652 33.99 0.06 21.06
CA ALA B 652 33.00 -0.56 21.93
C ALA B 652 33.32 -0.17 23.37
N GLY B 653 32.50 0.71 23.93
CA GLY B 653 32.76 1.22 25.27
C GLY B 653 33.78 2.34 25.27
N MET C 1 -0.26 0.00 1.23
CA MET C 1 0.38 -1.11 1.94
C MET C 1 -0.16 -2.45 1.44
N ARG C 2 0.71 -3.46 1.42
CA ARG C 2 0.36 -4.79 0.92
C ARG C 2 -0.58 -5.51 1.89
N TYR C 3 -1.30 -6.51 1.38
CA TYR C 3 -2.24 -7.29 2.21
C TYR C 3 -2.15 -8.78 1.90
N ALA C 4 -2.59 -9.60 2.86
CA ALA C 4 -2.52 -11.06 2.75
C ALA C 4 -1.08 -11.54 2.66
N GLU C 5 -0.39 -11.09 1.62
CA GLU C 5 1.05 -11.32 1.52
C GLU C 5 1.78 -10.32 2.41
N THR C 6 3.03 -10.63 2.75
CA THR C 6 3.85 -9.73 3.55
C THR C 6 4.62 -8.76 2.65
N GLY C 7 4.95 -9.21 1.45
CA GLY C 7 5.60 -8.37 0.46
C GLY C 7 7.11 -8.47 0.47
N TYR C 8 7.64 -9.32 1.35
CA TYR C 8 9.08 -9.52 1.47
C TYR C 8 9.49 -10.97 1.25
N VAL C 9 10.67 -11.17 0.68
CA VAL C 9 11.28 -12.49 0.63
C VAL C 9 12.65 -12.43 1.29
N LEU C 10 13.23 -13.58 1.58
CA LEU C 10 14.59 -13.64 2.11
C LEU C 10 15.55 -14.24 1.09
N GLU C 11 16.55 -13.46 0.71
CA GLU C 11 17.59 -13.95 -0.18
C GLU C 11 18.81 -14.39 0.64
N VAL C 12 19.13 -15.69 0.56
CA VAL C 12 20.26 -16.22 1.30
C VAL C 12 21.24 -16.93 0.37
N ASP C 13 22.47 -16.44 0.33
CA ASP C 13 23.54 -17.11 -0.39
C ASP C 13 24.30 -18.00 0.58
N LEU C 14 24.09 -19.31 0.47
CA LEU C 14 24.70 -20.26 1.38
C LEU C 14 26.21 -20.34 1.22
N THR C 15 26.68 -20.21 -0.02
CA THR C 15 28.11 -20.28 -0.30
C THR C 15 28.85 -19.09 0.31
N LYS C 16 28.14 -17.99 0.49
CA LYS C 16 28.73 -16.78 1.03
C LYS C 16 28.18 -16.47 2.42
N GLY C 17 27.06 -17.10 2.76
CA GLY C 17 26.46 -16.92 4.07
C GLY C 17 25.87 -15.54 4.26
N SER C 18 25.43 -14.94 3.16
CA SER C 18 24.80 -13.62 3.22
C SER C 18 23.29 -13.75 3.32
N ILE C 19 22.69 -12.91 4.17
CA ILE C 19 21.25 -12.92 4.35
C ILE C 19 20.67 -11.56 4.00
N GLU C 20 19.58 -11.55 3.25
CA GLU C 20 19.00 -10.29 2.80
C GLU C 20 17.49 -10.36 2.62
N ARG C 21 16.80 -9.36 3.14
CA ARG C 21 15.36 -9.22 2.93
C ARG C 21 15.10 -8.25 1.79
N VAL C 22 14.25 -8.66 0.85
CA VAL C 22 13.98 -7.86 -0.33
C VAL C 22 12.48 -7.67 -0.55
N ALA C 23 12.06 -6.43 -0.71
CA ALA C 23 10.67 -6.12 -1.04
C ALA C 23 10.34 -6.66 -2.43
N THR C 24 9.11 -7.10 -2.62
CA THR C 24 8.71 -7.70 -3.89
C THR C 24 7.91 -6.73 -4.76
N ASP C 25 7.60 -7.17 -5.98
CA ASP C 25 6.91 -6.33 -6.95
C ASP C 25 5.44 -6.72 -7.06
N PRO C 26 4.53 -5.84 -6.60
CA PRO C 26 3.09 -6.10 -6.52
C PRO C 26 2.45 -6.42 -7.87
N ARG C 27 3.19 -6.28 -8.95
CA ARG C 27 2.71 -6.67 -10.27
C ARG C 27 2.81 -8.18 -10.46
N ASP C 28 3.81 -8.77 -9.82
CA ASP C 28 3.98 -10.22 -9.83
C ASP C 28 2.80 -10.93 -9.18
N THR C 29 2.25 -10.29 -8.14
CA THR C 29 1.10 -10.83 -7.44
C THR C 29 -0.14 -10.81 -8.34
N GLU C 30 -0.29 -9.74 -9.11
CA GLU C 30 -1.42 -9.59 -10.01
C GLU C 30 -1.40 -10.64 -11.13
N LEU C 31 -0.20 -10.92 -11.64
CA LEU C 31 -0.08 -11.84 -12.76
C LEU C 31 0.02 -13.31 -12.34
N TYR C 32 0.56 -13.56 -11.15
CA TYR C 32 0.85 -14.93 -10.74
C TYR C 32 0.37 -15.27 -9.33
N LEU C 33 -0.41 -14.37 -8.74
CA LEU C 33 -1.05 -14.60 -7.44
C LEU C 33 -0.05 -14.79 -6.30
N GLY C 34 0.64 -15.94 -6.29
CA GLY C 34 1.61 -16.23 -5.25
C GLY C 34 1.92 -17.72 -5.21
N GLY C 35 2.54 -18.15 -4.12
CA GLY C 35 2.90 -19.55 -3.94
C GLY C 35 3.61 -20.15 -5.15
N LEU C 36 2.99 -21.15 -5.75
CA LEU C 36 3.55 -21.83 -6.91
C LEU C 36 3.69 -20.88 -8.11
N GLY C 37 2.77 -19.92 -8.19
CA GLY C 37 2.78 -18.95 -9.28
C GLY C 37 4.04 -18.11 -9.31
N THR C 38 4.28 -17.38 -8.23
CA THR C 38 5.45 -16.51 -8.15
C THR C 38 6.76 -17.30 -8.13
N ASN C 39 6.71 -18.53 -7.63
CA ASN C 39 7.89 -19.39 -7.63
C ASN C 39 8.34 -19.73 -9.05
N ALA C 40 7.38 -19.95 -9.93
CA ALA C 40 7.67 -20.26 -11.33
C ALA C 40 8.35 -19.07 -12.01
N LYS C 41 7.86 -17.87 -11.70
CA LYS C 41 8.43 -16.64 -12.23
C LYS C 41 9.90 -16.52 -11.81
N ILE C 42 10.17 -16.74 -10.53
CA ILE C 42 11.53 -16.66 -10.00
C ILE C 42 12.46 -17.69 -10.65
N LEU C 43 12.00 -18.92 -10.78
CA LEU C 43 12.81 -19.97 -11.40
C LEU C 43 13.06 -19.68 -12.87
N TRP C 44 12.04 -19.17 -13.56
CA TRP C 44 12.14 -18.89 -14.99
C TRP C 44 13.30 -17.96 -15.34
N ASP C 45 13.33 -16.78 -14.74
CA ASP C 45 14.31 -15.77 -15.11
C ASP C 45 15.53 -15.73 -14.19
N ARG C 46 15.79 -16.85 -13.51
CA ARG C 46 17.00 -16.94 -12.67
C ARG C 46 17.65 -18.31 -12.77
N VAL C 47 16.98 -19.26 -13.40
CA VAL C 47 17.52 -20.60 -13.53
C VAL C 47 17.44 -21.10 -14.97
N PRO C 48 18.40 -20.69 -15.81
CA PRO C 48 18.45 -21.09 -17.23
C PRO C 48 18.70 -22.59 -17.38
N PRO C 49 18.37 -23.13 -18.56
CA PRO C 49 18.41 -24.58 -18.84
C PRO C 49 19.81 -25.19 -18.75
N GLU C 50 20.85 -24.36 -18.83
CA GLU C 50 22.22 -24.87 -18.73
C GLU C 50 22.61 -25.19 -17.29
N VAL C 51 21.75 -24.82 -16.34
CA VAL C 51 22.02 -25.05 -14.93
C VAL C 51 21.64 -26.45 -14.49
N GLU C 52 22.55 -27.11 -13.80
CA GLU C 52 22.31 -28.46 -13.28
C GLU C 52 21.61 -28.43 -11.93
N PRO C 53 20.80 -29.46 -11.63
CA PRO C 53 20.07 -29.59 -10.37
C PRO C 53 21.00 -29.59 -9.16
N PHE C 54 22.20 -30.14 -9.32
CA PHE C 54 23.17 -30.17 -8.22
C PHE C 54 24.24 -29.10 -8.40
N SER C 55 23.98 -28.15 -9.30
CA SER C 55 24.81 -26.98 -9.46
C SER C 55 24.44 -25.93 -8.41
N PRO C 56 25.44 -25.17 -7.94
CA PRO C 56 25.18 -24.17 -6.90
C PRO C 56 24.26 -23.04 -7.39
N GLU C 57 24.13 -22.91 -8.71
CA GLU C 57 23.26 -21.89 -9.28
C GLU C 57 21.79 -22.28 -9.15
N ASN C 58 21.52 -23.57 -8.97
CA ASN C 58 20.15 -24.02 -8.78
C ASN C 58 19.55 -23.41 -7.52
N LEU C 59 18.27 -23.09 -7.58
CA LEU C 59 17.60 -22.43 -6.46
C LEU C 59 16.73 -23.40 -5.68
N LEU C 60 16.71 -23.22 -4.36
CA LEU C 60 15.74 -23.90 -3.52
C LEU C 60 14.86 -22.84 -2.86
N ILE C 61 13.57 -22.86 -3.18
CA ILE C 61 12.66 -21.85 -2.66
C ILE C 61 11.60 -22.45 -1.74
N PHE C 62 11.43 -21.84 -0.58
CA PHE C 62 10.33 -22.15 0.34
C PHE C 62 9.30 -21.03 0.30
N ALA C 63 8.18 -21.25 -0.37
CA ALA C 63 7.15 -20.21 -0.46
C ALA C 63 5.89 -20.56 0.34
N ALA C 64 5.38 -19.57 1.05
CA ALA C 64 4.08 -19.68 1.72
C ALA C 64 2.99 -19.06 0.83
N GLY C 65 1.85 -19.73 0.75
CA GLY C 65 0.76 -19.30 -0.10
C GLY C 65 0.27 -17.89 0.19
N LEU C 66 -0.49 -17.32 -0.74
CA LEU C 66 -0.94 -15.93 -0.62
C LEU C 66 -1.86 -15.72 0.59
N LEU C 67 -2.73 -16.69 0.87
CA LEU C 67 -3.68 -16.53 1.97
C LEU C 67 -3.35 -17.38 3.19
N CYS C 68 -2.07 -17.75 3.34
CA CYS C 68 -1.61 -18.39 4.58
C CYS C 68 -1.38 -17.35 5.66
N GLY C 69 -1.74 -17.69 6.90
CA GLY C 69 -1.60 -16.75 8.00
C GLY C 69 -2.81 -15.85 8.13
N THR C 70 -3.81 -16.09 7.29
CA THR C 70 -5.10 -15.42 7.41
C THR C 70 -6.11 -16.41 7.98
N PRO C 71 -7.26 -15.91 8.44
CA PRO C 71 -8.26 -16.77 9.10
C PRO C 71 -8.90 -17.81 8.20
N ALA C 72 -8.42 -17.94 6.96
CA ALA C 72 -9.00 -18.88 6.01
C ALA C 72 -8.75 -20.34 6.41
N THR C 73 -9.82 -21.11 6.54
CA THR C 73 -9.72 -22.50 6.97
C THR C 73 -8.96 -23.35 5.97
N GLY C 74 -8.00 -24.12 6.46
CA GLY C 74 -7.26 -25.07 5.64
C GLY C 74 -6.16 -24.49 4.78
N CYS C 75 -5.97 -23.17 4.86
CA CYS C 75 -4.95 -22.50 4.05
C CYS C 75 -3.65 -22.33 4.82
N ASN C 76 -2.67 -23.17 4.52
CA ASN C 76 -1.47 -23.27 5.34
C ASN C 76 -0.32 -23.97 4.61
N ARG C 77 -0.53 -24.27 3.33
CA ARG C 77 0.44 -25.03 2.54
C ARG C 77 1.71 -24.26 2.19
N THR C 78 2.85 -24.94 2.35
CA THR C 78 4.13 -24.44 1.87
C THR C 78 4.34 -24.93 0.45
N ILE C 79 5.02 -24.14 -0.38
CA ILE C 79 5.32 -24.55 -1.74
C ILE C 79 6.83 -24.52 -2.01
N VAL C 80 7.42 -25.70 -2.07
CA VAL C 80 8.85 -25.85 -2.33
C VAL C 80 9.09 -26.05 -3.82
N SER C 81 9.98 -25.25 -4.39
CA SER C 81 10.27 -25.37 -5.82
C SER C 81 11.76 -25.42 -6.09
N THR C 82 12.14 -26.22 -7.09
CA THR C 82 13.52 -26.37 -7.49
C THR C 82 13.58 -27.12 -8.81
N VAL C 83 14.78 -27.39 -9.30
CA VAL C 83 14.95 -28.24 -10.48
C VAL C 83 15.24 -29.66 -10.03
N SER C 84 14.40 -30.60 -10.44
CA SER C 84 14.50 -31.98 -9.97
C SER C 84 15.73 -32.70 -10.51
N PRO C 85 16.46 -33.38 -9.61
CA PRO C 85 17.62 -34.20 -9.97
C PRO C 85 17.24 -35.55 -10.57
N GLN C 86 15.96 -35.90 -10.49
CA GLN C 86 15.48 -37.17 -11.01
C GLN C 86 14.90 -37.03 -12.41
N THR C 87 14.19 -35.93 -12.65
CA THR C 87 13.49 -35.74 -13.93
C THR C 87 14.12 -34.67 -14.80
N LYS C 88 15.00 -33.87 -14.21
CA LYS C 88 15.65 -32.75 -14.92
C LYS C 88 14.63 -31.70 -15.33
N LEU C 89 13.41 -31.83 -14.83
CA LEU C 89 12.36 -30.86 -15.08
C LEU C 89 12.16 -29.99 -13.85
N MET C 90 11.14 -29.15 -13.86
CA MET C 90 10.81 -28.37 -12.67
C MET C 90 10.18 -29.28 -11.63
N ALA C 91 10.46 -28.99 -10.36
CA ALA C 91 9.84 -29.71 -9.27
C ALA C 91 9.22 -28.74 -8.29
N PHE C 92 7.91 -28.87 -8.09
CA PHE C 92 7.25 -28.19 -6.98
C PHE C 92 6.61 -29.24 -6.08
N SER C 93 6.68 -29.03 -4.78
CA SER C 93 6.15 -29.99 -3.80
C SER C 93 5.45 -29.26 -2.68
N MET C 94 4.25 -29.73 -2.33
CA MET C 94 3.46 -29.10 -1.28
C MET C 94 3.61 -29.79 0.06
N MET C 95 3.61 -28.98 1.11
CA MET C 95 3.71 -29.46 2.48
C MET C 95 2.68 -28.77 3.36
N GLY C 96 1.92 -29.55 4.11
CA GLY C 96 0.87 -29.00 4.96
C GLY C 96 1.39 -28.60 6.33
N GLY C 97 0.58 -28.87 7.36
CA GLY C 97 1.01 -28.61 8.72
C GLY C 97 0.94 -27.16 9.14
N PHE C 98 2.01 -26.69 9.78
CA PHE C 98 2.01 -25.39 10.43
C PHE C 98 3.16 -24.48 10.00
N TRP C 99 3.85 -24.84 8.93
CA TRP C 99 5.09 -24.14 8.57
C TRP C 99 4.86 -22.84 7.81
N ALA C 100 4.07 -22.91 6.75
CA ALA C 100 3.81 -21.72 5.92
C ALA C 100 3.25 -20.57 6.75
N PRO C 101 2.16 -20.80 7.48
CA PRO C 101 1.55 -19.75 8.31
C PRO C 101 2.56 -19.11 9.25
N GLU C 102 3.40 -19.92 9.87
CA GLU C 102 4.44 -19.44 10.77
C GLU C 102 5.38 -18.47 10.05
N LEU C 103 5.80 -18.82 8.85
CA LEU C 103 6.67 -17.96 8.04
C LEU C 103 5.99 -16.60 7.82
N LYS C 104 4.71 -16.64 7.46
CA LYS C 104 3.93 -15.41 7.27
C LYS C 104 3.91 -14.55 8.53
N TYR C 105 3.76 -15.18 9.69
CA TYR C 105 3.72 -14.45 10.95
C TYR C 105 5.09 -13.87 11.30
N ALA C 106 6.13 -14.40 10.67
CA ALA C 106 7.47 -13.87 10.86
C ALA C 106 7.69 -12.63 9.98
N GLY C 107 6.92 -12.54 8.90
CA GLY C 107 6.95 -11.38 8.03
C GLY C 107 7.56 -11.64 6.66
N TYR C 108 7.49 -12.88 6.20
CA TYR C 108 8.08 -13.25 4.91
C TYR C 108 7.13 -14.08 4.05
N ASP C 109 7.25 -13.92 2.74
CA ASP C 109 6.46 -14.66 1.77
C ASP C 109 7.24 -15.87 1.25
N LYS C 110 8.55 -15.72 1.11
CA LYS C 110 9.39 -16.81 0.60
C LYS C 110 10.79 -16.75 1.20
N ILE C 111 11.45 -17.91 1.18
CA ILE C 111 12.90 -17.99 1.39
C ILE C 111 13.50 -18.57 0.12
N ILE C 112 14.52 -17.91 -0.41
CA ILE C 112 15.16 -18.38 -1.64
C ILE C 112 16.63 -18.67 -1.41
N PHE C 113 17.00 -19.94 -1.47
CA PHE C 113 18.38 -20.36 -1.26
C PHE C 113 19.14 -20.53 -2.55
N ARG C 114 20.37 -20.03 -2.59
CA ARG C 114 21.27 -20.31 -3.69
C ARG C 114 22.66 -20.64 -3.13
N GLY C 115 23.48 -21.31 -3.94
CA GLY C 115 24.81 -21.68 -3.52
C GLY C 115 24.82 -22.89 -2.61
N LYS C 116 26.03 -23.29 -2.21
CA LYS C 116 26.20 -24.44 -1.34
C LYS C 116 27.00 -24.08 -0.10
N SER C 117 26.49 -24.45 1.07
CA SER C 117 27.25 -24.33 2.30
C SER C 117 28.25 -25.46 2.36
N PRO C 118 29.53 -25.14 2.63
CA PRO C 118 30.57 -26.17 2.69
C PRO C 118 30.36 -27.09 3.89
N GLU C 119 29.77 -26.55 4.94
CA GLU C 119 29.51 -27.31 6.16
C GLU C 119 28.01 -27.38 6.43
N LEU C 120 27.58 -28.47 7.07
CA LEU C 120 26.17 -28.68 7.38
C LEU C 120 25.63 -27.57 8.30
N VAL C 121 24.60 -26.86 7.84
CA VAL C 121 24.03 -25.75 8.59
C VAL C 121 22.51 -25.79 8.65
N TYR C 122 21.92 -24.84 9.37
CA TYR C 122 20.49 -24.61 9.31
C TYR C 122 20.15 -23.14 9.56
N LEU C 123 19.03 -22.68 9.01
CA LEU C 123 18.65 -21.28 9.10
C LEU C 123 17.64 -21.04 10.22
N TYR C 124 17.95 -20.09 11.10
CA TYR C 124 17.09 -19.78 12.24
C TYR C 124 16.41 -18.42 12.04
N ILE C 125 15.09 -18.43 11.88
CA ILE C 125 14.33 -17.20 11.72
C ILE C 125 13.39 -16.94 12.89
N ASN C 126 13.56 -15.78 13.53
CA ASN C 126 12.63 -15.34 14.58
C ASN C 126 12.26 -13.88 14.37
N ASN C 127 11.19 -13.66 13.61
CA ASN C 127 10.81 -12.30 13.18
C ASN C 127 11.90 -11.65 12.34
N ASP C 128 12.45 -10.54 12.83
CA ASP C 128 13.45 -9.79 12.10
C ASP C 128 14.85 -10.39 12.23
N LYS C 129 15.03 -11.27 13.22
CA LYS C 129 16.31 -11.93 13.42
C LYS C 129 16.44 -13.15 12.51
N VAL C 130 17.52 -13.18 11.72
CA VAL C 130 17.75 -14.28 10.79
C VAL C 130 19.23 -14.63 10.71
N GLU C 131 19.58 -15.83 11.15
CA GLU C 131 20.98 -16.22 11.20
C GLU C 131 21.24 -17.69 10.86
N ILE C 132 22.41 -17.95 10.29
CA ILE C 132 22.84 -19.29 9.93
C ILE C 132 23.60 -19.95 11.07
N ARG C 133 23.18 -21.16 11.44
CA ARG C 133 23.79 -21.88 12.56
C ARG C 133 24.54 -23.13 12.13
N ASP C 134 25.62 -23.44 12.83
CA ASP C 134 26.32 -24.70 12.64
C ASP C 134 25.42 -25.86 12.99
N ALA C 135 25.41 -26.90 12.15
CA ALA C 135 24.53 -28.03 12.35
C ALA C 135 25.25 -29.36 12.19
N SER C 136 26.56 -29.38 12.47
CA SER C 136 27.36 -30.58 12.32
C SER C 136 27.02 -31.63 13.39
N HIS C 137 26.52 -31.16 14.54
CA HIS C 137 26.13 -32.04 15.62
C HIS C 137 24.79 -32.71 15.33
N LEU C 138 24.21 -32.39 14.17
CA LEU C 138 22.93 -32.98 13.78
C LEU C 138 23.08 -33.94 12.61
N LYS C 139 24.31 -34.10 12.12
CA LYS C 139 24.59 -34.94 10.96
C LYS C 139 24.04 -36.35 11.11
N GLY C 140 23.22 -36.78 10.15
CA GLY C 140 22.72 -38.14 10.12
C GLY C 140 21.39 -38.33 10.82
N LYS C 141 21.08 -37.45 11.76
CA LYS C 141 19.83 -37.51 12.51
C LYS C 141 18.62 -37.46 11.59
N GLY C 142 17.51 -38.03 12.03
CA GLY C 142 16.28 -38.06 11.25
C GLY C 142 15.58 -36.71 11.24
N ALA C 143 14.66 -36.54 10.30
CA ALA C 143 13.95 -35.27 10.11
C ALA C 143 13.22 -34.81 11.38
N ILE C 144 12.38 -35.69 11.93
CA ILE C 144 11.62 -35.37 13.13
C ILE C 144 12.53 -35.20 14.34
N GLU C 145 13.45 -36.14 14.49
CA GLU C 145 14.43 -36.13 15.56
C GLU C 145 15.20 -34.81 15.57
N THR C 146 15.73 -34.44 14.41
CA THR C 146 16.45 -33.18 14.24
C THR C 146 15.65 -32.00 14.77
N ALA C 147 14.35 -32.01 14.53
CA ALA C 147 13.47 -30.91 14.93
C ALA C 147 13.48 -30.69 16.44
N GLU C 148 13.32 -31.77 17.19
CA GLU C 148 13.19 -31.67 18.65
C GLU C 148 14.47 -31.18 19.33
N ILE C 149 15.61 -31.68 18.88
CA ILE C 149 16.89 -31.24 19.44
C ILE C 149 17.11 -29.75 19.17
N ILE C 150 16.81 -29.33 17.95
CA ILE C 150 16.98 -27.93 17.56
C ILE C 150 16.13 -27.01 18.43
N LYS C 151 14.86 -27.37 18.61
CA LYS C 151 13.94 -26.53 19.39
C LYS C 151 14.39 -26.41 20.84
N LYS C 152 15.03 -27.45 21.36
CA LYS C 152 15.52 -27.42 22.74
C LYS C 152 16.81 -26.59 22.84
N GLU C 153 17.70 -26.74 21.86
CA GLU C 153 18.90 -25.91 21.78
C GLU C 153 18.55 -24.43 21.83
N LEU C 154 17.54 -24.04 21.06
CA LEU C 154 17.18 -22.63 20.90
C LEU C 154 16.21 -22.15 21.97
N ASN C 155 15.68 -23.08 22.76
CA ASN C 155 14.65 -22.76 23.73
C ASN C 155 13.44 -22.13 23.03
N GLU C 156 13.07 -22.73 21.90
CA GLU C 156 11.96 -22.26 21.09
C GLU C 156 10.97 -23.39 20.83
N PRO C 157 10.15 -23.72 21.83
CA PRO C 157 9.18 -24.82 21.73
C PRO C 157 8.06 -24.55 20.72
N ARG C 158 7.85 -23.28 20.39
CA ARG C 158 6.78 -22.92 19.46
C ARG C 158 7.33 -22.61 18.06
N ALA C 159 8.53 -23.09 17.79
CA ALA C 159 9.15 -22.92 16.48
C ALA C 159 8.72 -24.05 15.55
N GLN C 160 8.66 -23.75 14.25
CA GLN C 160 8.34 -24.75 13.25
C GLN C 160 9.60 -25.16 12.51
N VAL C 161 9.75 -26.46 12.26
CA VAL C 161 10.95 -26.97 11.64
C VAL C 161 10.65 -27.82 10.42
N ALA C 162 11.29 -27.47 9.31
CA ALA C 162 11.33 -28.36 8.15
C ALA C 162 12.76 -28.89 8.06
N ALA C 163 12.89 -30.20 7.99
CA ALA C 163 14.22 -30.79 8.04
C ALA C 163 14.38 -31.94 7.06
N ILE C 164 15.62 -32.22 6.69
CA ILE C 164 15.93 -33.37 5.86
C ILE C 164 16.41 -34.53 6.72
N GLY C 165 16.28 -35.74 6.20
CA GLY C 165 16.82 -36.90 6.86
C GLY C 165 18.15 -37.27 6.25
N LYS C 166 18.69 -38.43 6.63
CA LYS C 166 19.95 -38.90 6.05
C LYS C 166 19.82 -38.99 4.53
N ALA C 167 18.65 -39.40 4.07
CA ALA C 167 18.39 -39.57 2.64
C ALA C 167 18.61 -38.26 1.89
N GLY C 168 18.18 -37.15 2.49
CA GLY C 168 18.40 -35.84 1.91
C GLY C 168 19.86 -35.48 1.89
N GLU C 169 20.56 -35.80 2.98
CA GLU C 169 21.98 -35.50 3.08
C GLU C 169 22.80 -36.26 2.03
N ASN C 170 22.38 -37.49 1.75
CA ASN C 170 23.05 -38.32 0.75
C ASN C 170 22.43 -38.16 -0.63
N ARG C 171 21.61 -37.11 -0.77
CA ARG C 171 21.07 -36.71 -2.07
C ARG C 171 20.35 -37.82 -2.81
N VAL C 172 19.58 -38.62 -2.08
CA VAL C 172 18.71 -39.60 -2.71
C VAL C 172 17.72 -38.84 -3.58
N PHE C 173 17.49 -39.34 -4.80
CA PHE C 173 16.72 -38.61 -5.79
C PHE C 173 15.25 -38.45 -5.42
N TYR C 174 14.81 -39.16 -4.39
CA TYR C 174 13.44 -39.03 -3.91
C TYR C 174 13.45 -38.77 -2.40
N ALA C 175 14.48 -38.08 -1.95
CA ALA C 175 14.56 -37.60 -0.58
C ALA C 175 13.53 -36.50 -0.37
N SER C 176 12.93 -36.45 0.80
CA SER C 176 11.85 -35.51 1.08
C SER C 176 12.22 -34.54 2.20
N ILE C 177 11.31 -33.61 2.47
CA ILE C 177 11.46 -32.69 3.59
C ILE C 177 10.28 -32.89 4.55
N GLU C 178 10.59 -33.04 5.83
CA GLU C 178 9.58 -33.43 6.81
C GLU C 178 9.33 -32.35 7.88
N GLN C 179 8.07 -32.09 8.16
CA GLN C 179 7.68 -31.07 9.13
C GLN C 179 6.57 -31.59 10.05
N GLY C 180 6.94 -32.48 10.97
CA GLY C 180 5.97 -33.09 11.85
C GLY C 180 5.02 -34.00 11.09
N ARG C 181 3.76 -33.61 11.02
CA ARG C 181 2.76 -34.40 10.31
C ARG C 181 2.60 -33.96 8.85
N SER C 182 3.64 -33.35 8.30
CA SER C 182 3.59 -32.89 6.92
C SER C 182 4.94 -33.07 6.22
N SER C 183 4.91 -33.18 4.90
CA SER C 183 6.13 -33.39 4.14
C SER C 183 6.03 -32.97 2.67
N ALA C 184 7.06 -32.29 2.20
CA ALA C 184 7.29 -32.13 0.77
C ALA C 184 7.96 -33.41 0.29
N SER C 185 7.21 -34.21 -0.45
CA SER C 185 7.54 -35.62 -0.63
C SER C 185 8.17 -36.00 -1.97
N ARG C 186 7.71 -35.38 -3.04
CA ARG C 186 8.05 -35.83 -4.39
C ARG C 186 8.99 -34.88 -5.12
N GLY C 187 9.75 -35.43 -6.07
CA GLY C 187 10.59 -34.63 -6.93
C GLY C 187 12.06 -34.63 -6.61
N GLY C 188 12.38 -34.88 -5.33
CA GLY C 188 13.76 -34.90 -4.90
C GLY C 188 14.21 -33.56 -4.32
N ILE C 189 13.26 -32.82 -3.75
CA ILE C 189 13.58 -31.51 -3.19
C ILE C 189 14.52 -31.64 -2.00
N GLY C 190 14.39 -32.74 -1.25
CA GLY C 190 15.28 -33.01 -0.14
C GLY C 190 16.72 -33.14 -0.60
N ALA C 191 16.92 -33.71 -1.79
CA ALA C 191 18.24 -33.88 -2.38
C ALA C 191 18.94 -32.54 -2.58
N VAL C 192 18.24 -31.60 -3.21
CA VAL C 192 18.81 -30.28 -3.47
C VAL C 192 19.13 -29.57 -2.16
N MET C 193 18.26 -29.75 -1.17
CA MET C 193 18.46 -29.15 0.15
C MET C 193 19.71 -29.70 0.82
N GLY C 194 19.88 -31.02 0.77
CA GLY C 194 21.06 -31.67 1.32
C GLY C 194 22.30 -31.30 0.53
N ASP C 195 22.17 -31.27 -0.80
CA ASP C 195 23.25 -30.89 -1.69
C ASP C 195 23.79 -29.51 -1.33
N LYS C 196 22.89 -28.60 -0.98
CA LYS C 196 23.28 -27.26 -0.55
C LYS C 196 23.84 -27.29 0.86
N GLY C 197 23.71 -28.44 1.53
CA GLY C 197 24.20 -28.59 2.88
C GLY C 197 23.31 -27.88 3.87
N LEU C 198 22.01 -27.94 3.64
CA LEU C 198 21.03 -27.32 4.52
C LEU C 198 20.22 -28.38 5.25
N LYS C 199 20.48 -28.53 6.55
CA LYS C 199 19.86 -29.56 7.36
C LYS C 199 18.41 -29.23 7.71
N ALA C 200 18.13 -27.96 7.95
CA ALA C 200 16.78 -27.55 8.35
C ALA C 200 16.54 -26.05 8.19
N VAL C 201 15.26 -25.68 8.26
CA VAL C 201 14.87 -24.28 8.32
C VAL C 201 13.94 -24.10 9.52
N VAL C 202 14.43 -23.40 10.54
CA VAL C 202 13.64 -23.15 11.74
C VAL C 202 13.03 -21.75 11.67
N VAL C 203 11.76 -21.64 12.02
CA VAL C 203 11.07 -20.36 11.93
C VAL C 203 10.09 -20.12 13.07
N ARG C 204 10.23 -18.97 13.72
CA ARG C 204 9.28 -18.52 14.73
C ARG C 204 8.80 -17.11 14.39
N GLY C 205 7.48 -16.91 14.42
CA GLY C 205 6.91 -15.61 14.09
C GLY C 205 5.84 -15.15 15.06
N THR C 206 5.89 -13.88 15.44
CA THR C 206 4.89 -13.29 16.31
C THR C 206 4.48 -11.89 15.82
N LYS C 207 4.36 -11.75 14.50
CA LYS C 207 3.91 -10.49 13.90
C LYS C 207 2.50 -10.62 13.35
N ASP C 208 1.80 -9.48 13.27
CA ASP C 208 0.45 -9.46 12.73
C ASP C 208 0.45 -9.68 11.22
N LEU C 209 -0.58 -10.36 10.74
CA LEU C 209 -0.81 -10.49 9.30
C LEU C 209 -2.17 -9.88 8.98
N CYS C 210 -2.17 -8.85 8.12
CA CYS C 210 -3.38 -8.08 7.86
C CYS C 210 -4.11 -8.52 6.60
N VAL C 211 -5.42 -8.28 6.58
CA VAL C 211 -6.24 -8.46 5.40
C VAL C 211 -6.84 -7.12 4.98
N ALA C 212 -7.30 -7.02 3.73
CA ALA C 212 -7.76 -5.74 3.19
C ALA C 212 -9.19 -5.40 3.61
N LYS C 213 -10.12 -6.32 3.35
CA LYS C 213 -11.52 -6.11 3.71
C LYS C 213 -11.94 -7.09 4.80
N PRO C 214 -11.71 -6.72 6.07
CA PRO C 214 -11.86 -7.61 7.22
C PRO C 214 -13.25 -8.26 7.32
N GLU C 215 -14.27 -7.41 7.38
CA GLU C 215 -15.65 -7.86 7.56
C GLU C 215 -16.09 -8.80 6.45
N GLU C 216 -15.72 -8.48 5.22
CA GLU C 216 -16.10 -9.29 4.07
C GLU C 216 -15.33 -10.60 4.02
N TYR C 217 -14.09 -10.59 4.49
CA TYR C 217 -13.25 -11.78 4.45
C TYR C 217 -13.68 -12.80 5.50
N ILE C 218 -13.90 -12.34 6.72
CA ILE C 218 -14.32 -13.24 7.79
C ILE C 218 -15.72 -13.77 7.49
N GLY C 219 -16.52 -12.97 6.78
CA GLY C 219 -17.82 -13.40 6.33
C GLY C 219 -17.69 -14.57 5.36
N LEU C 220 -16.66 -14.51 4.52
CA LEU C 220 -16.37 -15.59 3.58
C LEU C 220 -15.85 -16.82 4.32
N CYS C 221 -15.08 -16.60 5.37
CA CYS C 221 -14.57 -17.68 6.19
C CYS C 221 -15.72 -18.42 6.88
N ASN C 222 -16.69 -17.66 7.38
CA ASN C 222 -17.85 -18.26 8.04
C ASN C 222 -18.71 -19.04 7.06
N GLU C 223 -18.67 -18.62 5.79
CA GLU C 223 -19.42 -19.30 4.74
C GLU C 223 -18.88 -20.70 4.48
N VAL C 224 -17.56 -20.85 4.61
CA VAL C 224 -16.90 -22.14 4.40
C VAL C 224 -17.12 -23.10 5.56
N LEU C 225 -16.94 -22.60 6.78
CA LEU C 225 -17.12 -23.42 7.98
C LEU C 225 -18.55 -23.96 8.07
N ASP C 226 -19.50 -23.23 7.49
CA ASP C 226 -20.87 -23.69 7.41
C ASP C 226 -21.00 -24.82 6.39
N TYR C 227 -20.40 -24.63 5.22
CA TYR C 227 -20.47 -25.61 4.15
C TYR C 227 -19.83 -26.92 4.58
N ILE C 228 -18.80 -26.83 5.41
CA ILE C 228 -18.12 -28.01 5.91
C ILE C 228 -19.02 -28.81 6.86
N LYS C 229 -19.75 -28.09 7.72
CA LYS C 229 -20.69 -28.74 8.63
C LYS C 229 -21.75 -29.52 7.85
N HIS C 230 -22.22 -28.92 6.78
CA HIS C 230 -23.29 -29.50 5.97
C HIS C 230 -22.78 -30.62 5.08
N ARG C 231 -21.55 -30.48 4.60
CA ARG C 231 -20.95 -31.48 3.73
C ARG C 231 -20.69 -32.78 4.48
N GLU C 232 -20.32 -32.66 5.75
CA GLU C 232 -19.99 -33.82 6.57
C GLU C 232 -21.24 -34.59 6.99
N GLU C 233 -22.38 -33.92 6.98
CA GLU C 233 -23.65 -34.56 7.31
C GLU C 233 -24.30 -35.11 6.05
N ASN C 234 -23.66 -34.90 4.91
CA ASN C 234 -24.18 -35.37 3.63
C ASN C 234 -23.08 -35.85 2.71
N PRO C 235 -22.48 -37.01 3.03
CA PRO C 235 -21.46 -37.59 2.15
C PRO C 235 -22.05 -38.00 0.81
N ILE C 236 -21.25 -37.96 -0.25
CA ILE C 236 -21.71 -38.33 -1.58
C ILE C 236 -22.16 -39.79 -1.61
N PRO C 237 -23.46 -40.01 -1.86
CA PRO C 237 -24.09 -41.34 -1.87
C PRO C 237 -23.36 -42.37 -2.73
N ASP C 238 -23.29 -43.61 -2.23
CA ASP C 238 -22.74 -44.73 -2.98
C ASP C 238 -21.26 -44.56 -3.31
N VAL C 239 -20.55 -43.78 -2.50
CA VAL C 239 -19.11 -43.65 -2.62
C VAL C 239 -18.43 -44.13 -1.34
N MET C 240 -17.33 -44.86 -1.48
CA MET C 240 -16.63 -45.38 -0.31
C MET C 240 -16.16 -44.25 0.58
N PRO C 241 -16.18 -44.47 1.91
CA PRO C 241 -15.93 -43.48 2.96
C PRO C 241 -14.71 -42.59 2.73
N ILE C 242 -13.59 -43.17 2.29
CA ILE C 242 -12.35 -42.43 2.15
C ILE C 242 -12.45 -41.35 1.07
N LEU C 243 -13.38 -41.52 0.14
CA LEU C 243 -13.52 -40.58 -0.97
C LEU C 243 -14.96 -40.08 -1.13
N ALA C 244 -15.66 -39.97 -0.01
CA ALA C 244 -17.05 -39.50 -0.04
C ALA C 244 -17.22 -38.22 0.77
N GLY C 245 -16.14 -37.73 1.34
CA GLY C 245 -16.17 -36.51 2.14
C GLY C 245 -15.00 -35.59 1.87
N LEU C 246 -14.93 -34.50 2.62
CA LEU C 246 -13.86 -33.52 2.45
C LEU C 246 -12.54 -33.98 3.05
N GLY C 247 -11.49 -33.19 2.84
CA GLY C 247 -10.16 -33.50 3.34
C GLY C 247 -9.40 -34.41 2.40
N SER C 248 -8.12 -34.66 2.72
CA SER C 248 -7.34 -35.65 1.98
C SER C 248 -7.93 -37.02 2.26
N PRO C 249 -7.65 -38.00 1.39
CA PRO C 249 -8.16 -39.37 1.56
C PRO C 249 -8.03 -39.85 3.00
N GLN C 250 -9.17 -40.13 3.62
CA GLN C 250 -9.25 -40.35 5.06
C GLN C 250 -8.86 -41.77 5.48
N GLU C 251 -7.79 -42.30 4.90
CA GLU C 251 -7.39 -43.68 5.15
C GLU C 251 -7.01 -43.94 6.59
N MET C 252 -6.70 -42.89 7.34
CA MET C 252 -6.35 -43.04 8.75
C MET C 252 -7.59 -43.20 9.60
N LYS C 253 -8.75 -42.94 9.02
CA LYS C 253 -10.02 -43.10 9.71
C LYS C 253 -10.71 -44.40 9.31
N VAL C 254 -10.71 -44.67 8.01
CA VAL C 254 -11.41 -45.83 7.47
C VAL C 254 -10.47 -47.03 7.32
N HIS C 255 -10.73 -48.08 8.09
CA HIS C 255 -9.94 -49.30 8.02
C HIS C 255 -10.21 -50.04 6.72
N ASP C 256 -11.42 -49.88 6.19
CA ASP C 256 -11.83 -50.58 4.98
C ASP C 256 -11.03 -50.13 3.76
N GLU C 257 -10.16 -51.01 3.29
CA GLU C 257 -9.36 -50.73 2.11
C GLU C 257 -9.60 -51.79 1.02
N LYS C 258 -10.86 -52.17 0.86
CA LYS C 258 -11.24 -53.18 -0.13
C LYS C 258 -10.99 -52.67 -1.56
N TRP C 259 -11.26 -51.40 -1.78
CA TRP C 259 -11.08 -50.78 -3.08
C TRP C 259 -9.60 -50.77 -3.47
N HIS C 260 -8.75 -50.36 -2.54
CA HIS C 260 -7.32 -50.23 -2.79
C HIS C 260 -6.62 -51.57 -3.03
N THR C 261 -6.84 -52.52 -2.12
CA THR C 261 -6.14 -53.80 -2.18
C THR C 261 -6.57 -54.68 -3.35
N GLU C 262 -7.77 -54.45 -3.87
CA GLU C 262 -8.31 -55.31 -4.92
C GLU C 262 -8.24 -54.67 -6.31
N ASN C 263 -7.86 -53.40 -6.37
CA ASN C 263 -7.81 -52.69 -7.65
C ASN C 263 -6.43 -52.13 -7.97
N PHE C 264 -5.58 -52.05 -6.95
CA PHE C 264 -4.22 -51.56 -7.14
C PHE C 264 -3.24 -52.74 -7.22
N ASN C 265 -2.21 -52.58 -8.03
CA ASN C 265 -1.23 -53.66 -8.22
C ASN C 265 -0.22 -53.75 -7.09
N TRP C 266 -0.22 -54.89 -6.42
CA TRP C 266 0.77 -55.17 -5.37
C TRP C 266 2.15 -55.34 -6.00
N GLY C 267 3.19 -55.31 -5.17
CA GLY C 267 4.55 -55.45 -5.66
C GLY C 267 4.98 -54.29 -6.52
N ASN C 268 5.70 -54.59 -7.59
CA ASN C 268 6.20 -53.57 -8.51
C ASN C 268 5.13 -53.15 -9.52
N ALA C 269 3.98 -52.70 -9.02
CA ALA C 269 2.83 -52.41 -9.88
C ALA C 269 2.55 -53.62 -10.74
N ARG C 270 2.69 -54.80 -10.13
CA ARG C 270 2.73 -56.06 -10.86
C ARG C 270 1.48 -56.91 -10.66
N THR C 271 1.17 -57.19 -9.41
CA THR C 271 0.15 -58.19 -9.08
C THR C 271 -1.18 -57.58 -8.68
N ARG C 272 -2.23 -57.95 -9.39
CA ARG C 272 -3.60 -57.59 -9.00
C ARG C 272 -4.19 -58.71 -8.17
N ARG C 273 -4.63 -58.38 -6.96
CA ARG C 273 -5.23 -59.37 -6.06
C ARG C 273 -6.71 -59.08 -5.89
N LYS C 274 -7.52 -59.66 -6.78
CA LYS C 274 -8.95 -59.37 -6.86
C LYS C 274 -9.73 -59.72 -5.59
N ASP C 275 -9.32 -60.79 -4.92
CA ASP C 275 -10.05 -61.26 -3.74
C ASP C 275 -9.17 -61.29 -2.50
N PHE C 276 -8.41 -60.21 -2.29
CA PHE C 276 -7.51 -60.13 -1.14
C PHE C 276 -8.21 -59.73 0.14
N TRP C 277 -9.19 -58.82 0.02
CA TRP C 277 -9.88 -58.31 1.19
C TRP C 277 -10.85 -59.33 1.77
N THR C 278 -10.35 -60.17 2.67
CA THR C 278 -11.16 -61.18 3.33
C THR C 278 -11.63 -60.70 4.70
N ASP C 279 -12.37 -61.56 5.40
CA ASP C 279 -12.77 -61.28 6.77
C ASP C 279 -11.56 -61.31 7.70
N GLU C 280 -10.71 -62.31 7.50
CA GLU C 280 -9.53 -62.50 8.34
C GLU C 280 -8.50 -61.38 8.14
N VAL C 281 -8.40 -60.87 6.92
CA VAL C 281 -7.50 -59.77 6.63
C VAL C 281 -8.02 -58.47 7.24
N SER C 282 -9.32 -58.23 7.08
CA SER C 282 -9.94 -56.99 7.55
C SER C 282 -9.86 -56.84 9.07
N HIS C 283 -10.16 -57.92 9.79
CA HIS C 283 -10.08 -57.91 11.24
C HIS C 283 -8.66 -57.67 11.73
N ALA C 284 -7.69 -58.28 11.04
CA ALA C 284 -6.29 -58.14 11.41
C ALA C 284 -5.80 -56.72 11.20
N TRP C 285 -6.09 -56.15 10.03
CA TRP C 285 -5.68 -54.79 9.71
C TRP C 285 -6.41 -53.79 10.61
N GLU C 286 -7.64 -54.11 10.98
CA GLU C 286 -8.42 -53.26 11.86
C GLU C 286 -7.81 -53.22 13.26
N LYS C 287 -7.39 -54.38 13.73
CA LYS C 287 -6.79 -54.51 15.05
C LYS C 287 -5.47 -53.76 15.12
N THR C 288 -4.64 -53.92 14.09
CA THR C 288 -3.36 -53.23 14.02
C THR C 288 -3.54 -51.72 14.00
N MET C 289 -4.48 -51.25 13.20
CA MET C 289 -4.73 -49.82 13.05
C MET C 289 -5.28 -49.20 14.33
N ASP C 290 -6.18 -49.92 15.00
CA ASP C 290 -6.78 -49.42 16.23
C ASP C 290 -5.75 -49.27 17.35
N LYS C 291 -4.77 -50.16 17.40
CA LYS C 291 -3.75 -50.11 18.43
C LYS C 291 -2.66 -49.09 18.10
N ALA C 292 -2.43 -48.88 16.81
CA ALA C 292 -1.35 -48.00 16.36
C ALA C 292 -1.75 -46.53 16.38
N ARG C 293 -2.96 -46.25 15.92
CA ARG C 293 -3.45 -44.88 15.81
C ARG C 293 -3.66 -44.23 17.18
N THR C 294 -2.77 -43.31 17.53
CA THR C 294 -2.82 -42.65 18.83
C THR C 294 -3.87 -41.54 18.87
N ARG C 295 -3.92 -40.73 17.82
CA ARG C 295 -4.91 -39.67 17.71
C ARG C 295 -4.97 -39.15 16.27
N LEU C 296 -6.16 -38.72 15.87
CA LEU C 296 -6.35 -38.08 14.58
C LEU C 296 -6.08 -36.58 14.72
N ILE C 297 -5.05 -36.09 14.05
CA ILE C 297 -4.64 -34.69 14.18
C ILE C 297 -4.83 -33.90 12.90
N SER C 298 -4.94 -32.58 13.03
CA SER C 298 -5.18 -31.70 11.90
C SER C 298 -3.97 -30.83 11.56
N CYS C 299 -4.09 -30.07 10.47
CA CYS C 299 -3.13 -29.01 10.17
C CYS C 299 -3.63 -27.72 10.80
N TYR C 300 -2.90 -26.64 10.58
CA TYR C 300 -3.29 -25.33 11.09
C TYR C 300 -4.63 -24.89 10.50
N ASN C 301 -5.54 -24.45 11.38
CA ASN C 301 -6.80 -23.85 10.99
C ASN C 301 -7.74 -24.75 10.18
N CYS C 302 -7.65 -26.07 10.39
CA CYS C 302 -8.59 -27.00 9.76
C CYS C 302 -9.09 -28.05 10.75
N PRO C 303 -10.38 -28.40 10.65
CA PRO C 303 -11.05 -29.35 11.54
C PRO C 303 -11.15 -30.77 11.00
N MET C 304 -10.55 -31.06 9.86
CA MET C 304 -10.74 -32.36 9.20
C MET C 304 -9.91 -33.49 9.80
N LYS C 305 -8.83 -33.13 10.49
CA LYS C 305 -7.89 -34.09 11.08
C LYS C 305 -7.63 -35.33 10.22
N CYS C 306 -6.96 -35.12 9.08
CA CYS C 306 -6.66 -36.20 8.15
C CYS C 306 -5.49 -37.05 8.64
N GLY C 307 -4.65 -36.47 9.50
CA GLY C 307 -3.46 -37.15 9.97
C GLY C 307 -3.69 -37.99 11.22
N ALA C 308 -2.74 -38.87 11.49
CA ALA C 308 -2.78 -39.69 12.69
C ALA C 308 -1.38 -39.93 13.22
N THR C 309 -1.19 -39.69 14.50
CA THR C 309 0.05 -40.05 15.18
C THR C 309 0.10 -41.57 15.28
N ILE C 310 1.22 -42.16 14.85
CA ILE C 310 1.36 -43.61 14.84
C ILE C 310 2.36 -44.08 15.87
N SER C 311 1.94 -45.02 16.71
CA SER C 311 2.81 -45.56 17.75
C SER C 311 2.88 -47.08 17.69
N MET C 312 3.96 -47.59 17.11
CA MET C 312 4.20 -49.03 17.05
C MET C 312 5.09 -49.44 18.22
N GLU C 313 4.88 -50.65 18.73
CA GLU C 313 5.61 -51.12 19.90
C GLU C 313 7.12 -51.14 19.66
N GLY C 314 7.86 -50.39 20.49
CA GLY C 314 9.30 -50.34 20.39
C GLY C 314 9.85 -49.28 19.45
N LEU C 315 8.95 -48.58 18.76
CA LEU C 315 9.36 -47.56 17.81
C LEU C 315 8.95 -46.16 18.26
N PRO C 316 9.70 -45.14 17.85
CA PRO C 316 9.32 -43.75 18.14
C PRO C 316 8.01 -43.39 17.44
N THR C 317 7.43 -42.24 17.80
CA THR C 317 6.16 -41.82 17.20
C THR C 317 6.40 -40.97 15.95
N TYR C 318 5.63 -41.25 14.91
CA TYR C 318 5.64 -40.43 13.69
C TYR C 318 4.21 -40.13 13.25
N MET C 319 4.07 -39.21 12.32
CA MET C 319 2.75 -38.87 11.79
C MET C 319 2.60 -39.38 10.36
N MET C 320 1.36 -39.75 10.00
CA MET C 320 1.08 -40.31 8.68
C MET C 320 -0.29 -39.90 8.17
N LYS C 321 -0.42 -39.78 6.85
CA LYS C 321 -1.72 -39.57 6.23
C LYS C 321 -1.77 -40.25 4.87
N CYS C 322 -2.98 -40.37 4.34
CA CYS C 322 -3.18 -40.76 2.95
C CYS C 322 -2.68 -42.17 2.62
N PHE C 323 -1.88 -42.28 1.56
CA PHE C 323 -1.68 -43.56 0.89
C PHE C 323 -0.38 -44.29 1.24
N THR C 324 0.56 -43.64 1.93
CA THR C 324 1.77 -44.33 2.35
C THR C 324 1.41 -45.46 3.32
N LYS C 325 0.19 -45.38 3.86
CA LYS C 325 -0.35 -46.41 4.73
C LYS C 325 -0.41 -47.76 4.03
N LEU C 326 -0.37 -47.76 2.71
CA LEU C 326 -0.52 -49.00 1.94
C LEU C 326 0.66 -49.31 1.02
N THR C 327 1.43 -48.29 0.67
CA THR C 327 2.48 -48.45 -0.36
C THR C 327 3.54 -49.49 0.02
N TYR C 328 4.18 -49.31 1.16
CA TYR C 328 5.20 -50.26 1.61
C TYR C 328 4.60 -51.65 1.81
N THR C 329 3.34 -51.68 2.23
CA THR C 329 2.64 -52.94 2.45
C THR C 329 2.40 -53.71 1.15
N MET C 330 1.85 -53.02 0.15
CA MET C 330 1.50 -53.68 -1.11
C MET C 330 2.71 -54.07 -1.93
N ALA C 331 3.77 -53.26 -1.86
CA ALA C 331 4.97 -53.49 -2.64
C ALA C 331 5.70 -54.75 -2.18
N ALA C 332 5.51 -55.12 -0.92
CA ALA C 332 6.22 -56.26 -0.35
C ALA C 332 5.30 -57.47 -0.17
N TYR C 333 4.06 -57.34 -0.62
CA TYR C 333 3.06 -58.40 -0.45
C TYR C 333 2.93 -58.78 1.02
N SER C 334 2.96 -57.77 1.89
CA SER C 334 2.97 -58.00 3.33
C SER C 334 1.62 -57.66 3.97
N ASP C 335 1.65 -57.22 5.22
CA ASP C 335 0.45 -56.78 5.91
C ASP C 335 0.60 -55.34 6.39
N LEU C 336 -0.34 -54.88 7.22
CA LEU C 336 -0.36 -53.49 7.64
C LEU C 336 0.62 -53.20 8.77
N ASP C 337 0.91 -54.22 9.57
CA ASP C 337 1.86 -54.09 10.67
C ASP C 337 3.24 -53.71 10.16
N PHE C 338 3.72 -54.45 9.17
CA PHE C 338 5.01 -54.15 8.54
C PHE C 338 5.01 -52.75 7.94
N GLY C 339 3.95 -52.43 7.21
CA GLY C 339 3.83 -51.16 6.54
C GLY C 339 4.05 -49.98 7.47
N LEU C 340 3.36 -50.01 8.60
CA LEU C 340 3.44 -48.94 9.59
C LEU C 340 4.81 -48.85 10.23
N ARG C 341 5.48 -49.99 10.35
CA ARG C 341 6.80 -50.06 10.98
C ARG C 341 7.88 -49.45 10.09
N ILE C 342 7.99 -49.96 8.87
CA ILE C 342 9.01 -49.51 7.94
C ILE C 342 8.77 -48.06 7.52
N ALA C 343 7.51 -47.66 7.45
CA ALA C 343 7.17 -46.29 7.07
C ALA C 343 7.62 -45.30 8.13
N GLN C 344 7.89 -45.80 9.33
CA GLN C 344 8.44 -44.96 10.39
C GLN C 344 9.91 -44.67 10.10
N LYS C 345 10.64 -45.72 9.71
CA LYS C 345 12.03 -45.57 9.31
C LYS C 345 12.15 -44.64 8.10
N ALA C 346 11.30 -44.88 7.12
CA ALA C 346 11.32 -44.15 5.86
C ALA C 346 11.03 -42.67 6.05
N THR C 347 10.06 -42.35 6.92
CA THR C 347 9.72 -40.97 7.20
C THR C 347 10.87 -40.25 7.88
N GLU C 348 11.46 -40.88 8.89
CA GLU C 348 12.60 -40.31 9.60
C GLU C 348 13.82 -40.15 8.70
N TYR C 349 14.00 -41.10 7.79
CA TYR C 349 15.08 -41.04 6.79
C TYR C 349 14.81 -39.90 5.79
N GLY C 350 13.53 -39.58 5.60
CA GLY C 350 13.15 -38.52 4.67
C GLY C 350 13.06 -39.02 3.25
N LEU C 351 12.15 -39.95 3.01
CA LEU C 351 12.00 -40.55 1.69
C LEU C 351 10.56 -40.48 1.21
N ASP C 352 10.39 -40.43 -0.11
CA ASP C 352 9.08 -40.38 -0.73
C ASP C 352 8.39 -41.74 -0.65
N GLY C 353 7.14 -41.72 -0.18
CA GLY C 353 6.39 -42.95 0.06
C GLY C 353 5.84 -43.66 -1.16
N PHE C 354 5.88 -43.00 -2.32
CA PHE C 354 5.41 -43.63 -3.56
C PHE C 354 6.54 -44.38 -4.25
N SER C 355 7.70 -43.75 -4.32
CA SER C 355 8.82 -44.27 -5.10
C SER C 355 9.65 -45.33 -4.37
N ALA C 356 9.93 -45.07 -3.10
CA ALA C 356 10.74 -45.99 -2.29
C ALA C 356 10.22 -47.43 -2.38
N PRO C 357 8.94 -47.64 -2.06
CA PRO C 357 8.35 -48.97 -2.13
C PRO C 357 8.43 -49.59 -3.52
N GLN C 358 8.21 -48.77 -4.55
CA GLN C 358 8.27 -49.26 -5.92
C GLN C 358 9.71 -49.57 -6.32
N VAL C 359 10.64 -48.72 -5.90
CA VAL C 359 12.05 -48.95 -6.18
C VAL C 359 12.53 -50.25 -5.56
N MET C 360 12.28 -50.42 -4.27
CA MET C 360 12.66 -51.64 -3.57
C MET C 360 11.97 -52.86 -4.16
N ALA C 361 10.72 -52.67 -4.59
CA ALA C 361 9.95 -53.76 -5.20
C ALA C 361 10.54 -54.12 -6.55
N PHE C 362 11.00 -53.09 -7.26
CA PHE C 362 11.59 -53.26 -8.59
C PHE C 362 12.91 -54.01 -8.52
N ALA C 363 13.70 -53.74 -7.47
CA ALA C 363 14.98 -54.39 -7.29
C ALA C 363 14.83 -55.89 -7.10
N PHE C 364 13.83 -56.29 -6.31
CA PHE C 364 13.62 -57.69 -5.99
C PHE C 364 13.07 -58.49 -7.19
N GLU C 365 12.45 -57.78 -8.13
CA GLU C 365 12.06 -58.43 -9.38
C GLU C 365 13.29 -58.72 -10.21
N LEU C 366 14.25 -57.79 -10.19
CA LEU C 366 15.50 -57.96 -10.92
C LEU C 366 16.34 -59.08 -10.30
N LEU C 367 16.20 -59.26 -8.99
CA LEU C 367 16.90 -60.33 -8.30
C LEU C 367 16.21 -61.67 -8.59
N GLU C 368 14.89 -61.63 -8.66
CA GLU C 368 14.09 -62.82 -8.93
C GLU C 368 14.23 -63.28 -10.38
N LYS C 369 14.42 -62.33 -11.28
CA LYS C 369 14.51 -62.61 -12.71
C LYS C 369 15.90 -63.11 -13.10
N GLY C 370 16.93 -62.50 -12.51
CA GLY C 370 18.30 -62.90 -12.79
C GLY C 370 19.19 -61.74 -13.18
N ILE C 371 18.57 -60.60 -13.48
CA ILE C 371 19.32 -59.40 -13.85
C ILE C 371 20.19 -58.93 -12.69
N LEU C 372 19.69 -59.09 -11.48
CA LEU C 372 20.46 -58.81 -10.27
C LEU C 372 20.81 -60.12 -9.57
N LYS C 373 22.01 -60.19 -9.01
CA LYS C 373 22.47 -61.39 -8.34
C LYS C 373 22.46 -61.22 -6.83
N ASP C 374 22.55 -62.33 -6.10
CA ASP C 374 22.71 -62.28 -4.65
C ASP C 374 24.01 -61.57 -4.30
N SER C 375 24.95 -61.57 -5.24
CA SER C 375 26.22 -60.89 -5.06
C SER C 375 26.02 -59.38 -4.90
N ASP C 376 24.93 -58.87 -5.46
CA ASP C 376 24.62 -57.45 -5.38
C ASP C 376 24.03 -57.08 -4.02
N PHE C 377 23.58 -58.09 -3.28
CA PHE C 377 22.99 -57.86 -1.96
C PHE C 377 23.70 -58.65 -0.88
N PRO C 378 24.94 -58.27 -0.56
CA PRO C 378 25.68 -58.97 0.50
C PRO C 378 25.02 -58.76 1.86
N GLY C 379 24.93 -59.83 2.65
CA GLY C 379 24.31 -59.74 3.97
C GLY C 379 22.80 -59.69 3.89
N LEU C 380 22.25 -60.10 2.74
CA LEU C 380 20.81 -60.10 2.53
C LEU C 380 20.11 -61.14 3.39
N PRO C 381 19.23 -60.67 4.30
CA PRO C 381 18.41 -61.56 5.14
C PRO C 381 17.55 -62.50 4.30
N GLU C 382 17.03 -63.55 4.93
CA GLU C 382 16.20 -64.53 4.22
C GLU C 382 14.75 -64.08 4.12
N GLY C 383 14.28 -63.34 5.11
CA GLY C 383 12.88 -62.96 5.20
C GLY C 383 12.50 -61.78 4.34
N ASN C 384 11.32 -61.87 3.73
CA ASN C 384 10.78 -60.80 2.90
C ASN C 384 10.77 -59.45 3.62
N GLU C 385 10.19 -59.44 4.82
CA GLU C 385 10.12 -58.22 5.63
C GLU C 385 11.51 -57.70 5.98
N GLU C 386 12.40 -58.62 6.35
CA GLU C 386 13.74 -58.25 6.80
C GLU C 386 14.59 -57.77 5.63
N ARG C 387 14.24 -58.21 4.43
CA ARG C 387 14.94 -57.78 3.22
C ARG C 387 14.63 -56.32 2.90
N PHE C 388 13.36 -55.94 3.05
CA PHE C 388 12.95 -54.57 2.77
C PHE C 388 13.61 -53.58 3.72
N PHE C 389 13.72 -53.97 4.99
CA PHE C 389 14.42 -53.14 5.97
C PHE C 389 15.89 -53.00 5.60
N TYR C 390 16.44 -54.08 5.05
CA TYR C 390 17.85 -54.13 4.67
C TYR C 390 18.12 -53.22 3.47
N LEU C 391 17.28 -53.33 2.45
CA LEU C 391 17.46 -52.54 1.23
C LEU C 391 17.16 -51.07 1.47
N LEU C 392 16.33 -50.78 2.48
CA LEU C 392 16.03 -49.41 2.85
C LEU C 392 17.27 -48.72 3.40
N ASP C 393 18.01 -49.45 4.23
CA ASP C 393 19.27 -48.95 4.78
C ASP C 393 20.30 -48.73 3.68
N LYS C 394 20.37 -49.65 2.73
CA LYS C 394 21.36 -49.57 1.65
C LYS C 394 21.10 -48.35 0.77
N ILE C 395 19.83 -48.02 0.55
CA ILE C 395 19.47 -46.88 -0.29
C ILE C 395 19.78 -45.54 0.35
N VAL C 396 19.36 -45.36 1.60
CA VAL C 396 19.57 -44.10 2.31
C VAL C 396 21.05 -43.78 2.49
N ASN C 397 21.89 -44.80 2.55
CA ASN C 397 23.32 -44.60 2.68
C ASN C 397 24.03 -44.55 1.34
N ARG C 398 23.30 -44.84 0.27
CA ARG C 398 23.89 -44.97 -1.07
C ARG C 398 25.02 -46.00 -1.03
N ASP C 399 24.77 -47.10 -0.33
CA ASP C 399 25.76 -48.14 -0.12
C ASP C 399 25.56 -49.31 -1.08
N GLY C 400 26.56 -49.57 -1.92
CA GLY C 400 26.51 -50.70 -2.84
C GLY C 400 25.48 -50.54 -3.94
N ILE C 401 24.56 -51.49 -4.01
CA ILE C 401 23.46 -51.43 -4.96
C ILE C 401 22.47 -50.35 -4.55
N GLY C 402 22.65 -49.83 -3.34
CA GLY C 402 21.83 -48.75 -2.83
C GLY C 402 22.18 -47.43 -3.47
N ASP C 403 23.34 -47.39 -4.12
CA ASP C 403 23.78 -46.18 -4.83
C ASP C 403 23.02 -46.06 -6.15
N ILE C 404 22.92 -47.17 -6.85
CA ILE C 404 22.18 -47.26 -8.11
C ILE C 404 20.68 -47.03 -7.89
N LEU C 405 20.12 -47.73 -6.92
CA LEU C 405 18.68 -47.67 -6.67
C LEU C 405 18.25 -46.31 -6.10
N ALA C 406 19.20 -45.57 -5.55
CA ALA C 406 18.90 -44.26 -4.97
C ALA C 406 18.59 -43.22 -6.05
N ASN C 407 18.85 -43.58 -7.30
CA ASN C 407 18.62 -42.67 -8.43
C ASN C 407 17.23 -42.82 -9.05
N GLY C 408 16.44 -43.76 -8.52
CA GLY C 408 15.11 -44.01 -9.03
C GLY C 408 15.09 -45.23 -9.94
N THR C 409 13.90 -45.63 -10.36
CA THR C 409 13.73 -46.79 -11.22
C THR C 409 14.22 -46.53 -12.65
N TYR C 410 14.02 -45.33 -13.15
CA TYR C 410 14.42 -45.00 -14.52
C TYR C 410 15.93 -45.10 -14.70
N TRP C 411 16.67 -44.38 -13.86
CA TRP C 411 18.13 -44.35 -13.97
C TRP C 411 18.78 -45.63 -13.45
N ALA C 412 18.11 -46.30 -12.53
CA ALA C 412 18.62 -47.58 -12.00
C ALA C 412 18.67 -48.61 -13.12
N ALA C 413 17.58 -48.73 -13.86
CA ALA C 413 17.49 -49.67 -14.97
C ALA C 413 18.43 -49.27 -16.11
N GLN C 414 18.62 -47.97 -16.25
CA GLN C 414 19.54 -47.44 -17.25
C GLN C 414 20.97 -47.88 -16.96
N GLU C 415 21.33 -47.86 -15.69
CA GLU C 415 22.68 -48.18 -15.25
C GLU C 415 22.88 -49.68 -15.06
N ILE C 416 21.82 -50.37 -14.62
CA ILE C 416 21.88 -51.81 -14.42
C ILE C 416 21.94 -52.55 -15.75
N GLY C 417 21.15 -52.09 -16.72
CA GLY C 417 21.13 -52.68 -18.04
C GLY C 417 20.70 -54.14 -18.05
N ASN C 418 21.14 -54.88 -19.05
CA ASN C 418 20.80 -56.30 -19.19
C ASN C 418 19.30 -56.54 -19.22
N GLY C 419 18.55 -55.60 -19.78
CA GLY C 419 17.12 -55.74 -19.93
C GLY C 419 16.32 -55.26 -18.74
N ALA C 420 16.98 -54.54 -17.83
CA ALA C 420 16.33 -54.03 -16.64
C ALA C 420 15.32 -52.95 -16.97
N GLU C 421 15.45 -52.36 -18.16
CA GLU C 421 14.52 -51.32 -18.61
C GLU C 421 13.09 -51.81 -18.65
N ASP C 422 12.90 -53.08 -18.98
CA ASP C 422 11.58 -53.67 -19.12
C ASP C 422 10.81 -53.65 -17.79
N TYR C 423 11.54 -53.69 -16.69
CA TYR C 423 10.93 -53.75 -15.36
C TYR C 423 10.78 -52.35 -14.76
N ALA C 424 11.28 -51.35 -15.47
CA ALA C 424 11.00 -49.96 -15.12
C ALA C 424 9.80 -49.50 -15.92
N HIS C 425 8.71 -50.26 -15.80
CA HIS C 425 7.54 -50.12 -16.65
C HIS C 425 6.50 -49.14 -16.12
N ASN C 426 6.74 -48.55 -14.96
CA ASN C 426 5.75 -47.71 -14.32
C ASN C 426 6.21 -46.25 -14.21
N ASN C 427 6.81 -45.76 -15.30
CA ASN C 427 7.37 -44.41 -15.29
C ASN C 427 6.68 -43.44 -16.25
N ILE C 428 6.71 -42.16 -15.88
CA ILE C 428 6.39 -41.07 -16.78
C ILE C 428 7.41 -39.97 -16.56
N LYS C 429 8.27 -39.76 -17.55
CA LYS C 429 9.30 -38.74 -17.46
C LYS C 429 10.27 -39.05 -16.32
N LYS C 430 10.66 -40.31 -16.22
CA LYS C 430 11.62 -40.76 -15.21
C LYS C 430 11.07 -40.61 -13.80
N HIS C 431 9.76 -40.64 -13.66
CA HIS C 431 9.12 -40.45 -12.37
C HIS C 431 8.09 -41.55 -12.10
N GLU C 432 8.28 -42.28 -11.01
CA GLU C 432 7.42 -43.42 -10.67
C GLU C 432 5.98 -43.00 -10.44
N GLN C 433 5.05 -43.77 -11.02
CA GLN C 433 3.62 -43.47 -10.91
C GLN C 433 2.92 -44.42 -9.95
N LEU C 434 1.66 -44.13 -9.65
CA LEU C 434 0.83 -45.01 -8.82
C LEU C 434 0.71 -46.39 -9.44
N PRO C 435 0.76 -47.44 -8.60
CA PRO C 435 0.63 -48.82 -9.07
C PRO C 435 -0.78 -49.12 -9.58
N LEU C 436 -1.11 -48.61 -10.75
CA LEU C 436 -2.43 -48.81 -11.36
C LEU C 436 -2.31 -49.37 -12.77
N LYS C 437 -2.77 -50.60 -12.95
CA LYS C 437 -2.75 -51.24 -14.27
C LYS C 437 -4.15 -51.73 -14.64
N LEU C 438 -5.00 -50.80 -15.05
CA LEU C 438 -6.40 -51.11 -15.33
C LEU C 438 -6.57 -51.83 -16.65
N SER C 439 -7.83 -52.12 -17.01
CA SER C 439 -8.14 -52.89 -18.20
C SER C 439 -8.55 -52.00 -19.37
N MET C 440 -9.60 -51.21 -19.18
CA MET C 440 -10.11 -50.34 -20.23
C MET C 440 -9.50 -48.94 -20.16
N LEU C 441 -9.21 -48.37 -21.33
CA LEU C 441 -8.62 -47.04 -21.41
C LEU C 441 -9.53 -45.97 -20.85
N ASN C 442 -9.01 -45.18 -19.92
CA ASN C 442 -9.72 -44.00 -19.44
C ASN C 442 -9.20 -42.76 -20.16
N PRO C 443 -10.07 -42.16 -21.00
CA PRO C 443 -9.70 -40.99 -21.81
C PRO C 443 -9.36 -39.78 -20.94
N ILE C 444 -10.10 -39.60 -19.85
CA ILE C 444 -9.87 -38.50 -18.94
C ILE C 444 -8.52 -38.60 -18.25
N TYR C 445 -8.23 -39.78 -17.70
CA TYR C 445 -7.00 -39.98 -16.96
C TYR C 445 -5.78 -40.12 -17.86
N TYR C 446 -5.99 -40.58 -19.09
CA TYR C 446 -4.93 -40.64 -20.09
C TYR C 446 -4.33 -39.25 -20.30
N LEU C 447 -5.18 -38.26 -20.53
CA LEU C 447 -4.73 -36.89 -20.76
C LEU C 447 -4.02 -36.32 -19.55
N MET C 448 -4.42 -36.75 -18.35
CA MET C 448 -3.82 -36.24 -17.13
C MET C 448 -2.45 -36.88 -16.88
N TYR C 449 -2.33 -38.17 -17.22
CA TYR C 449 -1.07 -38.87 -17.07
C TYR C 449 0.01 -38.30 -17.98
N CYS C 450 -0.40 -37.63 -19.05
CA CYS C 450 0.53 -37.18 -20.07
C CYS C 450 1.01 -35.74 -19.87
N THR C 451 0.16 -34.90 -19.29
CA THR C 451 0.43 -33.46 -19.28
C THR C 451 0.75 -32.87 -17.91
N GLY C 452 0.21 -33.47 -16.86
CA GLY C 452 0.40 -32.98 -15.50
C GLY C 452 1.86 -32.70 -15.17
N GLU C 453 2.13 -31.47 -14.73
CA GLU C 453 3.50 -31.03 -14.47
C GLU C 453 4.02 -31.57 -13.13
N LYS C 454 3.10 -31.97 -12.26
CA LYS C 454 3.49 -32.62 -11.02
C LYS C 454 3.87 -34.07 -11.33
N ILE C 455 3.36 -34.56 -12.45
CA ILE C 455 3.62 -35.92 -12.92
C ILE C 455 3.09 -36.96 -11.93
N ASN C 456 2.18 -36.52 -11.07
CA ASN C 456 1.51 -37.40 -10.12
C ASN C 456 -0.01 -37.29 -10.23
N ILE C 457 -0.64 -38.37 -10.66
CA ILE C 457 -2.06 -38.39 -10.99
C ILE C 457 -2.98 -37.94 -9.85
N THR C 458 -2.56 -38.15 -8.60
CA THR C 458 -3.41 -37.83 -7.46
C THR C 458 -3.39 -36.34 -7.11
N GLN C 459 -2.52 -35.59 -7.78
CA GLN C 459 -2.42 -34.14 -7.53
C GLN C 459 -2.82 -33.34 -8.77
N ILE C 460 -3.79 -33.86 -9.51
CA ILE C 460 -4.37 -33.15 -10.66
C ILE C 460 -5.85 -33.51 -10.82
N GLU C 461 -6.22 -34.67 -10.27
CA GLU C 461 -7.60 -35.14 -10.30
C GLU C 461 -8.43 -34.46 -9.21
N GLY C 462 -9.74 -34.71 -9.21
CA GLY C 462 -10.58 -34.25 -8.11
C GLY C 462 -12.02 -33.91 -8.45
N GLN C 463 -12.24 -32.73 -9.00
CA GLN C 463 -13.57 -32.14 -9.12
C GLN C 463 -14.59 -33.00 -9.88
N PHE C 464 -14.13 -33.73 -10.89
CA PHE C 464 -15.04 -34.59 -11.64
C PHE C 464 -15.00 -36.02 -11.10
N PRO C 465 -16.15 -36.69 -11.08
CA PRO C 465 -16.26 -38.09 -10.61
C PRO C 465 -15.39 -39.05 -11.41
N GLN C 466 -14.80 -40.01 -10.72
CA GLN C 466 -13.92 -41.00 -11.35
C GLN C 466 -14.72 -42.05 -12.11
N ALA C 467 -15.93 -42.32 -11.63
CA ALA C 467 -16.80 -43.31 -12.26
C ALA C 467 -18.22 -42.78 -12.40
N PRO C 468 -18.98 -43.34 -13.35
CA PRO C 468 -20.39 -42.99 -13.54
C PRO C 468 -21.30 -43.72 -12.54
N TYR C 469 -22.56 -43.28 -12.48
CA TYR C 469 -23.55 -43.98 -11.67
C TYR C 469 -24.32 -44.99 -12.53
N PRO C 470 -24.70 -46.12 -11.94
CA PRO C 470 -25.54 -47.11 -12.63
C PRO C 470 -26.92 -46.57 -12.97
N LYS C 471 -27.49 -45.78 -12.05
CA LYS C 471 -28.83 -45.24 -12.21
C LYS C 471 -28.80 -43.78 -12.61
N LEU C 472 -29.84 -43.33 -13.29
CA LEU C 472 -29.95 -41.93 -13.67
C LEU C 472 -30.35 -41.07 -12.47
N GLU C 473 -31.20 -41.64 -11.62
CA GLU C 473 -31.67 -40.94 -10.43
C GLU C 473 -30.50 -40.50 -9.55
N GLN C 474 -29.46 -41.31 -9.51
CA GLN C 474 -28.26 -40.99 -8.74
C GLN C 474 -27.53 -39.80 -9.36
N ARG C 475 -27.47 -39.78 -10.69
CA ARG C 475 -26.81 -38.71 -11.42
C ARG C 475 -27.57 -37.40 -11.27
N GLU C 476 -28.88 -37.46 -11.42
CA GLU C 476 -29.74 -36.29 -11.27
C GLU C 476 -29.62 -35.71 -9.87
N ALA C 477 -29.52 -36.60 -8.88
CA ALA C 477 -29.41 -36.20 -7.48
C ALA C 477 -28.10 -35.48 -7.21
N PHE C 478 -27.02 -35.98 -7.80
CA PHE C 478 -25.70 -35.42 -7.56
C PHE C 478 -25.55 -34.02 -8.17
N VAL C 479 -26.04 -33.87 -9.40
CA VAL C 479 -25.83 -32.63 -10.15
C VAL C 479 -26.85 -31.54 -9.79
N GLU C 480 -27.81 -31.89 -8.94
CA GLU C 480 -28.81 -30.93 -8.48
C GLU C 480 -28.17 -29.77 -7.73
N ASP C 481 -27.28 -30.09 -6.80
CA ASP C 481 -26.64 -29.09 -5.95
C ASP C 481 -25.14 -28.94 -6.26
N TRP C 482 -24.78 -29.09 -7.54
CA TRP C 482 -23.38 -29.07 -7.94
C TRP C 482 -22.93 -27.66 -8.33
N ILE C 483 -22.86 -26.78 -7.35
CA ILE C 483 -22.61 -25.36 -7.59
C ILE C 483 -21.19 -25.04 -8.06
N GLN C 484 -20.27 -25.99 -7.87
CA GLN C 484 -18.85 -25.71 -8.11
C GLN C 484 -18.44 -25.77 -9.58
N VAL C 485 -19.32 -26.27 -10.44
CA VAL C 485 -18.98 -26.37 -11.87
C VAL C 485 -18.86 -24.97 -12.48
N PRO C 486 -17.90 -24.80 -13.41
CA PRO C 486 -17.67 -23.51 -14.07
C PRO C 486 -18.73 -23.25 -15.14
N ASP C 487 -19.42 -24.29 -15.56
CA ASP C 487 -20.44 -24.19 -16.60
C ASP C 487 -21.46 -25.31 -16.44
N GLU C 488 -22.66 -25.09 -16.97
CA GLU C 488 -23.73 -26.09 -16.87
C GLU C 488 -23.42 -27.35 -17.66
N LYS C 489 -22.59 -27.22 -18.69
CA LYS C 489 -22.29 -28.34 -19.58
C LYS C 489 -21.68 -29.53 -18.84
N PHE C 490 -21.03 -29.27 -17.71
CA PHE C 490 -20.47 -30.35 -16.91
C PHE C 490 -21.56 -31.20 -16.29
N LYS C 491 -22.68 -30.57 -15.92
CA LYS C 491 -23.82 -31.28 -15.36
C LYS C 491 -24.41 -32.24 -16.38
N LYS C 492 -24.48 -31.80 -17.63
CA LYS C 492 -25.04 -32.63 -18.70
C LYS C 492 -24.13 -33.80 -19.04
N ILE C 493 -22.82 -33.60 -18.86
CA ILE C 493 -21.85 -34.66 -19.13
C ILE C 493 -22.03 -35.85 -18.19
N PHE C 494 -22.16 -35.54 -16.90
CA PHE C 494 -22.25 -36.59 -15.89
C PHE C 494 -23.55 -37.37 -15.99
N LEU C 495 -24.62 -36.71 -16.43
CA LEU C 495 -25.91 -37.36 -16.59
C LEU C 495 -25.92 -38.37 -17.73
N GLU C 496 -25.22 -38.03 -18.83
CA GLU C 496 -25.16 -38.90 -19.99
C GLU C 496 -24.23 -40.08 -19.77
N TRP C 497 -23.28 -39.91 -18.85
CA TRP C 497 -22.25 -40.93 -18.63
C TRP C 497 -22.81 -42.21 -18.05
N GLU C 498 -22.50 -43.33 -18.68
CA GLU C 498 -22.91 -44.64 -18.20
C GLU C 498 -21.71 -45.59 -18.11
N PRO C 499 -21.78 -46.55 -17.18
CA PRO C 499 -20.72 -47.55 -17.06
C PRO C 499 -20.68 -48.48 -18.26
N ARG C 500 -21.84 -48.75 -18.85
CA ARG C 500 -21.94 -49.61 -20.02
C ARG C 500 -22.84 -49.00 -21.08
N GLY C 501 -22.57 -49.33 -22.34
CA GLY C 501 -23.40 -48.88 -23.44
C GLY C 501 -22.72 -47.89 -24.36
N GLU C 502 -23.54 -47.19 -25.16
CA GLU C 502 -23.04 -46.22 -26.12
C GLU C 502 -22.40 -45.01 -25.44
N LYS C 503 -22.74 -44.80 -24.18
CA LYS C 503 -22.27 -43.64 -23.43
C LYS C 503 -21.20 -44.01 -22.40
N SER C 504 -20.47 -45.08 -22.67
CA SER C 504 -19.43 -45.54 -21.76
C SER C 504 -18.04 -45.40 -22.37
N MET C 505 -17.01 -45.36 -21.52
CA MET C 505 -15.64 -45.24 -21.99
C MET C 505 -15.25 -46.42 -22.86
N PRO C 506 -14.26 -46.22 -23.74
CA PRO C 506 -13.51 -44.96 -23.88
C PRO C 506 -14.17 -43.93 -24.81
N ASN C 507 -15.23 -44.33 -25.50
CA ASN C 507 -15.84 -43.48 -26.50
C ASN C 507 -16.63 -42.31 -25.91
N PHE C 508 -17.07 -42.45 -24.66
CA PHE C 508 -17.74 -41.36 -23.97
C PHE C 508 -17.16 -41.19 -22.56
N PRO C 509 -16.98 -39.95 -22.12
CA PRO C 509 -17.30 -38.71 -22.84
C PRO C 509 -16.44 -38.51 -24.08
N THR C 510 -16.87 -37.60 -24.96
CA THR C 510 -16.13 -37.30 -26.19
C THR C 510 -14.79 -36.65 -25.88
N VAL C 511 -13.99 -36.45 -26.93
CA VAL C 511 -12.66 -35.87 -26.77
C VAL C 511 -12.73 -34.45 -26.20
N ASP C 512 -13.60 -33.63 -26.77
CA ASP C 512 -13.77 -32.26 -26.31
C ASP C 512 -14.24 -32.23 -24.87
N MET C 513 -15.14 -33.14 -24.52
CA MET C 513 -15.64 -33.26 -23.15
C MET C 513 -14.51 -33.59 -22.19
N CYS C 514 -13.68 -34.56 -22.56
CA CYS C 514 -12.56 -34.98 -21.73
C CYS C 514 -11.58 -33.83 -21.49
N CYS C 515 -11.38 -33.00 -22.51
CA CYS C 515 -10.46 -31.89 -22.40
C CYS C 515 -10.95 -30.84 -21.41
N ASP C 516 -12.23 -30.47 -21.51
CA ASP C 516 -12.80 -29.49 -20.62
C ASP C 516 -12.76 -29.96 -19.16
N ILE C 517 -12.84 -31.27 -18.97
CA ILE C 517 -12.83 -31.85 -17.63
C ILE C 517 -11.44 -31.81 -17.00
N VAL C 518 -10.42 -32.19 -17.78
CA VAL C 518 -9.05 -32.16 -17.30
C VAL C 518 -8.59 -30.73 -17.05
N ASP C 519 -9.05 -29.81 -17.89
CA ASP C 519 -8.71 -28.41 -17.76
C ASP C 519 -9.23 -27.84 -16.44
N TRP C 520 -10.51 -28.08 -16.17
CA TRP C 520 -11.13 -27.64 -14.92
C TRP C 520 -10.40 -28.21 -13.72
N GLN C 521 -10.21 -29.53 -13.70
CA GLN C 521 -9.57 -30.21 -12.59
C GLN C 521 -8.16 -29.68 -12.34
N GLU C 522 -7.40 -29.49 -13.41
CA GLU C 522 -6.05 -28.97 -13.29
C GLU C 522 -6.04 -27.52 -12.79
N MET C 523 -6.96 -26.72 -13.32
CA MET C 523 -7.05 -25.31 -12.94
C MET C 523 -7.25 -25.12 -11.44
N MET C 524 -8.13 -25.94 -10.87
CA MET C 524 -8.43 -25.84 -9.43
C MET C 524 -7.20 -26.12 -8.57
N HIS C 525 -6.36 -27.06 -9.02
CA HIS C 525 -5.16 -27.40 -8.26
C HIS C 525 -4.16 -26.25 -8.24
N TYR C 526 -4.00 -25.57 -9.38
CA TYR C 526 -3.01 -24.50 -9.48
C TYR C 526 -3.43 -23.27 -8.67
N ILE C 527 -4.74 -23.06 -8.53
CA ILE C 527 -5.24 -22.00 -7.68
C ILE C 527 -4.92 -22.31 -6.22
N ASP C 528 -5.06 -23.58 -5.86
CA ASP C 528 -4.76 -24.02 -4.50
C ASP C 528 -3.27 -23.86 -4.18
N ASP C 529 -2.42 -24.28 -5.12
CA ASP C 529 -0.97 -24.27 -4.90
C ASP C 529 -0.39 -22.86 -4.97
N ALA C 530 -1.19 -21.90 -5.43
CA ALA C 530 -0.77 -20.50 -5.47
C ALA C 530 -1.26 -19.78 -4.22
N LEU C 531 -2.49 -20.08 -3.83
CA LEU C 531 -3.10 -19.47 -2.63
C LEU C 531 -2.58 -20.10 -1.34
N GLY C 532 -2.22 -21.38 -1.40
CA GLY C 532 -1.75 -22.09 -0.23
C GLY C 532 -2.86 -22.90 0.42
N GLN C 533 -4.02 -22.91 -0.24
CA GLN C 533 -5.17 -23.66 0.27
C GLN C 533 -4.94 -25.16 0.12
N CYS C 534 -5.38 -25.92 1.12
CA CYS C 534 -5.28 -27.37 1.06
C CYS C 534 -6.30 -27.94 0.10
N ALA C 535 -5.84 -28.85 -0.76
CA ALA C 535 -6.70 -29.46 -1.78
C ALA C 535 -7.83 -30.26 -1.15
N GLY C 536 -7.62 -30.70 0.08
CA GLY C 536 -8.62 -31.48 0.79
C GLY C 536 -9.89 -30.70 1.07
N LEU C 537 -9.82 -29.39 0.86
CA LEU C 537 -10.99 -28.53 0.99
C LEU C 537 -11.34 -27.90 -0.36
N SER C 538 -10.56 -28.25 -1.38
CA SER C 538 -10.76 -27.66 -2.70
C SER C 538 -10.63 -28.68 -3.83
N SER C 539 -9.51 -28.65 -4.53
CA SER C 539 -9.36 -29.36 -5.80
C SER C 539 -9.45 -30.89 -5.71
N PHE C 540 -9.35 -31.46 -4.51
CA PHE C 540 -9.31 -32.92 -4.40
C PHE C 540 -10.68 -33.59 -4.32
N PRO C 541 -11.54 -33.16 -3.38
CA PRO C 541 -12.81 -33.86 -3.15
C PRO C 541 -13.97 -33.30 -3.98
N LEU C 542 -14.98 -34.14 -4.19
CA LEU C 542 -16.20 -33.73 -4.89
C LEU C 542 -16.98 -32.71 -4.06
N LYS C 543 -17.42 -31.64 -4.72
CA LYS C 543 -18.23 -30.62 -4.07
C LYS C 543 -17.56 -30.02 -2.84
N PRO C 544 -16.43 -29.32 -3.05
CA PRO C 544 -15.67 -28.69 -1.96
C PRO C 544 -16.21 -27.30 -1.60
N PRO C 545 -15.90 -26.84 -0.37
CA PRO C 545 -16.28 -25.50 0.08
C PRO C 545 -15.67 -24.39 -0.77
N TYR C 546 -14.37 -24.47 -1.03
CA TYR C 546 -13.72 -23.54 -1.94
C TYR C 546 -13.95 -23.96 -3.38
N HIS C 547 -14.19 -22.99 -4.26
CA HIS C 547 -14.42 -23.28 -5.67
C HIS C 547 -14.19 -22.05 -6.56
N ILE C 548 -14.44 -22.21 -7.85
CA ILE C 548 -14.09 -21.19 -8.85
C ILE C 548 -14.96 -19.93 -8.77
N HIS C 549 -16.08 -20.01 -8.06
CA HIS C 549 -17.01 -18.88 -8.00
C HIS C 549 -16.76 -17.99 -6.78
N ASN C 550 -16.31 -18.59 -5.68
CA ASN C 550 -16.08 -17.82 -4.46
C ASN C 550 -14.60 -17.53 -4.22
N TYR C 551 -13.73 -18.16 -5.00
CA TYR C 551 -12.29 -17.97 -4.84
C TYR C 551 -11.84 -16.54 -5.15
N PRO C 552 -12.41 -15.91 -6.18
CA PRO C 552 -12.10 -14.50 -6.47
C PRO C 552 -12.43 -13.56 -5.31
N LYS C 553 -13.55 -13.82 -4.64
CA LYS C 553 -13.98 -13.02 -3.50
C LYS C 553 -12.95 -13.06 -2.37
N PHE C 554 -12.44 -14.26 -2.08
CA PHE C 554 -11.37 -14.42 -1.09
C PHE C 554 -10.13 -13.61 -1.47
N ILE C 555 -9.71 -13.75 -2.73
CA ILE C 555 -8.51 -13.09 -3.22
C ILE C 555 -8.63 -11.57 -3.18
N ALA C 556 -9.84 -11.07 -3.46
CA ALA C 556 -10.10 -9.64 -3.40
C ALA C 556 -10.10 -9.15 -1.95
N ALA C 557 -10.95 -9.75 -1.12
CA ALA C 557 -11.07 -9.35 0.28
C ALA C 557 -9.78 -9.61 1.05
N GLY C 558 -9.04 -10.64 0.64
CA GLY C 558 -7.82 -11.00 1.33
C GLY C 558 -6.63 -10.12 0.99
N ALA C 559 -6.30 -10.04 -0.30
CA ALA C 559 -5.09 -9.35 -0.74
C ALA C 559 -5.35 -7.89 -1.16
N GLY C 560 -6.61 -7.55 -1.42
CA GLY C 560 -6.96 -6.18 -1.73
C GLY C 560 -6.70 -5.79 -3.18
N ILE C 561 -6.76 -6.78 -4.08
CA ILE C 561 -6.59 -6.52 -5.50
C ILE C 561 -7.87 -6.90 -6.24
N GLU C 562 -8.02 -6.43 -7.48
CA GLU C 562 -9.20 -6.79 -8.26
C GLU C 562 -9.11 -8.24 -8.72
N MET C 563 -10.25 -8.91 -8.75
CA MET C 563 -10.30 -10.31 -9.17
C MET C 563 -11.74 -10.73 -9.43
N ASP C 564 -11.90 -11.64 -10.39
CA ASP C 564 -13.20 -12.22 -10.70
C ASP C 564 -12.97 -13.55 -11.40
N THR C 565 -14.04 -14.32 -11.61
CA THR C 565 -13.92 -15.67 -12.12
C THR C 565 -13.08 -15.78 -13.39
N GLU C 566 -13.33 -14.90 -14.35
CA GLU C 566 -12.62 -14.95 -15.63
C GLU C 566 -11.16 -14.53 -15.50
N LYS C 567 -10.90 -13.51 -14.68
CA LYS C 567 -9.54 -13.04 -14.46
C LYS C 567 -8.74 -14.12 -13.74
N LEU C 568 -9.35 -14.70 -12.71
CA LEU C 568 -8.72 -15.78 -11.95
C LEU C 568 -8.41 -16.98 -12.83
N LYS C 569 -9.38 -17.37 -13.67
CA LYS C 569 -9.18 -18.44 -14.63
C LYS C 569 -7.95 -18.19 -15.48
N LYS C 570 -7.86 -16.98 -16.05
CA LYS C 570 -6.74 -16.62 -16.91
C LYS C 570 -5.45 -16.51 -16.11
N ALA C 571 -5.57 -16.06 -14.86
CA ALA C 571 -4.43 -15.93 -13.97
C ALA C 571 -3.80 -17.29 -13.69
N ALA C 572 -4.66 -18.31 -13.54
CA ALA C 572 -4.19 -19.67 -13.36
C ALA C 572 -3.63 -20.22 -14.65
N LYS C 573 -4.21 -19.80 -15.78
CA LYS C 573 -3.74 -20.22 -17.08
C LYS C 573 -2.38 -19.60 -17.39
N ARG C 574 -2.16 -18.41 -16.83
CA ARG C 574 -0.91 -17.68 -17.07
C ARG C 574 0.30 -18.44 -16.51
N TYR C 575 0.25 -18.85 -15.25
CA TYR C 575 1.42 -19.47 -14.65
C TYR C 575 1.43 -21.00 -14.74
N ARG C 576 0.36 -21.58 -15.28
CA ARG C 576 0.39 -22.99 -15.63
C ARG C 576 1.15 -23.14 -16.95
N THR C 577 0.98 -22.15 -17.81
CA THR C 577 1.70 -22.06 -19.06
C THR C 577 3.17 -21.73 -18.81
N LEU C 578 3.41 -20.87 -17.82
CA LEU C 578 4.76 -20.52 -17.42
C LEU C 578 5.53 -21.78 -16.96
N VAL C 579 4.88 -22.61 -16.16
CA VAL C 579 5.50 -23.87 -15.72
C VAL C 579 5.72 -24.77 -16.92
N ARG C 580 4.74 -24.79 -17.82
CA ARG C 580 4.85 -25.51 -19.07
C ARG C 580 6.04 -25.00 -19.88
N ALA C 581 6.25 -23.69 -19.86
CA ALA C 581 7.30 -23.07 -20.64
C ALA C 581 8.67 -23.36 -20.03
N PHE C 582 8.72 -23.52 -18.71
CA PHE C 582 9.97 -23.80 -18.02
C PHE C 582 10.49 -25.18 -18.38
N ASN C 583 9.59 -26.12 -18.58
CA ASN C 583 9.98 -27.50 -18.89
C ASN C 583 10.27 -27.70 -20.37
N ILE C 584 9.63 -26.88 -21.21
CA ILE C 584 9.93 -26.89 -22.64
C ILE C 584 11.34 -26.38 -22.88
N ARG C 585 11.72 -25.35 -22.13
CA ARG C 585 13.05 -24.79 -22.22
C ARG C 585 14.09 -25.78 -21.70
N ARG C 586 13.66 -26.70 -20.85
CA ARG C 586 14.55 -27.72 -20.33
C ARG C 586 14.51 -28.99 -21.19
N GLY C 587 13.83 -28.92 -22.32
CA GLY C 587 13.90 -29.97 -23.32
C GLY C 587 12.69 -30.87 -23.47
N MET C 588 11.64 -30.60 -22.69
CA MET C 588 10.46 -31.48 -22.73
C MET C 588 9.67 -31.29 -24.02
N ARG C 589 9.25 -32.41 -24.60
CA ARG C 589 8.45 -32.38 -25.82
C ARG C 589 7.32 -33.41 -25.73
N ARG C 590 6.47 -33.41 -26.75
CA ARG C 590 5.33 -34.33 -26.83
C ARG C 590 5.75 -35.78 -26.62
N VAL C 591 6.95 -36.11 -27.11
CA VAL C 591 7.47 -37.46 -27.03
C VAL C 591 7.53 -37.97 -25.59
N ASP C 592 7.85 -37.07 -24.66
CA ASP C 592 7.95 -37.42 -23.25
C ASP C 592 6.58 -37.56 -22.61
N GLU C 593 5.55 -37.07 -23.30
CA GLU C 593 4.20 -37.07 -22.76
C GLU C 593 3.43 -38.33 -23.15
N GLN C 594 3.88 -39.46 -22.61
CA GLN C 594 3.22 -40.73 -22.86
C GLN C 594 3.18 -41.55 -21.57
N PRO C 595 2.05 -42.24 -21.34
CA PRO C 595 1.91 -43.14 -20.19
C PRO C 595 2.74 -44.41 -20.39
N PRO C 596 2.87 -45.24 -19.35
CA PRO C 596 3.51 -46.54 -19.49
C PRO C 596 2.82 -47.38 -20.58
N ALA C 597 3.59 -48.16 -21.31
CA ALA C 597 3.06 -48.94 -22.43
C ALA C 597 1.94 -49.88 -22.00
N ASN C 598 2.01 -50.35 -20.76
CA ASN C 598 1.04 -51.32 -20.25
C ASN C 598 0.11 -50.72 -19.20
N HIS C 599 -0.12 -49.41 -19.27
CA HIS C 599 -0.97 -48.73 -18.31
C HIS C 599 -2.43 -49.13 -18.49
N TRP C 600 -2.78 -49.51 -19.71
CA TRP C 600 -4.11 -50.03 -20.01
C TRP C 600 -4.00 -51.23 -20.94
N LYS C 601 -4.78 -52.28 -20.67
CA LYS C 601 -4.77 -53.47 -21.50
C LYS C 601 -5.36 -53.17 -22.87
N ASN C 602 -6.48 -52.45 -22.88
CA ASN C 602 -7.12 -52.04 -24.12
C ASN C 602 -6.68 -50.64 -24.53
N ARG C 603 -6.01 -50.54 -25.68
CA ARG C 603 -5.51 -49.26 -26.15
C ARG C 603 -6.15 -48.88 -27.49
N PHE C 604 -6.18 -47.57 -27.77
CA PHE C 604 -6.73 -47.08 -29.03
C PHE C 604 -5.88 -45.93 -29.55
N PRO C 605 -4.81 -46.29 -30.29
CA PRO C 605 -3.79 -45.39 -30.83
C PRO C 605 -4.37 -44.15 -31.53
N GLU C 606 -5.46 -44.33 -32.26
CA GLU C 606 -6.06 -43.23 -33.02
C GLU C 606 -6.81 -42.28 -32.09
N LEU C 607 -7.53 -42.83 -31.13
CA LEU C 607 -8.25 -42.03 -30.16
C LEU C 607 -7.28 -41.30 -29.23
N GLU C 608 -6.20 -41.97 -28.88
CA GLU C 608 -5.18 -41.38 -28.03
C GLU C 608 -4.52 -40.18 -28.69
N LYS C 609 -4.32 -40.27 -30.00
CA LYS C 609 -3.72 -39.19 -30.77
C LYS C 609 -4.65 -37.97 -30.81
N GLU C 610 -5.92 -38.22 -31.13
CA GLU C 610 -6.91 -37.16 -31.20
C GLU C 610 -7.13 -36.53 -29.82
N LEU C 611 -7.02 -37.34 -28.78
CA LEU C 611 -7.17 -36.86 -27.41
C LEU C 611 -6.11 -35.83 -27.05
N LEU C 612 -4.87 -36.12 -27.39
CA LEU C 612 -3.75 -35.23 -27.06
C LEU C 612 -3.68 -34.07 -28.05
N ASP C 613 -4.02 -34.34 -29.31
CA ASP C 613 -4.10 -33.29 -30.31
C ASP C 613 -5.07 -32.20 -29.89
N SER C 614 -6.22 -32.64 -29.37
CA SER C 614 -7.27 -31.72 -28.95
C SER C 614 -6.91 -30.96 -27.68
N TYR C 615 -6.31 -31.66 -26.72
CA TYR C 615 -5.94 -31.04 -25.46
C TYR C 615 -4.88 -29.97 -25.65
N TYR C 616 -3.94 -30.21 -26.56
CA TYR C 616 -2.93 -29.22 -26.90
C TYR C 616 -3.56 -27.97 -27.51
N LYS C 617 -4.67 -28.17 -28.23
CA LYS C 617 -5.34 -27.07 -28.89
C LYS C 617 -6.07 -26.17 -27.90
N LEU C 618 -6.76 -26.78 -26.94
CA LEU C 618 -7.47 -26.05 -25.90
C LEU C 618 -6.50 -25.23 -25.05
N LYS C 619 -5.36 -25.83 -24.73
CA LYS C 619 -4.32 -25.16 -23.96
C LYS C 619 -3.75 -23.96 -24.71
N GLY C 620 -3.69 -24.08 -26.03
CA GLY C 620 -3.10 -23.05 -26.86
C GLY C 620 -1.67 -23.42 -27.23
N TRP C 621 -1.41 -24.72 -27.29
CA TRP C 621 -0.07 -25.22 -27.57
C TRP C 621 0.06 -25.73 -29.00
N ASN C 622 1.29 -25.98 -29.43
CA ASN C 622 1.55 -26.60 -30.72
C ASN C 622 1.01 -28.02 -30.79
N ASP C 623 1.43 -28.75 -31.81
CA ASP C 623 1.17 -30.18 -31.87
C ASP C 623 2.33 -30.91 -31.19
N ASP C 624 3.23 -30.12 -30.61
CA ASP C 624 4.41 -30.67 -29.94
C ASP C 624 4.51 -30.21 -28.48
N GLY C 625 3.39 -29.74 -27.94
CA GLY C 625 3.30 -29.39 -26.54
C GLY C 625 3.73 -27.98 -26.17
N ILE C 626 4.39 -27.29 -27.10
CA ILE C 626 4.92 -25.96 -26.84
C ILE C 626 3.85 -24.87 -27.03
N PRO C 627 3.73 -23.97 -26.04
CA PRO C 627 2.81 -22.83 -26.11
C PRO C 627 3.13 -21.90 -27.28
N THR C 628 2.11 -21.61 -28.09
CA THR C 628 2.30 -20.75 -29.26
C THR C 628 2.59 -19.31 -28.87
N LYS C 629 3.19 -18.57 -29.81
CA LYS C 629 3.49 -17.16 -29.61
C LYS C 629 2.24 -16.37 -29.28
N GLU C 630 1.13 -16.73 -29.92
CA GLU C 630 -0.16 -16.07 -29.70
C GLU C 630 -0.61 -16.14 -28.25
N THR C 631 -0.72 -17.36 -27.73
CA THR C 631 -1.26 -17.58 -26.39
C THR C 631 -0.33 -17.02 -25.33
N LEU C 632 0.97 -17.01 -25.63
CA LEU C 632 1.95 -16.44 -24.72
C LEU C 632 1.82 -14.92 -24.69
N ASP C 633 1.66 -14.31 -25.87
CA ASP C 633 1.41 -12.89 -25.97
C ASP C 633 0.11 -12.52 -25.25
N ASP C 634 -0.90 -13.37 -25.45
CA ASP C 634 -2.22 -13.14 -24.89
C ASP C 634 -2.24 -13.25 -23.36
N LEU C 635 -1.32 -14.03 -22.81
CA LEU C 635 -1.26 -14.24 -21.36
C LEU C 635 -0.33 -13.25 -20.66
N GLY C 636 0.17 -12.28 -21.42
CA GLY C 636 1.11 -11.31 -20.87
C GLY C 636 2.48 -11.92 -20.68
N LEU C 637 2.70 -13.06 -21.33
CA LEU C 637 3.98 -13.75 -21.26
C LEU C 637 4.77 -13.53 -22.55
N GLY C 638 4.76 -12.29 -23.04
CA GLY C 638 5.44 -11.95 -24.27
C GLY C 638 6.94 -12.19 -24.20
N TYR C 639 7.51 -11.99 -23.03
CA TYR C 639 8.95 -12.20 -22.83
C TYR C 639 9.32 -13.66 -23.08
N VAL C 640 8.37 -14.56 -22.81
CA VAL C 640 8.59 -15.99 -23.02
C VAL C 640 8.66 -16.33 -24.51
N GLY C 641 7.70 -15.82 -25.27
CA GLY C 641 7.64 -16.06 -26.71
C GLY C 641 8.90 -15.58 -27.41
N ASP C 642 9.41 -14.43 -26.99
CA ASP C 642 10.63 -13.87 -27.56
C ASP C 642 11.81 -14.82 -27.37
N GLU C 643 12.02 -15.27 -26.14
CA GLU C 643 13.14 -16.16 -25.84
C GLU C 643 12.98 -17.48 -26.58
N PHE C 644 11.74 -17.98 -26.65
CA PHE C 644 11.45 -19.20 -27.39
C PHE C 644 11.92 -19.09 -28.83
N ILE C 645 11.56 -17.99 -29.48
CA ILE C 645 11.98 -17.72 -30.84
C ILE C 645 13.50 -17.56 -30.93
N LYS C 646 14.04 -16.74 -30.03
CA LYS C 646 15.48 -16.51 -29.95
C LYS C 646 16.25 -17.83 -29.83
N ARG C 647 15.70 -18.75 -29.04
CA ARG C 647 16.33 -20.06 -28.83
C ARG C 647 16.00 -21.05 -29.94
N GLY C 648 15.05 -20.70 -30.80
CA GLY C 648 14.69 -21.55 -31.92
C GLY C 648 13.64 -22.60 -31.59
N ILE C 649 13.03 -22.49 -30.40
CA ILE C 649 11.99 -23.42 -30.00
C ILE C 649 10.70 -23.14 -30.80
N LEU C 650 10.49 -21.88 -31.12
CA LEU C 650 9.34 -21.47 -31.94
C LEU C 650 9.81 -20.78 -33.21
N SER C 651 9.33 -21.27 -34.35
CA SER C 651 9.69 -20.68 -35.64
C SER C 651 9.12 -19.26 -35.75
N ALA C 652 9.95 -18.35 -36.25
CA ALA C 652 9.56 -16.95 -36.37
C ALA C 652 8.39 -16.78 -37.35
N GLY C 653 7.19 -17.06 -36.87
CA GLY C 653 6.00 -16.96 -37.69
C GLY C 653 5.86 -18.13 -38.63
N MET D 1 -5.12 -25.49 79.16
CA MET D 1 -5.90 -26.04 78.05
C MET D 1 -5.60 -27.52 77.85
N ARG D 2 -6.48 -28.20 77.11
CA ARG D 2 -6.31 -29.62 76.82
C ARG D 2 -5.54 -29.79 75.51
N TYR D 3 -4.61 -30.75 75.49
CA TYR D 3 -3.79 -31.00 74.31
C TYR D 3 -4.11 -32.39 73.74
N ALA D 4 -3.69 -32.63 72.50
CA ALA D 4 -3.92 -33.92 71.85
C ALA D 4 -5.41 -34.21 71.70
N GLU D 5 -6.11 -34.24 72.83
CA GLU D 5 -7.57 -34.36 72.85
C GLU D 5 -8.20 -32.98 72.74
N THR D 6 -9.45 -32.93 72.32
CA THR D 6 -10.15 -31.66 72.20
C THR D 6 -10.85 -31.31 73.51
N GLY D 7 -11.19 -32.34 74.29
CA GLY D 7 -11.82 -32.14 75.58
C GLY D 7 -13.33 -31.91 75.45
N TYR D 8 -13.88 -32.22 74.30
CA TYR D 8 -15.32 -32.07 74.07
C TYR D 8 -15.90 -33.29 73.38
N VAL D 9 -17.18 -33.56 73.63
CA VAL D 9 -17.90 -34.63 72.97
C VAL D 9 -19.28 -34.16 72.52
N LEU D 10 -19.86 -34.89 71.58
CA LEU D 10 -21.20 -34.57 71.10
C LEU D 10 -22.20 -35.65 71.51
N GLU D 11 -23.20 -35.26 72.28
CA GLU D 11 -24.24 -36.19 72.71
C GLU D 11 -25.50 -36.00 71.86
N VAL D 12 -25.93 -37.08 71.21
CA VAL D 12 -27.06 -36.99 70.28
C VAL D 12 -28.15 -38.01 70.60
N ASP D 13 -29.35 -37.49 70.86
CA ASP D 13 -30.53 -38.33 71.07
C ASP D 13 -31.38 -38.33 69.82
N LEU D 14 -31.36 -39.44 69.08
CA LEU D 14 -32.04 -39.52 67.79
C LEU D 14 -33.55 -39.59 67.92
N THR D 15 -34.04 -39.81 69.13
CA THR D 15 -35.47 -39.93 69.38
C THR D 15 -36.12 -38.57 69.55
N LYS D 16 -35.35 -37.60 70.01
CA LYS D 16 -35.85 -36.25 70.25
C LYS D 16 -35.23 -35.25 69.28
N GLY D 17 -34.09 -35.60 68.72
CA GLY D 17 -33.39 -34.73 67.80
C GLY D 17 -32.51 -33.73 68.51
N SER D 18 -32.13 -34.06 69.74
CA SER D 18 -31.30 -33.17 70.54
C SER D 18 -29.81 -33.38 70.24
N ILE D 19 -29.09 -32.28 70.15
CA ILE D 19 -27.64 -32.30 69.92
C ILE D 19 -26.96 -31.39 70.92
N GLU D 20 -25.99 -31.91 71.66
CA GLU D 20 -25.35 -31.15 72.71
C GLU D 20 -23.86 -31.47 72.84
N ARG D 21 -23.04 -30.42 72.91
CA ARG D 21 -21.61 -30.59 73.15
C ARG D 21 -21.35 -30.60 74.65
N VAL D 22 -20.52 -31.53 75.11
CA VAL D 22 -20.21 -31.65 76.52
C VAL D 22 -18.71 -31.74 76.73
N ALA D 23 -18.20 -30.98 77.70
CA ALA D 23 -16.80 -31.04 78.07
C ALA D 23 -16.51 -32.33 78.82
N THR D 24 -15.36 -32.94 78.55
CA THR D 24 -15.02 -34.21 79.17
C THR D 24 -14.34 -34.03 80.52
N ASP D 25 -14.12 -35.13 81.22
CA ASP D 25 -13.38 -35.12 82.47
C ASP D 25 -11.92 -35.44 82.18
N PRO D 26 -11.01 -34.51 82.51
CA PRO D 26 -9.58 -34.70 82.27
C PRO D 26 -9.02 -35.85 83.11
N ARG D 27 -9.77 -36.27 84.12
CA ARG D 27 -9.37 -37.38 84.97
C ARG D 27 -9.45 -38.71 84.24
N ASP D 28 -10.43 -38.84 83.36
CA ASP D 28 -10.61 -40.05 82.56
C ASP D 28 -9.50 -40.18 81.53
N THR D 29 -8.89 -39.06 81.17
CA THR D 29 -7.79 -39.06 80.21
C THR D 29 -6.56 -39.71 80.81
N GLU D 30 -6.40 -39.55 82.12
CA GLU D 30 -5.24 -40.08 82.84
C GLU D 30 -5.45 -41.54 83.25
N LEU D 31 -6.71 -41.96 83.29
CA LEU D 31 -7.04 -43.33 83.71
C LEU D 31 -7.26 -44.25 82.51
N TYR D 32 -7.89 -43.73 81.46
CA TYR D 32 -8.27 -44.55 80.33
C TYR D 32 -7.73 -44.02 79.00
N LEU D 33 -6.82 -43.05 79.08
CA LEU D 33 -6.15 -42.50 77.90
C LEU D 33 -7.12 -41.88 76.90
N GLY D 34 -7.87 -42.73 76.22
CA GLY D 34 -8.82 -42.28 75.21
C GLY D 34 -9.21 -43.42 74.29
N GLY D 35 -9.88 -43.10 73.19
CA GLY D 35 -10.31 -44.09 72.23
C GLY D 35 -11.14 -45.19 72.85
N LEU D 36 -10.71 -46.43 72.67
CA LEU D 36 -11.40 -47.60 73.21
C LEU D 36 -11.51 -47.52 74.73
N GLY D 37 -10.47 -46.99 75.36
CA GLY D 37 -10.43 -46.88 76.82
C GLY D 37 -11.54 -46.02 77.39
N THR D 38 -11.79 -44.89 76.75
CA THR D 38 -12.82 -43.96 77.21
C THR D 38 -14.21 -44.40 76.75
N ASN D 39 -14.27 -45.12 75.62
CA ASN D 39 -15.53 -45.68 75.16
C ASN D 39 -16.09 -46.68 76.16
N ALA D 40 -15.24 -47.58 76.64
CA ALA D 40 -15.63 -48.60 77.59
C ALA D 40 -16.18 -47.97 78.88
N LYS D 41 -15.47 -46.96 79.39
CA LYS D 41 -15.87 -46.25 80.59
C LYS D 41 -17.30 -45.72 80.47
N ILE D 42 -17.63 -45.18 79.29
CA ILE D 42 -18.96 -44.65 79.03
C ILE D 42 -20.01 -45.75 78.95
N LEU D 43 -19.65 -46.86 78.29
CA LEU D 43 -20.56 -48.00 78.17
C LEU D 43 -20.85 -48.60 79.54
N TRP D 44 -19.81 -48.70 80.36
CA TRP D 44 -19.92 -49.33 81.66
C TRP D 44 -20.97 -48.68 82.56
N ASP D 45 -20.93 -47.36 82.65
CA ASP D 45 -21.82 -46.65 83.58
C ASP D 45 -22.99 -45.94 82.89
N ARG D 46 -23.38 -46.44 81.72
CA ARG D 46 -24.53 -45.88 81.01
C ARG D 46 -25.29 -46.96 80.26
N VAL D 47 -24.75 -48.16 80.23
CA VAL D 47 -25.41 -49.29 79.57
C VAL D 47 -25.39 -50.53 80.45
N PRO D 48 -26.41 -50.68 81.31
CA PRO D 48 -26.54 -51.86 82.17
C PRO D 48 -26.88 -53.12 81.37
N PRO D 49 -26.75 -54.29 82.00
CA PRO D 49 -26.98 -55.58 81.32
C PRO D 49 -28.41 -55.79 80.82
N GLU D 50 -29.38 -55.11 81.41
CA GLU D 50 -30.77 -55.26 80.99
C GLU D 50 -30.99 -54.69 79.58
N VAL D 51 -30.02 -53.93 79.09
CA VAL D 51 -30.15 -53.31 77.77
C VAL D 51 -29.86 -54.29 76.64
N GLU D 52 -30.82 -54.40 75.72
CA GLU D 52 -30.65 -55.23 74.53
C GLU D 52 -29.93 -54.44 73.44
N PRO D 53 -29.37 -55.14 72.45
CA PRO D 53 -28.65 -54.51 71.34
C PRO D 53 -29.53 -53.57 70.51
N PHE D 54 -30.78 -53.96 70.30
CA PHE D 54 -31.71 -53.14 69.53
C PHE D 54 -32.63 -52.35 70.45
N SER D 55 -32.20 -52.20 71.70
CA SER D 55 -32.90 -51.36 72.66
C SER D 55 -32.46 -49.92 72.47
N PRO D 56 -33.40 -48.97 72.64
CA PRO D 56 -33.09 -47.55 72.49
C PRO D 56 -32.00 -47.07 73.45
N GLU D 57 -31.89 -47.72 74.60
CA GLU D 57 -30.92 -47.30 75.63
C GLU D 57 -29.49 -47.64 75.25
N ASN D 58 -29.32 -48.58 74.32
CA ASN D 58 -27.99 -48.96 73.85
C ASN D 58 -27.28 -47.77 73.21
N LEU D 59 -25.96 -47.75 73.30
CA LEU D 59 -25.18 -46.62 72.80
C LEU D 59 -24.38 -46.97 71.55
N LEU D 60 -24.41 -46.06 70.57
CA LEU D 60 -23.53 -46.17 69.42
C LEU D 60 -22.50 -45.06 69.47
N ILE D 61 -21.25 -45.44 69.69
CA ILE D 61 -20.18 -44.47 69.93
C ILE D 61 -19.18 -44.41 68.78
N PHE D 62 -18.86 -43.19 68.35
CA PHE D 62 -17.78 -42.95 67.40
C PHE D 62 -16.69 -42.16 68.11
N ALA D 63 -15.47 -42.71 68.15
CA ALA D 63 -14.40 -42.08 68.90
C ALA D 63 -13.11 -41.93 68.11
N ALA D 64 -12.55 -40.73 68.12
CA ALA D 64 -11.25 -40.48 67.52
C ALA D 64 -10.16 -40.64 68.56
N GLY D 65 -9.10 -41.37 68.21
CA GLY D 65 -8.01 -41.64 69.12
C GLY D 65 -7.40 -40.39 69.73
N LEU D 66 -6.75 -40.55 70.88
CA LEU D 66 -6.17 -39.44 71.61
C LEU D 66 -5.15 -38.65 70.80
N LEU D 67 -4.43 -39.34 69.92
CA LEU D 67 -3.39 -38.68 69.13
C LEU D 67 -3.80 -38.49 67.67
N CYS D 68 -5.06 -38.76 67.36
CA CYS D 68 -5.58 -38.51 66.02
C CYS D 68 -5.68 -37.01 65.77
N GLY D 69 -5.26 -36.58 64.59
CA GLY D 69 -5.25 -35.17 64.27
C GLY D 69 -3.91 -34.54 64.58
N THR D 70 -3.03 -35.32 65.21
CA THR D 70 -1.67 -34.87 65.45
C THR D 70 -0.78 -35.32 64.29
N PRO D 71 0.46 -34.80 64.23
CA PRO D 71 1.39 -35.13 63.15
C PRO D 71 1.95 -36.55 63.24
N ALA D 72 1.43 -37.36 64.16
CA ALA D 72 1.94 -38.72 64.36
C ALA D 72 1.56 -39.63 63.20
N THR D 73 2.58 -40.20 62.55
CA THR D 73 2.39 -41.06 61.39
C THR D 73 1.43 -42.22 61.65
N GLY D 74 0.37 -42.29 60.86
CA GLY D 74 -0.55 -43.41 60.91
C GLY D 74 -1.65 -43.32 61.96
N CYS D 75 -1.57 -42.31 62.82
CA CYS D 75 -2.54 -42.16 63.91
C CYS D 75 -3.84 -41.54 63.40
N ASN D 76 -4.77 -42.38 62.94
CA ASN D 76 -5.94 -41.91 62.22
C ASN D 76 -7.20 -42.73 62.46
N ARG D 77 -7.11 -43.68 63.39
CA ARG D 77 -8.16 -44.69 63.58
C ARG D 77 -9.40 -44.20 64.31
N THR D 78 -10.54 -44.73 63.90
CA THR D 78 -11.80 -44.52 64.61
C THR D 78 -12.18 -45.80 65.37
N ILE D 79 -12.67 -45.64 66.59
CA ILE D 79 -13.11 -46.78 67.38
C ILE D 79 -14.62 -46.70 67.63
N VAL D 80 -15.37 -47.60 67.02
CA VAL D 80 -16.82 -47.61 67.18
C VAL D 80 -17.25 -48.68 68.19
N SER D 81 -17.89 -48.23 69.27
CA SER D 81 -18.25 -49.13 70.36
C SER D 81 -19.76 -49.21 70.56
N THR D 82 -20.26 -50.42 70.77
CA THR D 82 -21.67 -50.67 71.00
C THR D 82 -21.87 -52.08 71.56
N VAL D 83 -23.10 -52.44 71.87
CA VAL D 83 -23.41 -53.80 72.31
C VAL D 83 -23.83 -54.66 71.11
N SER D 84 -23.03 -55.66 70.79
CA SER D 84 -23.23 -56.47 69.59
C SER D 84 -24.53 -57.26 69.59
N PRO D 85 -25.28 -57.17 68.48
CA PRO D 85 -26.51 -57.94 68.28
C PRO D 85 -26.25 -59.43 68.08
N GLN D 86 -25.02 -59.80 67.71
CA GLN D 86 -24.70 -61.19 67.44
C GLN D 86 -24.18 -61.93 68.67
N THR D 87 -23.28 -61.28 69.41
CA THR D 87 -22.60 -61.93 70.52
C THR D 87 -23.27 -61.61 71.86
N LYS D 88 -24.03 -60.51 71.89
CA LYS D 88 -24.65 -60.01 73.11
C LYS D 88 -23.59 -59.52 74.09
N LEU D 89 -22.37 -59.40 73.60
CA LEU D 89 -21.26 -58.84 74.38
C LEU D 89 -20.92 -57.47 73.81
N MET D 90 -20.00 -56.76 74.46
CA MET D 90 -19.52 -55.50 73.93
C MET D 90 -18.84 -55.73 72.59
N ALA D 91 -19.16 -54.88 71.61
CA ALA D 91 -18.50 -54.95 70.33
C ALA D 91 -17.81 -53.63 70.02
N PHE D 92 -16.49 -53.66 69.95
CA PHE D 92 -15.75 -52.52 69.42
C PHE D 92 -15.18 -52.91 68.06
N SER D 93 -15.05 -51.94 67.18
CA SER D 93 -14.57 -52.17 65.83
C SER D 93 -13.73 -50.99 65.38
N MET D 94 -12.74 -51.26 64.54
CA MET D 94 -11.80 -50.20 64.14
C MET D 94 -11.90 -49.86 62.66
N MET D 95 -11.67 -48.58 62.37
CA MET D 95 -11.78 -48.03 61.02
C MET D 95 -10.71 -46.97 60.80
N GLY D 96 -9.90 -47.16 59.77
CA GLY D 96 -8.82 -46.22 59.47
C GLY D 96 -9.29 -45.04 58.65
N GLY D 97 -8.52 -44.70 57.61
CA GLY D 97 -8.91 -43.66 56.67
C GLY D 97 -8.68 -42.24 57.15
N PHE D 98 -9.71 -41.40 56.99
CA PHE D 98 -9.57 -39.97 57.22
C PHE D 98 -10.71 -39.39 58.05
N TRP D 99 -11.46 -40.25 58.74
CA TRP D 99 -12.65 -39.79 59.46
C TRP D 99 -12.31 -39.25 60.86
N ALA D 100 -11.53 -40.03 61.61
CA ALA D 100 -11.17 -39.66 62.98
C ALA D 100 -10.39 -38.34 63.02
N PRO D 101 -9.42 -38.16 62.13
CA PRO D 101 -8.69 -36.89 62.06
C PRO D 101 -9.61 -35.69 61.81
N GLU D 102 -10.57 -35.86 60.89
CA GLU D 102 -11.47 -34.77 60.53
C GLU D 102 -12.37 -34.38 61.70
N LEU D 103 -12.79 -35.36 62.48
CA LEU D 103 -13.61 -35.11 63.66
C LEU D 103 -12.86 -34.22 64.65
N LYS D 104 -11.59 -34.57 64.90
CA LYS D 104 -10.74 -33.77 65.78
C LYS D 104 -10.56 -32.35 65.24
N TYR D 105 -10.47 -32.23 63.92
CA TYR D 105 -10.33 -30.93 63.27
C TYR D 105 -11.62 -30.13 63.34
N ALA D 106 -12.72 -30.82 63.62
CA ALA D 106 -13.99 -30.15 63.84
C ALA D 106 -14.08 -29.68 65.30
N GLY D 107 -13.46 -30.45 66.19
CA GLY D 107 -13.35 -30.06 67.59
C GLY D 107 -13.90 -31.05 68.60
N TYR D 108 -14.00 -32.32 68.22
CA TYR D 108 -14.61 -33.31 69.11
C TYR D 108 -13.80 -34.61 69.19
N ASP D 109 -13.92 -35.29 70.34
CA ASP D 109 -13.23 -36.56 70.55
C ASP D 109 -14.16 -37.74 70.28
N LYS D 110 -15.45 -37.54 70.51
CA LYS D 110 -16.43 -38.61 70.36
C LYS D 110 -17.80 -38.11 69.90
N ILE D 111 -18.62 -39.04 69.45
CA ILE D 111 -20.04 -38.80 69.21
C ILE D 111 -20.84 -39.96 69.77
N ILE D 112 -21.69 -39.69 70.76
CA ILE D 112 -22.47 -40.75 71.39
C ILE D 112 -23.94 -40.67 71.02
N PHE D 113 -24.43 -41.70 70.33
CA PHE D 113 -25.82 -41.75 69.92
C PHE D 113 -26.66 -42.62 70.85
N ARG D 114 -27.77 -42.06 71.34
CA ARG D 114 -28.74 -42.83 72.10
C ARG D 114 -30.09 -42.75 71.42
N GLY D 115 -31.04 -43.55 71.91
CA GLY D 115 -32.38 -43.57 71.35
C GLY D 115 -32.42 -44.07 69.92
N LYS D 116 -33.55 -43.86 69.26
CA LYS D 116 -33.71 -44.24 67.86
C LYS D 116 -34.41 -43.14 67.08
N SER D 117 -34.03 -42.97 65.81
CA SER D 117 -34.70 -42.05 64.93
C SER D 117 -35.71 -42.81 64.08
N PRO D 118 -36.98 -42.37 64.10
CA PRO D 118 -38.05 -43.04 63.35
C PRO D 118 -37.86 -42.94 61.84
N GLU D 119 -37.42 -41.78 61.36
CA GLU D 119 -37.14 -41.59 59.94
C GLU D 119 -35.67 -41.83 59.66
N LEU D 120 -35.36 -42.21 58.42
CA LEU D 120 -33.98 -42.37 58.01
C LEU D 120 -33.29 -41.01 57.97
N VAL D 121 -32.21 -40.87 58.73
CA VAL D 121 -31.53 -39.59 58.84
C VAL D 121 -30.01 -39.77 58.88
N TYR D 122 -29.27 -38.72 58.58
CA TYR D 122 -27.84 -38.71 58.78
C TYR D 122 -27.41 -37.47 59.54
N LEU D 123 -26.22 -37.53 60.15
CA LEU D 123 -25.72 -36.43 60.97
C LEU D 123 -24.69 -35.61 60.20
N TYR D 124 -24.82 -34.29 60.29
CA TYR D 124 -23.93 -33.37 59.58
C TYR D 124 -23.15 -32.47 60.54
N ILE D 125 -21.83 -32.50 60.44
CA ILE D 125 -20.98 -31.69 61.30
C ILE D 125 -20.02 -30.81 60.51
N ASN D 126 -20.05 -29.51 60.77
CA ASN D 126 -19.07 -28.58 60.21
C ASN D 126 -18.56 -27.65 61.31
N ASN D 127 -17.44 -28.02 61.91
CA ASN D 127 -16.88 -27.32 63.07
C ASN D 127 -17.91 -27.19 64.19
N ASP D 128 -18.40 -25.97 64.42
CA ASP D 128 -19.37 -25.74 65.48
C ASP D 128 -20.81 -25.90 65.00
N LYS D 129 -20.98 -26.25 63.73
CA LYS D 129 -22.31 -26.42 63.14
C LYS D 129 -22.69 -27.89 63.05
N VAL D 130 -23.67 -28.30 63.85
CA VAL D 130 -24.11 -29.69 63.86
C VAL D 130 -25.63 -29.79 63.74
N GLU D 131 -26.09 -30.68 62.86
CA GLU D 131 -27.53 -30.84 62.65
C GLU D 131 -27.87 -32.20 62.05
N ILE D 132 -29.15 -32.57 62.16
CA ILE D 132 -29.66 -33.82 61.61
C ILE D 132 -30.39 -33.59 60.30
N ARG D 133 -29.90 -34.19 59.23
CA ARG D 133 -30.52 -34.04 57.91
C ARG D 133 -31.35 -35.27 57.55
N ASP D 134 -32.47 -35.06 56.88
CA ASP D 134 -33.28 -36.16 56.38
C ASP D 134 -32.50 -36.95 55.34
N ALA D 135 -32.65 -38.27 55.34
CA ALA D 135 -31.89 -39.13 54.45
C ALA D 135 -32.75 -40.20 53.79
N SER D 136 -34.04 -39.91 53.64
CA SER D 136 -34.98 -40.86 53.09
C SER D 136 -34.76 -41.14 51.61
N HIS D 137 -34.04 -40.25 50.94
CA HIS D 137 -33.76 -40.39 49.51
C HIS D 137 -32.56 -41.29 49.28
N LEU D 138 -31.82 -41.58 50.35
CA LEU D 138 -30.61 -42.38 50.27
C LEU D 138 -30.88 -43.82 50.66
N LYS D 139 -32.16 -44.15 50.85
CA LYS D 139 -32.55 -45.47 51.33
C LYS D 139 -32.15 -46.58 50.35
N GLY D 140 -31.55 -47.63 50.89
CA GLY D 140 -31.15 -48.77 50.09
C GLY D 140 -29.91 -48.55 49.24
N LYS D 141 -29.36 -47.34 49.29
CA LYS D 141 -28.16 -47.04 48.51
C LYS D 141 -26.90 -47.49 49.24
N GLY D 142 -25.91 -47.95 48.47
CA GLY D 142 -24.67 -48.48 49.02
C GLY D 142 -23.92 -47.50 49.91
N ALA D 143 -22.97 -48.02 50.67
CA ALA D 143 -22.22 -47.23 51.63
C ALA D 143 -21.38 -46.13 50.98
N ILE D 144 -20.62 -46.51 49.95
CA ILE D 144 -19.78 -45.54 49.25
C ILE D 144 -20.64 -44.60 48.41
N GLU D 145 -21.58 -45.18 47.69
CA GLU D 145 -22.53 -44.44 46.87
C GLU D 145 -23.24 -43.35 47.67
N THR D 146 -23.68 -43.69 48.87
CA THR D 146 -24.34 -42.74 49.76
C THR D 146 -23.44 -41.55 50.08
N ALA D 147 -22.16 -41.82 50.32
CA ALA D 147 -21.21 -40.76 50.63
C ALA D 147 -21.09 -39.75 49.50
N GLU D 148 -21.03 -40.25 48.27
CA GLU D 148 -20.85 -39.37 47.11
C GLU D 148 -22.08 -38.51 46.84
N ILE D 149 -23.26 -39.09 47.05
CA ILE D 149 -24.50 -38.35 46.90
C ILE D 149 -24.62 -37.26 47.96
N ILE D 150 -24.19 -37.58 49.18
CA ILE D 150 -24.26 -36.63 50.28
C ILE D 150 -23.35 -35.44 50.06
N LYS D 151 -22.11 -35.70 49.65
CA LYS D 151 -21.14 -34.63 49.45
C LYS D 151 -21.58 -33.65 48.37
N LYS D 152 -22.31 -34.15 47.39
CA LYS D 152 -22.79 -33.29 46.30
C LYS D 152 -23.96 -32.44 46.75
N GLU D 153 -24.84 -33.01 47.57
CA GLU D 153 -25.96 -32.26 48.13
C GLU D 153 -25.48 -31.08 48.96
N LEU D 154 -24.55 -31.35 49.86
CA LEU D 154 -24.05 -30.33 50.79
C LEU D 154 -22.98 -29.44 50.17
N ASN D 155 -22.48 -29.86 49.01
CA ASN D 155 -21.36 -29.18 48.37
C ASN D 155 -20.14 -29.19 49.30
N GLU D 156 -19.75 -30.39 49.70
CA GLU D 156 -18.61 -30.59 50.59
C GLU D 156 -17.70 -31.68 50.04
N PRO D 157 -16.91 -31.35 49.00
CA PRO D 157 -16.02 -32.33 48.38
C PRO D 157 -14.96 -32.86 49.34
N ARG D 158 -14.65 -32.09 50.37
CA ARG D 158 -13.64 -32.48 51.34
C ARG D 158 -14.25 -32.92 52.66
N ALA D 159 -15.51 -33.38 52.61
CA ALA D 159 -16.15 -33.95 53.79
C ALA D 159 -15.80 -35.44 53.91
N GLN D 160 -15.86 -35.96 55.12
CA GLN D 160 -15.57 -37.37 55.35
C GLN D 160 -16.83 -38.09 55.81
N VAL D 161 -17.12 -39.25 55.22
CA VAL D 161 -18.41 -39.90 55.44
C VAL D 161 -18.31 -41.37 55.85
N ALA D 162 -18.98 -41.70 56.95
CA ALA D 162 -19.16 -43.08 57.36
C ALA D 162 -20.64 -43.44 57.19
N ALA D 163 -20.90 -44.52 56.45
CA ALA D 163 -22.27 -44.84 56.09
C ALA D 163 -22.52 -46.35 56.04
N ILE D 164 -23.78 -46.72 56.22
CA ILE D 164 -24.20 -48.12 56.14
C ILE D 164 -24.91 -48.38 54.81
N GLY D 165 -24.78 -49.61 54.30
CA GLY D 165 -25.48 -50.01 53.10
C GLY D 165 -26.84 -50.57 53.44
N LYS D 166 -27.39 -51.38 52.53
CA LYS D 166 -28.71 -51.96 52.74
C LYS D 166 -28.67 -53.05 53.81
N ALA D 167 -27.52 -53.70 53.95
CA ALA D 167 -27.35 -54.74 54.96
C ALA D 167 -27.50 -54.16 56.36
N GLY D 168 -26.94 -52.98 56.57
CA GLY D 168 -27.07 -52.29 57.84
C GLY D 168 -28.48 -51.81 58.08
N GLU D 169 -29.11 -51.32 57.01
CA GLU D 169 -30.50 -50.85 57.08
C GLU D 169 -31.46 -51.96 57.50
N ASN D 170 -31.15 -53.19 57.10
CA ASN D 170 -31.98 -54.33 57.45
C ASN D 170 -31.46 -55.07 58.68
N ARG D 171 -30.56 -54.42 59.42
CA ARG D 171 -30.05 -54.95 60.68
C ARG D 171 -29.43 -56.34 60.56
N VAL D 172 -28.56 -56.53 59.58
CA VAL D 172 -27.81 -57.77 59.47
C VAL D 172 -26.78 -57.81 60.60
N PHE D 173 -26.72 -58.93 61.31
CA PHE D 173 -25.88 -59.02 62.51
C PHE D 173 -24.39 -58.80 62.22
N TYR D 174 -24.00 -58.96 60.95
CA TYR D 174 -22.62 -58.70 60.57
C TYR D 174 -22.53 -57.58 59.54
N ALA D 175 -23.44 -56.62 59.63
CA ALA D 175 -23.43 -55.45 58.77
C ALA D 175 -22.37 -54.45 59.24
N SER D 176 -21.67 -53.84 58.30
CA SER D 176 -20.55 -52.98 58.63
C SER D 176 -20.83 -51.50 58.38
N ILE D 177 -19.80 -50.69 58.58
CA ILE D 177 -19.83 -49.27 58.25
C ILE D 177 -18.65 -48.98 57.35
N GLU D 178 -18.88 -48.21 56.29
CA GLU D 178 -17.86 -48.00 55.27
C GLU D 178 -17.50 -46.52 55.07
N GLN D 179 -16.22 -46.27 54.82
CA GLN D 179 -15.72 -44.93 54.56
C GLN D 179 -14.49 -44.98 53.66
N GLY D 180 -14.67 -44.65 52.39
CA GLY D 180 -13.57 -44.70 51.43
C GLY D 180 -12.94 -46.08 51.36
N ARG D 181 -11.71 -46.19 51.83
CA ARG D 181 -11.01 -47.47 51.82
C ARG D 181 -10.96 -48.08 53.22
N SER D 182 -11.76 -47.55 54.13
CA SER D 182 -11.77 -47.99 55.52
C SER D 182 -13.09 -48.64 55.90
N SER D 183 -13.06 -49.53 56.89
CA SER D 183 -14.26 -50.27 57.26
C SER D 183 -14.30 -50.70 58.73
N ALA D 184 -15.33 -50.27 59.44
CA ALA D 184 -15.69 -50.84 60.72
C ALA D 184 -16.53 -52.09 60.44
N SER D 185 -15.87 -53.24 60.43
CA SER D 185 -16.44 -54.43 59.80
C SER D 185 -17.19 -55.38 60.72
N ARG D 186 -16.61 -55.69 61.89
CA ARG D 186 -17.04 -56.84 62.68
C ARG D 186 -17.84 -56.47 63.93
N GLY D 187 -18.69 -57.39 64.37
CA GLY D 187 -19.43 -57.22 65.60
C GLY D 187 -20.88 -56.81 65.40
N GLY D 188 -21.17 -56.28 64.21
CA GLY D 188 -22.52 -55.85 63.87
C GLY D 188 -22.81 -54.43 64.29
N ILE D 189 -21.76 -53.62 64.44
CA ILE D 189 -21.92 -52.21 64.80
C ILE D 189 -22.73 -51.45 63.75
N GLY D 190 -22.78 -52.00 62.54
CA GLY D 190 -23.57 -51.41 61.47
C GLY D 190 -25.06 -51.62 61.71
N ALA D 191 -25.42 -52.77 62.25
CA ALA D 191 -26.81 -53.11 62.51
C ALA D 191 -27.41 -52.21 63.58
N VAL D 192 -26.66 -51.99 64.65
CA VAL D 192 -27.08 -51.08 65.71
C VAL D 192 -27.30 -49.68 65.15
N MET D 193 -26.43 -49.28 64.23
CA MET D 193 -26.50 -47.98 63.59
C MET D 193 -27.77 -47.85 62.75
N GLY D 194 -28.03 -48.85 61.93
CA GLY D 194 -29.23 -48.89 61.10
C GLY D 194 -30.48 -49.06 61.95
N ASP D 195 -30.34 -49.69 63.10
CA ASP D 195 -31.45 -49.86 64.04
C ASP D 195 -31.91 -48.51 64.59
N LYS D 196 -30.97 -47.59 64.72
CA LYS D 196 -31.26 -46.26 65.23
C LYS D 196 -31.72 -45.32 64.12
N GLY D 197 -31.80 -45.84 62.89
CA GLY D 197 -32.24 -45.06 61.75
C GLY D 197 -31.16 -44.13 61.21
N LEU D 198 -29.93 -44.34 61.67
CA LEU D 198 -28.81 -43.50 61.23
C LEU D 198 -28.18 -44.05 59.94
N LYS D 199 -28.31 -43.31 58.86
CA LYS D 199 -27.80 -43.73 57.56
C LYS D 199 -26.31 -43.47 57.40
N ALA D 200 -25.83 -42.38 57.97
CA ALA D 200 -24.44 -41.99 57.84
C ALA D 200 -24.08 -40.84 58.77
N VAL D 201 -22.77 -40.60 58.91
CA VAL D 201 -22.29 -39.48 59.70
C VAL D 201 -21.28 -38.67 58.89
N VAL D 202 -21.61 -37.42 58.60
CA VAL D 202 -20.77 -36.56 57.78
C VAL D 202 -20.04 -35.53 58.63
N VAL D 203 -18.73 -35.41 58.43
CA VAL D 203 -17.95 -34.45 59.20
C VAL D 203 -16.92 -33.70 58.36
N ARG D 204 -16.84 -32.38 58.59
CA ARG D 204 -15.81 -31.55 58.00
C ARG D 204 -15.13 -30.74 59.10
N GLY D 205 -13.80 -30.68 59.07
CA GLY D 205 -13.05 -29.95 60.09
C GLY D 205 -12.00 -29.02 59.52
N THR D 206 -11.93 -27.81 60.09
CA THR D 206 -10.93 -26.83 59.67
C THR D 206 -10.29 -26.12 60.87
N LYS D 207 -10.51 -26.65 62.07
CA LYS D 207 -9.91 -26.09 63.27
C LYS D 207 -8.51 -26.62 63.50
N ASP D 208 -7.75 -25.94 64.35
CA ASP D 208 -6.42 -26.39 64.72
C ASP D 208 -6.48 -27.50 65.76
N LEU D 209 -5.38 -28.22 65.91
CA LEU D 209 -5.25 -29.21 66.98
C LEU D 209 -3.85 -29.15 67.57
N CYS D 210 -3.76 -28.68 68.81
CA CYS D 210 -2.48 -28.38 69.43
C CYS D 210 -1.86 -29.57 70.16
N VAL D 211 -0.58 -29.43 70.48
CA VAL D 211 0.13 -30.41 71.30
C VAL D 211 0.92 -29.68 72.39
N ALA D 212 1.32 -30.41 73.42
CA ALA D 212 1.96 -29.80 74.58
C ALA D 212 3.40 -29.39 74.29
N LYS D 213 4.23 -30.36 73.91
CA LYS D 213 5.64 -30.10 73.65
C LYS D 213 5.94 -30.22 72.16
N PRO D 214 5.86 -29.09 71.43
CA PRO D 214 6.03 -29.04 69.97
C PRO D 214 7.31 -29.69 69.47
N GLU D 215 8.46 -29.09 69.82
CA GLU D 215 9.76 -29.58 69.40
C GLU D 215 9.94 -31.06 69.76
N GLU D 216 9.66 -31.38 71.02
CA GLU D 216 9.81 -32.73 71.52
C GLU D 216 8.94 -33.73 70.75
N TYR D 217 7.68 -33.34 70.51
CA TYR D 217 6.74 -34.22 69.82
C TYR D 217 7.13 -34.45 68.37
N ILE D 218 7.51 -33.38 67.67
CA ILE D 218 7.85 -33.49 66.26
C ILE D 218 9.15 -34.28 66.09
N GLY D 219 10.01 -34.24 67.10
CA GLY D 219 11.23 -35.02 67.10
C GLY D 219 10.92 -36.51 67.16
N LEU D 220 9.95 -36.87 68.00
CA LEU D 220 9.50 -38.25 68.11
C LEU D 220 8.92 -38.73 66.79
N CYS D 221 8.18 -37.84 66.12
CA CYS D 221 7.56 -38.18 64.85
C CYS D 221 8.62 -38.40 63.77
N ASN D 222 9.64 -37.55 63.75
CA ASN D 222 10.74 -37.69 62.81
C ASN D 222 11.52 -38.97 63.07
N GLU D 223 11.63 -39.34 64.35
CA GLU D 223 12.27 -40.58 64.75
C GLU D 223 11.52 -41.78 64.17
N VAL D 224 10.20 -41.69 64.16
CA VAL D 224 9.37 -42.77 63.65
C VAL D 224 9.58 -42.99 62.15
N LEU D 225 9.54 -41.91 61.38
CA LEU D 225 9.70 -42.00 59.93
C LEU D 225 11.07 -42.58 59.56
N ASP D 226 12.10 -42.17 60.30
CA ASP D 226 13.43 -42.73 60.10
C ASP D 226 13.42 -44.24 60.27
N TYR D 227 12.61 -44.73 61.22
CA TYR D 227 12.54 -46.17 61.47
C TYR D 227 11.79 -46.89 60.36
N ILE D 228 10.76 -46.24 59.82
CA ILE D 228 9.98 -46.83 58.73
C ILE D 228 10.86 -47.03 57.51
N LYS D 229 11.70 -46.05 57.21
CA LYS D 229 12.62 -46.14 56.10
C LYS D 229 13.62 -47.27 56.31
N HIS D 230 14.30 -47.26 57.46
CA HIS D 230 15.24 -48.31 57.81
C HIS D 230 14.58 -49.69 57.74
N ARG D 231 13.41 -49.79 58.35
CA ARG D 231 12.68 -51.04 58.44
C ARG D 231 12.28 -51.59 57.07
N GLU D 232 12.01 -50.72 56.13
CA GLU D 232 11.61 -51.15 54.79
C GLU D 232 12.83 -51.51 53.93
N GLU D 233 14.01 -51.18 54.43
CA GLU D 233 15.25 -51.62 53.80
C GLU D 233 15.71 -52.92 54.47
N ASN D 234 15.14 -53.19 55.63
CA ASN D 234 15.47 -54.38 56.40
C ASN D 234 14.22 -55.20 56.74
N PRO D 235 13.72 -55.98 55.77
CA PRO D 235 12.59 -56.87 56.06
C PRO D 235 13.03 -58.03 56.95
N ILE D 236 12.13 -58.53 57.78
CA ILE D 236 12.44 -59.69 58.61
C ILE D 236 12.81 -60.87 57.71
N PRO D 237 14.03 -61.37 57.83
CA PRO D 237 14.57 -62.50 57.05
C PRO D 237 13.76 -63.80 57.21
N ASP D 238 13.67 -64.57 56.12
CA ASP D 238 13.02 -65.87 56.13
C ASP D 238 11.59 -65.82 56.63
N VAL D 239 10.93 -64.70 56.34
CA VAL D 239 9.56 -64.48 56.79
C VAL D 239 8.64 -64.29 55.60
N MET D 240 7.45 -64.90 55.65
CA MET D 240 6.46 -64.79 54.59
C MET D 240 6.38 -63.38 54.03
N PRO D 241 6.24 -63.25 52.69
CA PRO D 241 6.24 -61.96 52.01
C PRO D 241 5.35 -60.92 52.69
N ILE D 242 4.20 -61.34 53.22
CA ILE D 242 3.33 -60.41 53.93
C ILE D 242 3.60 -60.38 55.43
N LEU D 243 4.50 -61.25 55.89
CA LEU D 243 4.84 -61.29 57.31
C LEU D 243 6.09 -60.48 57.63
N ALA D 244 6.70 -59.89 56.60
CA ALA D 244 8.05 -59.34 56.73
C ALA D 244 8.12 -57.83 56.94
N GLY D 245 7.10 -57.10 56.51
CA GLY D 245 7.16 -55.65 56.52
C GLY D 245 6.29 -54.93 57.54
N LEU D 246 6.17 -53.62 57.39
CA LEU D 246 5.29 -52.82 58.22
C LEU D 246 3.90 -52.73 57.59
N GLY D 247 2.95 -52.17 58.32
CA GLY D 247 1.60 -51.97 57.81
C GLY D 247 0.70 -53.18 57.95
N SER D 248 -0.53 -53.05 57.45
CA SER D 248 -1.47 -54.17 57.40
C SER D 248 -0.98 -55.20 56.38
N PRO D 249 -1.42 -56.46 56.53
CA PRO D 249 -1.07 -57.56 55.62
C PRO D 249 -1.16 -57.12 54.15
N GLN D 250 0.01 -56.95 53.54
CA GLN D 250 0.11 -56.37 52.21
C GLN D 250 -0.35 -57.30 51.10
N GLU D 251 -1.63 -57.67 51.13
CA GLU D 251 -2.17 -58.62 50.16
C GLU D 251 -2.54 -57.96 48.83
N MET D 252 -2.53 -56.64 48.79
CA MET D 252 -2.79 -55.93 47.54
C MET D 252 -1.50 -55.79 46.73
N LYS D 253 -0.37 -55.75 47.43
CA LYS D 253 0.93 -55.62 46.79
C LYS D 253 1.52 -56.98 46.42
N VAL D 254 1.41 -57.94 47.34
CA VAL D 254 2.00 -59.25 47.15
C VAL D 254 1.07 -60.23 46.46
N HIS D 255 1.39 -60.59 45.22
CA HIS D 255 0.57 -61.53 44.45
C HIS D 255 0.72 -62.95 44.99
N ASP D 256 1.83 -63.21 45.67
CA ASP D 256 2.09 -64.52 46.23
C ASP D 256 1.12 -64.85 47.36
N GLU D 257 0.29 -65.86 47.16
CA GLU D 257 -0.67 -66.28 48.18
C GLU D 257 -0.54 -67.77 48.48
N LYS D 258 0.67 -68.31 48.31
CA LYS D 258 0.90 -69.73 48.52
C LYS D 258 0.61 -70.16 49.97
N TRP D 259 1.00 -69.33 50.91
CA TRP D 259 0.78 -69.62 52.33
C TRP D 259 -0.71 -69.67 52.66
N HIS D 260 -1.44 -68.67 52.18
CA HIS D 260 -2.87 -68.55 52.44
C HIS D 260 -3.67 -69.72 51.89
N THR D 261 -3.53 -69.98 50.59
CA THR D 261 -4.37 -70.95 49.90
C THR D 261 -4.04 -72.40 50.27
N GLU D 262 -2.90 -72.62 50.91
CA GLU D 262 -2.46 -73.99 51.19
C GLU D 262 -2.52 -74.35 52.68
N ASN D 263 -2.80 -73.36 53.53
CA ASN D 263 -2.86 -73.60 54.96
C ASN D 263 -4.21 -73.23 55.56
N PHE D 264 -4.82 -72.19 55.01
CA PHE D 264 -6.17 -71.81 55.41
C PHE D 264 -7.17 -72.74 54.71
N ASN D 265 -8.34 -72.90 55.31
CA ASN D 265 -9.32 -73.86 54.80
C ASN D 265 -10.38 -73.23 53.90
N TRP D 266 -10.63 -73.87 52.77
CA TRP D 266 -11.64 -73.40 51.82
C TRP D 266 -13.05 -73.79 52.28
N GLY D 267 -14.06 -73.36 51.54
CA GLY D 267 -15.44 -73.64 51.89
C GLY D 267 -15.80 -72.99 53.22
N ASN D 268 -16.65 -73.67 53.99
CA ASN D 268 -17.03 -73.20 55.32
C ASN D 268 -15.95 -73.56 56.33
N ALA D 269 -14.74 -73.03 56.13
CA ALA D 269 -13.59 -73.36 56.95
C ALA D 269 -13.47 -74.89 57.06
N ARG D 270 -13.57 -75.56 55.92
CA ARG D 270 -13.73 -77.01 55.90
C ARG D 270 -12.60 -77.76 55.22
N THR D 271 -12.15 -77.26 54.07
CA THR D 271 -11.24 -78.01 53.22
C THR D 271 -9.83 -77.43 53.13
N ARG D 272 -8.83 -78.28 53.33
CA ARG D 272 -7.44 -77.89 53.15
C ARG D 272 -6.91 -78.41 51.82
N ARG D 273 -6.25 -77.54 51.06
CA ARG D 273 -5.72 -77.92 49.76
C ARG D 273 -4.22 -77.65 49.73
N LYS D 274 -3.45 -78.65 50.13
CA LYS D 274 -2.01 -78.50 50.38
C LYS D 274 -1.20 -78.19 49.13
N ASP D 275 -1.72 -78.57 47.96
CA ASP D 275 -0.98 -78.39 46.71
C ASP D 275 -1.77 -77.56 45.70
N PHE D 276 -2.42 -76.51 46.18
CA PHE D 276 -3.25 -75.66 45.33
C PHE D 276 -2.44 -74.70 44.49
N TRP D 277 -1.48 -74.03 45.12
CA TRP D 277 -0.72 -72.96 44.47
C TRP D 277 0.20 -73.50 43.36
N THR D 278 -0.35 -73.59 42.15
CA THR D 278 0.41 -74.09 41.01
C THR D 278 0.98 -72.93 40.20
N ASP D 279 1.58 -73.24 39.05
CA ASP D 279 2.06 -72.22 38.14
C ASP D 279 0.89 -71.54 37.43
N GLU D 280 0.02 -72.36 36.85
CA GLU D 280 -1.15 -71.86 36.13
C GLU D 280 -1.95 -70.90 37.00
N VAL D 281 -2.33 -71.35 38.18
CA VAL D 281 -3.12 -70.55 39.12
C VAL D 281 -2.40 -69.25 39.48
N SER D 282 -1.09 -69.34 39.69
CA SER D 282 -0.30 -68.19 40.12
C SER D 282 -0.29 -67.09 39.04
N HIS D 283 -0.16 -67.49 37.79
CA HIS D 283 -0.15 -66.54 36.68
C HIS D 283 -1.55 -66.01 36.40
N ALA D 284 -2.54 -66.88 36.52
CA ALA D 284 -3.93 -66.51 36.30
C ALA D 284 -4.40 -65.46 37.30
N TRP D 285 -4.10 -65.69 38.57
CA TRP D 285 -4.48 -64.75 39.62
C TRP D 285 -3.75 -63.43 39.50
N GLU D 286 -2.49 -63.49 39.05
CA GLU D 286 -1.68 -62.29 38.91
C GLU D 286 -2.19 -61.44 37.74
N LYS D 287 -2.58 -62.10 36.67
CA LYS D 287 -3.11 -61.41 35.50
C LYS D 287 -4.42 -60.71 35.84
N THR D 288 -5.18 -61.32 36.75
CA THR D 288 -6.45 -60.75 37.19
C THR D 288 -6.23 -59.54 38.10
N MET D 289 -5.16 -59.58 38.88
CA MET D 289 -4.88 -58.55 39.87
C MET D 289 -4.17 -57.33 39.27
N ASP D 290 -3.22 -57.57 38.37
CA ASP D 290 -2.54 -56.47 37.68
C ASP D 290 -3.55 -55.61 36.92
N LYS D 291 -4.62 -56.25 36.47
CA LYS D 291 -5.66 -55.61 35.67
C LYS D 291 -6.68 -54.89 36.55
N ALA D 292 -6.93 -55.43 37.74
CA ALA D 292 -7.97 -54.91 38.62
C ALA D 292 -7.47 -53.80 39.53
N ARG D 293 -6.23 -53.93 40.02
CA ARG D 293 -5.67 -52.96 40.93
C ARG D 293 -5.34 -51.66 40.22
N THR D 294 -6.08 -50.60 40.54
CA THR D 294 -5.87 -49.29 39.92
C THR D 294 -4.69 -48.59 40.56
N ARG D 295 -4.70 -48.49 41.90
CA ARG D 295 -3.64 -47.80 42.62
C ARG D 295 -3.52 -48.27 44.06
N LEU D 296 -2.31 -48.21 44.60
CA LEU D 296 -2.07 -48.48 46.01
C LEU D 296 -2.13 -47.17 46.79
N ILE D 297 -3.14 -47.03 47.64
CA ILE D 297 -3.37 -45.78 48.36
C ILE D 297 -3.22 -45.94 49.87
N SER D 298 -3.07 -44.82 50.56
CA SER D 298 -2.80 -44.84 52.00
C SER D 298 -3.91 -44.23 52.83
N CYS D 299 -3.87 -44.48 54.13
CA CYS D 299 -4.72 -43.77 55.07
C CYS D 299 -4.08 -42.41 55.36
N TYR D 300 -4.75 -41.60 56.19
CA TYR D 300 -4.27 -40.26 56.52
C TYR D 300 -2.87 -40.26 57.14
N ASN D 301 -1.97 -39.49 56.55
CA ASN D 301 -0.63 -39.29 57.10
C ASN D 301 0.15 -40.60 57.27
N CYS D 302 0.14 -41.44 56.23
CA CYS D 302 0.88 -42.69 56.27
C CYS D 302 1.37 -43.09 54.88
N PRO D 303 2.61 -43.60 54.80
CA PRO D 303 3.22 -43.96 53.52
C PRO D 303 3.18 -45.46 53.19
N MET D 304 2.60 -46.28 54.07
CA MET D 304 2.61 -47.73 53.87
C MET D 304 1.72 -48.17 52.71
N LYS D 305 0.72 -47.33 52.39
CA LYS D 305 -0.26 -47.58 51.32
C LYS D 305 -0.64 -49.06 51.16
N CYS D 306 -1.42 -49.55 52.12
CA CYS D 306 -1.79 -50.96 52.17
C CYS D 306 -2.97 -51.30 51.26
N GLY D 307 -3.96 -50.42 51.25
CA GLY D 307 -5.16 -50.63 50.46
C GLY D 307 -4.95 -50.30 48.99
N ALA D 308 -5.89 -50.74 48.16
CA ALA D 308 -5.83 -50.47 46.73
C ALA D 308 -7.23 -50.31 46.15
N THR D 309 -7.36 -49.48 45.13
CA THR D 309 -8.63 -49.33 44.43
C THR D 309 -8.80 -50.47 43.43
N ILE D 310 -9.96 -51.12 43.47
CA ILE D 310 -10.23 -52.27 42.60
C ILE D 310 -11.29 -51.95 41.56
N SER D 311 -10.93 -52.10 40.29
CA SER D 311 -11.86 -51.84 39.20
C SER D 311 -12.06 -53.07 38.33
N MET D 312 -13.25 -53.65 38.39
CA MET D 312 -13.61 -54.78 37.56
C MET D 312 -14.48 -54.31 36.40
N GLU D 313 -14.51 -55.08 35.32
CA GLU D 313 -15.23 -54.67 34.12
C GLU D 313 -16.74 -54.63 34.34
N GLY D 314 -17.33 -53.46 34.13
CA GLY D 314 -18.77 -53.30 34.23
C GLY D 314 -19.27 -53.01 35.63
N LEU D 315 -18.37 -53.04 36.60
CA LEU D 315 -18.74 -52.80 37.98
C LEU D 315 -18.08 -51.54 38.52
N PRO D 316 -18.74 -50.86 39.47
CA PRO D 316 -18.21 -49.65 40.09
C PRO D 316 -16.88 -49.90 40.79
N THR D 317 -16.09 -48.84 41.00
CA THR D 317 -14.81 -48.97 41.67
C THR D 317 -14.99 -48.92 43.19
N TYR D 318 -14.21 -49.74 43.88
CA TYR D 318 -14.23 -49.77 45.34
C TYR D 318 -12.82 -49.97 45.88
N MET D 319 -12.64 -49.81 47.18
CA MET D 319 -11.33 -49.96 47.80
C MET D 319 -11.26 -51.23 48.66
N MET D 320 -10.07 -51.83 48.75
CA MET D 320 -9.89 -53.09 49.47
C MET D 320 -8.52 -53.19 50.14
N LYS D 321 -8.46 -53.97 51.22
CA LYS D 321 -7.20 -54.27 51.88
C LYS D 321 -7.28 -55.59 52.64
N CYS D 322 -6.13 -56.15 52.97
CA CYS D 322 -6.03 -57.37 53.78
C CYS D 322 -6.78 -58.57 53.19
N PHE D 323 -7.31 -59.42 54.07
CA PHE D 323 -7.70 -60.79 53.72
C PHE D 323 -9.06 -60.94 53.02
N THR D 324 -9.86 -59.89 52.97
CA THR D 324 -11.15 -59.96 52.27
C THR D 324 -10.94 -60.32 50.80
N LYS D 325 -9.75 -60.02 50.31
CA LYS D 325 -9.33 -60.37 48.96
C LYS D 325 -9.50 -61.86 48.66
N LEU D 326 -9.46 -62.69 49.70
CA LEU D 326 -9.45 -64.14 49.52
C LEU D 326 -10.65 -64.88 50.11
N THR D 327 -11.32 -64.27 51.09
CA THR D 327 -12.37 -64.97 51.83
C THR D 327 -13.54 -65.41 50.96
N TYR D 328 -14.03 -64.52 50.10
CA TYR D 328 -15.15 -64.85 49.23
C TYR D 328 -14.72 -65.89 48.20
N THR D 329 -13.47 -65.78 47.75
CA THR D 329 -12.90 -66.73 46.80
C THR D 329 -12.80 -68.13 47.40
N MET D 330 -12.13 -68.24 48.53
CA MET D 330 -11.89 -69.51 49.18
C MET D 330 -13.18 -70.17 49.69
N ALA D 331 -14.11 -69.35 50.17
CA ALA D 331 -15.36 -69.86 50.70
C ALA D 331 -16.22 -70.49 49.61
N ALA D 332 -16.04 -70.04 48.38
CA ALA D 332 -16.88 -70.50 47.27
C ALA D 332 -16.14 -71.43 46.32
N TYR D 333 -14.93 -71.85 46.70
CA TYR D 333 -14.14 -72.76 45.88
C TYR D 333 -13.87 -72.19 44.48
N SER D 334 -13.73 -70.86 44.39
CA SER D 334 -13.61 -70.21 43.09
C SER D 334 -12.27 -69.51 42.89
N ASP D 335 -12.22 -68.61 41.91
CA ASP D 335 -10.98 -67.90 41.58
C ASP D 335 -10.97 -66.48 42.11
N LEU D 336 -9.84 -65.80 41.95
CA LEU D 336 -9.68 -64.44 42.44
C LEU D 336 -10.63 -63.46 41.75
N ASP D 337 -10.98 -63.76 40.51
CA ASP D 337 -11.89 -62.90 39.75
C ASP D 337 -13.26 -62.85 40.41
N PHE D 338 -13.80 -64.01 40.76
CA PHE D 338 -15.09 -64.08 41.43
C PHE D 338 -15.05 -63.35 42.77
N GLY D 339 -13.94 -63.47 43.48
CA GLY D 339 -13.77 -62.83 44.77
C GLY D 339 -13.83 -61.31 44.69
N LEU D 340 -13.08 -60.74 43.76
CA LEU D 340 -13.04 -59.29 43.58
C LEU D 340 -14.40 -58.75 43.15
N ARG D 341 -15.11 -59.52 42.33
CA ARG D 341 -16.37 -59.06 41.77
C ARG D 341 -17.48 -59.05 42.81
N ILE D 342 -17.56 -60.10 43.63
CA ILE D 342 -18.60 -60.19 44.64
C ILE D 342 -18.29 -59.31 45.86
N ALA D 343 -17.01 -59.05 46.08
CA ALA D 343 -16.59 -58.20 47.19
C ALA D 343 -17.06 -56.76 46.97
N GLN D 344 -17.18 -56.38 45.71
CA GLN D 344 -17.70 -55.06 45.36
C GLN D 344 -19.11 -54.89 45.89
N LYS D 345 -19.97 -55.86 45.59
CA LYS D 345 -21.35 -55.85 46.07
C LYS D 345 -21.43 -55.87 47.59
N ALA D 346 -20.73 -56.82 48.21
CA ALA D 346 -20.79 -57.02 49.65
C ALA D 346 -20.27 -55.80 50.41
N THR D 347 -19.40 -55.02 49.77
CA THR D 347 -18.89 -53.80 50.38
C THR D 347 -19.93 -52.69 50.29
N GLU D 348 -20.60 -52.59 49.13
CA GLU D 348 -21.68 -51.63 48.95
C GLU D 348 -22.80 -51.90 49.96
N TYR D 349 -23.24 -53.16 50.00
CA TYR D 349 -24.23 -53.59 50.98
C TYR D 349 -23.76 -53.32 52.40
N GLY D 350 -22.45 -53.41 52.61
CA GLY D 350 -21.87 -53.20 53.93
C GLY D 350 -21.89 -54.47 54.75
N LEU D 351 -21.19 -55.49 54.27
CA LEU D 351 -21.15 -56.78 54.95
C LEU D 351 -19.74 -57.10 55.44
N ASP D 352 -19.66 -57.66 56.64
CA ASP D 352 -18.39 -58.15 57.16
C ASP D 352 -17.85 -59.25 56.25
N GLY D 353 -16.64 -59.05 55.75
CA GLY D 353 -16.05 -59.93 54.77
C GLY D 353 -15.54 -61.26 55.33
N PHE D 354 -15.41 -61.33 56.65
CA PHE D 354 -15.05 -62.58 57.30
C PHE D 354 -16.27 -63.46 57.49
N SER D 355 -17.27 -62.93 58.20
CA SER D 355 -18.44 -63.71 58.58
C SER D 355 -19.35 -64.07 57.41
N ALA D 356 -19.54 -63.15 56.47
CA ALA D 356 -20.47 -63.35 55.37
C ALA D 356 -20.17 -64.61 54.57
N PRO D 357 -18.95 -64.72 54.01
CA PRO D 357 -18.58 -65.87 53.18
C PRO D 357 -18.75 -67.22 53.88
N GLN D 358 -18.47 -67.28 55.18
CA GLN D 358 -18.63 -68.52 55.93
C GLN D 358 -20.11 -68.84 56.12
N VAL D 359 -20.92 -67.80 56.24
CA VAL D 359 -22.36 -67.97 56.40
C VAL D 359 -22.97 -68.60 55.17
N MET D 360 -22.56 -68.15 53.99
CA MET D 360 -23.08 -68.67 52.73
C MET D 360 -22.60 -70.09 52.48
N ALA D 361 -21.35 -70.37 52.82
CA ALA D 361 -20.79 -71.71 52.68
C ALA D 361 -21.47 -72.66 53.66
N PHE D 362 -21.73 -72.16 54.87
CA PHE D 362 -22.43 -72.92 55.90
C PHE D 362 -23.81 -73.36 55.42
N ALA D 363 -24.51 -72.45 54.75
CA ALA D 363 -25.87 -72.73 54.29
C ALA D 363 -25.89 -73.77 53.16
N PHE D 364 -24.89 -73.71 52.28
CA PHE D 364 -24.82 -74.64 51.16
C PHE D 364 -24.45 -76.04 51.63
N GLU D 365 -23.67 -76.12 52.71
CA GLU D 365 -23.36 -77.41 53.32
C GLU D 365 -24.63 -78.06 53.84
N LEU D 366 -25.50 -77.24 54.42
CA LEU D 366 -26.78 -77.74 54.93
C LEU D 366 -27.69 -78.18 53.79
N LEU D 367 -27.60 -77.51 52.65
CA LEU D 367 -28.38 -77.88 51.49
C LEU D 367 -27.92 -79.23 50.95
N GLU D 368 -26.60 -79.43 50.93
CA GLU D 368 -26.01 -80.68 50.50
C GLU D 368 -26.40 -81.81 51.45
N LYS D 369 -26.16 -81.57 52.74
CA LYS D 369 -26.46 -82.55 53.78
C LYS D 369 -27.93 -82.96 53.77
N GLY D 370 -28.81 -82.02 53.43
CA GLY D 370 -30.23 -82.28 53.39
C GLY D 370 -30.97 -81.62 54.53
N ILE D 371 -30.23 -80.93 55.39
CA ILE D 371 -30.83 -80.20 56.50
C ILE D 371 -31.67 -79.05 55.96
N LEU D 372 -31.22 -78.49 54.83
CA LEU D 372 -32.00 -77.51 54.08
C LEU D 372 -32.45 -78.12 52.76
N LYS D 373 -33.59 -77.66 52.26
CA LYS D 373 -34.15 -78.21 51.03
C LYS D 373 -34.08 -77.17 49.90
N ASP D 374 -34.39 -77.61 48.68
CA ASP D 374 -34.46 -76.70 47.55
C ASP D 374 -35.60 -75.70 47.74
N SER D 375 -36.66 -76.14 48.40
CA SER D 375 -37.83 -75.30 48.64
C SER D 375 -37.48 -74.07 49.47
N ASP D 376 -36.36 -74.15 50.19
CA ASP D 376 -35.88 -73.03 50.99
C ASP D 376 -35.02 -72.09 50.13
N PHE D 377 -34.75 -72.52 48.90
CA PHE D 377 -34.00 -71.70 47.96
C PHE D 377 -34.78 -71.51 46.67
N PRO D 378 -35.83 -70.69 46.72
CA PRO D 378 -36.69 -70.40 45.55
C PRO D 378 -35.94 -69.69 44.44
N GLY D 379 -35.95 -70.25 43.24
CA GLY D 379 -35.29 -69.65 42.10
C GLY D 379 -33.77 -69.78 42.15
N LEU D 380 -33.29 -70.70 42.98
CA LEU D 380 -31.86 -70.93 43.12
C LEU D 380 -31.24 -71.38 41.81
N PRO D 381 -30.32 -70.57 41.26
CA PRO D 381 -29.62 -70.89 40.01
C PRO D 381 -28.75 -72.13 40.15
N GLU D 382 -28.19 -72.60 39.03
CA GLU D 382 -27.39 -73.82 39.04
C GLU D 382 -25.94 -73.57 39.43
N GLY D 383 -25.29 -72.65 38.71
CA GLY D 383 -23.88 -72.39 38.90
C GLY D 383 -23.47 -72.03 40.31
N ASN D 384 -22.24 -72.38 40.67
CA ASN D 384 -21.71 -72.10 42.00
C ASN D 384 -21.61 -70.60 42.27
N GLU D 385 -20.97 -69.88 41.37
CA GLU D 385 -20.82 -68.43 41.50
C GLU D 385 -22.18 -67.74 41.61
N GLU D 386 -23.08 -68.09 40.70
CA GLU D 386 -24.41 -67.48 40.66
C GLU D 386 -25.17 -67.72 41.96
N ARG D 387 -24.91 -68.85 42.61
CA ARG D 387 -25.60 -69.20 43.85
C ARG D 387 -25.15 -68.33 45.01
N PHE D 388 -23.88 -67.95 45.01
CA PHE D 388 -23.37 -67.04 46.04
C PHE D 388 -23.94 -65.64 45.81
N PHE D 389 -23.99 -65.22 44.55
CA PHE D 389 -24.65 -63.96 44.20
C PHE D 389 -26.10 -64.00 44.64
N TYR D 390 -26.75 -65.13 44.38
CA TYR D 390 -28.14 -65.34 44.76
C TYR D 390 -28.36 -65.16 46.26
N LEU D 391 -27.61 -65.91 47.06
CA LEU D 391 -27.79 -65.93 48.50
C LEU D 391 -27.42 -64.60 49.16
N LEU D 392 -26.42 -63.91 48.59
CA LEU D 392 -26.00 -62.63 49.13
C LEU D 392 -27.14 -61.62 49.16
N ASP D 393 -27.87 -61.55 48.05
CA ASP D 393 -29.00 -60.64 47.94
C ASP D 393 -30.15 -61.04 48.88
N LYS D 394 -30.27 -62.33 49.15
CA LYS D 394 -31.31 -62.82 50.05
C LYS D 394 -31.01 -62.44 51.51
N ILE D 395 -29.74 -62.48 51.87
CA ILE D 395 -29.32 -62.13 53.21
C ILE D 395 -29.56 -60.65 53.52
N VAL D 396 -29.01 -59.77 52.68
CA VAL D 396 -29.07 -58.34 52.92
C VAL D 396 -30.49 -57.78 52.91
N ASN D 397 -31.41 -58.51 52.27
CA ASN D 397 -32.82 -58.12 52.26
C ASN D 397 -33.61 -58.84 53.33
N ARG D 398 -32.97 -59.81 53.97
CA ARG D 398 -33.65 -60.67 54.95
C ARG D 398 -34.87 -61.34 54.32
N ASP D 399 -34.68 -61.85 53.11
CA ASP D 399 -35.74 -62.50 52.36
C ASP D 399 -35.71 -64.02 52.58
N GLY D 400 -36.77 -64.54 53.19
CA GLY D 400 -36.89 -65.97 53.45
C GLY D 400 -35.74 -66.53 54.28
N ILE D 401 -35.02 -67.49 53.70
CA ILE D 401 -33.90 -68.13 54.38
C ILE D 401 -32.82 -67.12 54.74
N GLY D 402 -32.74 -66.03 53.98
CA GLY D 402 -31.76 -64.99 54.22
C GLY D 402 -32.02 -64.25 55.53
N ASP D 403 -33.27 -64.28 55.97
CA ASP D 403 -33.65 -63.67 57.24
C ASP D 403 -33.02 -64.44 58.40
N ILE D 404 -33.01 -65.77 58.28
CA ILE D 404 -32.39 -66.62 59.29
C ILE D 404 -30.87 -66.53 59.18
N LEU D 405 -30.36 -66.48 57.95
CA LEU D 405 -28.92 -66.46 57.71
C LEU D 405 -28.29 -65.12 58.11
N ALA D 406 -29.08 -64.05 58.05
CA ALA D 406 -28.58 -62.72 58.37
C ALA D 406 -28.22 -62.61 59.86
N ASN D 407 -28.56 -63.64 60.61
CA ASN D 407 -28.31 -63.66 62.05
C ASN D 407 -27.00 -64.36 62.41
N GLY D 408 -26.35 -64.95 61.42
CA GLY D 408 -25.07 -65.61 61.64
C GLY D 408 -25.17 -67.11 61.76
N THR D 409 -24.03 -67.78 61.69
CA THR D 409 -23.99 -69.24 61.72
C THR D 409 -24.59 -69.81 63.02
N TYR D 410 -24.25 -69.19 64.15
CA TYR D 410 -24.71 -69.69 65.44
C TYR D 410 -26.23 -69.60 65.60
N TRP D 411 -26.77 -68.41 65.39
CA TRP D 411 -28.20 -68.19 65.58
C TRP D 411 -29.04 -68.83 64.48
N ALA D 412 -28.41 -69.10 63.34
CA ALA D 412 -29.10 -69.74 62.24
C ALA D 412 -29.34 -71.22 62.52
N ALA D 413 -28.27 -71.92 62.88
CA ALA D 413 -28.35 -73.34 63.21
C ALA D 413 -29.29 -73.58 64.38
N GLN D 414 -29.22 -72.71 65.38
CA GLN D 414 -30.10 -72.79 66.54
C GLN D 414 -31.57 -72.68 66.13
N GLU D 415 -31.82 -71.95 65.05
CA GLU D 415 -33.18 -71.72 64.58
C GLU D 415 -33.60 -72.76 63.53
N ILE D 416 -32.64 -73.26 62.76
CA ILE D 416 -32.92 -74.28 61.76
C ILE D 416 -33.06 -75.65 62.39
N GLY D 417 -32.16 -75.97 63.30
CA GLY D 417 -32.20 -77.24 64.02
C GLY D 417 -31.92 -78.45 63.13
N ASN D 418 -32.36 -79.61 63.59
CA ASN D 418 -32.18 -80.86 62.86
C ASN D 418 -30.71 -81.20 62.62
N GLY D 419 -29.83 -80.64 63.44
CA GLY D 419 -28.42 -80.97 63.38
C GLY D 419 -27.55 -79.91 62.74
N ALA D 420 -28.15 -78.76 62.45
CA ALA D 420 -27.43 -77.65 61.83
C ALA D 420 -26.32 -77.14 62.75
N GLU D 421 -26.51 -77.32 64.06
CA GLU D 421 -25.53 -76.89 65.05
C GLU D 421 -24.17 -77.52 64.80
N ASP D 422 -24.17 -78.75 64.29
CA ASP D 422 -22.93 -79.49 64.08
C ASP D 422 -22.07 -78.86 62.99
N TYR D 423 -22.67 -77.98 62.19
CA TYR D 423 -21.98 -77.36 61.09
C TYR D 423 -21.55 -75.92 61.41
N ALA D 424 -22.01 -75.41 62.54
CA ALA D 424 -21.54 -74.12 63.04
C ALA D 424 -20.28 -74.32 63.88
N HIS D 425 -19.26 -74.92 63.26
CA HIS D 425 -18.10 -75.44 63.96
C HIS D 425 -16.91 -74.47 64.05
N ASN D 426 -17.12 -73.20 63.74
CA ASN D 426 -16.01 -72.25 63.76
C ASN D 426 -16.33 -70.98 64.55
N ASN D 427 -17.07 -71.11 65.64
CA ASN D 427 -17.43 -69.97 66.45
C ASN D 427 -16.79 -69.97 67.82
N ILE D 428 -16.54 -68.77 68.34
CA ILE D 428 -16.16 -68.60 69.74
C ILE D 428 -16.99 -67.45 70.31
N LYS D 429 -17.94 -67.79 71.17
CA LYS D 429 -18.87 -66.81 71.73
C LYS D 429 -19.80 -66.29 70.63
N LYS D 430 -20.21 -67.20 69.74
CA LYS D 430 -21.18 -66.91 68.69
C LYS D 430 -20.63 -66.01 67.58
N HIS D 431 -19.31 -66.01 67.40
CA HIS D 431 -18.68 -65.16 66.39
C HIS D 431 -17.75 -65.98 65.51
N GLU D 432 -17.76 -65.70 64.21
CA GLU D 432 -16.94 -66.46 63.26
C GLU D 432 -15.45 -66.16 63.43
N GLN D 433 -14.64 -67.19 63.32
CA GLN D 433 -13.19 -67.04 63.44
C GLN D 433 -12.53 -67.17 62.07
N LEU D 434 -11.26 -66.79 61.99
CA LEU D 434 -10.48 -67.04 60.78
C LEU D 434 -10.55 -68.52 60.44
N PRO D 435 -10.73 -68.85 59.16
CA PRO D 435 -10.77 -70.24 58.71
C PRO D 435 -9.42 -70.94 58.85
N LEU D 436 -9.10 -71.36 60.07
CA LEU D 436 -7.84 -72.02 60.37
C LEU D 436 -8.03 -73.29 61.17
N LYS D 437 -7.90 -74.43 60.51
CA LYS D 437 -7.98 -75.72 61.19
C LYS D 437 -6.62 -76.40 61.11
N LEU D 438 -5.80 -76.17 62.13
CA LEU D 438 -4.42 -76.63 62.11
C LEU D 438 -4.23 -77.96 62.83
N SER D 439 -2.99 -78.43 62.89
CA SER D 439 -2.72 -79.78 63.36
C SER D 439 -2.30 -79.84 64.84
N MET D 440 -1.22 -79.15 65.19
CA MET D 440 -0.69 -79.20 66.54
C MET D 440 -1.12 -78.00 67.37
N LEU D 441 -1.44 -78.25 68.64
CA LEU D 441 -1.91 -77.21 69.55
C LEU D 441 -0.90 -76.08 69.72
N ASN D 442 -1.35 -74.85 69.51
CA ASN D 442 -0.52 -73.68 69.76
C ASN D 442 -0.95 -73.03 71.07
N PRO D 443 -0.11 -73.17 72.11
CA PRO D 443 -0.42 -72.70 73.47
C PRO D 443 -0.50 -71.18 73.55
N ILE D 444 0.09 -70.49 72.57
CA ILE D 444 0.05 -69.04 72.54
C ILE D 444 -1.28 -68.58 71.96
N TYR D 445 -1.67 -69.17 70.83
CA TYR D 445 -2.91 -68.81 70.17
C TYR D 445 -4.13 -69.39 70.86
N TYR D 446 -3.92 -70.43 71.66
CA TYR D 446 -5.00 -70.98 72.48
C TYR D 446 -5.55 -69.90 73.40
N LEU D 447 -4.65 -69.20 74.08
CA LEU D 447 -5.03 -68.14 75.00
C LEU D 447 -5.74 -66.99 74.30
N MET D 448 -5.23 -66.60 73.13
CA MET D 448 -5.78 -65.46 72.40
C MET D 448 -7.18 -65.76 71.84
N TYR D 449 -7.37 -66.99 71.37
CA TYR D 449 -8.69 -67.44 70.93
C TYR D 449 -9.70 -67.44 72.08
N CYS D 450 -9.22 -67.72 73.28
CA CYS D 450 -10.09 -67.87 74.45
C CYS D 450 -10.52 -66.53 75.06
N THR D 451 -9.58 -65.60 75.22
CA THR D 451 -9.81 -64.45 76.09
C THR D 451 -9.87 -63.08 75.38
N GLY D 452 -9.59 -63.06 74.08
CA GLY D 452 -9.63 -61.81 73.34
C GLY D 452 -11.02 -61.24 73.24
N GLU D 453 -11.18 -59.98 73.67
CA GLU D 453 -12.49 -59.35 73.68
C GLU D 453 -12.99 -59.00 72.29
N LYS D 454 -12.08 -58.81 71.34
CA LYS D 454 -12.47 -58.58 69.96
C LYS D 454 -12.92 -59.89 69.32
N ILE D 455 -12.49 -61.00 69.92
CA ILE D 455 -12.88 -62.34 69.46
C ILE D 455 -12.44 -62.56 68.02
N ASN D 456 -11.35 -61.90 67.66
CA ASN D 456 -10.75 -62.06 66.34
C ASN D 456 -9.23 -62.21 66.51
N ILE D 457 -8.68 -63.30 66.01
CA ILE D 457 -7.28 -63.63 66.25
C ILE D 457 -6.33 -62.62 65.62
N THR D 458 -6.70 -62.08 64.46
CA THR D 458 -5.81 -61.18 63.73
C THR D 458 -5.67 -59.83 64.44
N GLN D 459 -6.56 -59.55 65.38
CA GLN D 459 -6.51 -58.27 66.10
C GLN D 459 -6.11 -58.45 67.56
N ILE D 460 -5.31 -59.48 67.84
CA ILE D 460 -4.71 -59.64 69.16
C ILE D 460 -3.25 -60.07 69.04
N GLU D 461 -2.92 -60.79 67.97
CA GLU D 461 -1.55 -61.22 67.69
C GLU D 461 -0.69 -60.08 67.17
N GLY D 462 0.63 -60.24 67.21
CA GLY D 462 1.52 -59.26 66.63
C GLY D 462 3.01 -59.28 66.98
N GLN D 463 3.33 -58.93 68.21
CA GLN D 463 4.71 -58.59 68.57
C GLN D 463 5.67 -59.77 68.71
N PHE D 464 5.13 -60.98 68.86
CA PHE D 464 5.98 -62.17 68.95
C PHE D 464 5.87 -62.96 67.66
N PRO D 465 7.00 -63.50 67.17
CA PRO D 465 7.00 -64.25 65.92
C PRO D 465 6.08 -65.48 65.98
N GLN D 466 5.33 -65.71 64.90
CA GLN D 466 4.38 -66.82 64.84
C GLN D 466 5.07 -68.18 64.82
N ALA D 467 6.31 -68.20 64.34
CA ALA D 467 7.07 -69.44 64.24
C ALA D 467 8.53 -69.22 64.64
N PRO D 468 9.22 -70.30 65.02
CA PRO D 468 10.62 -70.23 65.40
C PRO D 468 11.56 -70.35 64.20
N TYR D 469 12.75 -69.77 64.30
CA TYR D 469 13.78 -69.97 63.29
C TYR D 469 14.46 -71.32 63.53
N PRO D 470 14.60 -72.12 62.47
CA PRO D 470 15.23 -73.45 62.53
C PRO D 470 16.68 -73.39 62.99
N LYS D 471 17.38 -72.30 62.65
CA LYS D 471 18.78 -72.16 63.01
C LYS D 471 18.98 -71.15 64.13
N LEU D 472 19.93 -71.44 65.01
CA LEU D 472 20.23 -70.57 66.14
C LEU D 472 20.73 -69.20 65.67
N GLU D 473 21.47 -69.18 64.57
CA GLU D 473 22.03 -67.93 64.05
C GLU D 473 20.94 -66.95 63.62
N GLN D 474 19.85 -67.49 63.08
CA GLN D 474 18.72 -66.67 62.66
C GLN D 474 18.06 -65.98 63.85
N ARG D 475 17.96 -66.72 64.96
CA ARG D 475 17.33 -66.20 66.17
C ARG D 475 18.18 -65.12 66.83
N GLU D 476 19.47 -65.39 66.96
CA GLU D 476 20.39 -64.43 67.57
C GLU D 476 20.42 -63.13 66.79
N ALA D 477 20.38 -63.23 65.47
CA ALA D 477 20.35 -62.06 64.61
C ALA D 477 19.08 -61.25 64.83
N PHE D 478 18.00 -61.97 65.15
CA PHE D 478 16.68 -61.34 65.33
C PHE D 478 16.58 -60.58 66.66
N VAL D 479 17.05 -61.21 67.74
CA VAL D 479 16.98 -60.59 69.06
C VAL D 479 18.01 -59.47 69.21
N GLU D 480 18.95 -59.42 68.27
CA GLU D 480 20.05 -58.46 68.30
C GLU D 480 19.58 -57.01 68.43
N ASP D 481 18.65 -56.60 67.57
CA ASP D 481 18.17 -55.22 67.57
C ASP D 481 16.69 -55.14 67.94
N TRP D 482 16.18 -56.20 68.55
CA TRP D 482 14.78 -56.25 68.97
C TRP D 482 14.55 -55.32 70.15
N ILE D 483 14.57 -54.02 69.88
CA ILE D 483 14.50 -52.99 70.92
C ILE D 483 13.11 -52.82 71.51
N GLN D 484 12.09 -53.34 70.84
CA GLN D 484 10.71 -53.10 71.24
C GLN D 484 10.28 -53.92 72.45
N VAL D 485 11.04 -54.96 72.79
CA VAL D 485 10.67 -55.85 73.89
C VAL D 485 10.62 -55.12 75.22
N PRO D 486 9.57 -55.38 76.02
CA PRO D 486 9.40 -54.82 77.37
C PRO D 486 10.43 -55.37 78.36
N ASP D 487 10.97 -56.54 78.05
CA ASP D 487 11.92 -57.20 78.95
C ASP D 487 12.84 -58.13 78.18
N GLU D 488 14.05 -58.32 78.69
CA GLU D 488 15.06 -59.15 78.03
C GLU D 488 14.61 -60.59 77.84
N LYS D 489 13.71 -61.05 78.71
CA LYS D 489 13.27 -62.45 78.70
C LYS D 489 12.60 -62.86 77.39
N PHE D 490 12.07 -61.89 76.65
CA PHE D 490 11.40 -62.18 75.38
C PHE D 490 12.41 -62.59 74.32
N LYS D 491 13.64 -62.09 74.44
CA LYS D 491 14.71 -62.50 73.54
C LYS D 491 15.16 -63.92 73.87
N LYS D 492 15.34 -64.17 75.16
CA LYS D 492 15.80 -65.47 75.64
C LYS D 492 14.78 -66.57 75.37
N ILE D 493 13.51 -66.19 75.28
CA ILE D 493 12.46 -67.14 74.96
C ILE D 493 12.51 -67.51 73.48
N PHE D 494 12.63 -66.51 72.61
CA PHE D 494 12.70 -66.76 71.18
C PHE D 494 14.02 -67.44 70.80
N LEU D 495 15.06 -67.21 71.59
CA LEU D 495 16.35 -67.86 71.36
C LEU D 495 16.30 -69.35 71.66
N GLU D 496 15.48 -69.74 72.63
CA GLU D 496 15.36 -71.14 73.03
C GLU D 496 14.35 -71.90 72.17
N TRP D 497 13.33 -71.19 71.72
CA TRP D 497 12.23 -71.80 70.98
C TRP D 497 12.72 -72.49 69.71
N GLU D 498 12.20 -73.69 69.45
CA GLU D 498 12.60 -74.46 68.27
C GLU D 498 11.44 -75.14 67.58
N PRO D 499 11.58 -75.40 66.27
CA PRO D 499 10.57 -76.03 65.42
C PRO D 499 10.27 -77.48 65.81
N ARG D 500 11.30 -78.22 66.22
CA ARG D 500 11.11 -79.59 66.68
C ARG D 500 11.94 -79.86 67.93
N GLY D 501 11.59 -80.89 68.68
CA GLY D 501 12.34 -81.28 69.85
C GLY D 501 11.68 -80.89 71.16
N GLU D 502 12.45 -80.96 72.25
CA GLU D 502 11.96 -80.65 73.58
C GLU D 502 11.64 -79.17 73.72
N LYS D 503 12.18 -78.36 72.82
CA LYS D 503 11.95 -76.91 72.85
C LYS D 503 10.93 -76.51 71.80
N SER D 504 9.97 -77.38 71.52
CA SER D 504 8.93 -77.07 70.55
C SER D 504 7.55 -77.05 71.20
N MET D 505 6.58 -76.47 70.51
CA MET D 505 5.20 -76.47 70.97
C MET D 505 4.65 -77.89 70.94
N PRO D 506 3.63 -78.17 71.78
CA PRO D 506 2.96 -77.22 72.68
C PRO D 506 3.57 -77.11 74.08
N ASN D 507 4.57 -77.93 74.38
CA ASN D 507 5.13 -77.95 75.73
C ASN D 507 6.11 -76.80 75.98
N PHE D 508 6.63 -76.21 74.90
CA PHE D 508 7.48 -75.03 75.02
C PHE D 508 7.12 -74.02 73.92
N PRO D 509 7.13 -72.72 74.25
CA PRO D 509 7.47 -72.11 75.54
C PRO D 509 6.60 -72.60 76.69
N THR D 510 7.06 -72.39 77.91
CA THR D 510 6.33 -72.84 79.09
C THR D 510 5.04 -72.05 79.28
N VAL D 511 4.19 -72.52 80.18
CA VAL D 511 2.93 -71.86 80.49
C VAL D 511 3.15 -70.41 80.90
N ASP D 512 4.14 -70.17 81.76
CA ASP D 512 4.42 -68.84 82.26
C ASP D 512 4.95 -67.92 81.15
N MET D 513 5.74 -68.49 80.25
CA MET D 513 6.23 -67.75 79.09
C MET D 513 5.07 -67.37 78.16
N CYS D 514 4.26 -68.36 77.82
CA CYS D 514 3.10 -68.14 76.95
C CYS D 514 2.17 -67.06 77.50
N CYS D 515 2.00 -67.06 78.82
CA CYS D 515 1.15 -66.05 79.46
C CYS D 515 1.76 -64.66 79.34
N ASP D 516 3.08 -64.58 79.44
CA ASP D 516 3.80 -63.31 79.28
C ASP D 516 3.69 -62.80 77.84
N ILE D 517 3.98 -63.68 76.89
CA ILE D 517 3.93 -63.34 75.47
C ILE D 517 2.57 -62.79 75.07
N VAL D 518 1.51 -63.51 75.45
CA VAL D 518 0.15 -63.11 75.12
C VAL D 518 -0.21 -61.76 75.75
N ASP D 519 0.20 -61.58 77.00
CA ASP D 519 -0.09 -60.34 77.72
C ASP D 519 0.50 -59.12 77.03
N TRP D 520 1.67 -59.30 76.43
CA TRP D 520 2.36 -58.21 75.74
C TRP D 520 1.74 -57.91 74.39
N GLN D 521 1.45 -58.96 73.61
CA GLN D 521 0.83 -58.81 72.31
C GLN D 521 -0.53 -58.12 72.40
N GLU D 522 -1.27 -58.42 73.46
CA GLU D 522 -2.60 -57.84 73.65
C GLU D 522 -2.50 -56.38 74.09
N MET D 523 -1.59 -56.09 75.00
CA MET D 523 -1.42 -54.76 75.55
C MET D 523 -1.16 -53.72 74.46
N MET D 524 -0.40 -54.09 73.44
CA MET D 524 -0.06 -53.16 72.37
C MET D 524 -1.28 -52.81 71.52
N HIS D 525 -2.20 -53.75 71.40
CA HIS D 525 -3.45 -53.51 70.67
C HIS D 525 -4.35 -52.54 71.41
N TYR D 526 -4.34 -52.62 72.74
CA TYR D 526 -5.19 -51.77 73.58
C TYR D 526 -4.62 -50.37 73.73
N ILE D 527 -3.32 -50.22 73.48
CA ILE D 527 -2.70 -48.91 73.49
C ILE D 527 -2.92 -48.22 72.14
N ASP D 528 -2.79 -49.00 71.08
CA ASP D 528 -3.09 -48.53 69.74
C ASP D 528 -4.53 -48.04 69.64
N ASP D 529 -5.45 -48.86 70.14
CA ASP D 529 -6.88 -48.58 70.01
C ASP D 529 -7.35 -47.45 70.92
N ALA D 530 -6.51 -47.08 71.89
CA ALA D 530 -6.81 -45.94 72.74
C ALA D 530 -6.31 -44.65 72.09
N LEU D 531 -5.12 -44.73 71.48
CA LEU D 531 -4.49 -43.58 70.86
C LEU D 531 -5.03 -43.33 69.45
N GLY D 532 -5.49 -44.39 68.80
CA GLY D 532 -5.99 -44.30 67.44
C GLY D 532 -4.91 -44.63 66.43
N GLN D 533 -3.78 -45.13 66.93
CA GLN D 533 -2.66 -45.50 66.08
C GLN D 533 -2.97 -46.75 65.28
N CYS D 534 -2.57 -46.77 64.01
CA CYS D 534 -2.77 -47.96 63.20
C CYS D 534 -1.84 -49.06 63.66
N ALA D 535 -2.37 -50.27 63.80
CA ALA D 535 -1.57 -51.41 64.22
C ALA D 535 -0.52 -51.73 63.16
N GLY D 536 -0.77 -51.27 61.94
CA GLY D 536 0.17 -51.45 60.84
C GLY D 536 1.55 -50.92 61.15
N LEU D 537 1.61 -49.95 62.06
CA LEU D 537 2.88 -49.37 62.49
C LEU D 537 3.15 -49.65 63.96
N SER D 538 2.38 -50.55 64.54
CA SER D 538 2.54 -50.85 65.95
C SER D 538 2.29 -52.32 66.28
N SER D 539 1.18 -52.59 66.97
CA SER D 539 0.94 -53.90 67.58
C SER D 539 0.94 -55.09 66.61
N PHE D 540 0.66 -54.86 65.34
CA PHE D 540 0.46 -55.98 64.42
C PHE D 540 1.75 -56.64 63.91
N PRO D 541 2.67 -55.84 63.36
CA PRO D 541 3.85 -56.42 62.72
C PRO D 541 5.07 -56.53 63.64
N LEU D 542 6.04 -57.35 63.24
CA LEU D 542 7.29 -57.48 63.97
C LEU D 542 8.11 -56.19 63.89
N LYS D 543 8.72 -55.81 65.01
CA LYS D 543 9.60 -54.64 65.08
C LYS D 543 8.96 -53.38 64.50
N PRO D 544 7.94 -52.84 65.18
CA PRO D 544 7.26 -51.60 64.77
C PRO D 544 8.00 -50.34 65.23
N PRO D 545 7.71 -49.20 64.58
CA PRO D 545 8.26 -47.90 64.98
C PRO D 545 7.70 -47.39 66.31
N TYR D 546 6.46 -47.76 66.62
CA TYR D 546 5.88 -47.45 67.94
C TYR D 546 6.01 -48.66 68.85
N HIS D 547 6.37 -48.41 70.11
CA HIS D 547 6.56 -49.49 71.08
C HIS D 547 6.37 -49.00 72.51
N ILE D 548 6.53 -49.90 73.48
CA ILE D 548 6.27 -49.60 74.87
C ILE D 548 7.25 -48.57 75.43
N HIS D 549 8.36 -48.35 74.72
CA HIS D 549 9.43 -47.49 75.23
C HIS D 549 9.34 -46.05 74.74
N ASN D 550 8.76 -45.84 73.56
CA ASN D 550 8.65 -44.48 73.01
C ASN D 550 7.21 -43.96 73.08
N TYR D 551 6.25 -44.88 73.17
CA TYR D 551 4.84 -44.53 73.27
C TYR D 551 4.54 -43.58 74.43
N PRO D 552 5.13 -43.83 75.61
CA PRO D 552 4.91 -42.92 76.74
C PRO D 552 5.37 -41.50 76.46
N LYS D 553 6.38 -41.37 75.60
CA LYS D 553 6.93 -40.06 75.26
C LYS D 553 6.00 -39.28 74.33
N PHE D 554 5.37 -39.99 73.39
CA PHE D 554 4.38 -39.37 72.52
C PHE D 554 3.20 -38.84 73.33
N ILE D 555 2.81 -39.61 74.34
CA ILE D 555 1.65 -39.29 75.17
C ILE D 555 1.90 -38.08 76.07
N ALA D 556 3.09 -38.05 76.67
CA ALA D 556 3.43 -36.98 77.61
C ALA D 556 3.64 -35.65 76.88
N ALA D 557 4.20 -35.72 75.68
CA ALA D 557 4.47 -34.52 74.89
C ALA D 557 3.25 -34.10 74.07
N GLY D 558 2.42 -35.07 73.72
CA GLY D 558 1.23 -34.80 72.91
C GLY D 558 0.05 -34.28 73.71
N ALA D 559 -0.22 -34.90 74.85
CA ALA D 559 -1.40 -34.56 75.65
C ALA D 559 -1.03 -33.79 76.91
N GLY D 560 0.27 -33.63 77.15
CA GLY D 560 0.74 -32.87 78.30
C GLY D 560 0.38 -33.46 79.64
N ILE D 561 0.59 -34.77 79.80
CA ILE D 561 0.39 -35.43 81.07
C ILE D 561 1.55 -36.38 81.36
N GLU D 562 1.93 -36.47 82.63
CA GLU D 562 3.02 -37.37 83.03
C GLU D 562 2.72 -38.80 82.60
N MET D 563 3.70 -39.44 81.97
CA MET D 563 3.53 -40.82 81.52
C MET D 563 4.87 -41.51 81.30
N ASP D 564 5.06 -42.64 81.98
CA ASP D 564 6.25 -43.45 81.78
C ASP D 564 5.84 -44.85 81.33
N THR D 565 6.82 -45.74 81.20
CA THR D 565 6.57 -47.08 80.70
C THR D 565 5.69 -47.90 81.65
N GLU D 566 5.88 -47.69 82.95
CA GLU D 566 5.10 -48.42 83.94
C GLU D 566 3.67 -47.91 83.99
N LYS D 567 3.51 -46.59 84.04
CA LYS D 567 2.18 -45.97 84.07
C LYS D 567 1.38 -46.33 82.83
N LEU D 568 2.07 -46.57 81.72
CA LEU D 568 1.42 -46.96 80.48
C LEU D 568 0.88 -48.38 80.58
N LYS D 569 1.72 -49.29 81.04
CA LYS D 569 1.33 -50.68 81.27
C LYS D 569 0.08 -50.76 82.14
N LYS D 570 0.11 -50.02 83.25
CA LYS D 570 -1.00 -50.02 84.21
C LYS D 570 -2.26 -49.38 83.63
N ALA D 571 -2.06 -48.35 82.81
CA ALA D 571 -3.17 -47.67 82.15
C ALA D 571 -3.90 -48.63 81.21
N ALA D 572 -3.14 -49.34 80.40
CA ALA D 572 -3.69 -50.31 79.47
C ALA D 572 -4.39 -51.44 80.23
N LYS D 573 -3.79 -51.84 81.36
CA LYS D 573 -4.38 -52.89 82.19
C LYS D 573 -5.71 -52.43 82.75
N ARG D 574 -5.79 -51.16 83.14
CA ARG D 574 -6.99 -50.61 83.76
C ARG D 574 -8.24 -50.77 82.88
N TYR D 575 -8.19 -50.28 81.65
CA TYR D 575 -9.39 -50.34 80.81
C TYR D 575 -9.51 -51.63 80.00
N ARG D 576 -8.44 -52.42 79.97
CA ARG D 576 -8.55 -53.78 79.40
C ARG D 576 -9.31 -54.65 80.40
N THR D 577 -9.13 -54.35 81.68
CA THR D 577 -9.86 -55.05 82.73
C THR D 577 -11.29 -54.53 82.78
N LEU D 578 -11.46 -53.26 82.41
CA LEU D 578 -12.76 -52.63 82.38
C LEU D 578 -13.64 -53.27 81.32
N VAL D 579 -13.08 -53.45 80.13
CA VAL D 579 -13.78 -54.15 79.05
C VAL D 579 -14.12 -55.57 79.50
N ARG D 580 -13.22 -56.16 80.28
CA ARG D 580 -13.45 -57.49 80.83
C ARG D 580 -14.63 -57.47 81.79
N ALA D 581 -14.66 -56.46 82.65
CA ALA D 581 -15.75 -56.28 83.60
C ALA D 581 -17.09 -56.19 82.90
N PHE D 582 -17.13 -55.43 81.80
CA PHE D 582 -18.36 -55.21 81.06
C PHE D 582 -18.94 -56.51 80.51
N ASN D 583 -18.08 -57.31 79.86
CA ASN D 583 -18.52 -58.59 79.32
C ASN D 583 -18.93 -59.54 80.44
N ILE D 584 -18.26 -59.43 81.59
CA ILE D 584 -18.64 -60.20 82.76
C ILE D 584 -20.05 -59.83 83.22
N ARG D 585 -20.37 -58.55 83.17
CA ARG D 585 -21.67 -58.05 83.61
C ARG D 585 -22.77 -58.49 82.66
N ARG D 586 -22.40 -58.86 81.44
CA ARG D 586 -23.37 -59.33 80.46
C ARG D 586 -23.41 -60.86 80.41
N GLY D 587 -22.80 -61.49 81.40
CA GLY D 587 -22.92 -62.93 81.60
C GLY D 587 -21.75 -63.78 81.15
N MET D 588 -20.67 -63.16 80.72
CA MET D 588 -19.52 -63.93 80.25
C MET D 588 -18.82 -64.66 81.40
N ARG D 589 -18.62 -65.96 81.23
CA ARG D 589 -17.92 -66.78 82.22
C ARG D 589 -16.86 -67.63 81.53
N ARG D 590 -16.05 -68.32 82.32
CA ARG D 590 -14.92 -69.10 81.80
C ARG D 590 -15.35 -70.08 80.71
N VAL D 591 -16.53 -70.67 80.88
CA VAL D 591 -17.05 -71.67 79.95
C VAL D 591 -17.17 -71.15 78.52
N ASP D 592 -17.30 -69.83 78.39
CA ASP D 592 -17.47 -69.20 77.08
C ASP D 592 -16.15 -69.04 76.35
N GLU D 593 -15.06 -69.13 77.09
CA GLU D 593 -13.73 -68.90 76.54
C GLU D 593 -13.10 -70.21 76.09
N GLN D 594 -13.64 -70.78 75.02
CA GLN D 594 -13.12 -72.00 74.44
C GLN D 594 -13.07 -71.92 72.93
N PRO D 595 -12.00 -72.45 72.32
CA PRO D 595 -11.89 -72.50 70.87
C PRO D 595 -12.85 -73.55 70.31
N PRO D 596 -13.07 -73.54 68.98
CA PRO D 596 -13.85 -74.60 68.34
C PRO D 596 -13.29 -75.98 68.66
N ALA D 597 -14.15 -76.98 68.69
CA ALA D 597 -13.74 -78.34 69.04
C ALA D 597 -12.67 -78.89 68.10
N ASN D 598 -12.82 -78.59 66.81
CA ASN D 598 -11.94 -79.17 65.79
C ASN D 598 -10.82 -78.22 65.35
N HIS D 599 -10.59 -77.16 66.11
CA HIS D 599 -9.66 -76.12 65.69
C HIS D 599 -8.22 -76.63 65.56
N TRP D 600 -7.88 -77.63 66.37
CA TRP D 600 -6.61 -78.34 66.24
C TRP D 600 -6.87 -79.84 66.21
N LYS D 601 -5.97 -80.59 65.57
CA LYS D 601 -6.13 -82.03 65.47
C LYS D 601 -5.52 -82.73 66.69
N ASN D 602 -4.55 -82.08 67.32
CA ASN D 602 -3.94 -82.60 68.54
C ASN D 602 -4.25 -81.68 69.73
N ARG D 603 -5.01 -82.19 70.69
CA ARG D 603 -5.42 -81.38 71.84
C ARG D 603 -4.84 -81.92 73.14
N PHE D 604 -4.70 -81.06 74.13
CA PHE D 604 -4.08 -81.42 75.41
C PHE D 604 -4.82 -80.80 76.59
N PRO D 605 -5.93 -81.44 77.00
CA PRO D 605 -6.83 -81.01 78.08
C PRO D 605 -6.12 -80.49 79.32
N GLU D 606 -5.18 -81.26 79.86
CA GLU D 606 -4.48 -80.86 81.08
C GLU D 606 -3.55 -79.68 80.82
N LEU D 607 -2.87 -79.70 79.68
CA LEU D 607 -2.02 -78.58 79.29
C LEU D 607 -2.86 -77.32 79.07
N GLU D 608 -4.02 -77.50 78.46
CA GLU D 608 -4.90 -76.37 78.15
C GLU D 608 -5.50 -75.77 79.41
N LYS D 609 -5.80 -76.63 80.38
CA LYS D 609 -6.36 -76.18 81.65
C LYS D 609 -5.37 -75.31 82.42
N GLU D 610 -4.14 -75.80 82.53
CA GLU D 610 -3.09 -75.05 83.22
C GLU D 610 -2.82 -73.71 82.54
N LEU D 611 -2.91 -73.69 81.22
CA LEU D 611 -2.72 -72.46 80.45
C LEU D 611 -3.70 -71.37 80.88
N LEU D 612 -4.99 -71.69 80.78
CA LEU D 612 -6.06 -70.75 81.10
C LEU D 612 -6.02 -70.34 82.58
N ASP D 613 -5.63 -71.28 83.44
CA ASP D 613 -5.50 -71.02 84.87
C ASP D 613 -4.45 -69.96 85.15
N SER D 614 -3.26 -70.14 84.60
CA SER D 614 -2.12 -69.28 84.88
C SER D 614 -2.26 -67.91 84.24
N TYR D 615 -3.01 -67.84 83.15
CA TYR D 615 -3.26 -66.55 82.49
C TYR D 615 -4.21 -65.71 83.35
N TYR D 616 -5.30 -66.33 83.79
CA TYR D 616 -6.23 -65.71 84.71
C TYR D 616 -5.50 -65.10 85.91
N LYS D 617 -4.54 -65.85 86.44
CA LYS D 617 -3.74 -65.40 87.57
C LYS D 617 -2.90 -64.18 87.19
N LEU D 618 -2.37 -64.20 85.96
CA LEU D 618 -1.55 -63.11 85.47
C LEU D 618 -2.39 -61.85 85.26
N LYS D 619 -3.60 -62.03 84.75
CA LYS D 619 -4.53 -60.92 84.56
C LYS D 619 -5.01 -60.39 85.91
N GLY D 620 -5.03 -61.26 86.92
CA GLY D 620 -5.51 -60.92 88.23
C GLY D 620 -6.98 -61.27 88.40
N TRP D 621 -7.41 -62.32 87.73
CA TRP D 621 -8.82 -62.70 87.70
C TRP D 621 -9.12 -63.95 88.52
N ASN D 622 -10.38 -64.35 88.53
CA ASN D 622 -10.81 -65.58 89.18
C ASN D 622 -10.44 -66.80 88.36
N ASP D 623 -10.68 -67.99 88.92
CA ASP D 623 -10.59 -69.21 88.14
C ASP D 623 -11.90 -69.40 87.38
N ASP D 624 -12.76 -68.39 87.45
CA ASP D 624 -13.99 -68.34 86.67
C ASP D 624 -13.87 -67.26 85.60
N GLY D 625 -12.79 -66.49 85.66
CA GLY D 625 -12.52 -65.48 84.64
C GLY D 625 -12.90 -64.07 85.02
N ILE D 626 -13.28 -63.88 86.28
CA ILE D 626 -13.76 -62.57 86.74
C ILE D 626 -12.69 -61.83 87.54
N PRO D 627 -12.44 -60.56 87.19
CA PRO D 627 -11.46 -59.71 87.88
C PRO D 627 -11.75 -59.61 89.37
N THR D 628 -10.78 -59.99 90.21
CA THR D 628 -11.01 -60.02 91.65
C THR D 628 -11.08 -58.62 92.26
N LYS D 629 -11.57 -58.56 93.49
CA LYS D 629 -11.69 -57.31 94.23
C LYS D 629 -10.33 -56.64 94.42
N GLU D 630 -9.30 -57.45 94.60
CA GLU D 630 -7.94 -56.96 94.83
C GLU D 630 -7.42 -56.13 93.67
N THR D 631 -7.41 -56.73 92.49
CA THR D 631 -6.89 -56.08 91.29
C THR D 631 -7.74 -54.89 90.88
N LEU D 632 -9.07 -55.05 90.99
CA LEU D 632 -9.99 -53.96 90.68
C LEU D 632 -9.67 -52.71 91.50
N ASP D 633 -9.41 -52.91 92.78
CA ASP D 633 -9.09 -51.81 93.68
C ASP D 633 -7.75 -51.17 93.33
N ASP D 634 -6.78 -51.99 92.95
CA ASP D 634 -5.44 -51.50 92.63
C ASP D 634 -5.44 -50.61 91.40
N LEU D 635 -6.27 -50.96 90.42
CA LEU D 635 -6.33 -50.23 89.16
C LEU D 635 -7.19 -48.97 89.27
N GLY D 636 -7.80 -48.76 90.43
CA GLY D 636 -8.70 -47.64 90.63
C GLY D 636 -10.10 -47.96 90.16
N LEU D 637 -10.38 -49.25 90.01
CA LEU D 637 -11.69 -49.71 89.57
C LEU D 637 -12.51 -50.18 90.77
N GLY D 638 -12.56 -49.36 91.81
CA GLY D 638 -13.29 -49.70 93.01
C GLY D 638 -14.78 -49.79 92.78
N TYR D 639 -15.32 -48.85 92.02
CA TYR D 639 -16.74 -48.82 91.70
C TYR D 639 -17.18 -50.10 90.99
N VAL D 640 -16.23 -50.74 90.32
CA VAL D 640 -16.50 -52.01 89.64
C VAL D 640 -16.70 -53.13 90.65
N GLY D 641 -15.75 -53.27 91.56
CA GLY D 641 -15.79 -54.31 92.57
C GLY D 641 -17.01 -54.23 93.47
N ASP D 642 -17.41 -53.01 93.80
CA ASP D 642 -18.58 -52.80 94.65
C ASP D 642 -19.85 -53.24 93.93
N GLU D 643 -19.91 -52.99 92.64
CA GLU D 643 -21.07 -53.38 91.84
C GLU D 643 -21.12 -54.89 91.64
N PHE D 644 -19.95 -55.50 91.52
CA PHE D 644 -19.85 -56.95 91.40
C PHE D 644 -20.38 -57.62 92.66
N ILE D 645 -19.98 -57.11 93.83
CA ILE D 645 -20.45 -57.63 95.10
C ILE D 645 -21.95 -57.42 95.25
N LYS D 646 -22.42 -56.26 94.80
CA LYS D 646 -23.82 -55.89 94.92
C LYS D 646 -24.69 -56.69 93.94
N ARG D 647 -24.09 -57.11 92.83
CA ARG D 647 -24.79 -57.92 91.84
C ARG D 647 -24.63 -59.41 92.12
N GLY D 648 -23.76 -59.74 93.07
CA GLY D 648 -23.51 -61.13 93.43
C GLY D 648 -22.42 -61.77 92.58
N ILE D 649 -21.83 -60.98 91.69
CA ILE D 649 -20.76 -61.47 90.84
C ILE D 649 -19.52 -61.87 91.65
N LEU D 650 -19.23 -61.10 92.69
CA LEU D 650 -18.12 -61.40 93.59
C LEU D 650 -18.61 -61.54 95.04
N SER D 651 -18.05 -62.52 95.74
CA SER D 651 -18.39 -62.76 97.14
C SER D 651 -17.57 -61.86 98.06
N ALA D 652 -18.26 -61.09 98.90
CA ALA D 652 -17.60 -60.16 99.80
C ALA D 652 -16.73 -60.90 100.83
N ARG E 8 1.65 7.82 -44.69
CA ARG E 8 0.75 8.71 -45.41
C ARG E 8 1.34 10.11 -45.50
N ILE E 9 0.79 10.93 -46.39
CA ILE E 9 1.30 12.27 -46.61
C ILE E 9 0.38 13.35 -46.04
N VAL E 10 0.96 14.23 -45.21
CA VAL E 10 0.24 15.38 -44.69
C VAL E 10 0.74 16.64 -45.37
N LYS E 11 -0.19 17.52 -45.74
CA LYS E 11 0.15 18.78 -46.39
C LYS E 11 -0.01 19.94 -45.41
N THR E 12 1.04 20.75 -45.28
CA THR E 12 1.01 21.90 -44.38
C THR E 12 0.94 23.21 -45.15
N ILE E 13 -0.06 24.02 -44.83
CA ILE E 13 -0.19 25.36 -45.40
C ILE E 13 0.68 26.33 -44.61
N ASN E 14 1.76 26.80 -45.23
CA ASN E 14 2.66 27.73 -44.56
C ASN E 14 2.22 29.16 -44.78
N ILE E 15 1.90 29.84 -43.68
CA ILE E 15 1.36 31.19 -43.73
C ILE E 15 2.28 32.18 -43.01
N ASP E 16 2.93 33.05 -43.77
CA ASP E 16 3.80 34.06 -43.19
C ASP E 16 3.04 35.36 -42.99
N ALA E 17 2.47 35.52 -41.80
CA ALA E 17 1.61 36.66 -41.49
C ALA E 17 2.37 37.98 -41.59
N ASP E 18 3.69 37.91 -41.44
CA ASP E 18 4.53 39.10 -41.52
C ASP E 18 4.69 39.60 -42.95
N LYS E 19 4.43 38.72 -43.92
CA LYS E 19 4.55 39.06 -45.32
C LYS E 19 3.23 39.54 -45.94
N CYS E 20 2.12 39.32 -45.24
CA CYS E 20 0.81 39.66 -45.78
C CYS E 20 0.59 41.17 -45.79
N ASN E 21 -0.07 41.66 -46.85
CA ASN E 21 -0.37 43.08 -46.95
C ASN E 21 -1.87 43.36 -46.88
N GLY E 22 -2.67 42.29 -46.89
CA GLY E 22 -4.11 42.41 -46.72
C GLY E 22 -4.86 42.75 -47.98
N CYS E 23 -4.24 42.52 -49.13
CA CYS E 23 -4.86 42.78 -50.43
C CYS E 23 -6.13 41.95 -50.60
N ARG E 24 -6.17 40.81 -49.92
CA ARG E 24 -7.31 39.91 -49.97
C ARG E 24 -7.50 39.32 -51.37
N ALA E 25 -6.42 39.28 -52.15
CA ALA E 25 -6.44 38.67 -53.47
C ALA E 25 -6.80 37.19 -53.36
N CYS E 26 -6.28 36.54 -52.32
CA CYS E 26 -6.55 35.12 -52.07
C CYS E 26 -8.05 34.83 -52.03
N GLU E 27 -8.79 35.68 -51.34
CA GLU E 27 -10.24 35.54 -51.28
C GLU E 27 -10.88 35.65 -52.65
N VAL E 28 -10.35 36.54 -53.48
CA VAL E 28 -10.91 36.79 -54.81
C VAL E 28 -10.81 35.57 -55.72
N ILE E 29 -9.62 34.99 -55.80
CA ILE E 29 -9.39 33.88 -56.72
C ILE E 29 -9.99 32.57 -56.23
N CYS E 30 -9.96 32.34 -54.92
CA CYS E 30 -10.50 31.11 -54.35
C CYS E 30 -12.00 31.00 -54.61
N SER E 31 -12.73 32.05 -54.29
CA SER E 31 -14.17 32.07 -54.52
C SER E 31 -14.50 32.04 -56.00
N ALA E 32 -13.66 32.69 -56.80
CA ALA E 32 -13.87 32.76 -58.25
C ALA E 32 -13.81 31.37 -58.88
N PHE E 33 -12.79 30.62 -58.53
CA PHE E 33 -12.62 29.26 -59.04
C PHE E 33 -13.75 28.33 -58.62
N HIS E 34 -14.21 28.47 -57.38
CA HIS E 34 -15.24 27.58 -56.85
C HIS E 34 -16.64 27.98 -57.30
N ALA E 35 -16.73 29.00 -58.16
CA ALA E 35 -18.01 29.39 -58.73
C ALA E 35 -18.47 28.33 -59.73
N MET E 36 -19.74 28.38 -60.10
CA MET E 36 -20.32 27.39 -60.99
C MET E 36 -21.06 28.02 -62.16
N PRO E 37 -20.48 27.93 -63.37
CA PRO E 37 -19.19 27.28 -63.61
C PRO E 37 -18.02 28.10 -63.06
N PRO E 38 -16.81 27.54 -63.06
CA PRO E 38 -15.62 28.19 -62.51
C PRO E 38 -15.36 29.58 -63.09
N TYR E 39 -15.03 30.53 -62.22
CA TYR E 39 -14.68 31.90 -62.62
C TYR E 39 -15.86 32.67 -63.21
N SER E 40 -17.03 32.06 -63.24
CA SER E 40 -18.22 32.74 -63.77
C SER E 40 -18.63 33.89 -62.84
N SER E 41 -18.18 33.82 -61.60
CA SER E 41 -18.42 34.90 -60.64
C SER E 41 -17.43 34.80 -59.49
N ASN E 42 -17.44 35.79 -58.60
CA ASN E 42 -16.62 35.74 -57.40
C ASN E 42 -17.33 36.34 -56.20
N ASN E 43 -16.89 35.97 -55.00
CA ASN E 43 -17.56 36.39 -53.77
C ASN E 43 -16.72 35.99 -52.56
N PRO E 44 -16.00 36.96 -51.97
CA PRO E 44 -15.09 36.71 -50.84
C PRO E 44 -15.74 35.96 -49.68
N ALA E 45 -17.06 36.04 -49.55
CA ALA E 45 -17.77 35.35 -48.50
C ALA E 45 -17.77 33.83 -48.71
N ARG E 46 -17.57 33.42 -49.96
CA ARG E 46 -17.54 32.00 -50.31
C ARG E 46 -16.12 31.47 -50.42
N SER E 47 -15.16 32.25 -49.90
CA SER E 47 -13.76 31.86 -49.95
C SER E 47 -13.41 30.90 -48.81
N ARG E 48 -12.60 29.90 -49.11
CA ARG E 48 -12.16 28.94 -48.11
C ARG E 48 -10.95 29.47 -47.34
N VAL E 49 -10.53 30.66 -47.71
CA VAL E 49 -9.48 31.37 -46.99
C VAL E 49 -9.95 32.79 -46.69
N ARG E 50 -9.83 33.20 -45.44
CA ARG E 50 -10.31 34.51 -45.00
C ARG E 50 -9.24 35.24 -44.20
N VAL E 51 -8.98 36.49 -44.56
CA VAL E 51 -7.94 37.26 -43.90
C VAL E 51 -8.48 38.09 -42.74
N VAL E 52 -8.02 37.77 -41.53
CA VAL E 52 -8.31 38.58 -40.36
C VAL E 52 -7.51 39.87 -40.45
N ARG E 53 -8.20 40.99 -40.66
CA ARG E 53 -7.53 42.23 -41.01
C ARG E 53 -7.90 43.40 -40.11
N ASP E 54 -6.90 43.95 -39.43
CA ASP E 54 -7.05 45.20 -38.68
C ASP E 54 -5.77 46.01 -38.79
N PRO E 55 -5.71 46.92 -39.77
CA PRO E 55 -4.54 47.76 -40.04
C PRO E 55 -4.09 48.58 -38.83
N LEU E 56 -5.03 48.99 -38.00
CA LEU E 56 -4.72 49.80 -36.82
C LEU E 56 -4.04 48.98 -35.73
N ARG E 57 -4.31 47.67 -35.72
CA ARG E 57 -3.68 46.77 -34.76
C ARG E 57 -2.49 46.05 -35.38
N ASP E 58 -2.22 46.34 -36.66
CA ASP E 58 -1.18 45.66 -37.41
C ASP E 58 -1.41 44.15 -37.43
N ILE E 59 -2.66 43.75 -37.57
CA ILE E 59 -2.99 42.34 -37.67
C ILE E 59 -3.42 41.96 -39.08
N TYR E 60 -2.72 41.00 -39.66
CA TYR E 60 -3.06 40.44 -40.96
C TYR E 60 -2.81 38.94 -40.91
N VAL E 61 -3.88 38.17 -40.72
CA VAL E 61 -3.75 36.73 -40.52
C VAL E 61 -4.67 35.93 -41.44
N PRO E 62 -4.11 35.36 -42.52
CA PRO E 62 -4.87 34.48 -43.41
C PRO E 62 -5.34 33.21 -42.69
N LEU E 63 -6.65 32.96 -42.71
CA LEU E 63 -7.22 31.78 -42.07
C LEU E 63 -7.86 30.84 -43.09
N TYR E 64 -7.62 29.55 -42.94
CA TYR E 64 -8.16 28.56 -43.87
C TYR E 64 -9.33 27.79 -43.28
N ALA E 65 -10.32 27.48 -44.11
CA ALA E 65 -11.48 26.73 -43.68
C ALA E 65 -11.09 25.34 -43.21
N GLY E 66 -11.46 25.01 -41.98
CA GLY E 66 -11.07 23.75 -41.37
C GLY E 66 -12.20 22.76 -41.24
N GLU E 67 -12.49 22.35 -40.01
CA GLU E 67 -13.48 21.32 -39.76
C GLU E 67 -14.85 21.87 -39.39
N TYR E 68 -15.88 21.09 -39.69
CA TYR E 68 -17.25 21.43 -39.35
C TYR E 68 -17.55 21.06 -37.91
N THR E 69 -18.39 21.87 -37.26
CA THR E 69 -18.84 21.59 -35.91
C THR E 69 -20.30 22.04 -35.75
N GLU E 70 -21.09 21.22 -35.06
CA GLU E 70 -22.52 21.47 -34.92
C GLU E 70 -22.84 22.31 -33.69
N SER E 71 -21.83 22.58 -32.86
CA SER E 71 -22.07 23.33 -31.63
C SER E 71 -20.90 24.26 -31.30
N GLU E 72 -21.21 25.36 -30.62
CA GLU E 72 -20.19 26.30 -30.18
C GLU E 72 -19.46 25.78 -28.95
N CYS E 73 -18.32 26.40 -28.65
CA CYS E 73 -17.58 26.08 -27.44
C CYS E 73 -18.25 26.70 -26.22
N ILE E 74 -18.21 26.00 -25.09
CA ILE E 74 -18.74 26.50 -23.84
C ILE E 74 -18.05 27.82 -23.48
N GLY E 75 -16.78 27.92 -23.82
CA GLY E 75 -16.02 29.14 -23.63
C GLY E 75 -15.22 29.48 -24.88
N ARG E 76 -15.27 30.74 -25.28
CA ARG E 76 -14.51 31.20 -26.44
C ARG E 76 -13.19 31.81 -26.00
N ASP E 77 -12.13 31.56 -26.76
CA ASP E 77 -10.80 32.05 -26.37
C ASP E 77 -10.49 33.39 -27.05
N LYS E 78 -9.63 34.17 -26.40
CA LYS E 78 -9.26 35.49 -26.89
C LYS E 78 -7.86 35.85 -26.41
N PHE E 79 -6.91 35.90 -27.33
CA PHE E 79 -5.50 36.02 -26.99
C PHE E 79 -4.97 37.46 -26.98
N ILE E 80 -3.94 37.67 -26.17
CA ILE E 80 -3.06 38.83 -26.28
C ILE E 80 -1.65 38.30 -26.47
N ILE E 81 -1.06 38.54 -27.63
CA ILE E 81 0.26 37.99 -27.93
C ILE E 81 1.21 39.03 -28.51
N ASP E 82 2.32 39.27 -27.83
CA ASP E 82 3.32 40.21 -28.29
C ASP E 82 2.74 41.61 -28.47
N GLY E 83 1.80 41.96 -27.60
CA GLY E 83 1.21 43.29 -27.58
C GLY E 83 -0.07 43.42 -28.37
N LYS E 84 -0.38 42.42 -29.20
CA LYS E 84 -1.54 42.49 -30.08
C LYS E 84 -2.78 41.84 -29.46
N GLU E 85 -3.88 42.59 -29.42
CA GLU E 85 -5.13 42.07 -28.90
C GLU E 85 -5.98 41.48 -30.01
N TYR E 86 -5.92 40.17 -30.16
CA TYR E 86 -6.62 39.48 -31.24
C TYR E 86 -8.12 39.39 -30.99
N ASP E 87 -8.86 38.99 -32.02
CA ASP E 87 -10.30 38.80 -31.90
C ASP E 87 -10.62 37.51 -31.17
N GLU E 88 -11.81 37.49 -30.56
CA GLU E 88 -12.38 36.28 -30.01
C GLU E 88 -12.49 35.21 -31.10
N CYS E 89 -11.96 34.02 -30.83
CA CYS E 89 -11.94 32.95 -31.83
C CYS E 89 -11.13 33.38 -33.05
N GLY E 90 -10.12 34.21 -32.82
CA GLY E 90 -9.34 34.80 -33.89
C GLY E 90 -8.57 33.84 -34.78
N PHE E 91 -8.31 32.63 -34.29
CA PHE E 91 -7.49 31.67 -35.02
C PHE E 91 -8.23 30.38 -35.38
N CYS E 92 -9.52 30.31 -35.06
CA CYS E 92 -10.27 29.08 -35.28
C CYS E 92 -10.68 28.89 -36.74
N ARG E 93 -10.32 27.73 -37.29
CA ARG E 93 -10.61 27.40 -38.67
C ARG E 93 -12.00 26.78 -38.85
N ALA E 94 -12.71 26.59 -37.74
CA ALA E 94 -13.96 25.84 -37.75
C ALA E 94 -15.07 26.53 -38.53
N SER E 95 -15.89 25.73 -39.20
CA SER E 95 -17.18 26.20 -39.69
C SER E 95 -18.17 26.06 -38.55
N CYS E 96 -18.28 27.11 -37.74
CA CYS E 96 -19.00 27.06 -36.49
C CYS E 96 -20.29 27.88 -36.55
N PRO E 97 -21.33 27.45 -35.81
CA PRO E 97 -22.62 28.15 -35.80
C PRO E 97 -22.55 29.52 -35.13
N SER E 98 -21.38 29.91 -34.65
CA SER E 98 -21.22 31.18 -33.93
C SER E 98 -20.91 32.37 -34.85
N ARG E 99 -20.55 32.10 -36.11
CA ARG E 99 -20.26 33.20 -37.03
C ARG E 99 -20.45 32.80 -38.50
N ASP E 100 -20.15 33.73 -39.40
CA ASP E 100 -20.40 33.56 -40.82
C ASP E 100 -19.23 32.93 -41.57
N LEU E 101 -18.04 33.03 -41.00
CA LEU E 101 -16.83 32.51 -41.65
C LEU E 101 -16.99 31.07 -42.11
N PHE E 102 -16.52 30.78 -43.31
CA PHE E 102 -16.46 29.41 -43.81
C PHE E 102 -17.85 28.79 -43.91
N ARG E 103 -18.83 29.64 -44.21
CA ARG E 103 -20.20 29.19 -44.44
C ARG E 103 -20.81 29.96 -45.60
N GLU E 104 -21.49 29.26 -46.50
CA GLU E 104 -22.17 29.90 -47.62
C GLU E 104 -23.08 31.02 -47.12
N PRO E 105 -22.95 32.21 -47.70
CA PRO E 105 -23.68 33.39 -47.25
C PRO E 105 -25.19 33.30 -47.49
N ASP E 106 -25.62 32.40 -48.34
CA ASP E 106 -27.04 32.31 -48.68
C ASP E 106 -27.72 31.07 -48.10
N SER E 107 -26.95 29.99 -47.89
CA SER E 107 -27.53 28.76 -47.37
C SER E 107 -27.03 28.44 -45.96
N GLY E 108 -25.81 28.88 -45.65
CA GLY E 108 -25.22 28.64 -44.34
C GLY E 108 -24.41 27.36 -44.29
N LEU E 109 -24.43 26.59 -45.38
CA LEU E 109 -23.69 25.34 -45.45
C LEU E 109 -22.19 25.55 -45.24
N PRO E 110 -21.52 24.55 -44.66
CA PRO E 110 -20.09 24.64 -44.30
C PRO E 110 -19.17 24.60 -45.52
N LEU E 111 -18.13 25.43 -45.48
CA LEU E 111 -17.09 25.40 -46.50
C LEU E 111 -15.79 24.85 -45.90
N LYS E 112 -15.01 24.16 -46.72
CA LYS E 112 -13.76 23.55 -46.26
C LYS E 112 -12.71 23.52 -47.35
N CYS E 113 -11.52 24.04 -47.04
CA CYS E 113 -10.41 24.03 -47.98
C CYS E 113 -10.01 22.61 -48.33
N ASP E 114 -9.85 22.34 -49.62
CA ASP E 114 -9.43 21.02 -50.08
C ASP E 114 -8.14 21.13 -50.89
N LEU E 115 -7.43 22.23 -50.69
CA LEU E 115 -6.16 22.49 -51.38
C LEU E 115 -6.31 22.46 -52.90
N CYS E 116 -7.42 23.01 -53.40
CA CYS E 116 -7.70 23.04 -54.83
C CYS E 116 -7.53 21.67 -55.45
N ASP E 117 -8.20 20.68 -54.88
CA ASP E 117 -8.06 19.29 -55.33
C ASP E 117 -8.32 19.14 -56.82
N GLY E 118 -7.39 18.48 -57.50
CA GLY E 118 -7.50 18.27 -58.94
C GLY E 118 -6.68 19.26 -59.74
N GLU E 119 -6.46 20.44 -59.19
CA GLU E 119 -5.70 21.48 -59.89
C GLU E 119 -4.21 21.34 -59.67
N PRO E 120 -3.41 21.91 -60.60
CA PRO E 120 -1.95 21.85 -60.54
C PRO E 120 -1.37 22.59 -59.34
N GLU E 121 -2.06 23.62 -58.87
CA GLU E 121 -1.53 24.46 -57.79
C GLU E 121 -2.64 25.24 -57.09
N PRO E 122 -2.50 25.40 -55.76
CA PRO E 122 -3.41 26.23 -54.98
C PRO E 122 -3.48 27.65 -55.52
N LEU E 123 -4.67 28.05 -55.96
CA LEU E 123 -4.88 29.35 -56.58
C LEU E 123 -4.60 30.51 -55.62
N CYS E 124 -4.95 30.33 -54.36
CA CYS E 124 -4.65 31.34 -53.35
C CYS E 124 -3.13 31.55 -53.27
N VAL E 125 -2.39 30.46 -53.33
CA VAL E 125 -0.93 30.55 -53.32
C VAL E 125 -0.41 31.21 -54.59
N LYS E 126 -1.06 30.93 -55.72
CA LYS E 126 -0.60 31.43 -57.00
C LYS E 126 -0.81 32.93 -57.18
N TRP E 127 -1.90 33.45 -56.63
CA TRP E 127 -2.21 34.87 -56.79
C TRP E 127 -1.62 35.74 -55.69
N CYS E 128 -0.91 35.13 -54.75
CA CYS E 128 -0.26 35.88 -53.68
C CYS E 128 1.16 36.24 -54.10
N LEU E 129 1.27 37.23 -55.00
CA LEU E 129 2.55 37.59 -55.61
C LEU E 129 3.64 38.00 -54.62
N VAL E 130 3.30 38.15 -53.35
CA VAL E 130 4.28 38.52 -52.34
C VAL E 130 4.77 37.31 -51.55
N GLY E 131 4.17 36.16 -51.82
CA GLY E 131 4.62 34.89 -51.27
C GLY E 131 4.48 34.71 -49.77
N ALA E 132 3.29 34.99 -49.24
CA ALA E 132 3.01 34.76 -47.83
C ALA E 132 2.52 33.34 -47.62
N LEU E 133 2.16 32.67 -48.71
CA LEU E 133 1.52 31.36 -48.65
C LEU E 133 2.27 30.30 -49.46
N SER E 134 2.46 29.14 -48.85
CA SER E 134 3.03 28.00 -49.54
C SER E 134 2.50 26.71 -48.93
N VAL E 135 2.39 25.67 -49.76
CA VAL E 135 1.99 24.36 -49.26
C VAL E 135 3.11 23.36 -49.47
N THR E 136 3.40 22.57 -48.43
CA THR E 136 4.44 21.57 -48.51
C THR E 136 3.93 20.21 -48.07
N GLU E 137 4.71 19.16 -48.36
CA GLU E 137 4.33 17.80 -48.01
C GLU E 137 5.39 17.14 -47.12
N ARG E 138 5.01 16.00 -46.55
CA ARG E 138 5.93 15.17 -45.78
C ARG E 138 5.23 13.88 -45.38
N GLU E 139 6.01 12.81 -45.27
CA GLU E 139 5.46 11.52 -44.87
C GLU E 139 5.41 11.41 -43.35
N VAL E 140 4.35 10.76 -42.86
CA VAL E 140 4.23 10.47 -41.43
C VAL E 140 3.79 9.01 -41.24
N GLU E 141 4.01 8.48 -40.04
CA GLU E 141 3.69 7.08 -39.77
C GLU E 141 2.26 6.91 -39.29
N GLU E 142 1.51 6.06 -40.00
CA GLU E 142 0.12 5.80 -39.65
C GLU E 142 0.02 5.01 -38.35
N LYS E 148 -4.57 0.36 -30.05
CA LYS E 148 -5.37 -0.67 -30.71
C LYS E 148 -6.76 -0.78 -30.08
N ARG E 149 -7.25 -2.01 -29.95
CA ARG E 149 -8.59 -2.22 -29.40
C ARG E 149 -8.55 -2.26 -27.87
N THR E 150 -7.35 -2.09 -27.31
CA THR E 150 -7.20 -1.97 -25.87
C THR E 150 -7.59 -0.56 -25.45
N GLU E 151 -7.47 0.38 -26.39
CA GLU E 151 -7.86 1.77 -26.14
C GLU E 151 -9.37 1.89 -26.00
N MET E 152 -10.11 1.11 -26.78
CA MET E 152 -11.57 1.12 -26.72
C MET E 152 -12.07 0.72 -25.34
N GLU E 153 -11.57 -0.40 -24.84
CA GLU E 153 -12.00 -0.94 -23.56
C GLU E 153 -11.73 0.03 -22.41
N ILE E 154 -10.53 0.62 -22.42
CA ILE E 154 -10.16 1.58 -21.38
C ILE E 154 -11.07 2.80 -21.40
N GLY E 155 -11.37 3.29 -22.61
CA GLY E 155 -12.27 4.42 -22.77
C GLY E 155 -13.66 4.12 -22.26
N LEU E 156 -14.18 2.95 -22.63
CA LEU E 156 -15.49 2.51 -22.17
C LEU E 156 -15.52 2.38 -20.64
N GLU E 157 -14.42 1.91 -20.07
CA GLU E 157 -14.31 1.79 -18.62
C GLU E 157 -14.22 3.18 -17.99
N SER E 158 -13.63 4.12 -18.72
CA SER E 158 -13.57 5.51 -18.30
C SER E 158 -14.97 6.11 -18.31
N LEU E 159 -15.73 5.77 -19.34
CA LEU E 159 -17.10 6.29 -19.50
C LEU E 159 -18.03 5.70 -18.47
N ILE E 160 -17.78 4.46 -18.08
CA ILE E 160 -18.60 3.79 -17.07
C ILE E 160 -18.29 4.35 -15.68
N SER E 161 -17.04 4.72 -15.45
CA SER E 161 -16.62 5.27 -14.16
C SER E 161 -17.15 6.69 -13.96
N ARG E 162 -17.23 7.46 -15.03
CA ARG E 162 -17.60 8.88 -14.92
C ARG E 162 -19.11 9.11 -14.94
N PHE E 163 -19.83 8.26 -15.66
CA PHE E 163 -21.28 8.47 -15.83
C PHE E 163 -22.12 7.33 -15.26
N GLY E 164 -21.52 6.16 -15.11
CA GLY E 164 -22.23 5.01 -14.57
C GLY E 164 -22.53 3.94 -15.60
N ALA E 165 -22.46 2.68 -15.18
CA ALA E 165 -22.65 1.54 -16.09
C ALA E 165 -24.08 1.44 -16.62
N ASP E 166 -25.04 1.85 -15.80
CA ASP E 166 -26.45 1.80 -16.21
C ASP E 166 -26.74 2.89 -17.24
N VAL E 167 -26.14 4.06 -17.03
CA VAL E 167 -26.29 5.17 -17.96
C VAL E 167 -25.61 4.88 -19.29
N VAL E 168 -24.41 4.31 -19.21
CA VAL E 168 -23.64 3.98 -20.40
C VAL E 168 -24.33 2.92 -21.26
N ALA E 169 -24.88 1.91 -20.60
CA ALA E 169 -25.53 0.79 -21.31
C ALA E 169 -26.74 1.25 -22.11
N ASP E 170 -27.56 2.11 -21.50
CA ASP E 170 -28.79 2.58 -22.13
C ASP E 170 -28.53 3.54 -23.29
N THR E 171 -27.40 4.25 -23.22
CA THR E 171 -27.06 5.20 -24.26
C THR E 171 -26.57 4.50 -25.52
N VAL E 172 -25.77 3.45 -25.34
CA VAL E 172 -25.24 2.70 -26.48
C VAL E 172 -26.36 2.08 -27.30
N GLU E 173 -27.41 1.61 -26.63
CA GLU E 173 -28.55 1.03 -27.31
C GLU E 173 -29.51 2.10 -27.82
N GLN E 174 -28.95 3.12 -28.46
CA GLN E 174 -29.74 4.23 -29.00
C GLN E 174 -28.93 5.06 -29.98
N LYS F 7 -31.99 37.07 -25.51
CA LYS F 7 -30.56 37.21 -25.30
C LYS F 7 -29.99 36.02 -24.51
N ARG F 8 -28.79 35.60 -24.88
CA ARG F 8 -28.09 34.53 -24.17
C ARG F 8 -26.73 35.02 -23.70
N ILE F 9 -26.08 34.23 -22.87
CA ILE F 9 -24.75 34.60 -22.37
C ILE F 9 -23.65 33.79 -23.06
N VAL F 10 -22.65 34.49 -23.57
CA VAL F 10 -21.46 33.83 -24.09
C VAL F 10 -20.28 34.18 -23.20
N LYS F 11 -19.46 33.18 -22.89
CA LYS F 11 -18.33 33.38 -22.00
C LYS F 11 -17.02 33.36 -22.78
N THR F 12 -16.10 34.24 -22.39
CA THR F 12 -14.82 34.35 -23.08
C THR F 12 -13.65 34.11 -22.13
N ILE F 13 -12.78 33.17 -22.51
CA ILE F 13 -11.56 32.92 -21.76
C ILE F 13 -10.49 33.90 -22.21
N ASN F 14 -10.15 34.85 -21.34
CA ASN F 14 -9.14 35.85 -21.64
C ASN F 14 -7.75 35.33 -21.30
N ILE F 15 -6.89 35.28 -22.31
CA ILE F 15 -5.56 34.72 -22.15
C ILE F 15 -4.48 35.74 -22.49
N ASP F 16 -3.80 36.23 -21.47
CA ASP F 16 -2.69 37.16 -21.65
C ASP F 16 -1.38 36.39 -21.71
N ALA F 17 -0.99 35.99 -22.91
CA ALA F 17 0.22 35.18 -23.09
C ALA F 17 1.49 35.97 -22.82
N ASP F 18 1.34 37.28 -22.62
CA ASP F 18 2.49 38.12 -22.29
C ASP F 18 2.77 38.08 -20.80
N LYS F 19 1.82 37.56 -20.03
CA LYS F 19 1.97 37.44 -18.59
C LYS F 19 2.25 36.01 -18.15
N CYS F 20 2.11 35.07 -19.09
CA CYS F 20 2.36 33.66 -18.78
C CYS F 20 3.84 33.42 -18.50
N ASN F 21 4.13 32.44 -17.64
CA ASN F 21 5.50 32.12 -17.27
C ASN F 21 5.85 30.67 -17.53
N GLY F 22 4.90 29.91 -18.07
CA GLY F 22 5.12 28.53 -18.44
C GLY F 22 5.19 27.56 -17.26
N CYS F 23 4.66 27.97 -16.11
CA CYS F 23 4.69 27.13 -14.92
C CYS F 23 3.89 25.84 -15.12
N ARG F 24 2.80 25.94 -15.87
CA ARG F 24 1.93 24.81 -16.17
C ARG F 24 1.11 24.39 -14.96
N ALA F 25 1.00 25.29 -13.99
CA ALA F 25 0.17 25.06 -12.82
C ALA F 25 -1.29 24.84 -13.22
N CYS F 26 -1.68 25.40 -14.36
CA CYS F 26 -3.05 25.23 -14.84
C CYS F 26 -3.30 23.80 -15.29
N GLU F 27 -2.27 23.16 -15.85
CA GLU F 27 -2.40 21.77 -16.27
C GLU F 27 -2.55 20.84 -15.07
N VAL F 28 -1.88 21.17 -13.97
CA VAL F 28 -1.90 20.33 -12.78
C VAL F 28 -3.29 20.26 -12.15
N ILE F 29 -3.91 21.41 -11.94
CA ILE F 29 -5.17 21.48 -11.20
C ILE F 29 -6.36 20.97 -12.01
N CYS F 30 -6.34 21.21 -13.31
CA CYS F 30 -7.44 20.74 -14.17
C CYS F 30 -7.43 19.21 -14.23
N SER F 31 -6.25 18.64 -14.41
CA SER F 31 -6.10 17.19 -14.42
C SER F 31 -6.46 16.62 -13.05
N ALA F 32 -6.07 17.33 -12.00
CA ALA F 32 -6.37 16.91 -10.63
C ALA F 32 -7.88 16.87 -10.37
N PHE F 33 -8.55 17.97 -10.65
CA PHE F 33 -10.00 18.07 -10.42
C PHE F 33 -10.79 17.05 -11.22
N HIS F 34 -10.31 16.75 -12.43
CA HIS F 34 -11.03 15.86 -13.33
C HIS F 34 -10.60 14.41 -13.18
N ALA F 35 -9.85 14.12 -12.13
CA ALA F 35 -9.52 12.73 -11.80
C ALA F 35 -10.73 12.09 -11.12
N MET F 36 -10.76 10.77 -11.07
CA MET F 36 -11.89 10.05 -10.48
C MET F 36 -11.43 9.07 -9.41
N PRO F 37 -11.74 9.38 -8.14
CA PRO F 37 -12.46 10.60 -7.75
C PRO F 37 -11.59 11.84 -7.88
N PRO F 38 -12.22 13.02 -7.88
CA PRO F 38 -11.52 14.32 -7.93
C PRO F 38 -10.30 14.38 -7.02
N TYR F 39 -9.22 14.96 -7.54
CA TYR F 39 -8.00 15.20 -6.76
C TYR F 39 -7.27 13.94 -6.33
N SER F 40 -7.79 12.77 -6.71
CA SER F 40 -7.15 11.50 -6.33
C SER F 40 -5.79 11.36 -7.01
N SER F 41 -5.68 11.88 -8.22
CA SER F 41 -4.40 11.92 -8.94
C SER F 41 -4.36 13.14 -9.85
N ASN F 42 -3.30 13.25 -10.64
CA ASN F 42 -3.22 14.29 -11.66
C ASN F 42 -2.35 13.85 -12.83
N ASN F 43 -2.49 14.51 -13.96
CA ASN F 43 -1.85 14.10 -15.20
C ASN F 43 -2.05 15.15 -16.29
N PRO F 44 -1.04 16.00 -16.50
CA PRO F 44 -1.11 17.12 -17.45
C PRO F 44 -1.61 16.69 -18.83
N ALA F 45 -1.37 15.43 -19.20
CA ALA F 45 -1.73 14.93 -20.52
C ALA F 45 -3.24 14.77 -20.70
N ARG F 46 -3.99 14.85 -19.61
CA ARG F 46 -5.45 14.80 -19.71
C ARG F 46 -6.07 16.14 -19.30
N SER F 47 -5.24 17.17 -19.15
CA SER F 47 -5.71 18.51 -18.86
C SER F 47 -6.40 19.12 -20.08
N ARG F 48 -7.51 19.82 -19.84
CA ARG F 48 -8.26 20.44 -20.92
C ARG F 48 -7.68 21.81 -21.28
N VAL F 49 -6.70 22.24 -20.48
CA VAL F 49 -5.88 23.38 -20.84
C VAL F 49 -4.44 22.91 -21.02
N ARG F 50 -3.86 23.19 -22.19
CA ARG F 50 -2.50 22.74 -22.49
C ARG F 50 -1.64 23.88 -23.00
N VAL F 51 -0.50 24.10 -22.34
CA VAL F 51 0.36 25.23 -22.63
C VAL F 51 1.38 24.98 -23.74
N VAL F 52 1.27 25.75 -24.81
CA VAL F 52 2.30 25.79 -25.84
C VAL F 52 3.52 26.51 -25.25
N ARG F 53 4.64 25.80 -25.15
CA ARG F 53 5.78 26.30 -24.39
C ARG F 53 7.13 25.99 -25.01
N ASP F 54 7.77 27.01 -25.59
CA ASP F 54 9.15 26.89 -26.04
C ASP F 54 9.95 28.09 -25.55
N PRO F 55 10.53 27.97 -24.35
CA PRO F 55 11.29 29.03 -23.67
C PRO F 55 12.32 29.71 -24.57
N LEU F 56 12.99 28.93 -25.42
CA LEU F 56 14.02 29.47 -26.30
C LEU F 56 13.44 30.34 -27.41
N ARG F 57 12.17 30.11 -27.74
CA ARG F 57 11.46 30.93 -28.73
C ARG F 57 10.62 32.00 -28.05
N ASP F 58 10.64 32.00 -26.71
CA ASP F 58 9.80 32.89 -25.91
C ASP F 58 8.33 32.71 -26.26
N ILE F 59 7.91 31.47 -26.49
CA ILE F 59 6.53 31.17 -26.79
C ILE F 59 5.83 30.53 -25.59
N TYR F 60 4.82 31.22 -25.08
CA TYR F 60 4.03 30.73 -23.96
C TYR F 60 2.55 30.96 -24.26
N VAL F 61 1.86 29.90 -24.68
CA VAL F 61 0.48 30.02 -25.12
C VAL F 61 -0.42 28.93 -24.54
N PRO F 62 -1.25 29.31 -23.54
CA PRO F 62 -2.28 28.40 -23.02
C PRO F 62 -3.37 28.11 -24.04
N LEU F 63 -3.59 26.84 -24.34
CA LEU F 63 -4.61 26.44 -25.31
C LEU F 63 -5.71 25.60 -24.66
N TYR F 64 -6.94 26.08 -24.72
CA TYR F 64 -8.07 25.40 -24.11
C TYR F 64 -8.74 24.42 -25.07
N ALA F 65 -9.02 23.21 -24.57
CA ALA F 65 -9.67 22.18 -25.36
C ALA F 65 -11.00 22.67 -25.93
N GLY F 66 -11.22 22.40 -27.20
CA GLY F 66 -12.38 22.95 -27.89
C GLY F 66 -13.41 21.95 -28.35
N GLU F 67 -13.66 21.94 -29.66
CA GLU F 67 -14.70 21.08 -30.20
CA GLU F 67 -14.70 21.13 -30.29
C GLU F 67 -14.15 19.81 -30.82
N TYR F 68 -14.99 18.78 -30.81
CA TYR F 68 -14.59 17.46 -31.31
C TYR F 68 -14.72 17.36 -32.82
N THR F 69 -13.81 16.61 -33.43
CA THR F 69 -13.84 16.32 -34.86
C THR F 69 -13.26 14.94 -35.09
N GLU F 70 -13.98 14.09 -35.82
CA GLU F 70 -13.54 12.72 -36.03
C GLU F 70 -12.58 12.59 -37.21
N SER F 71 -12.39 13.70 -37.94
CA SER F 71 -11.47 13.70 -39.07
C SER F 71 -10.47 14.84 -38.99
N GLU F 72 -9.30 14.62 -39.58
CA GLU F 72 -8.31 15.68 -39.73
C GLU F 72 -8.67 16.54 -40.93
N CYS F 73 -8.07 17.73 -41.00
CA CYS F 73 -8.27 18.60 -42.15
C CYS F 73 -7.46 18.11 -43.34
N ILE F 74 -7.82 18.60 -44.52
CA ILE F 74 -7.12 18.23 -45.74
C ILE F 74 -5.76 18.92 -45.80
N GLY F 75 -5.63 19.99 -45.05
CA GLY F 75 -4.37 20.71 -44.94
C GLY F 75 -4.21 21.34 -43.57
N ARG F 76 -3.02 21.21 -43.00
CA ARG F 76 -2.73 21.82 -41.70
C ARG F 76 -2.01 23.15 -41.91
N ASP F 77 -2.31 24.13 -41.07
CA ASP F 77 -1.68 25.43 -41.21
C ASP F 77 -0.58 25.63 -40.18
N LYS F 78 0.30 26.58 -40.47
CA LYS F 78 1.47 26.84 -39.64
C LYS F 78 1.85 28.32 -39.82
N PHE F 79 1.84 29.07 -38.72
CA PHE F 79 2.00 30.52 -38.79
C PHE F 79 3.40 31.01 -38.43
N ILE F 80 3.78 32.13 -39.05
CA ILE F 80 4.90 32.95 -38.60
C ILE F 80 4.35 34.35 -38.30
N ILE F 81 4.30 34.71 -37.03
CA ILE F 81 3.71 35.99 -36.64
C ILE F 81 4.60 36.78 -35.70
N ASP F 82 4.99 37.98 -36.13
CA ASP F 82 5.84 38.86 -35.34
C ASP F 82 7.15 38.19 -34.97
N GLY F 83 7.77 37.50 -35.93
CA GLY F 83 9.09 36.92 -35.74
C GLY F 83 9.11 35.54 -35.10
N LYS F 84 7.94 35.07 -34.66
CA LYS F 84 7.86 33.78 -34.00
C LYS F 84 7.28 32.70 -34.92
N GLU F 85 7.99 31.58 -35.02
CA GLU F 85 7.52 30.45 -35.81
C GLU F 85 6.79 29.44 -34.93
N TYR F 86 5.47 29.55 -34.87
CA TYR F 86 4.66 28.66 -34.05
C TYR F 86 4.55 27.27 -34.66
N ASP F 87 4.05 26.32 -33.88
CA ASP F 87 3.94 24.95 -34.33
C ASP F 87 2.79 24.79 -35.33
N GLU F 88 2.86 23.73 -36.12
CA GLU F 88 1.75 23.34 -37.00
C GLU F 88 0.50 23.06 -36.17
N CYS F 89 -0.61 23.72 -36.51
CA CYS F 89 -1.86 23.60 -35.78
C CYS F 89 -1.76 24.23 -34.38
N GLY F 90 -0.78 25.13 -34.22
CA GLY F 90 -0.45 25.69 -32.93
C GLY F 90 -1.50 26.50 -32.20
N PHE F 91 -2.61 26.81 -32.88
CA PHE F 91 -3.68 27.59 -32.26
C PHE F 91 -5.04 26.87 -32.37
N CYS F 92 -5.00 25.61 -32.75
CA CYS F 92 -6.24 24.85 -32.92
C CYS F 92 -6.69 24.19 -31.62
N ARG F 93 -7.96 24.39 -31.27
CA ARG F 93 -8.51 23.90 -30.02
C ARG F 93 -9.15 22.53 -30.16
N ALA F 94 -9.18 22.00 -31.38
CA ALA F 94 -9.94 20.80 -31.70
C ALA F 94 -9.41 19.54 -31.01
N SER F 95 -10.32 18.67 -30.61
CA SER F 95 -9.97 17.32 -30.18
C SER F 95 -9.81 16.46 -31.43
N CYS F 96 -8.60 16.45 -31.96
CA CYS F 96 -8.36 15.93 -33.30
C CYS F 96 -7.53 14.65 -33.28
N PRO F 97 -7.80 13.73 -34.22
CA PRO F 97 -7.08 12.46 -34.34
C PRO F 97 -5.66 12.63 -34.85
N SER F 98 -5.27 13.86 -35.17
CA SER F 98 -3.95 14.12 -35.72
C SER F 98 -2.90 14.35 -34.64
N ARG F 99 -3.36 14.58 -33.42
CA ARG F 99 -2.45 14.85 -32.31
C ARG F 99 -2.97 14.30 -30.99
N ASP F 100 -2.14 14.35 -29.96
CA ASP F 100 -2.50 13.82 -28.65
C ASP F 100 -3.14 14.89 -27.77
N LEU F 101 -3.00 16.15 -28.15
CA LEU F 101 -3.58 17.25 -27.39
C LEU F 101 -5.09 17.06 -27.25
N PHE F 102 -5.57 17.21 -26.01
CA PHE F 102 -7.01 17.19 -25.75
C PHE F 102 -7.61 15.82 -26.06
N ARG F 103 -6.83 14.78 -25.81
CA ARG F 103 -7.29 13.40 -25.91
C ARG F 103 -6.64 12.58 -24.79
N GLU F 104 -7.43 11.72 -24.15
CA GLU F 104 -6.90 10.84 -23.11
C GLU F 104 -5.76 10.00 -23.67
N PRO F 105 -4.60 10.02 -22.99
CA PRO F 105 -3.40 9.32 -23.46
C PRO F 105 -3.55 7.80 -23.55
N ASP F 106 -4.58 7.25 -22.91
CA ASP F 106 -4.75 5.80 -22.89
C ASP F 106 -5.93 5.30 -23.73
N SER F 107 -6.95 6.12 -23.88
CA SER F 107 -8.16 5.69 -24.58
C SER F 107 -8.32 6.37 -25.94
N GLY F 108 -8.02 7.65 -26.00
CA GLY F 108 -8.20 8.42 -27.23
C GLY F 108 -9.49 9.21 -27.20
N LEU F 109 -10.18 9.16 -26.07
CA LEU F 109 -11.42 9.90 -25.88
C LEU F 109 -11.18 11.40 -26.00
N PRO F 110 -12.18 12.14 -26.49
CA PRO F 110 -12.14 13.59 -26.64
C PRO F 110 -12.23 14.33 -25.30
N LEU F 111 -11.44 15.37 -25.14
CA LEU F 111 -11.51 16.23 -23.96
C LEU F 111 -12.09 17.58 -24.36
N LYS F 112 -12.71 18.27 -23.40
CA LYS F 112 -13.38 19.53 -23.69
C LYS F 112 -13.58 20.35 -22.43
N CYS F 113 -13.16 21.61 -22.46
CA CYS F 113 -13.28 22.48 -21.31
C CYS F 113 -14.70 22.98 -21.11
N ASP F 114 -15.29 22.65 -19.96
CA ASP F 114 -16.64 23.12 -19.63
C ASP F 114 -16.62 24.23 -18.58
N LEU F 115 -15.44 24.83 -18.38
CA LEU F 115 -15.29 25.92 -17.42
C LEU F 115 -15.56 25.47 -15.98
N CYS F 116 -15.21 24.23 -15.69
CA CYS F 116 -15.44 23.64 -14.37
C CYS F 116 -16.90 23.77 -13.97
N ASP F 117 -17.79 23.43 -14.90
CA ASP F 117 -19.23 23.56 -14.70
C ASP F 117 -19.68 22.90 -13.41
N GLY F 118 -20.38 23.67 -12.59
CA GLY F 118 -20.83 23.19 -11.29
C GLY F 118 -20.00 23.76 -10.16
N GLU F 119 -18.76 24.10 -10.45
CA GLU F 119 -17.85 24.62 -9.42
C GLU F 119 -17.91 26.14 -9.33
N PRO F 120 -17.53 26.68 -8.16
CA PRO F 120 -17.55 28.12 -7.87
C PRO F 120 -16.80 28.97 -8.89
N GLU F 121 -15.65 28.49 -9.36
CA GLU F 121 -14.85 29.23 -10.31
C GLU F 121 -13.88 28.33 -11.07
N PRO F 122 -13.53 28.71 -12.31
CA PRO F 122 -12.54 27.97 -13.10
C PRO F 122 -11.22 27.82 -12.33
N LEU F 123 -10.83 26.59 -12.07
CA LEU F 123 -9.70 26.31 -11.18
C LEU F 123 -8.36 26.79 -11.74
N CYS F 124 -8.14 26.59 -13.03
CA CYS F 124 -6.92 27.06 -13.69
C CYS F 124 -6.71 28.54 -13.41
N VAL F 125 -7.77 29.32 -13.60
CA VAL F 125 -7.75 30.75 -13.29
C VAL F 125 -7.44 30.97 -11.82
N LYS F 126 -8.01 30.12 -10.97
CA LYS F 126 -7.81 30.24 -9.53
C LYS F 126 -6.36 29.99 -9.13
N TRP F 127 -5.70 29.08 -9.85
CA TRP F 127 -4.33 28.71 -9.52
C TRP F 127 -3.29 29.57 -10.25
N CYS F 128 -3.71 30.28 -11.30
CA CYS F 128 -2.79 31.16 -12.01
C CYS F 128 -2.64 32.48 -11.26
N LEU F 129 -1.72 32.49 -10.28
CA LEU F 129 -1.55 33.65 -9.41
C LEU F 129 -0.99 34.88 -10.11
N VAL F 130 -0.37 34.70 -11.27
CA VAL F 130 0.21 35.84 -11.99
C VAL F 130 -0.84 36.53 -12.85
N GLY F 131 -2.04 35.96 -12.88
CA GLY F 131 -3.17 36.56 -13.55
C GLY F 131 -3.08 36.65 -15.07
N ALA F 132 -2.65 35.56 -15.70
CA ALA F 132 -2.61 35.51 -17.16
C ALA F 132 -3.96 35.09 -17.72
N LEU F 133 -4.73 34.37 -16.91
CA LEU F 133 -6.04 33.87 -17.33
C LEU F 133 -7.17 34.63 -16.66
N SER F 134 -8.30 34.71 -17.33
CA SER F 134 -9.53 35.23 -16.75
C SER F 134 -10.71 34.97 -17.68
N VAL F 135 -11.89 34.77 -17.11
CA VAL F 135 -13.09 34.56 -17.90
C VAL F 135 -14.16 35.59 -17.57
N THR F 136 -14.69 36.22 -18.62
CA THR F 136 -15.71 37.24 -18.46
C THR F 136 -16.96 36.87 -19.26
N GLU F 137 -18.09 37.50 -18.93
CA GLU F 137 -19.36 37.20 -19.58
C GLU F 137 -19.93 38.42 -20.31
N ARG F 138 -20.83 38.15 -21.26
CA ARG F 138 -21.56 39.22 -21.93
C ARG F 138 -22.82 38.67 -22.60
N GLU F 139 -23.81 39.54 -22.80
CA GLU F 139 -25.05 39.15 -23.45
C GLU F 139 -24.98 39.38 -24.96
N VAL F 140 -25.57 38.47 -25.72
CA VAL F 140 -25.67 38.63 -27.17
C VAL F 140 -27.09 38.36 -27.62
N GLU F 141 -27.43 38.85 -28.81
CA GLU F 141 -28.79 38.71 -29.33
C GLU F 141 -28.95 37.47 -30.21
N GLU F 142 -27.87 37.03 -30.83
CA GLU F 142 -27.92 35.85 -31.70
C GLU F 142 -28.24 34.59 -30.90
N PRO F 143 -29.26 33.85 -31.35
CA PRO F 143 -29.71 32.60 -30.70
C PRO F 143 -28.64 31.51 -30.75
N ASP F 144 -28.71 30.56 -29.82
CA ASP F 144 -27.77 29.45 -29.79
C ASP F 144 -28.27 28.31 -30.67
N GLU F 145 -27.66 28.17 -31.84
CA GLU F 145 -28.04 27.12 -32.78
C GLU F 145 -27.11 25.91 -32.64
N SER F 146 -26.41 25.84 -31.52
CA SER F 146 -25.55 24.69 -31.23
C SER F 146 -26.40 23.46 -30.97
N VAL F 147 -26.07 22.36 -31.65
CA VAL F 147 -26.67 21.07 -31.32
C VAL F 147 -25.95 20.51 -30.10
N LYS F 148 -26.55 20.67 -28.94
CA LYS F 148 -25.90 20.35 -27.67
C LYS F 148 -25.91 18.86 -27.36
N ARG F 149 -24.78 18.20 -27.57
CA ARG F 149 -24.62 16.80 -27.20
C ARG F 149 -23.87 16.70 -25.88
N THR F 150 -24.23 15.69 -25.08
CA THR F 150 -23.59 15.48 -23.79
C THR F 150 -22.19 14.89 -23.95
N GLU F 151 -21.34 15.14 -22.97
CA GLU F 151 -19.99 14.57 -22.95
C GLU F 151 -20.06 13.06 -23.07
N MET F 152 -21.09 12.48 -22.46
CA MET F 152 -21.35 11.05 -22.54
C MET F 152 -21.62 10.63 -23.98
N GLU F 153 -22.43 11.41 -24.69
CA GLU F 153 -22.84 11.07 -26.04
C GLU F 153 -21.69 11.25 -27.04
N ILE F 154 -20.93 12.33 -26.89
CA ILE F 154 -19.81 12.60 -27.79
C ILE F 154 -18.70 11.57 -27.62
N GLY F 155 -18.47 11.14 -26.37
CA GLY F 155 -17.45 10.16 -26.08
C GLY F 155 -17.78 8.80 -26.67
N LEU F 156 -19.05 8.40 -26.56
CA LEU F 156 -19.49 7.13 -27.11
C LEU F 156 -19.45 7.12 -28.63
N GLU F 157 -19.85 8.24 -29.24
CA GLU F 157 -19.87 8.35 -30.70
C GLU F 157 -18.47 8.29 -31.29
N SER F 158 -17.51 8.90 -30.61
CA SER F 158 -16.12 8.87 -31.07
C SER F 158 -15.59 7.44 -31.09
N LEU F 159 -15.99 6.66 -30.09
CA LEU F 159 -15.60 5.25 -30.03
C LEU F 159 -16.31 4.44 -31.12
N ILE F 160 -17.59 4.75 -31.34
CA ILE F 160 -18.37 4.03 -32.34
C ILE F 160 -17.84 4.26 -33.75
N SER F 161 -17.33 5.46 -34.00
CA SER F 161 -16.73 5.77 -35.30
C SER F 161 -15.39 5.06 -35.45
N ARG F 162 -14.65 4.98 -34.35
CA ARG F 162 -13.31 4.39 -34.36
C ARG F 162 -13.32 2.87 -34.42
N PHE F 163 -14.31 2.24 -33.79
CA PHE F 163 -14.28 0.79 -33.62
C PHE F 163 -15.54 0.07 -34.09
N GLY F 164 -16.63 0.80 -34.30
CA GLY F 164 -17.85 0.19 -34.80
C GLY F 164 -18.91 -0.01 -33.74
N ALA F 165 -20.17 0.20 -34.13
CA ALA F 165 -21.29 0.10 -33.20
C ALA F 165 -21.46 -1.30 -32.64
N ASP F 166 -21.30 -2.31 -33.49
CA ASP F 166 -21.45 -3.70 -33.07
C ASP F 166 -20.33 -4.10 -32.10
N VAL F 167 -19.12 -3.64 -32.37
CA VAL F 167 -17.98 -3.92 -31.51
C VAL F 167 -18.12 -3.21 -30.17
N VAL F 168 -18.50 -1.95 -30.22
CA VAL F 168 -18.67 -1.14 -29.01
C VAL F 168 -19.82 -1.67 -28.16
N ALA F 169 -20.89 -2.10 -28.81
CA ALA F 169 -22.06 -2.61 -28.11
C ALA F 169 -21.76 -3.92 -27.38
N ASP F 170 -21.15 -4.86 -28.09
CA ASP F 170 -20.81 -6.15 -27.52
C ASP F 170 -19.84 -6.00 -26.34
N THR F 171 -18.91 -5.06 -26.46
CA THR F 171 -17.95 -4.80 -25.40
C THR F 171 -18.65 -4.22 -24.17
N VAL F 172 -19.64 -3.37 -24.41
CA VAL F 172 -20.40 -2.75 -23.32
C VAL F 172 -21.19 -3.80 -22.54
N GLU F 173 -21.78 -4.76 -23.26
CA GLU F 173 -22.56 -5.82 -22.65
C GLU F 173 -21.67 -6.89 -22.04
N GLN F 174 -20.36 -6.72 -22.19
CA GLN F 174 -19.38 -7.63 -21.62
C GLN F 174 -18.63 -6.94 -20.48
N LEU F 175 -19.11 -5.75 -20.11
CA LEU F 175 -18.54 -4.99 -19.01
C LEU F 175 -19.60 -4.72 -17.94
N THR F 176 -20.86 -4.87 -18.33
CA THR F 176 -21.98 -4.62 -17.43
C THR F 176 -22.93 -5.82 -17.37
N LYS G 7 -28.44 -15.37 44.90
CA LYS G 7 -27.72 -16.25 43.99
C LYS G 7 -27.17 -15.48 42.80
N ARG G 8 -25.99 -15.89 42.33
CA ARG G 8 -25.38 -15.27 41.17
C ARG G 8 -24.97 -16.32 40.14
N ILE G 9 -24.60 -15.87 38.94
CA ILE G 9 -24.27 -16.78 37.86
C ILE G 9 -22.76 -16.95 37.66
N VAL G 10 -22.33 -18.21 37.58
CA VAL G 10 -20.94 -18.54 37.29
C VAL G 10 -20.84 -19.26 35.96
N LYS G 11 -19.89 -18.84 35.12
CA LYS G 11 -19.72 -19.44 33.80
C LYS G 11 -18.48 -20.33 33.75
N THR G 12 -18.61 -21.46 33.06
CA THR G 12 -17.55 -22.45 33.01
C THR G 12 -17.13 -22.79 31.58
N ILE G 13 -15.82 -22.83 31.34
CA ILE G 13 -15.31 -23.25 30.04
C ILE G 13 -14.96 -24.74 30.08
N ASN G 14 -15.75 -25.54 29.37
CA ASN G 14 -15.59 -26.99 29.39
C ASN G 14 -14.67 -27.48 28.26
N ILE G 15 -13.52 -28.01 28.64
CA ILE G 15 -12.48 -28.35 27.68
C ILE G 15 -12.17 -29.85 27.64
N ASP G 16 -12.69 -30.53 26.62
CA ASP G 16 -12.41 -31.94 26.42
C ASP G 16 -11.12 -32.11 25.62
N ALA G 17 -9.99 -32.25 26.33
CA ALA G 17 -8.69 -32.35 25.69
C ALA G 17 -8.55 -33.63 24.86
N ASP G 18 -9.41 -34.60 25.13
CA ASP G 18 -9.39 -35.86 24.38
C ASP G 18 -9.93 -35.68 22.97
N LYS G 19 -10.59 -34.55 22.72
CA LYS G 19 -11.19 -34.29 21.41
C LYS G 19 -10.40 -33.28 20.59
N CYS G 20 -9.49 -32.57 21.24
CA CYS G 20 -8.69 -31.55 20.56
C CYS G 20 -7.79 -32.18 19.52
N ASN G 21 -7.55 -31.46 18.42
CA ASN G 21 -6.75 -31.97 17.32
C ASN G 21 -5.52 -31.11 17.06
N GLY G 22 -5.39 -30.03 17.82
CA GLY G 22 -4.23 -29.15 17.71
C GLY G 22 -4.23 -28.21 16.51
N CYS G 23 -5.41 -28.00 15.92
CA CYS G 23 -5.50 -27.14 14.73
C CYS G 23 -5.14 -25.68 15.05
N ARG G 24 -5.40 -25.27 16.28
CA ARG G 24 -5.14 -23.90 16.73
C ARG G 24 -6.09 -22.89 16.10
N ALA G 25 -7.21 -23.39 15.57
CA ALA G 25 -8.25 -22.53 15.01
C ALA G 25 -8.75 -21.56 16.06
N CYS G 26 -8.72 -22.00 17.31
CA CYS G 26 -9.15 -21.16 18.43
C CYS G 26 -8.23 -19.95 18.61
N GLU G 27 -6.95 -20.12 18.32
CA GLU G 27 -6.00 -19.01 18.42
C GLU G 27 -6.18 -18.01 17.28
N VAL G 28 -6.64 -18.49 16.13
CA VAL G 28 -6.79 -17.65 14.94
C VAL G 28 -7.93 -16.65 15.07
N ILE G 29 -9.08 -17.12 15.52
CA ILE G 29 -10.27 -16.29 15.57
C ILE G 29 -10.27 -15.35 16.78
N CYS G 30 -9.63 -15.75 17.87
CA CYS G 30 -9.59 -14.90 19.05
C CYS G 30 -8.74 -13.66 18.81
N SER G 31 -7.55 -13.86 18.25
CA SER G 31 -6.64 -12.76 17.95
C SER G 31 -7.25 -11.83 16.89
N ALA G 32 -7.89 -12.42 15.89
CA ALA G 32 -8.53 -11.66 14.83
C ALA G 32 -9.59 -10.71 15.40
N PHE G 33 -10.46 -11.25 16.26
CA PHE G 33 -11.55 -10.47 16.83
C PHE G 33 -11.03 -9.33 17.70
N HIS G 34 -9.88 -9.55 18.34
CA HIS G 34 -9.31 -8.53 19.21
C HIS G 34 -8.31 -7.64 18.46
N ALA G 35 -8.28 -7.78 17.15
CA ALA G 35 -7.53 -6.86 16.30
C ALA G 35 -8.30 -5.56 16.18
N MET G 36 -7.61 -4.49 15.78
CA MET G 36 -8.24 -3.18 15.66
C MET G 36 -8.00 -2.56 14.29
N PRO G 37 -9.06 -2.43 13.48
CA PRO G 37 -10.40 -2.90 13.84
C PRO G 37 -10.49 -4.42 13.84
N PRO G 38 -11.62 -4.97 14.33
CA PRO G 38 -11.83 -6.41 14.36
C PRO G 38 -11.63 -7.09 13.02
N TYR G 39 -10.88 -8.19 13.04
CA TYR G 39 -10.64 -9.02 11.86
C TYR G 39 -9.72 -8.35 10.84
N SER G 40 -9.17 -7.19 11.20
CA SER G 40 -8.26 -6.48 10.31
C SER G 40 -6.97 -7.28 10.14
N SER G 41 -6.61 -8.01 11.19
CA SER G 41 -5.45 -8.89 11.18
C SER G 41 -5.63 -9.99 12.21
N ASN G 42 -4.68 -10.91 12.25
CA ASN G 42 -4.68 -11.94 13.29
C ASN G 42 -3.25 -12.25 13.71
N ASN G 43 -3.12 -12.96 14.83
CA ASN G 43 -1.82 -13.22 15.42
C ASN G 43 -1.96 -14.09 16.67
N PRO G 44 -1.78 -15.41 16.50
CA PRO G 44 -1.94 -16.39 17.58
C PRO G 44 -1.24 -16.00 18.88
N ALA G 45 -0.17 -15.22 18.76
CA ALA G 45 0.58 -14.77 19.92
C ALA G 45 -0.22 -13.78 20.76
N ARG G 46 -1.39 -13.40 20.27
CA ARG G 46 -2.27 -12.48 20.99
C ARG G 46 -3.56 -13.14 21.45
N SER G 47 -3.71 -14.43 21.15
CA SER G 47 -4.91 -15.15 21.55
C SER G 47 -5.01 -15.28 23.06
N ARG G 48 -6.19 -15.02 23.60
CA ARG G 48 -6.42 -15.18 25.03
C ARG G 48 -6.62 -16.66 25.36
N VAL G 49 -6.69 -17.48 24.32
CA VAL G 49 -6.64 -18.93 24.47
C VAL G 49 -5.42 -19.48 23.74
N ARG G 50 -4.55 -20.17 24.48
CA ARG G 50 -3.33 -20.72 23.91
C ARG G 50 -3.26 -22.23 24.12
N VAL G 51 -2.97 -22.96 23.05
CA VAL G 51 -2.95 -24.42 23.10
C VAL G 51 -1.56 -24.98 23.36
N VAL G 52 -1.41 -25.72 24.46
CA VAL G 52 -0.19 -26.47 24.70
C VAL G 52 -0.19 -27.67 23.76
N ARG G 53 0.81 -27.77 22.91
CA ARG G 53 0.76 -28.71 21.81
C ARG G 53 2.07 -29.45 21.57
N ASP G 54 2.12 -30.71 21.98
CA ASP G 54 3.25 -31.57 21.68
C ASP G 54 2.74 -32.91 21.20
N PRO G 55 2.64 -33.07 19.87
CA PRO G 55 2.14 -34.28 19.21
C PRO G 55 2.91 -35.54 19.62
N LEU G 56 4.21 -35.39 19.85
CA LEU G 56 5.04 -36.53 20.20
C LEU G 56 4.73 -37.06 21.60
N ARG G 57 4.18 -36.20 22.44
CA ARG G 57 3.76 -36.58 23.78
C ARG G 57 2.24 -36.77 23.85
N ASP G 58 1.57 -36.63 22.70
CA ASP G 58 0.12 -36.73 22.63
C ASP G 58 -0.56 -35.68 23.52
N ILE G 59 0.10 -34.54 23.70
CA ILE G 59 -0.45 -33.49 24.54
C ILE G 59 -1.09 -32.37 23.72
N TYR G 60 -2.36 -32.11 23.98
CA TYR G 60 -3.11 -31.02 23.34
C TYR G 60 -4.03 -30.34 24.35
N VAL G 61 -3.52 -29.31 25.01
CA VAL G 61 -4.25 -28.71 26.13
C VAL G 61 -4.58 -27.23 25.91
N PRO G 62 -5.84 -26.94 25.51
CA PRO G 62 -6.31 -25.56 25.38
C PRO G 62 -6.27 -24.84 26.74
N LEU G 63 -5.55 -23.73 26.79
CA LEU G 63 -5.33 -23.02 28.05
C LEU G 63 -5.78 -21.56 27.94
N TYR G 64 -6.74 -21.18 28.78
CA TYR G 64 -7.35 -19.86 28.72
C TYR G 64 -6.67 -18.84 29.64
N ALA G 65 -6.51 -17.62 29.14
CA ALA G 65 -5.92 -16.54 29.91
C ALA G 65 -6.76 -16.24 31.16
N GLY G 66 -6.11 -16.25 32.32
CA GLY G 66 -6.80 -16.07 33.57
C GLY G 66 -6.62 -14.69 34.20
N GLU G 67 -6.08 -14.69 35.42
CA GLU G 67 -5.91 -13.44 36.16
CA GLU G 67 -5.91 -13.47 36.19
C GLU G 67 -4.48 -12.94 36.15
N TYR G 68 -4.32 -11.64 36.39
CA TYR G 68 -3.03 -10.97 36.32
C TYR G 68 -2.21 -11.11 37.60
N THR G 69 -0.89 -11.15 37.43
CA THR G 69 0.04 -11.10 38.56
C THR G 69 1.30 -10.33 38.13
N GLU G 70 1.84 -9.52 39.03
CA GLU G 70 3.00 -8.71 38.72
C GLU G 70 4.31 -9.42 39.02
N SER G 71 4.23 -10.50 39.80
CA SER G 71 5.43 -11.26 40.17
C SER G 71 5.26 -12.75 39.91
N GLU G 72 6.39 -13.43 39.74
CA GLU G 72 6.41 -14.88 39.61
C GLU G 72 6.23 -15.52 40.99
N CYS G 73 5.93 -16.81 41.01
CA CYS G 73 5.86 -17.55 42.26
C CYS G 73 7.28 -17.90 42.71
N ILE G 74 7.45 -18.09 44.02
CA ILE G 74 8.77 -18.43 44.57
C ILE G 74 9.23 -19.78 44.01
N GLY G 75 8.27 -20.65 43.72
CA GLY G 75 8.56 -21.95 43.13
C GLY G 75 7.55 -22.31 42.06
N ARG G 76 8.03 -22.83 40.94
CA ARG G 76 7.16 -23.22 39.83
C ARG G 76 6.91 -24.72 39.85
N ASP G 77 5.66 -25.12 39.59
CA ASP G 77 5.29 -26.52 39.62
C ASP G 77 5.38 -27.15 38.24
N LYS G 78 5.55 -28.47 38.20
CA LYS G 78 5.71 -29.21 36.95
C LYS G 78 5.23 -30.64 37.18
N PHE G 79 4.12 -30.99 36.53
CA PHE G 79 3.44 -32.26 36.80
C PHE G 79 3.84 -33.40 35.88
N ILE G 80 3.74 -34.61 36.42
CA ILE G 80 3.67 -35.83 35.62
C ILE G 80 2.34 -36.49 35.96
N ILE G 81 1.48 -36.66 34.95
CA ILE G 81 0.17 -37.24 35.19
C ILE G 81 -0.17 -38.30 34.15
N ASP G 82 -0.43 -39.52 34.63
CA ASP G 82 -0.81 -40.63 33.78
C ASP G 82 0.19 -40.88 32.64
N GLY G 83 1.47 -40.80 32.96
CA GLY G 83 2.52 -41.11 32.00
C GLY G 83 2.92 -39.96 31.10
N LYS G 84 2.28 -38.81 31.30
CA LYS G 84 2.60 -37.63 30.50
C LYS G 84 3.36 -36.59 31.33
N GLU G 85 4.54 -36.21 30.84
CA GLU G 85 5.34 -35.17 31.48
C GLU G 85 4.98 -33.82 30.89
N TYR G 86 4.21 -33.03 31.64
CA TYR G 86 3.76 -31.73 31.17
C TYR G 86 4.83 -30.65 31.39
N ASP G 87 4.61 -29.50 30.77
CA ASP G 87 5.54 -28.39 30.87
C ASP G 87 5.47 -27.73 32.25
N GLU G 88 6.56 -27.08 32.63
CA GLU G 88 6.58 -26.26 33.83
C GLU G 88 5.53 -25.17 33.73
N CYS G 89 4.69 -25.04 34.76
CA CYS G 89 3.62 -24.05 34.77
C CYS G 89 2.60 -24.29 33.66
N GLY G 90 2.54 -25.54 33.16
CA GLY G 90 1.76 -25.85 31.98
C GLY G 90 0.25 -25.80 32.11
N PHE G 91 -0.25 -25.44 33.29
CA PHE G 91 -1.69 -25.36 33.51
C PHE G 91 -2.09 -24.01 34.08
N CYS G 92 -1.11 -23.14 34.28
CA CYS G 92 -1.38 -21.84 34.88
C CYS G 92 -2.08 -20.90 33.90
N ARG G 93 -3.11 -20.20 34.39
CA ARG G 93 -3.87 -19.29 33.55
C ARG G 93 -3.41 -17.84 33.76
N ALA G 94 -2.40 -17.65 34.58
CA ALA G 94 -1.97 -16.32 34.98
C ALA G 94 -1.16 -15.61 33.90
N SER G 95 -1.48 -14.34 33.67
CA SER G 95 -0.65 -13.48 32.84
C SER G 95 0.61 -13.17 33.63
N CYS G 96 1.64 -13.97 33.42
CA CYS G 96 2.83 -13.95 34.27
C CYS G 96 4.05 -13.37 33.58
N PRO G 97 4.89 -12.65 34.34
CA PRO G 97 6.16 -12.14 33.82
C PRO G 97 7.20 -13.24 33.66
N SER G 98 6.78 -14.49 33.81
CA SER G 98 7.68 -15.63 33.67
C SER G 98 7.68 -16.16 32.24
N ARG G 99 6.60 -15.89 31.50
CA ARG G 99 6.50 -16.34 30.12
C ARG G 99 5.75 -15.34 29.25
N ASP G 100 5.69 -15.64 27.95
CA ASP G 100 5.04 -14.76 26.98
C ASP G 100 3.56 -15.07 26.80
N LEU G 101 3.13 -16.24 27.27
CA LEU G 101 1.74 -16.65 27.19
C LEU G 101 0.82 -15.62 27.83
N PHE G 102 -0.23 -15.24 27.12
CA PHE G 102 -1.24 -14.33 27.66
C PHE G 102 -0.67 -12.94 27.91
N ARG G 103 0.32 -12.57 27.11
CA ARG G 103 0.89 -11.22 27.15
CA ARG G 103 0.90 -11.22 27.14
C ARG G 103 1.22 -10.75 25.73
N GLU G 104 0.95 -9.48 25.45
CA GLU G 104 1.22 -8.91 24.14
C GLU G 104 2.68 -9.13 23.75
N PRO G 105 2.90 -9.74 22.58
CA PRO G 105 4.25 -10.14 22.15
C PRO G 105 5.17 -8.95 21.90
N ASP G 106 4.60 -7.78 21.66
CA ASP G 106 5.39 -6.60 21.30
C ASP G 106 5.49 -5.59 22.43
N SER G 107 4.47 -5.54 23.27
CA SER G 107 4.42 -4.58 24.38
C SER G 107 4.56 -5.27 25.73
N GLY G 108 4.04 -6.49 25.83
CA GLY G 108 4.11 -7.24 27.06
C GLY G 108 2.88 -7.05 27.93
N LEU G 109 1.88 -6.36 27.39
CA LEU G 109 0.65 -6.09 28.13
C LEU G 109 -0.12 -7.37 28.44
N PRO G 110 -0.74 -7.43 29.63
CA PRO G 110 -1.53 -8.56 30.12
C PRO G 110 -2.79 -8.81 29.30
N LEU G 111 -2.99 -10.06 28.88
CA LEU G 111 -4.19 -10.44 28.16
C LEU G 111 -5.12 -11.22 29.10
N LYS G 112 -6.41 -11.20 28.79
CA LYS G 112 -7.40 -11.85 29.64
C LYS G 112 -8.67 -12.15 28.87
N CYS G 113 -9.04 -13.43 28.81
CA CYS G 113 -10.29 -13.83 28.19
C CYS G 113 -11.48 -13.24 28.93
N ASP G 114 -12.40 -12.64 28.19
CA ASP G 114 -13.62 -12.12 28.79
C ASP G 114 -14.84 -12.76 28.14
N LEU G 115 -14.62 -13.91 27.52
CA LEU G 115 -15.68 -14.69 26.89
C LEU G 115 -16.37 -13.90 25.79
N CYS G 116 -15.57 -13.18 25.00
CA CYS G 116 -16.07 -12.39 23.88
C CYS G 116 -17.26 -11.53 24.29
N ASP G 117 -17.15 -10.92 25.47
CA ASP G 117 -18.21 -10.07 25.99
C ASP G 117 -18.65 -9.04 24.96
N GLY G 118 -19.96 -8.95 24.75
CA GLY G 118 -20.51 -8.12 23.70
C GLY G 118 -20.95 -8.96 22.52
N GLU G 119 -20.24 -10.06 22.29
CA GLU G 119 -20.58 -10.97 21.21
C GLU G 119 -21.67 -11.95 21.64
N PRO G 120 -22.42 -12.49 20.68
CA PRO G 120 -23.44 -13.50 20.96
C PRO G 120 -22.85 -14.75 21.61
N GLU G 121 -21.62 -15.09 21.26
CA GLU G 121 -20.97 -16.28 21.79
C GLU G 121 -19.45 -16.20 21.72
N PRO G 122 -18.77 -16.97 22.58
CA PRO G 122 -17.31 -17.13 22.50
C PRO G 122 -16.90 -17.67 21.13
N LEU G 123 -16.04 -16.93 20.43
CA LEU G 123 -15.70 -17.25 19.05
C LEU G 123 -14.81 -18.48 18.93
N CYS G 124 -13.98 -18.71 19.93
CA CYS G 124 -13.15 -19.91 19.96
C CYS G 124 -14.03 -21.14 19.94
N VAL G 125 -15.06 -21.14 20.78
CA VAL G 125 -16.06 -22.21 20.82
C VAL G 125 -16.75 -22.36 19.46
N LYS G 126 -17.08 -21.24 18.84
CA LYS G 126 -17.75 -21.24 17.55
C LYS G 126 -16.90 -21.88 16.46
N TRP G 127 -15.62 -21.50 16.42
CA TRP G 127 -14.72 -21.98 15.38
C TRP G 127 -14.15 -23.37 15.64
N CYS G 128 -14.42 -23.94 16.82
CA CYS G 128 -13.96 -25.29 17.12
C CYS G 128 -14.99 -26.33 16.67
N LEU G 129 -14.89 -26.72 15.39
CA LEU G 129 -15.91 -27.57 14.77
C LEU G 129 -15.96 -29.01 15.28
N VAL G 130 -14.96 -29.44 16.04
CA VAL G 130 -14.98 -30.81 16.56
C VAL G 130 -15.60 -30.88 17.95
N GLY G 131 -15.99 -29.72 18.47
CA GLY G 131 -16.69 -29.66 19.74
C GLY G 131 -15.85 -30.02 20.95
N ALA G 132 -14.63 -29.49 21.00
CA ALA G 132 -13.76 -29.68 22.14
C ALA G 132 -14.04 -28.65 23.22
N LEU G 133 -14.67 -27.55 22.82
CA LEU G 133 -14.94 -26.44 23.73
C LEU G 133 -16.43 -26.17 23.90
N SER G 134 -16.80 -25.70 25.08
CA SER G 134 -18.17 -25.27 25.35
C SER G 134 -18.21 -24.39 26.59
N VAL G 135 -19.20 -23.51 26.66
CA VAL G 135 -19.40 -22.69 27.84
C VAL G 135 -20.77 -22.96 28.44
N THR G 136 -20.81 -23.23 29.75
CA THR G 136 -22.07 -23.45 30.45
C THR G 136 -22.15 -22.56 31.68
N GLU G 137 -23.36 -22.34 32.17
CA GLU G 137 -23.56 -21.48 33.32
C GLU G 137 -24.41 -22.15 34.39
N ARG G 138 -24.27 -21.68 35.61
CA ARG G 138 -25.01 -22.21 36.74
C ARG G 138 -25.09 -21.15 37.84
N GLU G 139 -26.10 -21.26 38.70
CA GLU G 139 -26.23 -20.34 39.82
C GLU G 139 -25.47 -20.83 41.03
N VAL G 140 -24.78 -19.92 41.69
CA VAL G 140 -24.10 -20.22 42.95
C VAL G 140 -24.53 -19.21 44.00
N GLU G 141 -24.47 -19.61 45.27
CA GLU G 141 -24.98 -18.79 46.35
C GLU G 141 -23.92 -17.86 46.95
N GLU G 142 -22.65 -18.19 46.74
CA GLU G 142 -21.56 -17.40 47.28
C GLU G 142 -21.50 -16.02 46.63
N PRO G 143 -21.39 -14.97 47.46
CA PRO G 143 -21.30 -13.58 46.98
C PRO G 143 -20.05 -13.35 46.13
N ASP G 144 -20.09 -12.33 45.28
CA ASP G 144 -18.93 -12.01 44.45
C ASP G 144 -18.02 -11.02 45.17
N GLU G 145 -16.92 -11.52 45.70
CA GLU G 145 -15.98 -10.69 46.44
C GLU G 145 -14.84 -10.21 45.54
N SER G 146 -15.06 -10.29 44.23
CA SER G 146 -14.08 -9.85 43.25
C SER G 146 -13.96 -8.33 43.20
N VAL G 147 -12.74 -7.82 43.38
CA VAL G 147 -12.48 -6.42 43.14
C VAL G 147 -12.33 -6.21 41.64
N LYS G 148 -13.42 -5.80 40.99
CA LYS G 148 -13.45 -5.70 39.54
C LYS G 148 -12.72 -4.47 39.02
N ARG G 149 -11.58 -4.70 38.37
CA ARG G 149 -10.84 -3.63 37.71
C ARG G 149 -10.97 -3.75 36.20
N THR G 150 -10.96 -2.61 35.52
CA THR G 150 -11.10 -2.59 34.06
C THR G 150 -9.81 -3.01 33.37
N GLU G 151 -9.94 -3.60 32.19
CA GLU G 151 -8.80 -4.07 31.41
C GLU G 151 -7.77 -2.95 31.18
N MET G 152 -8.28 -1.75 30.92
CA MET G 152 -7.41 -0.59 30.75
C MET G 152 -6.63 -0.28 32.01
N GLU G 153 -7.32 -0.34 33.15
CA GLU G 153 -6.72 -0.05 34.44
C GLU G 153 -5.65 -1.09 34.79
N ILE G 154 -5.90 -2.34 34.39
CA ILE G 154 -4.96 -3.43 34.66
C ILE G 154 -3.68 -3.28 33.85
N GLY G 155 -3.82 -2.85 32.61
CA GLY G 155 -2.68 -2.67 31.73
C GLY G 155 -1.76 -1.56 32.21
N LEU G 156 -2.35 -0.48 32.69
CA LEU G 156 -1.59 0.68 33.15
C LEU G 156 -0.88 0.40 34.47
N GLU G 157 -1.53 -0.38 35.34
CA GLU G 157 -0.94 -0.75 36.62
C GLU G 157 0.34 -1.57 36.41
N SER G 158 0.33 -2.42 35.39
CA SER G 158 1.49 -3.22 35.06
C SER G 158 2.63 -2.36 34.53
N LEU G 159 2.28 -1.32 33.78
CA LEU G 159 3.29 -0.43 33.23
C LEU G 159 3.92 0.42 34.32
N ILE G 160 3.09 0.94 35.23
CA ILE G 160 3.58 1.71 36.36
C ILE G 160 4.44 0.83 37.28
N SER G 161 4.03 -0.43 37.41
CA SER G 161 4.78 -1.39 38.20
C SER G 161 6.12 -1.71 37.54
N ARG G 162 6.09 -1.85 36.22
CA ARG G 162 7.28 -2.27 35.46
C ARG G 162 8.28 -1.14 35.25
N PHE G 163 7.79 0.07 35.01
CA PHE G 163 8.66 1.16 34.61
C PHE G 163 8.62 2.38 35.53
N GLY G 164 7.59 2.48 36.37
CA GLY G 164 7.48 3.59 37.29
C GLY G 164 6.41 4.60 36.90
N ALA G 165 5.79 5.21 37.90
CA ALA G 165 4.67 6.10 37.69
C ALA G 165 5.04 7.37 36.93
N ASP G 166 6.26 7.86 37.16
CA ASP G 166 6.71 9.11 36.53
C ASP G 166 6.96 8.94 35.03
N VAL G 167 7.55 7.81 34.65
CA VAL G 167 7.85 7.53 33.26
C VAL G 167 6.57 7.38 32.43
N VAL G 168 5.62 6.60 32.95
CA VAL G 168 4.36 6.36 32.27
C VAL G 168 3.54 7.63 32.12
N ALA G 169 3.54 8.46 33.15
CA ALA G 169 2.77 9.70 33.15
C ALA G 169 3.28 10.69 32.13
N ASP G 170 4.61 10.85 32.07
CA ASP G 170 5.23 11.79 31.15
C ASP G 170 5.00 11.40 29.69
N THR G 171 4.97 10.10 29.43
CA THR G 171 4.82 9.60 28.07
C THR G 171 3.40 9.77 27.55
N VAL G 172 2.42 9.54 28.42
CA VAL G 172 1.01 9.64 28.05
C VAL G 172 0.66 11.04 27.57
N GLU G 173 1.20 12.05 28.24
CA GLU G 173 0.97 13.43 27.85
C GLU G 173 1.84 13.82 26.66
N GLN G 174 2.80 12.96 26.34
CA GLN G 174 3.72 13.22 25.22
C GLN G 174 3.13 12.72 23.91
N LEU G 175 1.86 12.33 23.94
CA LEU G 175 1.19 11.84 22.75
C LEU G 175 -0.18 12.49 22.57
N LYS H 6 23.08 -11.08 32.48
CA LYS H 6 22.87 -11.45 33.87
C LYS H 6 21.95 -12.65 33.99
N LYS H 7 22.26 -13.55 34.93
CA LYS H 7 21.47 -14.76 35.12
C LYS H 7 20.99 -14.88 36.57
N ARG H 8 19.75 -15.32 36.72
CA ARG H 8 19.16 -15.53 38.04
C ARG H 8 18.84 -17.01 38.26
N ILE H 9 18.41 -17.35 39.47
CA ILE H 9 18.09 -18.74 39.80
C ILE H 9 16.59 -18.97 39.87
N VAL H 10 16.12 -20.04 39.23
CA VAL H 10 14.72 -20.42 39.25
C VAL H 10 14.53 -21.79 39.89
N LYS H 11 13.55 -21.90 40.78
CA LYS H 11 13.27 -23.16 41.45
C LYS H 11 11.99 -23.80 40.92
N THR H 12 12.04 -25.09 40.64
CA THR H 12 10.89 -25.83 40.13
C THR H 12 10.46 -26.94 41.08
N ILE H 13 9.18 -26.93 41.45
CA ILE H 13 8.61 -27.98 42.28
C ILE H 13 8.13 -29.14 41.42
N ASN H 14 8.86 -30.24 41.45
CA ASN H 14 8.52 -31.39 40.63
C ASN H 14 7.54 -32.32 41.34
N ILE H 15 6.42 -32.59 40.67
CA ILE H 15 5.31 -33.32 41.28
C ILE H 15 4.88 -34.53 40.45
N ASP H 16 5.22 -35.73 40.94
CA ASP H 16 4.82 -36.95 40.27
C ASP H 16 3.48 -37.43 40.81
N ALA H 17 2.40 -37.04 40.13
CA ALA H 17 1.04 -37.36 40.56
C ALA H 17 0.71 -38.84 40.36
N ASP H 18 1.60 -39.55 39.67
CA ASP H 18 1.42 -40.98 39.46
C ASP H 18 1.96 -41.76 40.66
N LYS H 19 2.73 -41.10 41.50
CA LYS H 19 3.31 -41.72 42.69
C LYS H 19 2.54 -41.40 43.96
N CYS H 20 1.59 -40.47 43.87
CA CYS H 20 0.88 -40.01 45.04
C CYS H 20 -0.15 -41.03 45.53
N ASN H 21 -0.30 -41.12 46.85
CA ASN H 21 -1.29 -42.01 47.45
C ASN H 21 -2.33 -41.23 48.25
N GLY H 22 -2.20 -39.90 48.23
CA GLY H 22 -3.17 -39.02 48.86
C GLY H 22 -3.22 -39.10 50.37
N CYS H 23 -2.08 -39.39 51.00
CA CYS H 23 -2.01 -39.52 52.44
C CYS H 23 -2.12 -38.17 53.14
N ARG H 24 -1.79 -37.10 52.41
CA ARG H 24 -1.89 -35.73 52.92
C ARG H 24 -0.92 -35.47 54.07
N ALA H 25 0.14 -36.27 54.15
CA ALA H 25 1.21 -36.01 55.10
C ALA H 25 1.82 -34.63 54.85
N CYS H 26 1.87 -34.26 53.58
CA CYS H 26 2.38 -32.96 53.17
C CYS H 26 1.57 -31.82 53.79
N GLU H 27 0.25 -31.99 53.84
CA GLU H 27 -0.61 -30.98 54.45
C GLU H 27 -0.37 -30.86 55.95
N VAL H 28 0.02 -31.97 56.57
CA VAL H 28 0.22 -32.02 58.02
C VAL H 28 1.45 -31.25 58.46
N ILE H 29 2.59 -31.53 57.82
CA ILE H 29 3.86 -30.97 58.25
C ILE H 29 4.03 -29.51 57.83
N CYS H 30 3.44 -29.14 56.71
CA CYS H 30 3.47 -27.74 56.28
C CYS H 30 2.72 -26.88 57.28
N SER H 31 1.48 -27.26 57.57
CA SER H 31 0.65 -26.52 58.52
C SER H 31 1.27 -26.54 59.92
N ALA H 32 1.81 -27.69 60.31
CA ALA H 32 2.43 -27.83 61.61
C ALA H 32 3.62 -26.88 61.76
N PHE H 33 4.48 -26.87 60.75
CA PHE H 33 5.66 -26.00 60.76
C PHE H 33 5.30 -24.51 60.80
N HIS H 34 4.17 -24.15 60.18
CA HIS H 34 3.80 -22.74 60.11
C HIS H 34 2.89 -22.31 61.26
N ALA H 35 2.75 -23.16 62.26
CA ALA H 35 2.01 -22.79 63.46
C ALA H 35 2.89 -21.89 64.33
N MET H 36 2.28 -21.25 65.32
CA MET H 36 3.02 -20.32 66.18
C MET H 36 2.80 -20.61 67.66
N PRO H 37 3.84 -21.11 68.34
CA PRO H 37 5.12 -21.44 67.72
C PRO H 37 5.03 -22.69 66.86
N PRO H 38 6.08 -22.96 66.05
CA PRO H 38 6.09 -24.10 65.13
C PRO H 38 5.79 -25.43 65.80
N TYR H 39 5.02 -26.27 65.12
CA TYR H 39 4.71 -27.63 65.57
C TYR H 39 3.85 -27.67 66.84
N SER H 40 3.45 -26.50 67.32
CA SER H 40 2.55 -26.43 68.47
C SER H 40 1.16 -26.94 68.08
N SER H 41 0.87 -26.87 66.78
CA SER H 41 -0.40 -27.35 66.26
C SER H 41 -0.29 -27.68 64.78
N ASN H 42 -1.33 -28.27 64.22
CA ASN H 42 -1.39 -28.50 62.78
C ASN H 42 -2.82 -28.32 62.26
N ASN H 43 -2.94 -28.06 60.96
CA ASN H 43 -4.23 -27.77 60.35
C ASN H 43 -4.14 -27.74 58.83
N PRO H 44 -4.55 -28.83 58.17
CA PRO H 44 -4.50 -28.98 56.71
C PRO H 44 -5.14 -27.81 55.96
N ALA H 45 -6.07 -27.12 56.59
CA ALA H 45 -6.71 -25.96 55.98
C ALA H 45 -5.72 -24.80 55.88
N ARG H 46 -4.69 -24.83 56.72
CA ARG H 46 -3.66 -23.80 56.70
C ARG H 46 -2.44 -24.23 55.90
N SER H 47 -2.57 -25.31 55.14
CA SER H 47 -1.45 -25.84 54.37
C SER H 47 -1.23 -25.09 53.06
N ARG H 48 0.03 -24.88 52.71
CA ARG H 48 0.37 -24.24 51.44
C ARG H 48 0.41 -25.26 50.31
N VAL H 49 0.45 -26.54 50.68
CA VAL H 49 0.30 -27.62 49.71
C VAL H 49 -1.00 -28.36 50.00
N ARG H 50 -1.91 -28.38 49.03
CA ARG H 50 -3.21 -29.00 49.20
C ARG H 50 -3.44 -30.06 48.11
N VAL H 51 -4.00 -31.20 48.50
CA VAL H 51 -4.10 -32.34 47.59
C VAL H 51 -5.52 -32.54 47.05
N VAL H 52 -5.67 -32.39 45.74
CA VAL H 52 -6.91 -32.73 45.06
C VAL H 52 -7.05 -34.25 45.03
N ARG H 53 -8.07 -34.76 45.69
CA ARG H 53 -8.15 -36.19 45.96
C ARG H 53 -9.53 -36.81 45.72
N ASP H 54 -9.67 -37.53 44.61
CA ASP H 54 -10.86 -38.33 44.36
C ASP H 54 -10.44 -39.73 43.93
N PRO H 55 -10.43 -40.68 44.88
CA PRO H 55 -10.02 -42.07 44.66
C PRO H 55 -10.86 -42.77 43.60
N LEU H 56 -12.16 -42.50 43.60
CA LEU H 56 -13.08 -43.13 42.67
C LEU H 56 -12.86 -42.63 41.25
N ARG H 57 -12.16 -41.51 41.12
CA ARG H 57 -11.76 -40.99 39.81
C ARG H 57 -10.28 -41.26 39.55
N ASP H 58 -9.61 -41.85 40.53
CA ASP H 58 -8.17 -42.09 40.45
C ASP H 58 -7.43 -40.79 40.27
N ILE H 59 -7.89 -39.74 40.95
CA ILE H 59 -7.24 -38.45 40.86
C ILE H 59 -6.51 -38.14 42.15
N TYR H 60 -5.20 -37.89 42.03
CA TYR H 60 -4.37 -37.48 43.16
C TYR H 60 -3.38 -36.43 42.68
N VAL H 61 -3.72 -35.16 42.91
CA VAL H 61 -2.92 -34.05 42.41
C VAL H 61 -2.58 -33.05 43.52
N PRO H 62 -1.34 -33.09 44.00
CA PRO H 62 -0.85 -32.09 44.96
C PRO H 62 -0.75 -30.70 44.34
N LEU H 63 -1.33 -29.70 45.02
CA LEU H 63 -1.31 -28.31 44.53
C LEU H 63 -0.61 -27.39 45.51
N TYR H 64 0.23 -26.50 45.00
CA TYR H 64 0.95 -25.56 45.84
C TYR H 64 0.40 -24.14 45.73
N ALA H 65 0.45 -23.40 46.84
CA ALA H 65 -0.03 -22.03 46.86
C ALA H 65 0.76 -21.14 45.92
N GLY H 66 0.06 -20.43 45.05
CA GLY H 66 0.70 -19.58 44.06
C GLY H 66 0.62 -18.11 44.40
N GLU H 67 0.09 -17.32 43.47
CA GLU H 67 0.01 -15.88 43.66
C GLU H 67 -1.40 -15.42 44.05
N TYR H 68 -1.47 -14.28 44.71
CA TYR H 68 -2.74 -13.72 45.17
C TYR H 68 -3.45 -12.96 44.05
N THR H 69 -4.76 -13.11 43.99
CA THR H 69 -5.58 -12.38 43.01
C THR H 69 -6.82 -11.79 43.68
N GLU H 70 -7.14 -10.56 43.31
CA GLU H 70 -8.23 -9.82 43.94
C GLU H 70 -9.59 -10.10 43.30
N SER H 71 -9.57 -10.80 42.17
CA SER H 71 -10.82 -11.12 41.46
C SER H 71 -10.80 -12.51 40.86
N GLU H 72 -11.98 -13.09 40.72
CA GLU H 72 -12.14 -14.37 40.06
C GLU H 72 -12.06 -14.17 38.55
N CYS H 73 -11.89 -15.27 37.82
CA CYS H 73 -11.87 -15.19 36.36
C CYS H 73 -13.30 -15.02 35.83
N ILE H 74 -13.43 -14.35 34.70
CA ILE H 74 -14.73 -14.18 34.07
C ILE H 74 -15.29 -15.55 33.70
N GLY H 75 -14.38 -16.49 33.39
CA GLY H 75 -14.76 -17.85 33.11
C GLY H 75 -13.82 -18.84 33.78
N ARG H 76 -14.39 -19.82 34.47
CA ARG H 76 -13.61 -20.86 35.11
C ARG H 76 -13.46 -22.06 34.18
N ASP H 77 -12.30 -22.71 34.20
CA ASP H 77 -12.05 -23.81 33.29
C ASP H 77 -12.24 -25.16 33.98
N LYS H 78 -12.52 -26.19 33.16
CA LYS H 78 -12.79 -27.52 33.66
C LYS H 78 -12.36 -28.55 32.63
N PHE H 79 -11.29 -29.27 32.94
CA PHE H 79 -10.64 -30.15 31.98
C PHE H 79 -11.15 -31.59 31.98
N ILE H 80 -11.09 -32.21 30.81
CA ILE H 80 -11.17 -33.66 30.68
C ILE H 80 -9.89 -34.12 29.99
N ILE H 81 -9.06 -34.87 30.71
CA ILE H 81 -7.78 -35.28 30.16
C ILE H 81 -7.51 -36.76 30.38
N ASP H 82 -7.34 -37.49 29.29
CA ASP H 82 -7.04 -38.92 29.35
C ASP H 82 -8.16 -39.68 30.08
N GLY H 83 -9.39 -39.27 29.83
CA GLY H 83 -10.55 -39.94 30.38
C GLY H 83 -10.96 -39.46 31.76
N LYS H 84 -10.17 -38.56 32.33
CA LYS H 84 -10.44 -38.07 33.68
C LYS H 84 -11.13 -36.71 33.68
N GLU H 85 -12.23 -36.61 34.41
CA GLU H 85 -12.97 -35.36 34.55
C GLU H 85 -12.49 -34.59 35.78
N TYR H 86 -11.52 -33.71 35.58
CA TYR H 86 -10.99 -32.93 36.70
C TYR H 86 -11.94 -31.82 37.12
N ASP H 87 -11.66 -31.21 38.27
CA ASP H 87 -12.54 -30.20 38.84
C ASP H 87 -12.40 -28.85 38.15
N GLU H 88 -13.43 -28.03 38.30
CA GLU H 88 -13.40 -26.64 37.88
C GLU H 88 -12.31 -25.91 38.66
N CYS H 89 -11.41 -25.25 37.93
CA CYS H 89 -10.27 -24.58 38.55
C CYS H 89 -9.35 -25.58 39.25
N GLY H 90 -9.39 -26.83 38.80
CA GLY H 90 -8.72 -27.92 39.48
C GLY H 90 -7.20 -27.87 39.55
N PHE H 91 -6.58 -27.04 38.72
CA PHE H 91 -5.12 -26.95 38.69
C PHE H 91 -4.61 -25.58 39.12
N CYS H 92 -5.52 -24.67 39.44
CA CYS H 92 -5.12 -23.29 39.73
C CYS H 92 -4.41 -23.14 41.08
N ARG H 93 -3.29 -22.43 41.07
CA ARG H 93 -2.48 -22.22 42.26
C ARG H 93 -2.84 -20.94 43.00
N ALA H 94 -3.73 -20.14 42.40
CA ALA H 94 -4.03 -18.82 42.91
C ALA H 94 -4.83 -18.85 44.20
N SER H 95 -4.51 -17.93 45.11
CA SER H 95 -5.31 -17.71 46.29
C SER H 95 -6.48 -16.80 45.90
N CYS H 96 -7.56 -17.43 45.45
CA CYS H 96 -8.68 -16.76 44.82
C CYS H 96 -9.88 -16.63 45.76
N PRO H 97 -10.65 -15.53 45.64
CA PRO H 97 -11.83 -15.32 46.48
C PRO H 97 -12.97 -16.28 46.17
N SER H 98 -12.82 -17.08 45.12
CA SER H 98 -13.87 -18.00 44.70
C SER H 98 -13.90 -19.29 45.51
N ARG H 99 -12.90 -19.46 46.38
CA ARG H 99 -12.74 -20.72 47.11
C ARG H 99 -11.95 -20.53 48.41
N ASP H 100 -11.80 -21.60 49.17
CA ASP H 100 -11.13 -21.53 50.46
C ASP H 100 -9.65 -21.91 50.40
N LEU H 101 -9.28 -22.74 49.42
CA LEU H 101 -7.90 -23.18 49.25
C LEU H 101 -6.89 -22.06 49.38
N PHE H 102 -5.78 -22.33 50.07
CA PHE H 102 -4.67 -21.38 50.18
C PHE H 102 -5.08 -20.09 50.87
N ARG H 103 -6.09 -20.20 51.72
CA ARG H 103 -6.55 -19.06 52.51
C ARG H 103 -6.79 -19.50 53.95
N GLU H 104 -6.43 -18.65 54.91
CA GLU H 104 -6.65 -18.95 56.31
C GLU H 104 -8.12 -19.25 56.57
N PRO H 105 -8.40 -20.39 57.22
CA PRO H 105 -9.78 -20.86 57.45
C PRO H 105 -10.60 -19.93 58.35
N ASP H 106 -9.92 -19.07 59.10
CA ASP H 106 -10.61 -18.18 60.03
C ASP H 106 -10.67 -16.74 59.53
N SER H 107 -9.55 -16.26 58.97
CA SER H 107 -9.44 -14.86 58.57
C SER H 107 -9.61 -14.65 57.06
N GLY H 108 -9.27 -15.66 56.28
CA GLY H 108 -9.40 -15.57 54.83
C GLY H 108 -8.19 -14.97 54.17
N LEU H 109 -7.18 -14.60 54.97
CA LEU H 109 -5.93 -14.07 54.44
C LEU H 109 -5.23 -15.10 53.56
N PRO H 110 -4.52 -14.64 52.53
CA PRO H 110 -3.87 -15.47 51.52
C PRO H 110 -2.66 -16.26 52.04
N LEU H 111 -2.49 -17.47 51.50
CA LEU H 111 -1.31 -18.28 51.79
C LEU H 111 -0.46 -18.43 50.54
N LYS H 112 0.85 -18.56 50.71
CA LYS H 112 1.76 -18.75 49.59
C LYS H 112 2.95 -19.60 49.98
N CYS H 113 3.25 -20.62 49.16
CA CYS H 113 4.42 -21.44 49.39
C CYS H 113 5.70 -20.64 49.18
N ASP H 114 6.58 -20.67 50.17
CA ASP H 114 7.88 -20.02 50.04
C ASP H 114 9.01 -21.06 50.03
N LEU H 115 8.65 -22.31 49.77
CA LEU H 115 9.61 -23.40 49.72
C LEU H 115 10.38 -23.53 51.03
N CYS H 116 9.68 -23.30 52.15
CA CYS H 116 10.27 -23.35 53.48
C CYS H 116 11.55 -22.54 53.56
N ASP H 117 11.47 -21.28 53.14
CA ASP H 117 12.61 -20.38 53.10
C ASP H 117 13.30 -20.27 54.45
N GLY H 118 14.62 -20.48 54.45
CA GLY H 118 15.40 -20.42 55.67
C GLY H 118 15.72 -21.81 56.21
N GLU H 119 14.81 -22.75 56.00
CA GLU H 119 15.00 -24.12 56.47
C GLU H 119 15.93 -24.89 55.54
N PRO H 120 16.58 -25.93 56.07
CA PRO H 120 17.48 -26.79 55.30
C PRO H 120 16.79 -27.42 54.09
N GLU H 121 15.53 -27.81 54.23
CA GLU H 121 14.80 -28.49 53.16
C GLU H 121 13.29 -28.35 53.32
N PRO H 122 12.58 -28.28 52.19
CA PRO H 122 11.11 -28.27 52.16
C PRO H 122 10.53 -29.45 52.93
N LEU H 123 9.81 -29.15 54.01
CA LEU H 123 9.28 -30.18 54.90
C LEU H 123 8.28 -31.09 54.21
N CYS H 124 7.52 -30.55 53.26
CA CYS H 124 6.55 -31.34 52.53
C CYS H 124 7.25 -32.44 51.73
N VAL H 125 8.39 -32.09 51.14
CA VAL H 125 9.19 -33.06 50.39
C VAL H 125 9.82 -34.08 51.33
N LYS H 126 10.16 -33.62 52.53
CA LYS H 126 10.84 -34.46 53.51
C LYS H 126 9.96 -35.57 54.05
N TRP H 127 8.67 -35.27 54.26
CA TRP H 127 7.75 -36.24 54.84
C TRP H 127 7.06 -37.11 53.80
N CYS H 128 7.25 -36.80 52.52
CA CYS H 128 6.69 -37.62 51.46
C CYS H 128 7.64 -38.78 51.17
N LEU H 129 7.59 -39.81 52.02
CA LEU H 129 8.51 -40.92 51.94
C LEU H 129 8.37 -41.76 50.68
N VAL H 130 7.34 -41.51 49.89
CA VAL H 130 7.13 -42.27 48.66
C VAL H 130 7.80 -41.57 47.47
N GLY H 131 8.37 -40.40 47.72
CA GLY H 131 9.13 -39.67 46.71
C GLY H 131 8.33 -39.19 45.52
N ALA H 132 7.24 -38.47 45.78
CA ALA H 132 6.44 -37.89 44.71
C ALA H 132 6.80 -36.43 44.51
N LEU H 133 7.46 -35.83 45.50
CA LEU H 133 7.81 -34.42 45.46
C LEU H 133 9.31 -34.20 45.39
N SER H 134 9.72 -33.15 44.68
CA SER H 134 11.13 -32.77 44.61
C SER H 134 11.28 -31.35 44.09
N VAL H 135 12.26 -30.63 44.62
CA VAL H 135 12.55 -29.27 44.17
C VAL H 135 13.94 -29.20 43.54
N THR H 136 14.03 -28.54 42.38
CA THR H 136 15.31 -28.41 41.69
C THR H 136 15.59 -26.95 41.32
N GLU H 137 16.82 -26.67 40.92
CA GLU H 137 17.21 -25.32 40.55
C GLU H 137 17.78 -25.26 39.13
N ARG H 138 17.78 -24.06 38.57
CA ARG H 138 18.41 -23.82 37.28
C ARG H 138 18.56 -22.32 37.04
N GLU H 139 19.66 -21.94 36.39
CA GLU H 139 19.90 -20.55 36.06
C GLU H 139 19.17 -20.16 34.80
N VAL H 140 18.64 -18.93 34.77
CA VAL H 140 17.95 -18.42 33.59
C VAL H 140 18.44 -17.02 33.25
N GLU H 141 18.26 -16.63 32.00
CA GLU H 141 18.71 -15.32 31.55
C GLU H 141 17.58 -14.30 31.58
N THR H 150 11.39 -0.21 27.04
CA THR H 150 10.86 0.64 25.98
C THR H 150 9.60 0.04 25.36
N GLU H 151 9.32 -1.21 25.71
CA GLU H 151 8.11 -1.89 25.24
C GLU H 151 6.85 -1.16 25.68
N MET H 152 6.99 -0.39 26.76
CA MET H 152 5.88 0.39 27.31
C MET H 152 5.34 1.39 26.31
N GLU H 153 6.22 1.92 25.47
CA GLU H 153 5.83 2.88 24.46
C GLU H 153 4.82 2.28 23.49
N ILE H 154 5.10 1.04 23.07
CA ILE H 154 4.18 0.31 22.20
C ILE H 154 2.87 0.04 22.95
N GLY H 155 2.99 -0.42 24.19
CA GLY H 155 1.83 -0.72 25.02
C GLY H 155 0.94 0.48 25.25
N LEU H 156 1.56 1.64 25.53
CA LEU H 156 0.80 2.87 25.74
C LEU H 156 0.06 3.26 24.48
N GLU H 157 0.67 3.00 23.33
CA GLU H 157 0.02 3.24 22.04
C GLU H 157 -1.16 2.30 21.84
N SER H 158 -1.04 1.09 22.37
CA SER H 158 -2.10 0.10 22.26
C SER H 158 -3.29 0.47 23.13
N LEU H 159 -3.00 0.98 24.33
CA LEU H 159 -4.06 1.35 25.27
C LEU H 159 -4.85 2.55 24.77
N ILE H 160 -4.18 3.46 24.07
CA ILE H 160 -4.85 4.62 23.49
C ILE H 160 -5.79 4.20 22.36
N SER H 161 -5.33 3.26 21.53
CA SER H 161 -6.09 2.83 20.38
C SER H 161 -7.43 2.19 20.77
N ARG H 162 -7.41 1.39 21.83
CA ARG H 162 -8.60 0.65 22.23
C ARG H 162 -9.58 1.49 23.05
N PHE H 163 -9.06 2.30 23.97
CA PHE H 163 -9.91 3.01 24.90
C PHE H 163 -9.94 4.53 24.67
N GLY H 164 -8.96 5.04 23.93
CA GLY H 164 -8.92 6.45 23.62
C GLY H 164 -7.93 7.23 24.46
N ALA H 165 -7.26 8.20 23.83
CA ALA H 165 -6.24 8.99 24.48
C ALA H 165 -6.77 9.75 25.70
N ASP H 166 -8.00 10.24 25.60
CA ASP H 166 -8.61 10.99 26.70
C ASP H 166 -8.85 10.09 27.91
N VAL H 167 -9.24 8.85 27.66
CA VAL H 167 -9.49 7.90 28.73
C VAL H 167 -8.19 7.51 29.44
N VAL H 168 -7.15 7.27 28.66
CA VAL H 168 -5.86 6.86 29.20
C VAL H 168 -5.27 7.86 30.18
N ALA H 169 -5.41 9.14 29.86
CA ALA H 169 -4.85 10.21 30.67
C ALA H 169 -5.48 10.27 32.06
N ASP H 170 -6.81 10.23 32.10
CA ASP H 170 -7.56 10.34 33.35
C ASP H 170 -7.18 9.25 34.34
N THR H 171 -6.95 8.04 33.83
CA THR H 171 -6.59 6.90 34.67
C THR H 171 -5.17 7.05 35.21
N VAL H 172 -4.34 7.77 34.48
CA VAL H 172 -2.95 7.97 34.88
C VAL H 172 -2.85 8.67 36.23
N GLU H 173 -3.82 9.54 36.52
CA GLU H 173 -3.84 10.28 37.77
C GLU H 173 -4.44 9.44 38.90
N GLN H 174 -4.66 8.16 38.64
CA GLN H 174 -5.22 7.26 39.63
C GLN H 174 -4.37 6.00 39.78
FE1 SF4 I . -3.49 50.52 -54.12
FE2 SF4 I . -2.12 48.73 -55.66
FE3 SF4 I . -0.91 51.02 -54.83
FE4 SF4 I . -2.86 51.13 -56.72
S1 SF4 I . -0.81 50.12 -56.95
S2 SF4 I . -2.65 52.53 -54.90
S3 SF4 I . -4.28 49.45 -56.00
S4 SF4 I . -1.64 49.31 -53.48
N1 MTE J . -6.45 55.73 -59.74
C2 MTE J . -7.31 56.39 -60.57
N2 MTE J . -8.25 55.62 -61.33
N3 MTE J . -7.32 57.78 -60.70
C4 MTE J . -6.40 58.47 -59.94
O4 MTE J . -6.35 59.69 -60.00
N5 MTE J . -4.52 58.44 -58.27
C6 MTE J . -3.30 57.74 -57.95
C7 MTE J . -3.66 56.45 -57.32
N8 MTE J . -4.62 55.74 -58.14
C9 MTE J . -5.48 57.74 -59.06
C10 MTE J . -5.53 56.45 -58.99
C1' MTE J . -2.37 58.48 -57.02
S1' MTE J . -1.23 59.65 -57.68
C2' MTE J . -2.41 58.23 -55.64
S2' MTE J . -1.32 59.07 -54.53
C3' MTE J . -3.39 57.21 -55.10
O3' MTE J . -4.23 56.77 -56.10
C4' MTE J . -4.23 57.78 -53.98
O4' MTE J . -5.08 56.80 -53.50
P MTE J . -6.33 57.13 -52.60
O1P MTE J . -5.90 57.80 -51.28
O2P MTE J . -7.09 55.86 -52.29
O3P MTE J . -7.26 58.07 -53.37
N1 MTE K . -5.13 64.57 -49.14
C2 MTE K . -5.27 63.72 -48.09
N2 MTE K . -5.90 64.19 -46.89
N3 MTE K . -4.81 62.40 -48.12
C4 MTE K . -4.21 62.00 -49.28
O4 MTE K . -3.78 60.86 -49.39
N5 MTE K . -3.45 62.52 -51.62
C6 MTE K . -2.77 63.52 -52.40
C7 MTE K . -3.76 64.60 -52.66
N8 MTE K . -4.36 65.06 -51.42
C9 MTE K . -4.07 62.95 -50.41
C10 MTE K . -4.51 64.15 -50.32
C1' MTE K . -2.29 62.98 -53.68
S1' MTE K . -0.64 62.38 -53.80
C2' MTE K . -3.12 62.92 -54.77
S2' MTE K . -2.53 62.25 -56.29
C3' MTE K . -4.53 63.45 -54.64
O3' MTE K . -4.78 64.05 -53.40
C4' MTE K . -5.59 62.39 -54.86
O4' MTE K . -6.60 62.89 -55.67
P MTE K . -8.12 62.67 -55.34
O1P MTE K . -8.84 64.01 -55.22
O2P MTE K . -8.27 61.91 -54.00
O3P MTE K . -8.74 61.87 -56.46
W W L . -0.52 60.99 -55.79
MG MG M . -7.56 60.12 -53.72
X UNL N . 1.18 61.86 -57.62
N1A BYC O . 18.12 74.07 -73.83
O1A BYC O . 12.87 73.61 -66.64
P1A BYC O . 14.12 73.23 -65.93
C1B BYC O . 4.77 64.52 -60.08
C1D BYC O . 17.83 74.92 -68.75
S1P BYC O . 4.60 66.28 -60.10
C2A BYC O . 18.93 74.71 -72.98
O2A BYC O . 14.10 73.78 -64.50
P2A BYC O . 14.77 70.65 -64.74
C2B BYC O . 4.69 63.89 -58.74
C2D BYC O . 16.93 75.84 -67.93
O2D BYC O . 17.13 77.21 -68.30
C2P BYC O . 4.76 66.67 -61.87
N3A BYC O . 18.78 74.91 -71.67
O3A BYC O . 14.25 71.64 -65.87
C3B BYC O . 4.56 64.66 -57.59
C3D BYC O . 17.45 75.59 -66.51
O3D BYC O . 18.64 76.38 -66.27
P3D BYC O . 18.65 77.76 -65.43
C3P BYC O . 6.19 66.41 -62.32
C4A BYC O . 17.66 74.35 -71.22
O4A BYC O . 15.91 69.82 -65.34
C4B BYC O . 4.46 64.05 -56.35
C4D BYC O . 17.85 74.12 -66.54
O4D BYC O . 18.21 73.85 -67.90
N4P BYC O . 6.45 66.78 -63.71
O57 BYC O . 4.92 63.87 -61.10
O5A BYC O . 15.25 71.40 -63.56
C5B BYC O . 4.49 62.68 -56.24
C5D BYC O . 16.76 73.16 -66.11
O5D BYC O . 15.50 73.65 -66.64
C5M BYC O . 16.72 73.66 -71.97
C5P BYC O . 6.96 67.95 -64.06
O5P BYC O . 7.01 68.93 -63.30
C6A BYC O . 16.98 73.52 -73.34
N6A BYC O . 16.17 72.87 -74.19
O6A BYC O . 13.49 69.70 -64.49
C6B BYC O . 4.62 61.90 -57.37
C6P BYC O . 7.52 68.02 -65.45
N7A BYC O . 15.67 73.23 -71.16
O7A BYC O . 17.34 78.47 -65.81
C7B BYC O . 4.72 62.50 -58.61
C7P BYC O . 8.61 67.00 -65.68
C8A BYC O . 16.00 73.66 -69.97
O8A BYC O . 18.77 77.50 -63.96
N8P BYC O . 9.94 67.53 -65.39
N9A BYC O . 17.19 74.35 -69.94
O9A BYC O . 19.81 78.59 -65.99
C9P BYC O . 10.63 67.18 -64.31
O9P BYC O . 10.10 66.96 -63.22
CAP BYC O . 12.13 66.97 -64.48
OAP BYC O . 12.77 67.26 -63.25
CBP BYC O . 12.87 67.66 -65.65
CCP BYC O . 12.73 69.18 -65.59
CDP BYC O . 12.38 67.15 -67.01
CEP BYC O . 14.37 67.31 -65.53
H1D BYC O . 18.74 75.41 -69.08
H2A BYC O . 19.81 75.14 -73.45
HO2A BYC O . 14.32 73.34 -63.63
H2D BYC O . 15.87 75.62 -68.01
HO2D BYC O . 18.10 77.42 -68.13
H2P BYC O . 4.05 66.05 -62.42
H2PA BYC O . 4.45 67.70 -62.03
H3B BYC O . 4.52 65.74 -57.63
H3D BYC O . 16.70 75.82 -65.76
H3P BYC O . 6.88 66.95 -61.67
H3PA BYC O . 6.44 65.36 -62.17
HO4A BYC O . 16.61 70.05 -66.00
H4B BYC O . 4.35 64.67 -55.45
H4D BYC O . 18.75 73.93 -65.97
HN4P BYC O . 6.21 66.10 -64.42
H5B BYC O . 4.41 62.20 -55.26
H5D BYC O . 16.72 73.09 -65.02
H5DA BYC O . 16.91 72.16 -66.50
HN6A BYC O . 15.30 72.44 -73.85
HN6B BYC O . 16.39 72.79 -75.18
H6B BYC O . 4.65 60.82 -57.29
H6P BYC O . 6.72 67.89 -66.18
H6PA BYC O . 7.91 69.04 -65.64
HO7A BYC O . 16.85 78.39 -66.67
H7B BYC O . 4.83 61.87 -59.50
H7P BYC O . 8.42 66.11 -65.08
H7PA BYC O . 8.58 66.65 -66.71
H8A BYC O . 15.40 73.51 -69.08
HN8P BYC O . 10.32 68.19 -66.07
HO9A BYC O . 19.67 79.54 -66.21
HAP BYC O . 12.28 65.90 -64.56
HOAP BYC O . 12.82 68.24 -63.14
HCP BYC O . 11.69 69.48 -65.47
HCPA BYC O . 13.09 69.67 -66.50
HDP BYC O . 11.31 67.34 -67.17
HDPA BYC O . 12.52 66.07 -67.12
HDPB BYC O . 12.89 67.63 -67.85
HEP BYC O . 14.96 67.76 -66.32
HEPA BYC O . 14.80 67.64 -64.59
HEPB BYC O . 14.54 66.24 -65.57
FE1 SF4 P . 11.26 27.91 -9.19
FE2 SF4 P . 9.25 28.77 -7.57
FE3 SF4 P . 11.53 30.25 -7.81
FE4 SF4 P . 11.56 27.88 -6.49
S1 SF4 P . 10.42 29.77 -5.85
S2 SF4 P . 13.12 28.59 -8.03
S3 SF4 P . 10.06 26.62 -7.70
S4 SF4 P . 10.01 29.82 -9.48
N1 MTE Q . 15.56 24.14 -3.15
C2 MTE Q . 15.98 23.12 -2.36
N2 MTE Q . 15.04 22.10 -1.99
N3 MTE Q . 17.28 23.03 -1.88
C4 MTE Q . 18.15 24.04 -2.27
O4 MTE Q . 19.31 24.02 -1.90
N5 MTE Q . 18.55 26.17 -3.53
C6 MTE Q . 18.01 27.47 -3.83
C7 MTE Q . 16.87 27.28 -4.80
N8 MTE Q . 15.97 26.23 -4.37
C9 MTE Q . 17.66 25.13 -3.13
C10 MTE Q . 16.44 25.16 -3.54
C1' MTE Q . 19.03 28.44 -4.43
S1' MTE Q . 20.14 29.35 -3.42
C2' MTE Q . 19.10 28.63 -5.77
S2' MTE Q . 20.32 29.77 -6.36
C3' MTE Q . 18.17 27.90 -6.69
O3' MTE Q . 17.42 26.94 -6.01
C4' MTE Q . 18.89 27.18 -7.80
O4' MTE Q . 17.98 26.33 -8.40
P MTE Q . 18.42 25.23 -9.42
O1P MTE Q . 19.51 25.81 -10.35
O2P MTE Q . 17.24 24.80 -10.25
O3P MTE Q . 18.95 24.02 -8.66
N1 MTE R . 26.10 27.25 -11.46
C2 MTE R . 25.62 27.41 -12.72
N2 MTE R . 26.45 27.02 -13.82
N3 MTE R . 24.37 27.94 -12.98
C4 MTE R . 23.61 28.29 -11.89
O4 MTE R . 22.49 28.76 -12.03
N5 MTE R . 23.38 28.46 -9.41
C6 MTE R . 24.01 28.80 -8.18
C7 MTE R . 25.08 27.79 -7.85
N8 MTE R . 25.85 27.43 -9.03
C9 MTE R . 24.15 28.10 -10.53
C10 MTE R . 25.33 27.61 -10.35
C1' MTE R . 23.03 28.91 -7.08
S1' MTE R . 21.95 30.29 -7.03
C2' MTE R . 22.91 28.01 -6.13
S2' MTE R . 21.69 28.25 -4.88
C3' MTE R . 23.80 26.79 -6.11
O3' MTE R . 24.49 26.66 -7.30
C4' MTE R . 22.88 25.61 -6.00
O4' MTE R . 23.53 24.54 -5.42
P MTE R . 23.38 23.14 -6.11
O1P MTE R . 22.96 23.33 -7.59
O2P MTE R . 22.32 22.35 -5.39
O3P MTE R . 24.72 22.40 -6.05
W W S . 21.77 30.66 -4.64
X UNL T . 20.87 31.82 -2.35
MG MG U . 20.82 23.76 -8.19
N1A BYC V . 29.67 45.09 18.86
O1A BYC V . 30.84 41.42 11.08
P1A BYC V . 30.52 42.75 10.50
C1B BYC V . 23.53 34.75 1.05
C1D BYC V . 31.50 45.90 14.11
S1P BYC V . 25.26 34.55 1.40
C2A BYC V . 30.42 46.06 18.35
O2A BYC V . 31.38 43.00 9.26
P2A BYC V . 28.24 43.59 8.91
C2B BYC V . 23.20 34.94 -0.38
C2D BYC V . 32.61 45.19 13.33
O2D BYC V . 33.87 45.34 13.99
C2P BYC V . 25.27 34.34 3.20
N3A BYC V . 30.87 46.22 17.10
O3A BYC V . 28.99 42.80 10.07
C3B BYC V . 24.19 35.03 -1.35
C3D BYC V . 32.61 45.97 12.02
O3D BYC V . 33.38 47.19 12.17
P3D BYC V . 34.91 47.35 11.67
C3P BYC V . 24.85 35.63 3.87
C4A BYC V . 30.47 45.21 16.33
O4A BYC V . 27.26 44.57 9.55
C4B BYC V . 23.87 35.20 -2.69
C4D BYC V . 31.15 46.33 11.82
O4D BYC V . 30.61 46.45 13.16
N4P BYC V . 24.96 35.62 5.32
O57 BYC V . 22.69 34.68 1.91
O5A BYC V . 29.21 44.33 8.07
C5B BYC V . 22.55 35.28 -3.07
C5D BYC V . 30.34 45.33 11.05
O5D BYC V . 30.68 44.00 11.49
C5M BYC V . 29.70 44.11 16.70
C5P BYC V . 26.03 36.07 5.96
O5P BYC V . 27.12 36.24 5.41
C6A BYC V . 29.29 44.08 18.05
N6A BYC V . 28.53 43.10 18.56
O6A BYC V . 27.41 42.45 8.13
C6B BYC V . 21.55 35.19 -2.13
C6P BYC V . 25.83 36.40 7.42
N7A BYC V . 29.49 43.26 15.64
O7A BYC V . 35.59 46.02 11.99
C7B BYC V . 21.87 35.02 -0.79
C7P BYC V . 24.74 37.42 7.62
C8A BYC V . 30.12 43.84 14.64
O8A BYC V . 34.95 47.69 10.22
N8P BYC V . 25.24 38.78 7.72
N9A BYC V . 30.74 45.01 14.99
O9A BYC V . 35.54 48.42 12.55
C9P BYC V . 25.08 39.68 6.75
O9P BYC V . 25.07 39.39 5.56
CAP BYC V . 24.80 41.11 7.18
OAP BYC V . 25.31 42.00 6.21
CBP BYC V . 25.19 41.59 8.61
CCP BYC V . 26.69 41.44 8.86
CDP BYC V . 24.41 40.81 9.69
CEP BYC V . 24.83 43.08 8.72
H1D BYC V . 31.88 46.72 14.71
H2A BYC V . 30.69 46.84 19.06
HO2A BYC V . 31.13 43.34 8.36
H2D BYC V . 32.43 44.13 13.16
HO2D BYC V . 34.07 46.31 14.03
H2P BYC V . 24.61 33.52 3.45
H2PA BYC V . 26.27 34.03 3.50
H3B BYC V . 25.25 34.98 -1.08
H3D BYC V . 33.02 45.39 11.19
H3P BYC V . 25.43 36.46 3.47
H3PA BYC V . 23.82 35.88 3.60
HO4A BYC V . 27.39 45.26 10.24
H4B BYC V . 24.66 35.27 -3.43
H4D BYC V . 31.02 47.33 11.40
HN4P BYC V . 24.17 35.25 5.84
H5B BYC V . 22.29 35.41 -4.13
H5D BYC V . 30.52 45.43 9.97
H5DA BYC V . 29.26 45.45 11.19
HN6A BYC V . 28.22 42.33 17.98
HN6B BYC V . 28.25 43.09 19.54
H6B BYC V . 20.50 35.25 -2.43
H6P BYC V . 25.61 35.49 7.97
H6PA BYC V . 26.77 36.76 7.84
HO7A BYC V . 35.28 45.32 12.62
H7B BYC V . 21.07 34.95 -0.05
H7P BYC V . 24.00 37.35 6.82
H7PA BYC V . 24.17 37.19 8.52
H8A BYC V . 30.17 43.43 13.63
HN8P BYC V . 25.74 39.00 8.58
HO9A BYC V . 36.44 48.28 12.94
HAP BYC V . 23.72 41.26 7.06
HOAP BYC V . 26.30 42.04 6.31
HCP BYC V . 27.05 40.46 8.56
HCPA BYC V . 26.95 41.56 9.92
HDP BYC V . 24.60 39.74 9.65
HDPA BYC V . 23.34 40.94 9.59
HDPB BYC V . 24.68 41.14 10.70
HEP BYC V . 25.07 43.49 9.70
HEPA BYC V . 25.33 43.68 7.98
HEPB BYC V . 23.76 43.24 8.56
FE1 SF4 W . -4.74 -30.92 6.85
FE2 SF4 W . -7.32 -30.03 6.73
FE3 SF4 W . -6.75 -32.61 6.11
FE4 SF4 W . -6.00 -30.62 4.45
S1 SF4 W . -8.16 -31.21 4.95
S2 SF4 W . -4.69 -32.40 5.10
S3 SF4 W . -5.46 -28.93 5.93
S4 SF4 W . -6.49 -31.62 8.16
N1 MTE X . -2.98 -29.10 -1.01
C2 MTE X . -2.47 -28.47 -2.08
N2 MTE X . -2.61 -27.05 -2.17
N3 MTE X . -1.80 -29.14 -3.09
C4 MTE X . -1.68 -30.51 -2.96
O4 MTE X . -1.10 -31.18 -3.81
N5 MTE X . -2.15 -32.58 -1.63
C6 MTE X . -3.18 -33.25 -0.90
C7 MTE X . -3.29 -32.58 0.42
N8 MTE X . -3.44 -31.14 0.27
C9 MTE X . -2.26 -31.17 -1.77
C10 MTE X . -2.87 -30.49 -0.87
C1' MTE X . -2.91 -34.72 -0.66
S1' MTE X . -3.30 -35.97 -1.84
C2' MTE X . -2.33 -35.11 0.48
S2' MTE X . -2.02 -36.81 0.74
C3' MTE X . -1.95 -34.13 1.54
O3' MTE X . -2.11 -32.83 1.07
C4' MTE X . -0.53 -34.41 1.94
O4' MTE X . -0.11 -33.49 2.88
P MTE X . 1.41 -33.25 3.12
O1P MTE X . 1.58 -32.23 4.22
O2P MTE X . 2.08 -34.59 3.54
O3P MTE X . 2.06 -32.73 1.85
N1 MTE Y . 6.20 -39.25 1.38
C2 MTE Y . 6.39 -39.05 2.71
N2 MTE Y . 7.69 -39.30 3.26
N3 MTE Y . 5.38 -38.62 3.56
C4 MTE Y . 4.14 -38.39 2.98
O4 MTE Y . 3.21 -38.00 3.66
N5 MTE Y . 2.69 -38.38 0.94
C6 MTE Y . 2.35 -39.17 -0.21
C7 MTE Y . 3.46 -38.98 -1.20
N8 MTE Y . 4.75 -39.25 -0.60
C9 MTE Y . 3.96 -38.62 1.54
C10 MTE Y . 4.95 -39.03 0.80
C1' MTE Y . 1.07 -38.73 -0.87
S1' MTE Y . -0.49 -39.43 -0.40
C2' MTE Y . 1.07 -37.79 -1.85
S2' MTE Y . -0.46 -37.33 -2.57
C3' MTE Y . 2.38 -37.17 -2.29
O3' MTE Y . 3.45 -37.65 -1.56
C4' MTE Y . 2.35 -35.68 -2.11
O4' MTE Y . 3.21 -35.07 -3.02
P MTE Y . 4.15 -33.92 -2.53
O1P MTE Y . 3.59 -32.60 -3.00
O2P MTE Y . 4.23 -33.95 -0.98
O3P MTE Y . 5.55 -34.11 -3.11
MG MG Z . 3.48 -33.15 0.69
X UNL AA . -3.87 -39.61 -2.90
W W BA . -2.34 -38.13 -1.26
N1A BYC CA . -17.81 -51.33 -21.88
O1A BYC CA . -10.91 -50.25 -16.78
P1A BYC CA . -11.50 -51.22 -15.81
C1B BYC CA . -6.31 -42.12 -6.22
C1D BYC CA . -14.62 -53.75 -18.62
S1P BYC CA . -5.30 -42.96 -7.41
C2A BYC CA . -17.64 -52.63 -21.59
O2A BYC CA . -10.40 -52.03 -15.15
P2A BYC CA . -12.58 -50.80 -13.16
C2B BYC CA . -5.88 -42.27 -4.81
C2D BYC CA . -13.11 -53.98 -18.72
O2D BYC CA . -12.80 -54.72 -19.89
C2P BYC CA . -6.13 -42.55 -8.97
N3A BYC CA . -16.79 -53.19 -20.73
O3A BYC CA . -12.31 -50.47 -14.69
C3B BYC CA . -4.80 -43.07 -4.47
C3D BYC CA . -12.85 -54.81 -17.46
O3D BYC CA . -13.14 -56.19 -17.72
P3D BYC CA . -12.02 -57.33 -17.96
C3P BYC CA . -7.48 -43.26 -9.02
C4A BYC CA . -16.05 -52.27 -20.12
O4A BYC CA . -14.09 -50.92 -12.94
C4B BYC CA . -4.41 -43.21 -3.15
C4D BYC CA . -13.86 -54.25 -16.46
O4D BYC CA . -14.97 -53.79 -17.25
N4P BYC CA . -8.19 -43.07 -10.28
O57 BYC CA . -7.26 -41.45 -6.56
O5A BYC CA . -11.93 -52.08 -12.80
C5B BYC CA . -5.10 -42.56 -2.15
C5D BYC CA . -13.35 -53.12 -15.60
O5D BYC CA . -12.57 -52.23 -16.44
C5M BYC CA . -16.11 -50.90 -20.30
C5P BYC CA . -8.16 -43.97 -11.25
O5P BYC CA . -7.33 -44.88 -11.30
C6A BYC CA . -17.05 -50.42 -21.23
N6A BYC CA . -17.22 -49.12 -21.51
O6A BYC CA . -12.03 -49.51 -12.35
C6B BYC CA . -6.18 -41.76 -2.48
C6P BYC CA . -9.25 -43.84 -12.28
N7A BYC CA . -15.18 -50.25 -19.48
O7A BYC CA . -10.94 -56.66 -18.81
C7B BYC CA . -6.57 -41.61 -3.79
C7P BYC CA . -10.63 -43.98 -11.67
C8A BYC CA . -14.59 -51.23 -18.83
O8A BYC CA . -11.48 -57.83 -16.65
N8P BYC CA . -11.12 -45.35 -11.71
N9A BYC CA . -15.07 -52.48 -19.17
O9A BYC CA . -12.67 -58.43 -18.80
C9P BYC CA . -11.24 -46.10 -10.62
O9P BYC CA . -10.47 -46.03 -9.67
CAP BYC CA . -12.45 -47.03 -10.55
OAP BYC CA . -12.10 -48.18 -9.81
CBP BYC CA . -13.19 -47.45 -11.85
CCP BYC CA . -12.28 -48.18 -12.83
CDP BYC CA . -13.81 -46.22 -12.55
CEP BYC CA . -14.34 -48.39 -11.44
H1D BYC CA . -15.20 -54.54 -19.12
H2A BYC CA . -18.29 -53.30 -22.15
HO2A BYC CA . -10.32 -52.38 -14.21
H2D BYC CA . -12.53 -53.06 -18.72
HO2D BYC CA . -13.20 -55.63 -19.79
H2P BYC CA . -6.23 -41.47 -9.02
H2PA BYC CA . -5.48 -42.84 -9.79
H3B BYC CA . -4.22 -43.60 -5.23
H3D BYC CA . -11.82 -54.71 -17.11
H3P BYC CA . -7.34 -44.32 -8.82
H3PA BYC CA . -8.10 -42.91 -8.20
HO4A BYC CA . -14.79 -51.35 -13.49
H4B BYC CA . -3.56 -43.84 -2.89
H4D BYC CA . -14.29 -55.04 -15.82
HN4P BYC CA . -8.71 -42.22 -10.39
H5B BYC CA . -4.80 -42.67 -1.11
H5D BYC CA . -12.74 -53.50 -14.79
H5DA BYC CA . -14.15 -52.53 -15.16
HN6A BYC CA . -16.66 -48.41 -21.05
HN6B BYC CA . -17.90 -48.81 -22.19
H6B BYC CA . -6.73 -41.24 -1.68
H6P BYC CA . -9.15 -42.89 -12.79
H6PA BYC CA . -9.10 -44.60 -13.06
HO7A BYC CA . -11.04 -55.85 -19.38
H7B BYC CA . -7.43 -40.99 -4.03
H7P BYC CA . -10.62 -43.62 -10.64
H7PA BYC CA . -11.34 -43.33 -12.18
H8A BYC CA . -13.81 -51.08 -18.10
HN8P BYC CA . -11.36 -45.70 -12.64
HO9A BYC CA . -12.22 -58.74 -19.62
HAP BYC CA . -13.16 -46.55 -9.88
HOAP BYC CA . -11.53 -48.77 -10.37
HCP BYC CA . -11.33 -47.67 -12.94
HCPA BYC CA . -12.72 -48.26 -13.81
HDP BYC CA . -13.06 -45.49 -12.84
HDPA BYC CA . -14.52 -45.70 -11.90
HDPB BYC CA . -14.34 -46.50 -13.46
HEP BYC CA . -14.91 -48.72 -12.30
HEPA BYC CA . -13.97 -49.28 -10.92
HEPB BYC CA . -15.03 -47.91 -10.75
X UNL DA . -5.52 -59.88 59.43
FE1 SF4 EA . -3.49 -47.25 56.58
FE2 SF4 EA . -0.83 -46.79 56.95
FE3 SF4 EA . -1.65 -49.18 55.97
FE4 SF4 EA . -2.14 -48.55 58.56
S1 SF4 EA . -0.07 -48.87 57.60
S2 SF4 EA . -3.65 -49.49 57.08
S3 SF4 EA . -2.52 -46.28 58.43
S4 SF4 EA . -1.87 -47.13 54.93
N1 MTE FA . -5.33 -50.52 63.85
C2 MTE FA . -5.82 -50.65 65.11
N2 MTE FA . -5.55 -49.64 66.08
N3 MTE FA . -6.60 -51.75 65.49
C4 MTE FA . -6.83 -52.70 64.51
O4 MTE FA . -7.49 -53.69 64.77
N5 MTE FA . -6.51 -53.50 62.17
C6 MTE FA . -5.51 -53.67 61.16
C7 MTE FA . -5.31 -52.33 60.54
N8 MTE FA . -5.03 -51.33 61.55
C9 MTE FA . -6.27 -52.52 63.17
C10 MTE FA . -5.57 -51.48 62.88
C1' MTE FA . -5.89 -54.64 60.07
S1' MTE FA . -5.56 -56.37 60.24
C2' MTE FA . -6.49 -54.22 58.93
S2' MTE FA . -6.92 -55.40 57.69
C3' MTE FA . -6.79 -52.75 58.75
O3' MTE FA . -6.50 -52.03 59.90
C4' MTE FA . -8.23 -52.53 58.40
O4' MTE FA . -8.45 -51.16 58.32
P MTE FA . -9.89 -50.58 58.19
O1P MTE FA . -9.80 -49.10 57.90
O2P MTE FA . -10.64 -51.29 57.04
O3P MTE FA . -10.64 -50.80 59.51
N1 MTE GA . -15.22 -56.58 56.11
C2 MTE GA . -15.34 -55.61 55.15
N2 MTE GA . -16.62 -55.36 54.56
N3 MTE GA . -14.26 -54.84 54.72
C4 MTE GA . -13.04 -55.11 55.32
O4 MTE GA . -12.04 -54.49 55.00
N5 MTE GA . -11.70 -56.45 56.95
C6 MTE GA . -11.45 -57.79 57.40
C7 MTE GA . -12.57 -58.11 58.33
N8 MTE GA . -13.86 -57.87 57.69
C9 MTE GA . -12.95 -56.17 56.35
C10 MTE GA . -13.99 -56.84 56.70
C1' MTE GA . -10.17 -57.90 58.13
S1' MTE GA . -8.70 -58.45 57.31
C2' MTE GA . -10.11 -57.54 59.44
S2' MTE GA . -8.56 -57.64 60.29
C3' MTE GA . -11.37 -57.08 60.14
O3' MTE GA . -12.51 -57.19 59.36
C4' MTE GA . -11.28 -55.67 60.67
O4' MTE GA . -11.77 -55.62 61.98
P MTE GA . -12.75 -54.50 62.45
O1P MTE GA . -12.13 -53.76 63.60
O2P MTE GA . -13.04 -53.52 61.30
O3P MTE GA . -14.06 -55.12 62.93
W W HA . -6.83 -57.64 58.60
MG MG IA . -11.88 -52.39 60.32
N1A BYC JA . 6.84 -81.92 67.09
O1A BYC JA . 0.29 -77.31 63.68
P1A BYC JA . 0.83 -77.59 62.32
C1B BYC JA . -3.18 -64.17 60.24
C1D BYC JA . 3.58 -81.59 63.08
S1P BYC JA . -4.31 -65.42 60.78
C2A BYC JA . 6.52 -82.78 66.11
O2A BYC JA . -0.29 -77.77 61.32
P2A BYC JA . 2.06 -75.73 60.42
C2B BYC JA . -3.59 -63.42 59.03
C2D BYC JA . 2.05 -81.65 63.07
O2D BYC JA . 1.59 -82.89 63.58
C2P BYC JA . -3.49 -66.11 62.24
N3A BYC JA . 5.65 -82.64 65.11
O3A BYC JA . 1.74 -76.38 61.84
C3B BYC JA . -4.76 -63.73 58.33
C3D BYC JA . 1.78 -81.55 61.56
O3D BYC JA . 1.95 -82.86 60.97
P3D BYC JA . 0.72 -83.80 60.52
C3P BYC JA . -2.23 -66.83 61.83
C4A BYC JA . 5.07 -81.44 65.15
O4A BYC JA . 3.56 -75.83 60.18
C4B BYC JA . -5.12 -63.01 57.21
C4D BYC JA . 2.88 -80.63 61.06
O4D BYC JA . 3.99 -80.85 61.95
N4P BYC JA . -1.55 -67.51 62.93
O57 BYC JA . -2.17 -63.93 60.84
O5A BYC JA . 1.33 -76.45 59.34
C5B BYC JA . -4.34 -61.96 56.77
C5D BYC JA . 2.53 -79.17 61.03
O5D BYC JA . 1.82 -78.85 62.24
C5M BYC JA . 5.28 -80.45 66.09
C5P BYC JA . -1.71 -68.81 63.18
O5P BYC JA . -2.63 -69.48 62.71
C6A BYC JA . 6.22 -80.71 67.10
N6A BYC JA . 6.52 -79.86 68.08
O6A BYC JA . 1.64 -74.19 60.61
C6B BYC JA . -3.19 -61.63 57.45
C6P BYC JA . -0.65 -69.43 64.05
N7A BYC JA . 4.50 -79.33 65.81
O7A BYC JA . -0.30 -83.69 61.65
C7B BYC JA . -2.81 -62.36 58.57
C7P BYC JA . 0.73 -69.30 63.45
C8A BYC JA . 3.85 -79.67 64.72
O8A BYC JA . 0.18 -83.37 59.21
N8P BYC JA . 1.11 -70.47 62.66
N9A BYC JA . 4.14 -80.94 64.27
O9A BYC JA . 1.25 -85.24 60.51
C9P BYC JA . 1.17 -70.45 61.33
O9P BYC JA . 0.40 -69.80 60.64
CAP BYC JA . 2.32 -71.20 60.67
OAP BYC JA . 1.90 -71.66 59.40
CBP BYC JA . 3.01 -72.37 61.43
CCP BYC JA . 2.02 -73.47 61.80
CDP BYC JA . 3.71 -71.87 62.71
CEP BYC JA . 4.08 -72.95 60.50
H1D BYC JA . 4.05 -82.57 63.01
H2A BYC JA . 7.06 -83.73 66.15
HO2A BYC JA . -0.40 -77.44 60.38
H2D BYC JA . 1.58 -80.83 63.62
HO2D BYC JA . 1.93 -83.61 62.98
H2P BYC JA . -3.29 -65.28 62.93
H2PA BYC JA . -4.20 -66.77 62.76
H3B BYC JA . -5.40 -64.55 58.65
H3D BYC JA . 0.78 -81.19 61.35
H3P BYC JA . -2.46 -67.56 61.04
H3PA BYC JA . -1.53 -66.14 61.36
HO4A BYC JA . 4.20 -76.57 60.36
H4B BYC JA . -6.03 -63.27 56.67
H4D BYC JA . 3.26 -80.96 60.08
HN4P BYC JA . -0.95 -66.95 63.52
H5B BYC JA . -4.63 -61.40 55.89
H5D BYC JA . 1.91 -78.94 60.16
H5DA BYC JA . 3.41 -78.53 60.98
HN6A BYC JA . 6.08 -78.94 68.12
HN6B BYC JA . 7.20 -80.09 68.79
H6B BYC JA . -2.57 -60.81 57.11
H6P BYC JA . -0.68 -68.97 65.04
H6PA BYC JA . -0.88 -70.48 64.21
HO7A BYC JA . -0.14 -83.39 62.59
H7B BYC JA . -1.90 -62.08 59.10
H7P BYC JA . 0.80 -68.39 62.83
H7PA BYC JA . 1.47 -69.14 64.23
H8A BYC JA . 3.13 -79.02 64.21
HN8P BYC JA . 1.34 -71.30 63.19
HO9A BYC JA . 0.75 -85.95 60.97
HAP BYC JA . 3.07 -70.46 60.41
HOAP BYC JA . 1.29 -72.43 59.51
HCP BYC JA . 1.13 -73.06 62.26
HCPA BYC JA . 2.45 -74.19 62.50
HDP BYC JA . 3.02 -71.41 63.42
HDPA BYC JA . 4.48 -71.12 62.49
HDPB BYC JA . 4.20 -72.68 63.25
HEP BYC JA . 4.62 -73.78 60.96
HEPA BYC JA . 3.65 -73.34 59.57
HEPB BYC JA . 4.82 -72.21 60.20
FE1 SF4 KA . -3.90 36.94 -49.20
FE2 SF4 KA . -1.28 37.11 -49.89
FE3 SF4 KA . -2.15 38.18 -47.54
FE4 SF4 KA . -2.80 39.32 -49.96
S1 SF4 KA . -0.70 39.16 -49.03
S2 SF4 KA . -4.21 38.97 -48.17
S3 SF4 KA . -3.07 37.46 -51.28
S4 SF4 KA . -2.14 35.95 -48.10
FE1 SF4 LA . -6.70 28.30 -51.50
FE2 SF4 LA . -7.92 26.18 -50.29
FE3 SF4 LA . -7.55 26.18 -52.98
FE4 SF4 LA . -9.38 27.87 -51.85
S1 SF4 LA . -9.47 25.56 -51.87
S2 SF4 LA . -7.86 28.41 -53.48
S3 SF4 LA . -8.33 28.40 -49.87
S4 SF4 LA . -5.90 26.14 -51.39
FE1 SF4 MA . -16.78 28.12 -32.67
FE2 SF4 MA . -14.09 27.91 -32.98
FE3 SF4 MA . -15.20 27.36 -30.58
FE4 SF4 MA . -15.11 29.92 -31.49
S1 SF4 MA . -13.30 28.61 -30.94
S2 SF4 MA . -16.91 28.89 -30.51
S3 SF4 MA . -15.41 29.62 -33.75
S4 SF4 MA . -15.54 26.18 -32.52
FE1 SF4 NA . -0.89 31.03 -15.69
FE2 SF4 NA . -0.82 28.42 -16.54
FE3 SF4 NA . 1.33 29.49 -15.30
FE4 SF4 NA . 0.65 30.31 -17.80
S1 SF4 NA . 1.36 28.20 -17.21
S2 SF4 NA . 1.28 31.66 -16.05
S3 SF4 NA . -1.65 30.22 -17.70
S4 SF4 NA . -0.74 29.16 -14.35
FE1 SF4 OA . -11.75 24.39 -15.55
FE2 SF4 OA . -9.92 22.85 -16.79
FE3 SF4 OA . -9.63 25.57 -16.81
FE4 SF4 OA . -11.59 24.43 -18.26
S1 SF4 OA . -9.33 24.15 -18.59
S2 SF4 OA . -11.82 26.27 -16.88
S3 SF4 OA . -12.20 22.63 -16.95
S4 SF4 OA . -9.53 24.18 -14.96
FE1 SF4 PA . -7.37 20.74 -38.53
FE2 SF4 PA . -6.88 18.75 -36.72
FE3 SF4 PA . -7.16 21.31 -35.88
FE4 SF4 PA . -4.96 20.60 -37.28
S1 SF4 PA . -5.55 19.83 -35.20
S2 SF4 PA . -6.21 22.50 -37.61
S3 SF4 PA . -5.82 19.05 -38.74
S4 SF4 PA . -8.79 20.02 -36.87
FE1 SF4 QA . -10.74 -26.94 19.19
FE2 SF4 QA . -8.27 -27.66 19.92
FE3 SF4 QA . -8.72 -25.08 19.12
FE4 SF4 QA . -8.74 -27.05 17.32
S1 SF4 QA . -6.92 -26.39 18.56
S2 SF4 QA . -10.32 -25.40 17.53
S3 SF4 QA . -9.63 -28.83 18.50
S4 SF4 QA . -9.58 -26.11 20.99
FE1 SF4 RA . -12.04 -15.79 25.37
FE2 SF4 RA . -10.95 -15.21 22.94
FE3 SF4 RA . -13.63 -15.23 23.22
FE4 SF4 RA . -12.25 -17.57 23.35
S1 SF4 RA . -12.46 -16.20 21.51
S2 SF4 RA . -13.95 -16.91 24.75
S3 SF4 RA . -10.30 -16.89 24.36
S4 SF4 RA . -12.17 -13.78 24.25
FE1 SF4 SA . 1.75 -19.17 36.98
FE2 SF4 SA . 4.26 -20.22 36.88
FE3 SF4 SA . 3.38 -19.04 39.15
FE4 SF4 SA . 3.89 -17.52 36.94
S1 SF4 SA . 5.43 -18.72 38.17
S2 SF4 SA . 2.07 -17.34 38.33
S3 SF4 SA . 3.26 -18.94 35.25
S4 SF4 SA . 2.53 -20.95 38.21
FE1 SF4 TA . 1.49 -35.67 49.91
FE2 SF4 TA . 3.28 -37.53 49.01
FE3 SF4 TA . 0.84 -37.28 47.85
FE4 SF4 TA . 1.08 -38.33 50.34
S1 SF4 TA . 1.89 -39.25 48.40
S2 SF4 TA . -0.49 -36.80 49.65
S3 SF4 TA . 2.79 -37.06 51.20
S4 SF4 TA . 2.50 -35.69 47.84
FE1 SF4 UA . 4.67 -25.60 52.78
FE2 SF4 UA . 5.83 -25.06 50.38
FE3 SF4 UA . 6.00 -27.56 51.47
FE4 SF4 UA . 7.39 -25.50 52.56
S1 SF4 UA . 7.71 -26.39 50.45
S2 SF4 UA . 6.17 -27.08 53.70
S3 SF4 UA . 5.94 -23.74 52.26
S4 SF4 UA . 4.08 -26.51 50.75
FE1 SF4 VA . -9.51 -18.14 37.98
FE2 SF4 VA . -9.98 -18.18 40.66
FE3 SF4 VA . -7.97 -19.65 39.62
FE4 SF4 VA . -10.51 -20.38 39.16
S1 SF4 VA . -9.48 -20.34 41.21
S2 SF4 VA . -8.83 -20.30 37.60
S3 SF4 VA . -11.56 -18.34 38.99
S4 SF4 VA . -8.11 -17.35 39.62
#